data_2KYH
#
_entry.id   2KYH
#
_cell.length_a   1.000
_cell.length_b   1.000
_cell.length_c   1.000
_cell.angle_alpha   90.00
_cell.angle_beta   90.00
_cell.angle_gamma   90.00
#
_symmetry.space_group_name_H-M   'P 1'
#
_entity_poly.entity_id   1
_entity_poly.type   'polypeptide(L)'
_entity_poly.pdbx_seq_one_letter_code
;LRGLSDLGGRVRNIGDVMEHPLVELGVSYAALLSVIVVVVEYTMQLSGEYLVRLYLVDLILVIILWADYAYRAYKSGDPA
GYVKKTLYEIPALVPAGLLALIEGHLAGLGLFRLVRLLRFLRILLIISRGSKFLSAIADAADKLVPR
;
_entity_poly.pdbx_strand_id   A
#
# COMPACT_ATOMS: atom_id res chain seq x y z
N LEU A 1 -4.63 29.30 5.52
CA LEU A 1 -5.41 29.76 4.34
C LEU A 1 -4.47 30.10 3.20
N ARG A 2 -3.79 29.08 2.68
CA ARG A 2 -2.86 29.27 1.57
C ARG A 2 -1.80 30.31 1.95
N GLY A 3 -0.55 29.87 2.01
CA GLY A 3 0.54 30.76 2.36
C GLY A 3 1.78 29.96 2.76
N LEU A 4 2.58 30.53 3.65
CA LEU A 4 3.81 29.87 4.10
C LEU A 4 3.48 28.88 5.21
N SER A 5 4.34 27.88 5.37
CA SER A 5 4.15 26.87 6.40
C SER A 5 5.48 26.29 6.84
N ASP A 6 5.50 25.62 7.99
CA ASP A 6 6.72 25.02 8.52
C ASP A 6 6.45 23.59 8.98
N LEU A 7 7.32 22.67 8.58
CA LEU A 7 7.16 21.26 8.95
C LEU A 7 8.53 20.60 9.07
N GLY A 8 9.05 20.55 10.28
CA GLY A 8 10.35 19.94 10.53
C GLY A 8 10.42 19.36 11.94
N GLY A 9 10.66 20.22 12.92
CA GLY A 9 10.76 19.77 14.30
C GLY A 9 9.58 18.90 14.67
N ARG A 10 8.40 19.24 14.16
CA ARG A 10 7.20 18.47 14.45
C ARG A 10 7.30 17.07 13.87
N VAL A 11 7.35 16.98 12.56
CA VAL A 11 7.44 15.68 11.89
C VAL A 11 8.71 14.96 12.31
N ARG A 12 9.68 15.70 12.81
CA ARG A 12 10.94 15.11 13.24
C ARG A 12 10.73 14.20 14.45
N ASN A 13 10.25 14.79 15.55
CA ASN A 13 10.01 14.01 16.76
C ASN A 13 8.93 12.96 16.53
N ILE A 14 7.84 13.36 15.91
CA ILE A 14 6.75 12.43 15.63
C ILE A 14 7.18 11.40 14.61
N GLY A 15 8.15 11.75 13.77
CA GLY A 15 8.62 10.85 12.75
C GLY A 15 9.45 9.71 13.33
N ASP A 16 10.51 10.07 14.05
CA ASP A 16 11.39 9.07 14.65
C ASP A 16 10.65 8.32 15.75
N VAL A 17 9.57 8.90 16.24
CA VAL A 17 8.77 8.27 17.29
C VAL A 17 7.67 7.40 16.69
N MET A 18 6.97 7.93 15.70
CA MET A 18 5.89 7.19 15.07
C MET A 18 6.40 5.90 14.44
N GLU A 19 7.60 5.95 13.90
CA GLU A 19 8.18 4.78 13.27
C GLU A 19 8.64 3.78 14.30
N HIS A 20 7.98 3.79 15.46
CA HIS A 20 8.36 2.90 16.54
C HIS A 20 8.67 1.49 15.98
N PRO A 21 9.70 0.84 16.47
CA PRO A 21 10.08 -0.52 15.99
C PRO A 21 8.86 -1.39 15.72
N LEU A 22 7.86 -1.31 16.59
CA LEU A 22 6.65 -2.10 16.42
C LEU A 22 5.91 -1.69 15.17
N VAL A 23 5.86 -0.38 14.93
CA VAL A 23 5.17 0.14 13.76
C VAL A 23 5.82 -0.36 12.48
N GLU A 24 7.15 -0.31 12.45
CA GLU A 24 7.88 -0.73 11.27
C GLU A 24 7.66 -2.21 11.01
N LEU A 25 7.74 -3.02 12.06
CA LEU A 25 7.56 -4.46 11.92
C LEU A 25 6.15 -4.78 11.44
N GLY A 26 5.16 -4.14 12.04
CA GLY A 26 3.78 -4.38 11.66
C GLY A 26 3.55 -4.07 10.18
N VAL A 27 4.05 -2.92 9.75
CA VAL A 27 3.91 -2.51 8.36
C VAL A 27 4.67 -3.47 7.44
N SER A 28 5.89 -3.83 7.85
CA SER A 28 6.71 -4.73 7.06
C SER A 28 5.99 -6.06 6.85
N TYR A 29 5.40 -6.59 7.91
CA TYR A 29 4.69 -7.86 7.82
C TYR A 29 3.52 -7.76 6.85
N ALA A 30 2.71 -6.71 7.01
CA ALA A 30 1.56 -6.52 6.13
C ALA A 30 2.01 -6.34 4.69
N ALA A 31 3.12 -5.63 4.51
CA ALA A 31 3.65 -5.40 3.18
C ALA A 31 4.08 -6.71 2.54
N LEU A 32 4.66 -7.60 3.35
CA LEU A 32 5.12 -8.88 2.83
C LEU A 32 3.96 -9.66 2.23
N LEU A 33 2.88 -9.77 2.98
CA LEU A 33 1.70 -10.49 2.51
C LEU A 33 1.11 -9.80 1.30
N SER A 34 1.09 -8.47 1.33
CA SER A 34 0.53 -7.71 0.24
C SER A 34 1.25 -8.02 -1.07
N VAL A 35 2.57 -8.12 -1.00
CA VAL A 35 3.38 -8.41 -2.19
C VAL A 35 3.03 -9.79 -2.75
N ILE A 36 2.89 -10.76 -1.87
CA ILE A 36 2.57 -12.12 -2.30
C ILE A 36 1.15 -12.18 -2.83
N VAL A 37 0.24 -11.47 -2.18
CA VAL A 37 -1.15 -11.50 -2.59
C VAL A 37 -1.30 -11.08 -4.06
N VAL A 38 -0.68 -9.96 -4.40
CA VAL A 38 -0.74 -9.47 -5.77
C VAL A 38 -0.05 -10.42 -6.73
N VAL A 39 1.06 -11.00 -6.28
CA VAL A 39 1.82 -11.93 -7.10
C VAL A 39 0.98 -13.16 -7.40
N VAL A 40 0.29 -13.66 -6.39
CA VAL A 40 -0.54 -14.86 -6.56
C VAL A 40 -1.58 -14.61 -7.65
N GLU A 41 -2.22 -13.45 -7.60
CA GLU A 41 -3.24 -13.11 -8.58
C GLU A 41 -2.62 -12.97 -9.96
N TYR A 42 -1.46 -12.31 -10.02
CA TYR A 42 -0.78 -12.12 -11.28
C TYR A 42 -0.32 -13.45 -11.87
N THR A 43 0.33 -14.26 -11.03
CA THR A 43 0.82 -15.55 -11.47
C THR A 43 -0.32 -16.55 -11.64
N MET A 44 -1.00 -16.86 -10.54
CA MET A 44 -2.10 -17.80 -10.57
C MET A 44 -3.42 -17.08 -10.77
N GLN A 45 -4.34 -17.74 -11.46
CA GLN A 45 -5.65 -17.15 -11.74
C GLN A 45 -6.75 -17.99 -11.10
N LEU A 46 -6.66 -18.16 -9.78
CA LEU A 46 -7.65 -18.94 -9.05
C LEU A 46 -9.06 -18.62 -9.54
N SER A 47 -10.01 -19.47 -9.19
CA SER A 47 -11.39 -19.28 -9.60
C SER A 47 -11.94 -17.96 -9.09
N GLY A 48 -13.11 -17.58 -9.57
CA GLY A 48 -13.74 -16.34 -9.16
C GLY A 48 -13.99 -16.33 -7.66
N GLU A 49 -14.29 -17.50 -7.11
CA GLU A 49 -14.57 -17.61 -5.68
C GLU A 49 -13.38 -17.12 -4.85
N TYR A 50 -12.23 -17.77 -5.02
CA TYR A 50 -11.03 -17.40 -4.29
C TYR A 50 -10.66 -15.95 -4.58
N LEU A 51 -10.92 -15.52 -5.79
CA LEU A 51 -10.61 -14.15 -6.17
C LEU A 51 -11.39 -13.17 -5.30
N VAL A 52 -12.62 -13.49 -5.02
CA VAL A 52 -13.43 -12.62 -4.20
C VAL A 52 -12.83 -12.50 -2.81
N ARG A 53 -12.42 -13.63 -2.24
CA ARG A 53 -11.81 -13.62 -0.93
C ARG A 53 -10.48 -12.89 -0.93
N LEU A 54 -9.73 -13.08 -2.01
CA LEU A 54 -8.42 -12.44 -2.15
C LEU A 54 -8.57 -10.92 -2.16
N TYR A 55 -9.55 -10.43 -2.90
CA TYR A 55 -9.78 -9.00 -2.99
C TYR A 55 -10.14 -8.43 -1.62
N LEU A 56 -10.95 -9.17 -0.88
CA LEU A 56 -11.35 -8.71 0.44
C LEU A 56 -10.16 -8.62 1.36
N VAL A 57 -9.36 -9.66 1.37
CA VAL A 57 -8.17 -9.69 2.21
C VAL A 57 -7.23 -8.55 1.82
N ASP A 58 -7.06 -8.36 0.51
CA ASP A 58 -6.18 -7.31 0.02
C ASP A 58 -6.66 -5.95 0.51
N LEU A 59 -7.97 -5.77 0.54
CA LEU A 59 -8.54 -4.50 0.98
C LEU A 59 -8.12 -4.20 2.40
N ILE A 60 -8.22 -5.19 3.28
CA ILE A 60 -7.85 -5.00 4.67
C ILE A 60 -6.41 -4.51 4.78
N LEU A 61 -5.53 -5.15 4.04
CA LEU A 61 -4.12 -4.79 4.09
C LEU A 61 -3.94 -3.32 3.78
N VAL A 62 -4.72 -2.83 2.84
CA VAL A 62 -4.64 -1.42 2.45
C VAL A 62 -5.04 -0.53 3.63
N ILE A 63 -6.06 -0.96 4.38
CA ILE A 63 -6.53 -0.17 5.51
C ILE A 63 -5.39 0.09 6.49
N ILE A 64 -4.65 -0.95 6.83
CA ILE A 64 -3.53 -0.81 7.75
C ILE A 64 -2.52 0.20 7.19
N LEU A 65 -2.21 0.07 5.91
CA LEU A 65 -1.27 0.95 5.27
C LEU A 65 -1.79 2.38 5.29
N TRP A 66 -3.09 2.52 5.06
CA TRP A 66 -3.72 3.83 5.06
C TRP A 66 -3.58 4.49 6.43
N ALA A 67 -3.45 3.67 7.46
CA ALA A 67 -3.32 4.20 8.81
C ALA A 67 -2.14 5.17 8.90
N ASP A 68 -0.97 4.72 8.45
CA ASP A 68 0.22 5.56 8.50
C ASP A 68 0.10 6.73 7.52
N TYR A 69 -0.29 6.42 6.29
CA TYR A 69 -0.44 7.46 5.28
C TYR A 69 -1.49 8.49 5.69
N ALA A 70 -2.63 7.98 6.16
CA ALA A 70 -3.71 8.86 6.58
C ALA A 70 -3.27 9.75 7.74
N TYR A 71 -2.44 9.19 8.62
CA TYR A 71 -1.95 9.95 9.76
C TYR A 71 -1.20 11.19 9.31
N ARG A 72 -0.26 11.02 8.39
CA ARG A 72 0.53 12.14 7.88
C ARG A 72 -0.36 13.08 7.07
N ALA A 73 -1.31 12.50 6.34
CA ALA A 73 -2.20 13.28 5.50
C ALA A 73 -2.90 14.37 6.32
N TYR A 74 -3.55 13.96 7.40
CA TYR A 74 -4.25 14.90 8.26
C TYR A 74 -3.25 15.81 8.97
N LYS A 75 -2.13 15.24 9.36
CA LYS A 75 -1.12 16.01 10.07
C LYS A 75 -0.69 17.22 9.25
N SER A 76 -0.49 17.00 7.96
CA SER A 76 -0.08 18.09 7.07
C SER A 76 -1.14 19.17 7.03
N GLY A 77 -2.38 18.79 7.32
CA GLY A 77 -3.49 19.73 7.31
C GLY A 77 -3.94 20.02 5.87
N ASP A 78 -3.34 19.31 4.93
CA ASP A 78 -3.68 19.49 3.51
C ASP A 78 -3.53 18.17 2.77
N PRO A 79 -4.49 17.29 2.92
CA PRO A 79 -4.47 15.96 2.24
C PRO A 79 -4.24 16.08 0.74
N ALA A 80 -4.94 16.99 0.10
CA ALA A 80 -4.79 17.17 -1.35
C ALA A 80 -3.35 17.44 -1.70
N GLY A 81 -2.72 18.36 -0.98
CA GLY A 81 -1.33 18.70 -1.23
C GLY A 81 -0.42 17.54 -0.86
N TYR A 82 -0.71 16.91 0.28
CA TYR A 82 0.09 15.79 0.75
C TYR A 82 0.08 14.68 -0.28
N VAL A 83 -1.06 14.50 -0.96
CA VAL A 83 -1.17 13.45 -1.97
C VAL A 83 -0.28 13.76 -3.17
N LYS A 84 -0.38 15.00 -3.65
CA LYS A 84 0.41 15.41 -4.81
C LYS A 84 1.89 15.24 -4.52
N LYS A 85 2.23 15.17 -3.24
CA LYS A 85 3.62 15.00 -2.84
C LYS A 85 4.00 13.52 -2.76
N THR A 86 3.03 12.69 -2.42
CA THR A 86 3.27 11.26 -2.28
C THR A 86 2.83 10.50 -3.51
N LEU A 87 2.80 11.20 -4.64
CA LEU A 87 2.38 10.59 -5.90
C LEU A 87 3.11 9.27 -6.13
N TYR A 88 4.36 9.20 -5.70
CA TYR A 88 5.15 7.99 -5.88
C TYR A 88 4.70 6.91 -4.91
N GLU A 89 3.83 7.26 -3.97
CA GLU A 89 3.34 6.31 -2.97
C GLU A 89 1.95 5.80 -3.35
N ILE A 90 1.28 6.53 -4.21
CA ILE A 90 -0.05 6.15 -4.67
C ILE A 90 -0.01 4.73 -5.27
N PRO A 91 0.87 4.51 -6.22
CA PRO A 91 0.98 3.20 -6.90
C PRO A 91 1.09 2.04 -5.92
N ALA A 92 1.44 2.37 -4.68
CA ALA A 92 1.58 1.35 -3.65
C ALA A 92 0.25 1.07 -2.97
N LEU A 93 -0.66 2.04 -3.02
CA LEU A 93 -1.97 1.88 -2.38
C LEU A 93 -3.03 1.53 -3.40
N VAL A 94 -2.75 1.83 -4.67
CA VAL A 94 -3.70 1.55 -5.75
C VAL A 94 -4.52 0.29 -5.43
N PRO A 95 -5.69 0.47 -4.87
CA PRO A 95 -6.57 -0.67 -4.52
C PRO A 95 -6.98 -1.49 -5.75
N ALA A 96 -6.98 -2.81 -5.60
CA ALA A 96 -7.36 -3.69 -6.70
C ALA A 96 -8.82 -3.49 -7.07
N GLY A 97 -9.66 -3.33 -6.05
CA GLY A 97 -11.08 -3.13 -6.29
C GLY A 97 -11.33 -1.89 -7.12
N LEU A 98 -10.62 -0.81 -6.82
CA LEU A 98 -10.80 0.43 -7.56
C LEU A 98 -10.49 0.22 -9.03
N LEU A 99 -9.35 -0.39 -9.32
CA LEU A 99 -8.95 -0.65 -10.69
C LEU A 99 -9.88 -1.66 -11.34
N ALA A 100 -10.30 -2.65 -10.57
CA ALA A 100 -11.17 -3.68 -11.09
C ALA A 100 -12.40 -3.07 -11.75
N LEU A 101 -13.10 -2.20 -11.03
CA LEU A 101 -14.29 -1.56 -11.57
C LEU A 101 -13.93 -0.71 -12.79
N ILE A 102 -12.84 0.02 -12.69
CA ILE A 102 -12.41 0.87 -13.79
C ILE A 102 -12.05 0.02 -15.01
N GLU A 103 -11.33 -1.08 -14.75
CA GLU A 103 -10.92 -1.97 -15.83
C GLU A 103 -12.14 -2.52 -16.55
N GLY A 104 -13.16 -2.88 -15.78
CA GLY A 104 -14.37 -3.44 -16.35
C GLY A 104 -15.09 -2.40 -17.21
N HIS A 105 -15.08 -1.15 -16.75
CA HIS A 105 -15.73 -0.07 -17.48
C HIS A 105 -15.06 0.11 -18.85
N LEU A 106 -13.73 0.11 -18.85
CA LEU A 106 -12.98 0.27 -20.09
C LEU A 106 -13.25 -0.89 -21.05
N ALA A 107 -13.26 -2.09 -20.50
CA ALA A 107 -13.51 -3.28 -21.31
C ALA A 107 -14.92 -3.26 -21.90
N GLY A 108 -15.87 -2.82 -21.09
CA GLY A 108 -17.26 -2.75 -21.54
C GLY A 108 -17.41 -1.79 -22.70
N LEU A 109 -16.65 -0.72 -22.68
CA LEU A 109 -16.71 0.27 -23.74
C LEU A 109 -16.12 -0.28 -25.02
N GLY A 110 -15.27 -1.30 -24.90
CA GLY A 110 -14.63 -1.91 -26.06
C GLY A 110 -13.20 -1.44 -26.21
N LEU A 111 -12.57 -1.08 -25.09
CA LEU A 111 -11.19 -0.61 -25.10
C LEU A 111 -10.24 -1.72 -24.65
N PHE A 112 -9.16 -1.90 -25.40
CA PHE A 112 -8.17 -2.93 -25.08
C PHE A 112 -6.77 -2.31 -24.94
N ARG A 113 -6.61 -1.11 -25.49
CA ARG A 113 -5.32 -0.44 -25.42
C ARG A 113 -4.95 -0.13 -23.97
N LEU A 114 -5.89 0.45 -23.24
CA LEU A 114 -5.67 0.79 -21.84
C LEU A 114 -5.41 -0.47 -21.03
N VAL A 115 -6.12 -1.53 -21.36
CA VAL A 115 -5.97 -2.80 -20.65
C VAL A 115 -4.53 -3.28 -20.76
N ARG A 116 -3.94 -3.16 -21.94
CA ARG A 116 -2.57 -3.59 -22.16
C ARG A 116 -1.62 -2.84 -21.23
N LEU A 117 -1.77 -1.51 -21.20
CA LEU A 117 -0.92 -0.69 -20.34
C LEU A 117 -1.18 -1.04 -18.88
N LEU A 118 -2.43 -1.32 -18.56
CA LEU A 118 -2.80 -1.66 -17.20
C LEU A 118 -2.08 -2.93 -16.76
N ARG A 119 -1.99 -3.90 -17.67
CA ARG A 119 -1.31 -5.16 -17.33
C ARG A 119 0.14 -4.89 -16.95
N PHE A 120 0.82 -4.09 -17.75
CA PHE A 120 2.21 -3.75 -17.48
C PHE A 120 2.32 -3.04 -16.13
N LEU A 121 1.32 -2.24 -15.83
CA LEU A 121 1.31 -1.50 -14.58
C LEU A 121 1.29 -2.46 -13.41
N ARG A 122 0.56 -3.56 -13.57
CA ARG A 122 0.45 -4.55 -12.51
C ARG A 122 1.83 -5.09 -12.14
N ILE A 123 2.59 -5.48 -13.16
CA ILE A 123 3.93 -6.02 -12.92
C ILE A 123 4.82 -4.94 -12.31
N LEU A 124 4.72 -3.73 -12.85
CA LEU A 124 5.51 -2.61 -12.37
C LEU A 124 5.12 -2.27 -10.93
N LEU A 125 3.84 -2.39 -10.64
CA LEU A 125 3.36 -2.08 -9.31
C LEU A 125 4.04 -2.98 -8.28
N ILE A 126 4.17 -4.26 -8.60
CA ILE A 126 4.81 -5.20 -7.69
C ILE A 126 6.27 -4.82 -7.47
N ILE A 127 6.94 -4.44 -8.56
CA ILE A 127 8.34 -4.05 -8.48
C ILE A 127 8.51 -2.86 -7.55
N SER A 128 7.59 -1.90 -7.66
CA SER A 128 7.67 -0.72 -6.81
C SER A 128 7.64 -1.11 -5.33
N ARG A 129 6.70 -1.96 -4.96
CA ARG A 129 6.61 -2.41 -3.57
C ARG A 129 7.82 -3.28 -3.21
N GLY A 130 8.45 -3.83 -4.23
CA GLY A 130 9.62 -4.68 -4.01
C GLY A 130 10.66 -3.95 -3.17
N SER A 131 10.71 -2.62 -3.33
CA SER A 131 11.66 -1.82 -2.57
C SER A 131 11.41 -1.96 -1.07
N LYS A 132 10.13 -1.98 -0.70
CA LYS A 132 9.76 -2.11 0.71
C LYS A 132 10.24 -3.44 1.26
N PHE A 133 10.03 -4.50 0.48
CA PHE A 133 10.46 -5.83 0.90
C PHE A 133 11.97 -5.88 1.04
N LEU A 134 12.68 -5.37 0.04
CA LEU A 134 14.13 -5.37 0.06
C LEU A 134 14.66 -4.60 1.25
N SER A 135 14.03 -3.47 1.53
CA SER A 135 14.44 -2.65 2.66
C SER A 135 14.25 -3.38 3.99
N ALA A 136 13.12 -4.08 4.11
CA ALA A 136 12.82 -4.81 5.34
C ALA A 136 13.88 -5.88 5.60
N ILE A 137 14.14 -6.72 4.61
CA ILE A 137 15.13 -7.77 4.75
C ILE A 137 16.52 -7.16 5.00
N ALA A 138 16.84 -6.14 4.24
CA ALA A 138 18.14 -5.51 4.39
C ALA A 138 18.40 -5.11 5.83
N ASP A 139 17.46 -4.35 6.40
CA ASP A 139 17.58 -3.91 7.78
C ASP A 139 17.48 -5.09 8.74
N ALA A 140 16.55 -6.00 8.47
CA ALA A 140 16.36 -7.15 9.32
C ALA A 140 17.63 -8.01 9.36
N ALA A 141 18.24 -8.21 8.20
CA ALA A 141 19.46 -9.01 8.13
C ALA A 141 20.55 -8.40 9.00
N ASP A 142 20.71 -7.09 8.90
CA ASP A 142 21.73 -6.40 9.69
C ASP A 142 21.44 -6.56 11.17
N LYS A 143 20.17 -6.50 11.53
CA LYS A 143 19.78 -6.63 12.93
C LYS A 143 19.86 -8.09 13.37
N LEU A 144 19.38 -8.98 12.52
CA LEU A 144 19.38 -10.40 12.85
C LEU A 144 20.79 -10.92 12.97
N VAL A 145 21.54 -10.88 11.86
CA VAL A 145 22.94 -11.35 11.84
C VAL A 145 23.23 -12.24 13.06
N PRO A 146 22.75 -13.44 13.06
CA PRO A 146 22.93 -14.37 14.21
C PRO A 146 24.35 -14.93 14.28
N ARG A 147 25.02 -14.95 13.15
CA ARG A 147 26.38 -15.48 13.08
C ARG A 147 27.00 -15.19 11.73
N LEU A 1 4.62 8.59 38.54
CA LEU A 1 3.90 7.51 37.79
C LEU A 1 3.50 8.05 36.42
N ARG A 2 3.93 7.35 35.38
CA ARG A 2 3.62 7.75 34.01
C ARG A 2 2.12 7.60 33.75
N GLY A 3 1.62 8.40 32.83
CA GLY A 3 0.21 8.38 32.47
C GLY A 3 -0.31 9.79 32.23
N LEU A 4 0.60 10.77 32.21
CA LEU A 4 0.20 12.15 31.98
C LEU A 4 -0.35 12.32 30.58
N SER A 5 -1.50 12.99 30.48
CA SER A 5 -2.14 13.22 29.18
C SER A 5 -1.89 14.66 28.72
N ASP A 6 -0.61 15.05 28.70
CA ASP A 6 -0.25 16.39 28.27
C ASP A 6 -0.50 16.55 26.78
N LEU A 7 -0.93 17.74 26.37
CA LEU A 7 -1.21 18.02 24.97
C LEU A 7 -0.11 18.90 24.38
N GLY A 8 1.09 18.34 24.27
CA GLY A 8 2.21 19.08 23.72
C GLY A 8 3.45 18.21 23.64
N GLY A 9 4.05 17.92 24.79
CA GLY A 9 5.25 17.09 24.83
C GLY A 9 4.97 15.71 24.25
N ARG A 10 3.84 15.12 24.65
CA ARG A 10 3.49 13.80 24.15
C ARG A 10 3.27 13.85 22.65
N VAL A 11 2.66 14.92 22.17
CA VAL A 11 2.40 15.03 20.74
C VAL A 11 3.71 14.97 19.97
N ARG A 12 4.71 15.70 20.45
CA ARG A 12 6.01 15.72 19.79
C ARG A 12 6.63 14.33 19.82
N ASN A 13 6.51 13.65 20.96
CA ASN A 13 7.08 12.31 21.12
C ASN A 13 6.41 11.35 20.15
N ILE A 14 5.10 11.47 19.98
CA ILE A 14 4.37 10.59 19.08
C ILE A 14 4.89 10.77 17.66
N GLY A 15 5.11 12.01 17.26
CA GLY A 15 5.59 12.27 15.92
C GLY A 15 6.91 11.53 15.65
N ASP A 16 7.83 11.63 16.60
CA ASP A 16 9.13 10.97 16.45
C ASP A 16 8.99 9.47 16.70
N VAL A 17 8.16 9.12 17.67
CA VAL A 17 7.94 7.73 18.02
C VAL A 17 6.96 7.08 17.05
N MET A 18 6.45 7.88 16.12
CA MET A 18 5.50 7.37 15.13
C MET A 18 6.09 6.20 14.35
N GLU A 19 7.35 5.88 14.64
CA GLU A 19 8.04 4.78 13.96
C GLU A 19 8.39 3.69 14.96
N HIS A 20 7.61 3.62 16.04
CA HIS A 20 7.86 2.63 17.08
C HIS A 20 8.12 1.25 16.44
N PRO A 21 9.13 0.53 16.86
CA PRO A 21 9.43 -0.81 16.28
C PRO A 21 8.17 -1.64 16.02
N LEU A 22 7.19 -1.54 16.91
CA LEU A 22 5.95 -2.28 16.75
C LEU A 22 5.18 -1.81 15.52
N VAL A 23 5.11 -0.50 15.35
CA VAL A 23 4.39 0.06 14.22
C VAL A 23 5.15 -0.17 12.92
N GLU A 24 6.46 -0.10 13.02
CA GLU A 24 7.32 -0.26 11.85
C GLU A 24 7.13 -1.64 11.25
N LEU A 25 7.13 -2.65 12.10
CA LEU A 25 6.96 -4.02 11.65
C LEU A 25 5.57 -4.23 11.06
N GLY A 26 4.57 -3.65 11.71
CA GLY A 26 3.20 -3.78 11.24
C GLY A 26 3.06 -3.30 9.81
N VAL A 27 3.59 -2.12 9.53
CA VAL A 27 3.51 -1.56 8.19
C VAL A 27 4.27 -2.45 7.20
N SER A 28 5.47 -2.86 7.59
CA SER A 28 6.28 -3.72 6.73
C SER A 28 5.56 -5.03 6.45
N TYR A 29 4.92 -5.58 7.48
CA TYR A 29 4.20 -6.83 7.34
C TYR A 29 3.09 -6.69 6.30
N ALA A 30 2.32 -5.61 6.40
CA ALA A 30 1.23 -5.37 5.47
C ALA A 30 1.78 -5.09 4.06
N ALA A 31 2.87 -4.35 3.99
CA ALA A 31 3.47 -4.02 2.70
C ALA A 31 3.97 -5.28 2.00
N LEU A 32 4.55 -6.18 2.77
CA LEU A 32 5.07 -7.42 2.21
C LEU A 32 3.93 -8.25 1.62
N LEU A 33 2.83 -8.33 2.34
CA LEU A 33 1.68 -9.10 1.87
C LEU A 33 1.15 -8.53 0.57
N SER A 34 1.09 -7.21 0.48
CA SER A 34 0.60 -6.56 -0.73
C SER A 34 1.42 -6.98 -1.94
N VAL A 35 2.75 -7.01 -1.79
CA VAL A 35 3.61 -7.38 -2.90
C VAL A 35 3.32 -8.81 -3.36
N ILE A 36 3.23 -9.73 -2.41
CA ILE A 36 2.96 -11.12 -2.74
C ILE A 36 1.60 -11.28 -3.40
N VAL A 37 0.59 -10.61 -2.86
CA VAL A 37 -0.74 -10.68 -3.40
C VAL A 37 -0.77 -10.18 -4.84
N VAL A 38 -0.08 -9.07 -5.09
CA VAL A 38 -0.05 -8.50 -6.43
C VAL A 38 0.48 -9.51 -7.42
N VAL A 39 1.55 -10.21 -7.04
CA VAL A 39 2.13 -11.18 -7.95
C VAL A 39 1.16 -12.32 -8.25
N VAL A 40 0.79 -13.06 -7.21
CA VAL A 40 -0.13 -14.19 -7.36
C VAL A 40 -1.31 -13.80 -8.21
N GLU A 41 -1.64 -12.53 -8.22
CA GLU A 41 -2.79 -12.06 -8.99
C GLU A 41 -2.78 -12.62 -10.41
N TYR A 42 -1.68 -12.43 -11.13
CA TYR A 42 -1.58 -12.92 -12.51
C TYR A 42 -0.82 -14.25 -12.57
N THR A 43 0.14 -14.41 -11.66
CA THR A 43 0.93 -15.64 -11.64
C THR A 43 0.03 -16.85 -11.46
N MET A 44 -1.17 -16.63 -10.91
CA MET A 44 -2.11 -17.71 -10.69
C MET A 44 -3.53 -17.25 -11.04
N GLN A 45 -4.33 -18.18 -11.55
CA GLN A 45 -5.71 -17.89 -11.94
C GLN A 45 -6.68 -18.63 -11.03
N LEU A 46 -6.55 -18.41 -9.72
CA LEU A 46 -7.43 -19.06 -8.76
C LEU A 46 -8.88 -18.97 -9.22
N SER A 47 -9.74 -19.76 -8.59
CA SER A 47 -11.15 -19.79 -8.96
C SER A 47 -11.83 -18.48 -8.57
N GLY A 48 -13.00 -18.24 -9.13
CA GLY A 48 -13.74 -17.01 -8.84
C GLY A 48 -13.91 -16.80 -7.34
N GLU A 49 -14.29 -17.86 -6.63
CA GLU A 49 -14.49 -17.77 -5.19
C GLU A 49 -13.22 -17.25 -4.51
N TYR A 50 -12.12 -17.97 -4.71
CA TYR A 50 -10.86 -17.57 -4.10
C TYR A 50 -10.37 -16.26 -4.69
N LEU A 51 -10.70 -16.03 -5.96
CA LEU A 51 -10.26 -14.80 -6.62
C LEU A 51 -10.83 -13.59 -5.91
N VAL A 52 -12.11 -13.64 -5.59
CA VAL A 52 -12.76 -12.52 -4.90
C VAL A 52 -12.10 -12.32 -3.54
N ARG A 53 -11.86 -13.42 -2.84
CA ARG A 53 -11.26 -13.34 -1.53
C ARG A 53 -9.88 -12.68 -1.61
N LEU A 54 -9.14 -12.99 -2.68
CA LEU A 54 -7.82 -12.42 -2.85
C LEU A 54 -7.89 -10.90 -2.94
N TYR A 55 -8.81 -10.40 -3.76
CA TYR A 55 -8.97 -8.96 -3.91
C TYR A 55 -9.51 -8.35 -2.62
N LEU A 56 -10.36 -9.10 -1.95
CA LEU A 56 -10.94 -8.63 -0.71
C LEU A 56 -9.85 -8.39 0.32
N VAL A 57 -8.91 -9.31 0.40
CA VAL A 57 -7.82 -9.18 1.35
C VAL A 57 -7.01 -7.94 1.04
N ASP A 58 -6.66 -7.77 -0.24
CA ASP A 58 -5.87 -6.62 -0.66
C ASP A 58 -6.46 -5.32 -0.13
N LEU A 59 -7.78 -5.21 -0.18
CA LEU A 59 -8.45 -4.01 0.28
C LEU A 59 -8.18 -3.79 1.76
N ILE A 60 -8.21 -4.86 2.53
CA ILE A 60 -7.96 -4.76 3.97
C ILE A 60 -6.54 -4.25 4.24
N LEU A 61 -5.58 -4.77 3.49
CA LEU A 61 -4.18 -4.39 3.67
C LEU A 61 -4.01 -2.90 3.39
N VAL A 62 -4.69 -2.41 2.38
CA VAL A 62 -4.59 -1.00 2.04
C VAL A 62 -5.09 -0.14 3.19
N ILE A 63 -6.19 -0.57 3.82
CA ILE A 63 -6.77 0.19 4.92
C ILE A 63 -5.77 0.29 6.08
N ILE A 64 -5.10 -0.80 6.38
CA ILE A 64 -4.13 -0.78 7.48
C ILE A 64 -3.04 0.24 7.21
N LEU A 65 -2.54 0.26 5.97
CA LEU A 65 -1.50 1.21 5.60
C LEU A 65 -2.02 2.64 5.68
N TRP A 66 -3.26 2.82 5.23
CA TRP A 66 -3.87 4.14 5.25
C TRP A 66 -3.84 4.72 6.65
N ALA A 67 -3.96 3.84 7.66
CA ALA A 67 -3.96 4.29 9.05
C ALA A 67 -2.76 5.20 9.33
N ASP A 68 -1.57 4.71 9.05
CA ASP A 68 -0.35 5.48 9.29
C ASP A 68 -0.29 6.69 8.38
N TYR A 69 -0.69 6.50 7.13
CA TYR A 69 -0.65 7.60 6.15
C TYR A 69 -1.55 8.74 6.60
N ALA A 70 -2.76 8.41 7.02
CA ALA A 70 -3.70 9.43 7.47
C ALA A 70 -3.18 10.14 8.72
N TYR A 71 -2.70 9.36 9.68
CA TYR A 71 -2.20 9.92 10.93
C TYR A 71 -1.04 10.89 10.65
N ARG A 72 -0.10 10.44 9.83
CA ARG A 72 1.04 11.27 9.49
C ARG A 72 0.60 12.51 8.73
N ALA A 73 -0.38 12.35 7.85
CA ALA A 73 -0.87 13.47 7.07
C ALA A 73 -1.31 14.62 7.99
N TYR A 74 -2.05 14.28 9.03
CA TYR A 74 -2.52 15.28 9.97
C TYR A 74 -1.34 15.94 10.67
N LYS A 75 -0.33 15.15 10.99
CA LYS A 75 0.85 15.69 11.67
C LYS A 75 1.50 16.78 10.82
N SER A 76 1.46 16.62 9.50
CA SER A 76 2.06 17.60 8.60
C SER A 76 1.41 18.97 8.79
N GLY A 77 0.16 18.97 9.25
CA GLY A 77 -0.56 20.22 9.46
C GLY A 77 -1.05 20.79 8.13
N ASP A 78 -0.88 20.03 7.06
CA ASP A 78 -1.31 20.46 5.74
C ASP A 78 -1.63 19.25 4.87
N PRO A 79 -2.82 18.73 4.98
CA PRO A 79 -3.25 17.53 4.18
C PRO A 79 -3.05 17.73 2.68
N ALA A 80 -3.42 18.89 2.18
CA ALA A 80 -3.30 19.18 0.76
C ALA A 80 -1.84 19.13 0.33
N GLY A 81 -1.00 19.84 1.08
CA GLY A 81 0.42 19.87 0.77
C GLY A 81 1.05 18.50 1.03
N TYR A 82 0.58 17.84 2.07
CA TYR A 82 1.10 16.53 2.43
C TYR A 82 0.92 15.56 1.27
N VAL A 83 -0.26 15.58 0.67
CA VAL A 83 -0.53 14.69 -0.45
C VAL A 83 0.30 15.07 -1.67
N LYS A 84 0.34 16.36 -1.98
CA LYS A 84 1.09 16.83 -3.13
C LYS A 84 2.56 16.43 -2.98
N LYS A 85 2.97 16.15 -1.76
CA LYS A 85 4.35 15.76 -1.52
C LYS A 85 4.49 14.23 -1.54
N THR A 86 3.43 13.53 -1.15
CA THR A 86 3.45 12.07 -1.10
C THR A 86 2.87 11.48 -2.37
N LEU A 87 3.05 12.19 -3.46
CA LEU A 87 2.54 11.73 -4.75
C LEU A 87 3.26 10.46 -5.17
N TYR A 88 4.44 10.22 -4.60
CA TYR A 88 5.21 9.03 -4.92
C TYR A 88 4.77 7.84 -4.07
N GLU A 89 3.89 8.10 -3.10
CA GLU A 89 3.39 7.05 -2.21
C GLU A 89 1.98 6.62 -2.60
N ILE A 90 1.23 7.56 -3.17
CA ILE A 90 -0.13 7.27 -3.60
C ILE A 90 -0.13 6.04 -4.52
N PRO A 91 0.74 6.00 -5.50
CA PRO A 91 0.81 4.85 -6.45
C PRO A 91 0.81 3.51 -5.71
N ALA A 92 1.45 3.48 -4.56
CA ALA A 92 1.52 2.26 -3.78
C ALA A 92 0.17 1.94 -3.13
N LEU A 93 -0.50 2.97 -2.62
CA LEU A 93 -1.78 2.79 -1.96
C LEU A 93 -2.86 2.50 -2.99
N VAL A 94 -2.58 2.78 -4.25
CA VAL A 94 -3.55 2.54 -5.30
C VAL A 94 -4.29 1.21 -5.09
N PRO A 95 -5.56 1.22 -4.75
CA PRO A 95 -6.33 -0.03 -4.55
C PRO A 95 -6.74 -0.66 -5.87
N ALA A 96 -6.18 -1.84 -6.15
CA ALA A 96 -6.47 -2.55 -7.39
C ALA A 96 -7.98 -2.66 -7.59
N GLY A 97 -8.72 -2.48 -6.50
CA GLY A 97 -10.18 -2.57 -6.58
C GLY A 97 -10.73 -1.66 -7.68
N LEU A 98 -10.28 -0.41 -7.69
CA LEU A 98 -10.75 0.54 -8.71
C LEU A 98 -10.37 0.07 -10.10
N LEU A 99 -9.14 -0.39 -10.26
CA LEU A 99 -8.68 -0.87 -11.54
C LEU A 99 -9.43 -2.12 -11.95
N ALA A 100 -9.70 -2.99 -10.98
CA ALA A 100 -10.41 -4.23 -11.25
C ALA A 100 -11.77 -3.96 -11.87
N LEU A 101 -12.53 -3.06 -11.27
CA LEU A 101 -13.86 -2.73 -11.80
C LEU A 101 -13.75 -2.10 -13.20
N ILE A 102 -12.79 -1.21 -13.36
CA ILE A 102 -12.61 -0.53 -14.64
C ILE A 102 -12.25 -1.52 -15.74
N GLU A 103 -11.33 -2.43 -15.44
CA GLU A 103 -10.89 -3.42 -16.41
C GLU A 103 -12.04 -4.37 -16.75
N GLY A 104 -12.89 -4.63 -15.75
CA GLY A 104 -14.00 -5.55 -15.93
C GLY A 104 -14.95 -5.05 -17.00
N HIS A 105 -15.28 -3.76 -16.93
CA HIS A 105 -16.17 -3.16 -17.92
C HIS A 105 -15.53 -3.15 -19.29
N LEU A 106 -14.24 -2.86 -19.34
CA LEU A 106 -13.52 -2.81 -20.60
C LEU A 106 -13.50 -4.19 -21.26
N ALA A 107 -13.29 -5.23 -20.47
CA ALA A 107 -13.26 -6.58 -20.99
C ALA A 107 -14.60 -6.94 -21.62
N GLY A 108 -15.68 -6.65 -20.90
CA GLY A 108 -17.01 -6.94 -21.40
C GLY A 108 -17.31 -6.14 -22.66
N LEU A 109 -16.64 -4.99 -22.78
CA LEU A 109 -16.85 -4.13 -23.93
C LEU A 109 -16.27 -4.77 -25.20
N GLY A 110 -15.34 -5.70 -25.01
CA GLY A 110 -14.71 -6.38 -26.13
C GLY A 110 -13.38 -5.72 -26.49
N LEU A 111 -12.79 -5.02 -25.51
CA LEU A 111 -11.51 -4.34 -25.72
C LEU A 111 -10.42 -5.01 -24.91
N PHE A 112 -9.22 -5.11 -25.49
CA PHE A 112 -8.09 -5.74 -24.82
C PHE A 112 -6.87 -4.82 -24.84
N ARG A 113 -6.91 -3.80 -25.71
CA ARG A 113 -5.79 -2.89 -25.82
C ARG A 113 -5.56 -2.16 -24.49
N LEU A 114 -6.63 -1.61 -23.93
CA LEU A 114 -6.53 -0.90 -22.65
C LEU A 114 -6.11 -1.86 -21.54
N VAL A 115 -6.66 -3.07 -21.60
CA VAL A 115 -6.34 -4.08 -20.61
C VAL A 115 -4.86 -4.41 -20.66
N ARG A 116 -4.32 -4.48 -21.87
CA ARG A 116 -2.90 -4.80 -22.05
C ARG A 116 -2.03 -3.77 -21.32
N LEU A 117 -2.31 -2.50 -21.55
CA LEU A 117 -1.55 -1.44 -20.89
C LEU A 117 -1.82 -1.45 -19.39
N LEU A 118 -3.07 -1.69 -19.03
CA LEU A 118 -3.44 -1.72 -17.63
C LEU A 118 -2.66 -2.83 -16.92
N ARG A 119 -2.57 -3.98 -17.54
CA ARG A 119 -1.83 -5.10 -16.96
C ARG A 119 -0.37 -4.72 -16.76
N PHE A 120 0.20 -4.03 -17.73
CA PHE A 120 1.59 -3.60 -17.65
C PHE A 120 1.77 -2.63 -16.49
N LEU A 121 0.73 -1.89 -16.19
CA LEU A 121 0.80 -0.94 -15.09
C LEU A 121 0.81 -1.69 -13.75
N ARG A 122 0.02 -2.75 -13.69
CA ARG A 122 -0.09 -3.53 -12.46
C ARG A 122 1.24 -4.19 -12.11
N ILE A 123 1.87 -4.80 -13.10
CA ILE A 123 3.15 -5.47 -12.89
C ILE A 123 4.23 -4.45 -12.57
N LEU A 124 4.19 -3.33 -13.27
CA LEU A 124 5.16 -2.27 -13.06
C LEU A 124 5.07 -1.72 -11.65
N LEU A 125 3.87 -1.73 -11.10
CA LEU A 125 3.67 -1.21 -9.74
C LEU A 125 4.57 -1.94 -8.75
N ILE A 126 4.93 -3.17 -9.08
CA ILE A 126 5.79 -3.95 -8.20
C ILE A 126 7.08 -3.18 -7.91
N ILE A 127 7.56 -2.44 -8.89
CA ILE A 127 8.80 -1.67 -8.71
C ILE A 127 8.62 -0.67 -7.57
N SER A 128 7.53 0.07 -7.60
CA SER A 128 7.28 1.05 -6.56
C SER A 128 7.33 0.39 -5.20
N ARG A 129 6.55 -0.68 -5.04
CA ARG A 129 6.53 -1.41 -3.79
C ARG A 129 7.84 -2.13 -3.57
N GLY A 130 8.57 -2.35 -4.65
CA GLY A 130 9.84 -3.03 -4.59
C GLY A 130 10.81 -2.27 -3.70
N SER A 131 10.73 -0.94 -3.73
CA SER A 131 11.62 -0.12 -2.92
C SER A 131 11.48 -0.47 -1.43
N LYS A 132 10.24 -0.51 -0.97
CA LYS A 132 9.97 -0.84 0.43
C LYS A 132 10.25 -2.31 0.68
N PHE A 133 9.94 -3.14 -0.31
CA PHE A 133 10.15 -4.58 -0.17
C PHE A 133 11.60 -4.88 0.19
N LEU A 134 12.53 -4.32 -0.58
CA LEU A 134 13.95 -4.53 -0.31
C LEU A 134 14.33 -3.91 1.03
N SER A 135 13.81 -2.72 1.30
CA SER A 135 14.13 -2.05 2.55
C SER A 135 13.65 -2.87 3.74
N ALA A 136 12.41 -3.36 3.65
CA ALA A 136 11.82 -4.14 4.72
C ALA A 136 12.50 -5.50 4.85
N ILE A 137 12.70 -6.16 3.72
CA ILE A 137 13.33 -7.48 3.72
C ILE A 137 14.78 -7.37 4.16
N ALA A 138 15.40 -6.23 3.84
CA ALA A 138 16.79 -6.01 4.19
C ALA A 138 16.99 -6.14 5.70
N ASP A 139 16.16 -5.43 6.45
CA ASP A 139 16.26 -5.48 7.90
C ASP A 139 15.83 -6.84 8.43
N ALA A 140 14.70 -7.33 7.94
CA ALA A 140 14.18 -8.62 8.38
C ALA A 140 15.15 -9.75 7.99
N ALA A 141 15.74 -9.62 6.81
CA ALA A 141 16.67 -10.64 6.33
C ALA A 141 17.71 -10.94 7.40
N ASP A 142 18.06 -9.92 8.19
CA ASP A 142 19.04 -10.11 9.25
C ASP A 142 18.46 -10.95 10.38
N LYS A 143 17.19 -10.70 10.69
CA LYS A 143 16.52 -11.43 11.76
C LYS A 143 16.13 -12.82 11.28
N LEU A 144 15.66 -12.91 10.04
CA LEU A 144 15.24 -14.19 9.47
C LEU A 144 16.45 -15.00 9.00
N VAL A 145 17.21 -14.42 8.07
CA VAL A 145 18.39 -15.09 7.55
C VAL A 145 18.00 -16.42 6.92
N PRO A 146 17.32 -16.40 5.81
CA PRO A 146 16.88 -17.63 5.10
C PRO A 146 18.03 -18.59 4.83
N ARG A 147 19.18 -18.04 4.45
CA ARG A 147 20.35 -18.86 4.16
C ARG A 147 21.58 -17.97 3.95
N LEU A 1 -11.65 25.54 17.42
CA LEU A 1 -12.88 26.36 17.61
C LEU A 1 -12.54 27.82 17.33
N ARG A 2 -12.18 28.55 18.37
CA ARG A 2 -11.84 29.97 18.22
C ARG A 2 -10.49 30.13 17.53
N GLY A 3 -9.64 29.10 17.64
CA GLY A 3 -8.32 29.16 17.02
C GLY A 3 -7.46 27.98 17.47
N LEU A 4 -7.23 27.89 18.78
CA LEU A 4 -6.42 26.80 19.34
C LEU A 4 -5.03 26.80 18.72
N SER A 5 -4.25 27.83 19.04
CA SER A 5 -2.88 27.93 18.51
C SER A 5 -1.96 26.94 19.20
N ASP A 6 -2.40 25.69 19.28
CA ASP A 6 -1.61 24.64 19.92
C ASP A 6 -1.87 23.29 19.25
N LEU A 7 -0.79 22.58 18.92
CA LEU A 7 -0.92 21.28 18.26
C LEU A 7 -1.65 20.29 19.17
N GLY A 8 -1.27 20.29 20.46
CA GLY A 8 -1.88 19.38 21.42
C GLY A 8 -0.88 18.29 21.85
N GLY A 9 -0.74 18.12 23.15
CA GLY A 9 0.17 17.11 23.69
C GLY A 9 -0.25 15.72 23.22
N ARG A 10 -1.55 15.54 23.05
CA ARG A 10 -2.08 14.25 22.61
C ARG A 10 -1.53 13.89 21.25
N VAL A 11 -1.48 14.86 20.36
CA VAL A 11 -0.98 14.63 19.01
C VAL A 11 0.50 14.25 19.05
N ARG A 12 1.26 14.97 19.88
CA ARG A 12 2.69 14.70 20.00
C ARG A 12 2.94 13.28 20.46
N ASN A 13 2.15 12.82 21.43
CA ASN A 13 2.30 11.47 21.94
C ASN A 13 2.00 10.45 20.84
N ILE A 14 0.99 10.74 20.03
CA ILE A 14 0.61 9.85 18.94
C ILE A 14 1.77 9.73 17.96
N GLY A 15 2.41 10.85 17.65
CA GLY A 15 3.52 10.83 16.71
C GLY A 15 4.62 9.87 17.18
N ASP A 16 5.03 9.99 18.43
CA ASP A 16 6.08 9.12 18.97
C ASP A 16 5.56 7.69 19.15
N VAL A 17 4.34 7.58 19.63
CA VAL A 17 3.71 6.28 19.85
C VAL A 17 3.34 5.61 18.52
N MET A 18 2.93 6.43 17.55
CA MET A 18 2.54 5.91 16.24
C MET A 18 3.75 5.53 15.43
N GLU A 19 4.88 6.19 15.69
CA GLU A 19 6.13 5.92 14.97
C GLU A 19 7.02 5.00 15.79
N HIS A 20 6.45 4.34 16.80
CA HIS A 20 7.24 3.47 17.66
C HIS A 20 7.90 2.35 16.83
N PRO A 21 9.15 2.00 17.11
CA PRO A 21 9.83 0.91 16.36
C PRO A 21 8.94 -0.31 16.12
N LEU A 22 8.06 -0.60 17.07
CA LEU A 22 7.17 -1.74 16.95
C LEU A 22 6.26 -1.59 15.75
N VAL A 23 5.79 -0.36 15.53
CA VAL A 23 4.92 -0.08 14.40
C VAL A 23 5.64 -0.37 13.10
N GLU A 24 6.92 -0.02 13.05
CA GLU A 24 7.71 -0.22 11.85
C GLU A 24 7.72 -1.69 11.47
N LEU A 25 8.01 -2.55 12.44
CA LEU A 25 8.04 -3.99 12.19
C LEU A 25 6.65 -4.49 11.79
N GLY A 26 5.62 -4.01 12.49
CA GLY A 26 4.25 -4.42 12.19
C GLY A 26 3.83 -3.95 10.80
N VAL A 27 4.06 -2.68 10.52
CA VAL A 27 3.70 -2.11 9.22
C VAL A 27 4.51 -2.76 8.10
N SER A 28 5.81 -2.92 8.34
CA SER A 28 6.68 -3.54 7.34
C SER A 28 6.21 -4.95 7.02
N TYR A 29 5.77 -5.67 8.04
CA TYR A 29 5.30 -7.04 7.86
C TYR A 29 4.10 -7.04 6.91
N ALA A 30 3.18 -6.11 7.13
CA ALA A 30 1.99 -6.01 6.28
C ALA A 30 2.38 -5.69 4.85
N ALA A 31 3.38 -4.83 4.70
CA ALA A 31 3.85 -4.44 3.36
C ALA A 31 4.45 -5.65 2.64
N LEU A 32 5.11 -6.53 3.40
CA LEU A 32 5.74 -7.71 2.83
C LEU A 32 4.69 -8.59 2.18
N LEU A 33 3.59 -8.81 2.88
CA LEU A 33 2.52 -9.64 2.36
C LEU A 33 1.91 -9.01 1.10
N SER A 34 1.74 -7.70 1.13
CA SER A 34 1.15 -6.99 0.01
C SER A 34 1.93 -7.29 -1.27
N VAL A 35 3.26 -7.28 -1.17
CA VAL A 35 4.12 -7.56 -2.32
C VAL A 35 3.95 -9.01 -2.78
N ILE A 36 3.90 -9.93 -1.82
CA ILE A 36 3.74 -11.34 -2.13
C ILE A 36 2.36 -11.58 -2.77
N VAL A 37 1.32 -10.94 -2.22
CA VAL A 37 -0.04 -11.13 -2.73
C VAL A 37 -0.12 -10.76 -4.21
N VAL A 38 0.39 -9.58 -4.57
CA VAL A 38 0.34 -9.15 -5.96
C VAL A 38 1.16 -10.10 -6.83
N VAL A 39 2.29 -10.55 -6.29
CA VAL A 39 3.14 -11.49 -7.01
C VAL A 39 2.43 -12.82 -7.21
N VAL A 40 1.79 -13.32 -6.16
CA VAL A 40 1.10 -14.61 -6.27
C VAL A 40 0.08 -14.58 -7.38
N GLU A 41 -0.77 -13.57 -7.41
CA GLU A 41 -1.79 -13.50 -8.45
C GLU A 41 -1.16 -13.32 -9.84
N TYR A 42 -0.25 -12.36 -9.95
CA TYR A 42 0.40 -12.09 -11.22
C TYR A 42 1.14 -13.33 -11.74
N THR A 43 1.46 -14.25 -10.84
CA THR A 43 2.18 -15.47 -11.20
C THR A 43 1.24 -16.69 -11.21
N MET A 44 0.48 -16.86 -10.12
CA MET A 44 -0.47 -17.97 -9.98
C MET A 44 -1.82 -17.63 -10.61
N GLN A 45 -2.18 -16.35 -10.63
CA GLN A 45 -3.47 -15.91 -11.21
C GLN A 45 -4.54 -16.96 -10.99
N LEU A 46 -4.69 -17.37 -9.75
CA LEU A 46 -5.68 -18.39 -9.39
C LEU A 46 -7.02 -18.10 -10.06
N SER A 47 -7.97 -19.01 -9.86
CA SER A 47 -9.29 -18.85 -10.44
C SER A 47 -10.07 -17.76 -9.73
N GLY A 48 -11.24 -17.44 -10.27
CA GLY A 48 -12.08 -16.40 -9.69
C GLY A 48 -12.40 -16.69 -8.22
N GLU A 49 -12.67 -17.96 -7.92
CA GLU A 49 -13.00 -18.35 -6.55
C GLU A 49 -12.00 -17.78 -5.55
N TYR A 50 -10.75 -18.23 -5.63
CA TYR A 50 -9.72 -17.76 -4.72
C TYR A 50 -9.50 -16.26 -4.89
N LEU A 51 -9.72 -15.77 -6.10
CA LEU A 51 -9.54 -14.36 -6.39
C LEU A 51 -10.44 -13.52 -5.51
N VAL A 52 -11.65 -14.01 -5.26
CA VAL A 52 -12.60 -13.28 -4.44
C VAL A 52 -12.04 -13.07 -3.04
N ARG A 53 -11.53 -14.14 -2.45
CA ARG A 53 -10.95 -14.05 -1.11
C ARG A 53 -9.67 -13.22 -1.14
N LEU A 54 -8.90 -13.38 -2.21
CA LEU A 54 -7.65 -12.66 -2.33
C LEU A 54 -7.92 -11.17 -2.37
N TYR A 55 -8.94 -10.76 -3.10
CA TYR A 55 -9.29 -9.35 -3.18
C TYR A 55 -9.70 -8.82 -1.81
N LEU A 56 -10.47 -9.61 -1.07
CA LEU A 56 -10.93 -9.19 0.25
C LEU A 56 -9.74 -8.99 1.18
N VAL A 57 -8.79 -9.93 1.13
CA VAL A 57 -7.60 -9.84 1.98
C VAL A 57 -6.80 -8.58 1.65
N ASP A 58 -6.63 -8.30 0.36
CA ASP A 58 -5.86 -7.13 -0.06
C ASP A 58 -6.52 -5.85 0.44
N LEU A 59 -7.84 -5.82 0.38
CA LEU A 59 -8.57 -4.63 0.83
C LEU A 59 -8.26 -4.36 2.30
N ILE A 60 -8.22 -5.42 3.10
CA ILE A 60 -7.92 -5.27 4.52
C ILE A 60 -6.53 -4.68 4.72
N LEU A 61 -5.58 -5.18 3.95
CA LEU A 61 -4.19 -4.70 4.04
C LEU A 61 -4.11 -3.22 3.68
N VAL A 62 -4.85 -2.81 2.66
CA VAL A 62 -4.84 -1.42 2.23
C VAL A 62 -5.32 -0.53 3.37
N ILE A 63 -6.35 -0.98 4.08
CA ILE A 63 -6.90 -0.21 5.20
C ILE A 63 -5.82 0.00 6.27
N ILE A 64 -5.06 -1.06 6.56
CA ILE A 64 -4.01 -0.95 7.56
C ILE A 64 -2.95 0.08 7.14
N LEU A 65 -2.56 0.02 5.88
CA LEU A 65 -1.57 0.95 5.36
C LEU A 65 -2.14 2.37 5.36
N TRP A 66 -3.41 2.50 5.03
CA TRP A 66 -4.07 3.79 5.01
C TRP A 66 -4.03 4.43 6.39
N ALA A 67 -4.07 3.60 7.43
CA ALA A 67 -4.04 4.11 8.79
C ALA A 67 -2.84 5.02 9.00
N ASP A 68 -1.65 4.52 8.69
CA ASP A 68 -0.44 5.31 8.87
C ASP A 68 -0.33 6.41 7.82
N TYR A 69 -0.58 6.06 6.57
CA TYR A 69 -0.50 7.01 5.48
C TYR A 69 -1.52 8.14 5.67
N ALA A 70 -2.75 7.78 5.98
CA ALA A 70 -3.81 8.77 6.16
C ALA A 70 -3.52 9.71 7.32
N TYR A 71 -3.24 9.13 8.49
CA TYR A 71 -2.97 9.94 9.66
C TYR A 71 -1.74 10.81 9.42
N ARG A 72 -0.69 10.19 8.89
CA ARG A 72 0.54 10.92 8.61
C ARG A 72 0.29 12.05 7.62
N ALA A 73 -0.49 11.78 6.58
CA ALA A 73 -0.77 12.80 5.59
C ALA A 73 -1.34 14.06 6.25
N TYR A 74 -2.44 13.88 6.98
CA TYR A 74 -3.08 15.00 7.67
C TYR A 74 -2.13 15.59 8.70
N LYS A 75 -1.31 14.75 9.30
CA LYS A 75 -0.37 15.21 10.31
C LYS A 75 0.50 16.33 9.75
N SER A 76 0.86 16.21 8.47
CA SER A 76 1.71 17.22 7.84
C SER A 76 0.97 18.57 7.76
N GLY A 77 -0.35 18.52 7.89
CA GLY A 77 -1.15 19.74 7.84
C GLY A 77 -1.37 20.18 6.39
N ASP A 78 -0.96 19.34 5.46
CA ASP A 78 -1.11 19.63 4.04
C ASP A 78 -1.23 18.33 3.25
N PRO A 79 -2.40 17.70 3.21
CA PRO A 79 -2.56 16.41 2.47
C PRO A 79 -2.19 16.52 1.00
N ALA A 80 -2.54 17.64 0.38
CA ALA A 80 -2.23 17.85 -1.04
C ALA A 80 -0.73 17.89 -1.26
N GLY A 81 -0.04 18.67 -0.44
CA GLY A 81 1.40 18.79 -0.54
C GLY A 81 2.08 17.48 -0.17
N TYR A 82 1.54 16.81 0.84
CA TYR A 82 2.09 15.55 1.30
C TYR A 82 2.05 14.50 0.19
N VAL A 83 0.93 14.45 -0.52
CA VAL A 83 0.79 13.48 -1.61
C VAL A 83 1.83 13.74 -2.70
N LYS A 84 1.95 15.00 -3.11
CA LYS A 84 2.90 15.36 -4.15
C LYS A 84 4.25 14.72 -3.89
N LYS A 85 4.50 14.34 -2.65
CA LYS A 85 5.75 13.72 -2.26
C LYS A 85 5.65 12.19 -2.34
N THR A 86 4.44 11.67 -2.16
CA THR A 86 4.21 10.22 -2.18
C THR A 86 3.33 9.82 -3.34
N LEU A 87 3.50 10.49 -4.47
CA LEU A 87 2.70 10.19 -5.64
C LEU A 87 2.93 8.75 -6.09
N TYR A 88 4.19 8.34 -6.10
CA TYR A 88 4.53 6.97 -6.51
C TYR A 88 4.05 5.98 -5.46
N GLU A 89 3.54 6.49 -4.35
CA GLU A 89 3.03 5.64 -3.27
C GLU A 89 1.55 5.31 -3.52
N ILE A 90 0.80 6.28 -4.03
CA ILE A 90 -0.62 6.08 -4.31
C ILE A 90 -0.84 4.79 -5.15
N PRO A 91 -0.13 4.63 -6.26
CA PRO A 91 -0.28 3.42 -7.12
C PRO A 91 -0.40 2.13 -6.31
N ALA A 92 0.31 2.08 -5.19
CA ALA A 92 0.29 0.89 -4.35
C ALA A 92 -0.94 0.87 -3.44
N LEU A 93 -1.46 2.05 -3.13
CA LEU A 93 -2.63 2.15 -2.28
C LEU A 93 -3.90 2.06 -3.12
N VAL A 94 -3.72 1.97 -4.43
CA VAL A 94 -4.86 1.89 -5.33
C VAL A 94 -5.75 0.68 -4.98
N PRO A 95 -7.02 0.87 -4.66
CA PRO A 95 -7.93 -0.25 -4.31
C PRO A 95 -8.37 -1.05 -5.55
N ALA A 96 -8.38 -2.38 -5.41
CA ALA A 96 -8.79 -3.25 -6.50
C ALA A 96 -10.28 -3.12 -6.76
N GLY A 97 -11.04 -2.83 -5.71
CA GLY A 97 -12.49 -2.71 -5.85
C GLY A 97 -12.86 -1.63 -6.86
N LEU A 98 -12.31 -0.43 -6.69
CA LEU A 98 -12.63 0.67 -7.60
C LEU A 98 -12.09 0.34 -9.01
N LEU A 99 -10.86 -0.17 -9.07
CA LEU A 99 -10.27 -0.53 -10.36
C LEU A 99 -11.06 -1.64 -11.04
N ALA A 100 -11.52 -2.61 -10.26
CA ALA A 100 -12.30 -3.70 -10.81
C ALA A 100 -13.50 -3.15 -11.57
N LEU A 101 -14.19 -2.18 -10.96
CA LEU A 101 -15.37 -1.58 -11.59
C LEU A 101 -14.97 -0.84 -12.87
N ILE A 102 -13.87 -0.11 -12.81
CA ILE A 102 -13.39 0.65 -13.97
C ILE A 102 -12.97 -0.31 -15.09
N GLU A 103 -12.27 -1.37 -14.72
CA GLU A 103 -11.81 -2.34 -15.71
C GLU A 103 -13.00 -2.90 -16.48
N GLY A 104 -14.07 -3.21 -15.75
CA GLY A 104 -15.27 -3.75 -16.37
C GLY A 104 -15.91 -2.72 -17.31
N HIS A 105 -15.87 -1.45 -16.91
CA HIS A 105 -16.45 -0.39 -17.72
C HIS A 105 -15.82 -0.36 -19.10
N LEU A 106 -14.49 -0.36 -19.15
CA LEU A 106 -13.79 -0.33 -20.43
C LEU A 106 -14.03 -1.62 -21.20
N ALA A 107 -13.95 -2.75 -20.50
CA ALA A 107 -14.16 -4.05 -21.13
C ALA A 107 -15.56 -4.16 -21.70
N GLY A 108 -16.49 -3.39 -21.13
CA GLY A 108 -17.88 -3.41 -21.59
C GLY A 108 -17.96 -2.98 -23.05
N LEU A 109 -17.16 -1.99 -23.43
CA LEU A 109 -17.19 -1.49 -24.81
C LEU A 109 -16.46 -2.48 -25.73
N GLY A 110 -15.60 -3.31 -25.15
CA GLY A 110 -14.86 -4.30 -25.93
C GLY A 110 -13.48 -3.75 -26.31
N LEU A 111 -13.08 -2.68 -25.64
CA LEU A 111 -11.79 -2.05 -25.90
C LEU A 111 -10.69 -2.80 -25.14
N PHE A 112 -10.32 -3.96 -25.65
CA PHE A 112 -9.29 -4.79 -25.01
C PHE A 112 -7.97 -4.01 -24.94
N ARG A 113 -7.85 -2.98 -25.75
CA ARG A 113 -6.65 -2.17 -25.77
C ARG A 113 -6.37 -1.57 -24.40
N LEU A 114 -7.43 -1.05 -23.77
CA LEU A 114 -7.31 -0.45 -22.45
C LEU A 114 -6.84 -1.49 -21.43
N VAL A 115 -7.31 -2.71 -21.60
CA VAL A 115 -6.94 -3.78 -20.68
C VAL A 115 -5.42 -4.00 -20.73
N ARG A 116 -4.86 -3.99 -21.94
CA ARG A 116 -3.43 -4.20 -22.11
C ARG A 116 -2.63 -3.11 -21.39
N LEU A 117 -3.09 -1.86 -21.51
CA LEU A 117 -2.40 -0.77 -20.84
C LEU A 117 -2.45 -0.97 -19.33
N LEU A 118 -3.60 -1.41 -18.83
CA LEU A 118 -3.76 -1.65 -17.40
C LEU A 118 -2.76 -2.71 -16.93
N ARG A 119 -2.58 -3.74 -17.73
CA ARG A 119 -1.65 -4.80 -17.37
C ARG A 119 -0.24 -4.23 -17.24
N PHE A 120 0.10 -3.26 -18.09
CA PHE A 120 1.42 -2.63 -18.05
C PHE A 120 1.64 -1.93 -16.71
N LEU A 121 0.62 -1.22 -16.23
CA LEU A 121 0.74 -0.52 -14.96
C LEU A 121 1.03 -1.51 -13.84
N ARG A 122 0.44 -2.70 -13.94
CA ARG A 122 0.65 -3.71 -12.93
C ARG A 122 2.15 -3.96 -12.76
N ILE A 123 2.87 -4.00 -13.88
CA ILE A 123 4.31 -4.24 -13.83
C ILE A 123 5.01 -3.12 -13.07
N LEU A 124 4.70 -1.88 -13.43
CA LEU A 124 5.31 -0.73 -12.75
C LEU A 124 4.85 -0.66 -11.29
N LEU A 125 3.63 -1.14 -11.05
CA LEU A 125 3.09 -1.11 -9.70
C LEU A 125 3.95 -1.94 -8.75
N ILE A 126 4.35 -3.13 -9.18
CA ILE A 126 5.21 -3.98 -8.37
C ILE A 126 6.56 -3.31 -8.15
N ILE A 127 7.10 -2.69 -9.20
CA ILE A 127 8.40 -2.05 -9.08
C ILE A 127 8.37 -1.00 -7.96
N SER A 128 7.31 -0.20 -7.90
CA SER A 128 7.20 0.80 -6.84
C SER A 128 7.14 0.13 -5.47
N ARG A 129 6.30 -0.89 -5.34
CA ARG A 129 6.16 -1.62 -4.08
C ARG A 129 7.45 -2.34 -3.72
N GLY A 130 8.27 -2.59 -4.73
CA GLY A 130 9.54 -3.29 -4.51
C GLY A 130 10.37 -2.58 -3.45
N SER A 131 10.27 -1.25 -3.40
CA SER A 131 11.01 -0.48 -2.42
C SER A 131 10.63 -0.90 -1.00
N LYS A 132 9.34 -1.12 -0.80
CA LYS A 132 8.83 -1.54 0.50
C LYS A 132 9.37 -2.91 0.87
N PHE A 133 9.39 -3.81 -0.12
CA PHE A 133 9.88 -5.16 0.10
C PHE A 133 11.32 -5.14 0.57
N LEU A 134 12.15 -4.38 -0.12
CA LEU A 134 13.56 -4.29 0.24
C LEU A 134 13.71 -3.72 1.64
N SER A 135 12.91 -2.70 1.95
CA SER A 135 12.99 -2.08 3.28
C SER A 135 12.64 -3.11 4.35
N ALA A 136 11.61 -3.91 4.09
CA ALA A 136 11.17 -4.93 5.05
C ALA A 136 12.27 -5.96 5.30
N ILE A 137 12.89 -6.43 4.21
CA ILE A 137 13.97 -7.42 4.33
C ILE A 137 15.15 -6.81 5.08
N ALA A 138 15.49 -5.58 4.75
CA ALA A 138 16.60 -4.91 5.40
C ALA A 138 16.43 -4.97 6.92
N ASP A 139 15.23 -4.68 7.40
CA ASP A 139 14.96 -4.72 8.84
C ASP A 139 14.88 -6.16 9.35
N ALA A 140 14.12 -6.99 8.64
CA ALA A 140 13.96 -8.39 9.04
C ALA A 140 15.29 -9.12 9.00
N ALA A 141 16.18 -8.68 8.12
CA ALA A 141 17.49 -9.31 7.98
C ALA A 141 18.14 -9.48 9.34
N ASP A 142 17.93 -8.50 10.22
CA ASP A 142 18.50 -8.55 11.56
C ASP A 142 17.90 -9.71 12.34
N LYS A 143 16.59 -9.94 12.16
CA LYS A 143 15.90 -11.01 12.87
C LYS A 143 15.95 -12.31 12.07
N LEU A 144 16.19 -12.21 10.77
CA LEU A 144 16.24 -13.38 9.92
C LEU A 144 17.56 -14.12 10.09
N VAL A 145 18.66 -13.44 9.75
CA VAL A 145 20.01 -14.01 9.87
C VAL A 145 19.97 -15.53 9.76
N PRO A 146 19.75 -16.04 8.57
CA PRO A 146 19.63 -17.50 8.33
C PRO A 146 20.99 -18.19 8.31
N ARG A 147 21.21 -19.07 9.27
CA ARG A 147 22.45 -19.81 9.37
C ARG A 147 23.64 -18.88 9.15
N LEU A 1 1.41 28.32 -7.11
CA LEU A 1 2.40 29.07 -6.28
C LEU A 1 2.81 28.21 -5.10
N ARG A 2 1.83 27.83 -4.28
CA ARG A 2 2.09 27.01 -3.10
C ARG A 2 3.00 27.75 -2.12
N GLY A 3 4.23 28.01 -2.53
CA GLY A 3 5.19 28.71 -1.69
C GLY A 3 5.54 27.88 -0.47
N LEU A 4 6.84 27.67 -0.26
CA LEU A 4 7.30 26.88 0.87
C LEU A 4 7.20 27.69 2.16
N SER A 5 6.91 27.01 3.27
CA SER A 5 6.78 27.67 4.56
C SER A 5 7.16 26.72 5.69
N ASP A 6 7.22 27.25 6.90
CA ASP A 6 7.57 26.43 8.05
C ASP A 6 6.46 25.44 8.35
N LEU A 7 6.20 25.21 9.64
CA LEU A 7 5.15 24.27 10.06
C LEU A 7 5.54 22.84 9.72
N GLY A 8 6.20 22.67 8.58
CA GLY A 8 6.63 21.35 8.13
C GLY A 8 7.56 20.72 9.15
N GLY A 9 8.24 21.55 9.92
CA GLY A 9 9.17 21.05 10.94
C GLY A 9 8.46 20.11 11.90
N ARG A 10 7.25 20.47 12.31
CA ARG A 10 6.47 19.64 13.22
C ARG A 10 6.17 18.29 12.60
N VAL A 11 5.82 18.31 11.32
CA VAL A 11 5.50 17.08 10.63
C VAL A 11 6.73 16.18 10.52
N ARG A 12 7.87 16.78 10.19
CA ARG A 12 9.11 16.01 10.05
C ARG A 12 9.51 15.37 11.37
N ASN A 13 9.34 16.10 12.47
CA ASN A 13 9.72 15.58 13.77
C ASN A 13 8.91 14.34 14.11
N ILE A 14 7.60 14.41 13.93
CA ILE A 14 6.72 13.27 14.22
C ILE A 14 6.99 12.14 13.23
N GLY A 15 7.15 12.48 11.96
CA GLY A 15 7.40 11.47 10.95
C GLY A 15 8.67 10.69 11.25
N ASP A 16 9.71 11.38 11.71
CA ASP A 16 10.98 10.73 12.01
C ASP A 16 10.98 10.16 13.42
N VAL A 17 10.06 10.64 14.26
CA VAL A 17 9.95 10.18 15.65
C VAL A 17 8.87 9.11 15.76
N MET A 18 8.05 8.97 14.71
CA MET A 18 6.96 7.98 14.71
C MET A 18 7.35 6.73 13.93
N GLU A 19 8.60 6.66 13.49
CA GLU A 19 9.08 5.52 12.74
C GLU A 19 9.61 4.45 13.69
N HIS A 20 9.07 4.43 14.90
CA HIS A 20 9.54 3.48 15.90
C HIS A 20 9.67 2.07 15.28
N PRO A 21 10.70 1.33 15.62
CA PRO A 21 10.89 -0.05 15.06
C PRO A 21 9.60 -0.90 15.15
N LEU A 22 8.77 -0.61 16.15
CA LEU A 22 7.53 -1.37 16.33
C LEU A 22 6.59 -1.15 15.15
N VAL A 23 6.48 0.09 14.72
CA VAL A 23 5.60 0.42 13.60
C VAL A 23 6.17 -0.14 12.30
N GLU A 24 7.49 -0.14 12.20
CA GLU A 24 8.15 -0.63 11.01
C GLU A 24 7.88 -2.11 10.81
N LEU A 25 7.98 -2.88 11.90
CA LEU A 25 7.75 -4.30 11.82
C LEU A 25 6.30 -4.60 11.44
N GLY A 26 5.37 -3.87 12.08
CA GLY A 26 3.95 -4.09 11.81
C GLY A 26 3.62 -3.84 10.34
N VAL A 27 4.05 -2.70 9.83
CA VAL A 27 3.80 -2.36 8.44
C VAL A 27 4.47 -3.37 7.52
N SER A 28 5.70 -3.73 7.84
CA SER A 28 6.43 -4.69 7.02
C SER A 28 5.68 -6.02 6.99
N TYR A 29 5.17 -6.44 8.13
CA TYR A 29 4.45 -7.71 8.22
C TYR A 29 3.31 -7.74 7.19
N ALA A 30 2.52 -6.66 7.16
CA ALA A 30 1.43 -6.58 6.21
C ALA A 30 1.97 -6.57 4.78
N ALA A 31 3.15 -5.98 4.61
CA ALA A 31 3.77 -5.92 3.29
C ALA A 31 4.12 -7.32 2.78
N LEU A 32 4.55 -8.19 3.69
CA LEU A 32 4.93 -9.56 3.32
C LEU A 32 3.73 -10.28 2.72
N LEU A 33 2.59 -10.14 3.36
CA LEU A 33 1.39 -10.78 2.86
C LEU A 33 0.92 -10.12 1.57
N SER A 34 1.11 -8.81 1.47
CA SER A 34 0.69 -8.07 0.29
C SER A 34 1.44 -8.50 -0.95
N VAL A 35 2.77 -8.50 -0.87
CA VAL A 35 3.59 -8.88 -2.02
C VAL A 35 3.31 -10.33 -2.41
N ILE A 36 3.06 -11.18 -1.41
CA ILE A 36 2.76 -12.58 -1.68
C ILE A 36 1.48 -12.70 -2.49
N VAL A 37 0.47 -11.92 -2.12
CA VAL A 37 -0.81 -11.95 -2.82
C VAL A 37 -0.64 -11.51 -4.28
N VAL A 38 0.14 -10.46 -4.49
CA VAL A 38 0.33 -9.95 -5.84
C VAL A 38 0.87 -11.05 -6.76
N VAL A 39 1.86 -11.79 -6.28
CA VAL A 39 2.45 -12.87 -7.06
C VAL A 39 1.39 -13.92 -7.37
N VAL A 40 0.62 -14.28 -6.37
CA VAL A 40 -0.43 -15.28 -6.55
C VAL A 40 -1.40 -14.85 -7.65
N GLU A 41 -1.58 -13.55 -7.81
CA GLU A 41 -2.51 -13.05 -8.80
C GLU A 41 -2.33 -13.75 -10.15
N TYR A 42 -1.10 -13.71 -10.68
CA TYR A 42 -0.80 -14.35 -11.96
C TYR A 42 -0.10 -15.68 -11.76
N THR A 43 0.73 -15.74 -10.73
CA THR A 43 1.47 -16.95 -10.46
C THR A 43 0.55 -18.08 -10.08
N MET A 44 -0.74 -17.78 -9.93
CA MET A 44 -1.72 -18.80 -9.60
C MET A 44 -3.01 -18.56 -10.37
N GLN A 45 -3.49 -19.60 -11.05
CA GLN A 45 -4.71 -19.50 -11.84
C GLN A 45 -5.92 -19.81 -10.97
N LEU A 46 -6.20 -18.93 -10.02
CA LEU A 46 -7.34 -19.12 -9.13
C LEU A 46 -8.64 -19.03 -9.92
N SER A 47 -9.76 -19.25 -9.23
CA SER A 47 -11.08 -19.20 -9.87
C SER A 47 -11.86 -17.97 -9.41
N GLY A 48 -12.97 -17.69 -10.07
CA GLY A 48 -13.79 -16.54 -9.73
C GLY A 48 -14.07 -16.49 -8.23
N GLU A 49 -14.43 -17.63 -7.65
CA GLU A 49 -14.72 -17.69 -6.23
C GLU A 49 -13.49 -17.27 -5.40
N TYR A 50 -12.39 -17.99 -5.61
CA TYR A 50 -11.16 -17.68 -4.89
C TYR A 50 -10.70 -16.28 -5.22
N LEU A 51 -11.04 -15.82 -6.41
CA LEU A 51 -10.65 -14.48 -6.84
C LEU A 51 -11.26 -13.44 -5.91
N VAL A 52 -12.52 -13.65 -5.53
CA VAL A 52 -13.20 -12.72 -4.64
C VAL A 52 -12.52 -12.70 -3.28
N ARG A 53 -12.20 -13.88 -2.78
CA ARG A 53 -11.55 -13.99 -1.48
C ARG A 53 -10.18 -13.32 -1.50
N LEU A 54 -9.46 -13.51 -2.60
CA LEU A 54 -8.14 -12.94 -2.74
C LEU A 54 -8.20 -11.42 -2.68
N TYR A 55 -9.19 -10.85 -3.36
CA TYR A 55 -9.38 -9.41 -3.39
C TYR A 55 -9.73 -8.90 -1.99
N LEU A 56 -10.50 -9.69 -1.26
CA LEU A 56 -10.90 -9.30 0.08
C LEU A 56 -9.70 -9.17 1.01
N VAL A 57 -8.82 -10.15 0.95
CA VAL A 57 -7.62 -10.13 1.78
C VAL A 57 -6.75 -8.93 1.41
N ASP A 58 -6.58 -8.69 0.11
CA ASP A 58 -5.76 -7.59 -0.35
C ASP A 58 -6.30 -6.26 0.17
N LEU A 59 -7.61 -6.14 0.16
CA LEU A 59 -8.25 -4.91 0.63
C LEU A 59 -7.93 -4.69 2.11
N ILE A 60 -7.89 -5.76 2.88
CA ILE A 60 -7.62 -5.65 4.31
C ILE A 60 -6.23 -5.05 4.55
N LEU A 61 -5.25 -5.54 3.80
CA LEU A 61 -3.89 -5.04 3.93
C LEU A 61 -3.83 -3.55 3.60
N VAL A 62 -4.60 -3.14 2.61
CA VAL A 62 -4.62 -1.73 2.21
C VAL A 62 -5.13 -0.86 3.36
N ILE A 63 -6.13 -1.34 4.08
CA ILE A 63 -6.69 -0.57 5.19
C ILE A 63 -5.61 -0.30 6.25
N ILE A 64 -4.83 -1.32 6.58
CA ILE A 64 -3.78 -1.16 7.57
C ILE A 64 -2.75 -0.12 7.09
N LEU A 65 -2.35 -0.23 5.84
CA LEU A 65 -1.37 0.70 5.28
C LEU A 65 -1.94 2.11 5.27
N TRP A 66 -3.23 2.23 5.01
CA TRP A 66 -3.88 3.53 4.99
C TRP A 66 -3.80 4.19 6.35
N ALA A 67 -3.84 3.39 7.40
CA ALA A 67 -3.78 3.94 8.76
C ALA A 67 -2.62 4.92 8.90
N ASP A 68 -1.42 4.48 8.55
CA ASP A 68 -0.24 5.34 8.66
C ASP A 68 -0.26 6.45 7.61
N TYR A 69 -0.53 6.08 6.37
CA TYR A 69 -0.57 7.05 5.28
C TYR A 69 -1.64 8.11 5.53
N ALA A 70 -2.82 7.66 5.94
CA ALA A 70 -3.92 8.58 6.20
C ALA A 70 -3.58 9.54 7.33
N TYR A 71 -2.94 9.02 8.37
CA TYR A 71 -2.57 9.85 9.52
C TYR A 71 -1.67 10.99 9.07
N ARG A 72 -0.70 10.68 8.23
CA ARG A 72 0.23 11.68 7.74
C ARG A 72 -0.50 12.71 6.88
N ALA A 73 -1.45 12.24 6.09
CA ALA A 73 -2.22 13.13 5.21
C ALA A 73 -2.90 14.23 6.02
N TYR A 74 -3.62 13.83 7.06
CA TYR A 74 -4.31 14.80 7.91
C TYR A 74 -3.31 15.64 8.70
N LYS A 75 -2.21 15.01 9.10
CA LYS A 75 -1.19 15.71 9.88
C LYS A 75 -0.62 16.88 9.10
N SER A 76 -0.40 16.66 7.80
CA SER A 76 0.15 17.71 6.95
C SER A 76 -0.82 18.88 6.83
N GLY A 77 -2.12 18.60 7.03
CA GLY A 77 -3.13 19.64 6.94
C GLY A 77 -3.49 19.94 5.48
N ASP A 78 -2.91 19.16 4.58
CA ASP A 78 -3.16 19.33 3.15
C ASP A 78 -3.08 17.99 2.44
N PRO A 79 -4.11 17.19 2.55
CA PRO A 79 -4.16 15.84 1.91
C PRO A 79 -3.88 15.89 0.42
N ALA A 80 -4.51 16.83 -0.27
CA ALA A 80 -4.33 16.95 -1.71
C ALA A 80 -2.87 17.19 -2.04
N GLY A 81 -2.28 18.16 -1.37
CA GLY A 81 -0.88 18.49 -1.60
C GLY A 81 0.03 17.36 -1.08
N TYR A 82 -0.32 16.84 0.08
CA TYR A 82 0.46 15.77 0.69
C TYR A 82 0.53 14.58 -0.25
N VAL A 83 -0.59 14.24 -0.87
CA VAL A 83 -0.61 13.12 -1.79
C VAL A 83 0.27 13.40 -3.00
N LYS A 84 0.16 14.60 -3.55
CA LYS A 84 0.95 14.97 -4.72
C LYS A 84 2.44 14.84 -4.40
N LYS A 85 2.75 14.84 -3.11
CA LYS A 85 4.13 14.71 -2.67
C LYS A 85 4.51 13.23 -2.50
N THR A 86 3.52 12.41 -2.19
CA THR A 86 3.76 10.97 -1.97
C THR A 86 3.27 10.16 -3.16
N LEU A 87 3.48 10.71 -4.35
CA LEU A 87 3.08 10.03 -5.58
C LEU A 87 3.84 8.73 -5.75
N TYR A 88 5.00 8.63 -5.10
CA TYR A 88 5.82 7.43 -5.18
C TYR A 88 5.30 6.34 -4.25
N GLU A 89 4.42 6.72 -3.31
CA GLU A 89 3.86 5.77 -2.35
C GLU A 89 2.41 5.43 -2.72
N ILE A 90 1.75 6.35 -3.41
CA ILE A 90 0.37 6.13 -3.83
C ILE A 90 0.27 4.79 -4.57
N PRO A 91 1.12 4.55 -5.54
CA PRO A 91 1.08 3.28 -6.33
C PRO A 91 0.92 2.06 -5.42
N ALA A 92 1.59 2.08 -4.27
CA ALA A 92 1.53 0.97 -3.33
C ALA A 92 0.17 0.90 -2.64
N LEU A 93 -0.61 1.97 -2.76
CA LEU A 93 -1.93 2.01 -2.15
C LEU A 93 -3.02 1.81 -3.20
N VAL A 94 -2.60 1.79 -4.48
CA VAL A 94 -3.55 1.62 -5.56
C VAL A 94 -4.65 0.60 -5.19
N PRO A 95 -5.86 1.04 -4.93
CA PRO A 95 -6.98 0.13 -4.57
C PRO A 95 -7.52 -0.61 -5.79
N ALA A 96 -7.51 -1.94 -5.72
CA ALA A 96 -8.00 -2.75 -6.84
C ALA A 96 -9.50 -2.58 -7.03
N GLY A 97 -10.23 -2.44 -5.93
CA GLY A 97 -11.68 -2.29 -6.00
C GLY A 97 -12.09 -1.14 -6.92
N LEU A 98 -11.55 0.05 -6.65
CA LEU A 98 -11.87 1.22 -7.46
C LEU A 98 -11.39 1.02 -8.89
N LEU A 99 -10.18 0.50 -9.04
CA LEU A 99 -9.62 0.27 -10.36
C LEU A 99 -10.45 -0.74 -11.12
N ALA A 100 -10.92 -1.77 -10.43
CA ALA A 100 -11.72 -2.80 -11.06
C ALA A 100 -12.92 -2.17 -11.77
N LEU A 101 -13.63 -1.29 -11.06
CA LEU A 101 -14.80 -0.64 -11.63
C LEU A 101 -14.42 0.23 -12.83
N ILE A 102 -13.32 0.95 -12.70
CA ILE A 102 -12.85 1.82 -13.79
C ILE A 102 -12.47 0.98 -15.00
N GLU A 103 -11.78 -0.14 -14.76
CA GLU A 103 -11.38 -1.01 -15.85
C GLU A 103 -12.58 -1.43 -16.67
N GLY A 104 -13.67 -1.75 -15.99
CA GLY A 104 -14.89 -2.17 -16.67
C GLY A 104 -15.45 -1.05 -17.53
N HIS A 105 -15.36 0.18 -17.02
CA HIS A 105 -15.88 1.33 -17.76
C HIS A 105 -15.19 1.45 -19.11
N LEU A 106 -13.86 1.29 -19.11
CA LEU A 106 -13.08 1.38 -20.34
C LEU A 106 -13.47 0.24 -21.29
N ALA A 107 -13.68 -0.94 -20.73
CA ALA A 107 -14.04 -2.09 -21.53
C ALA A 107 -15.35 -1.85 -22.29
N GLY A 108 -16.25 -1.10 -21.66
CA GLY A 108 -17.54 -0.80 -22.28
C GLY A 108 -17.35 -0.04 -23.60
N LEU A 109 -16.41 0.90 -23.61
CA LEU A 109 -16.15 1.69 -24.81
C LEU A 109 -15.38 0.88 -25.83
N GLY A 110 -14.66 -0.15 -25.36
CA GLY A 110 -13.87 -1.01 -26.25
C GLY A 110 -12.40 -0.61 -26.22
N LEU A 111 -12.03 0.25 -25.28
CA LEU A 111 -10.65 0.69 -25.16
C LEU A 111 -9.81 -0.36 -24.46
N PHE A 112 -9.73 -1.54 -25.07
CA PHE A 112 -8.95 -2.64 -24.51
C PHE A 112 -7.49 -2.23 -24.37
N ARG A 113 -7.07 -1.25 -25.16
CA ARG A 113 -5.69 -0.79 -25.10
C ARG A 113 -5.32 -0.36 -23.68
N LEU A 114 -6.21 0.41 -23.05
CA LEU A 114 -5.95 0.89 -21.70
C LEU A 114 -5.86 -0.29 -20.74
N VAL A 115 -6.71 -1.29 -20.96
CA VAL A 115 -6.73 -2.46 -20.09
C VAL A 115 -5.40 -3.21 -20.18
N ARG A 116 -4.87 -3.36 -21.39
CA ARG A 116 -3.61 -4.06 -21.59
C ARG A 116 -2.48 -3.36 -20.84
N LEU A 117 -2.38 -2.05 -20.99
CA LEU A 117 -1.36 -1.27 -20.31
C LEU A 117 -1.59 -1.32 -18.80
N LEU A 118 -2.86 -1.26 -18.42
CA LEU A 118 -3.20 -1.28 -17.01
C LEU A 118 -2.73 -2.58 -16.38
N ARG A 119 -2.94 -3.68 -17.08
CA ARG A 119 -2.52 -4.97 -16.58
C ARG A 119 -1.00 -5.00 -16.40
N PHE A 120 -0.29 -4.44 -17.37
CA PHE A 120 1.17 -4.41 -17.32
C PHE A 120 1.63 -3.69 -16.06
N LEU A 121 1.00 -2.57 -15.74
CA LEU A 121 1.37 -1.81 -14.56
C LEU A 121 1.18 -2.64 -13.30
N ARG A 122 0.10 -3.41 -13.25
CA ARG A 122 -0.16 -4.26 -12.09
C ARG A 122 1.02 -5.19 -11.85
N ILE A 123 1.53 -5.80 -12.91
CA ILE A 123 2.67 -6.71 -12.78
C ILE A 123 3.89 -5.94 -12.31
N LEU A 124 4.13 -4.78 -12.90
CA LEU A 124 5.28 -3.97 -12.54
C LEU A 124 5.15 -3.45 -11.11
N LEU A 125 3.91 -3.37 -10.64
CA LEU A 125 3.65 -2.86 -9.29
C LEU A 125 4.40 -3.70 -8.26
N ILE A 126 4.72 -4.94 -8.64
CA ILE A 126 5.42 -5.83 -7.74
C ILE A 126 6.79 -5.27 -7.37
N ILE A 127 7.39 -4.56 -8.32
CA ILE A 127 8.71 -3.98 -8.09
C ILE A 127 8.70 -3.08 -6.86
N SER A 128 7.73 -2.17 -6.80
CA SER A 128 7.63 -1.27 -5.66
C SER A 128 7.36 -2.06 -4.39
N ARG A 129 6.42 -3.00 -4.48
CA ARG A 129 6.06 -3.81 -3.33
C ARG A 129 7.25 -4.65 -2.88
N GLY A 130 7.96 -5.22 -3.84
CA GLY A 130 9.12 -6.05 -3.54
C GLY A 130 10.19 -5.24 -2.84
N SER A 131 10.35 -3.98 -3.24
CA SER A 131 11.35 -3.12 -2.64
C SER A 131 11.06 -2.95 -1.15
N LYS A 132 9.80 -2.75 -0.81
CA LYS A 132 9.41 -2.58 0.58
C LYS A 132 9.78 -3.82 1.39
N PHE A 133 9.52 -5.00 0.82
CA PHE A 133 9.83 -6.24 1.50
C PHE A 133 11.33 -6.34 1.77
N LEU A 134 12.12 -6.16 0.72
CA LEU A 134 13.57 -6.25 0.83
C LEU A 134 14.11 -5.13 1.72
N SER A 135 13.56 -3.93 1.55
CA SER A 135 14.00 -2.79 2.33
C SER A 135 13.82 -3.06 3.82
N ALA A 136 12.67 -3.63 4.17
CA ALA A 136 12.38 -3.93 5.57
C ALA A 136 13.44 -4.85 6.15
N ILE A 137 13.64 -6.00 5.53
CA ILE A 137 14.64 -6.96 6.00
C ILE A 137 16.04 -6.37 5.90
N ALA A 138 16.33 -5.72 4.77
CA ALA A 138 17.64 -5.13 4.55
C ALA A 138 17.98 -4.13 5.65
N ASP A 139 17.01 -3.28 5.98
CA ASP A 139 17.22 -2.27 7.01
C ASP A 139 17.48 -2.93 8.35
N ALA A 140 16.72 -3.98 8.65
CA ALA A 140 16.88 -4.70 9.90
C ALA A 140 18.21 -5.43 9.93
N ALA A 141 18.58 -6.04 8.81
CA ALA A 141 19.83 -6.76 8.72
C ALA A 141 21.00 -5.88 9.14
N ASP A 142 21.04 -4.66 8.59
CA ASP A 142 22.13 -3.74 8.91
C ASP A 142 22.13 -3.42 10.40
N LYS A 143 20.97 -3.03 10.92
CA LYS A 143 20.84 -2.69 12.32
C LYS A 143 21.03 -3.94 13.18
N LEU A 144 20.60 -5.08 12.64
CA LEU A 144 20.71 -6.35 13.36
C LEU A 144 22.16 -6.80 13.41
N VAL A 145 22.81 -6.83 12.25
CA VAL A 145 24.20 -7.27 12.19
C VAL A 145 25.14 -6.10 12.51
N PRO A 146 25.97 -6.22 13.54
CA PRO A 146 26.92 -5.12 13.92
C PRO A 146 28.10 -5.03 12.96
N ARG A 147 28.99 -6.01 13.02
CA ARG A 147 30.16 -6.04 12.16
C ARG A 147 29.78 -6.47 10.75
N LEU A 1 28.54 25.92 16.24
CA LEU A 1 27.30 26.03 17.06
C LEU A 1 26.28 25.00 16.56
N ARG A 2 25.30 24.71 17.42
CA ARG A 2 24.26 23.74 17.07
C ARG A 2 22.93 24.17 17.67
N GLY A 3 21.93 24.32 16.81
CA GLY A 3 20.60 24.71 17.26
C GLY A 3 19.71 25.06 16.08
N LEU A 4 19.00 24.04 15.57
CA LEU A 4 18.09 24.23 14.43
C LEU A 4 16.66 23.85 14.83
N SER A 5 15.81 24.86 14.99
CA SER A 5 14.42 24.62 15.36
C SER A 5 14.35 23.72 16.60
N ASP A 6 13.16 23.61 17.17
CA ASP A 6 12.96 22.77 18.35
C ASP A 6 11.56 22.19 18.38
N LEU A 7 11.47 20.87 18.35
CA LEU A 7 10.18 20.19 18.38
C LEU A 7 10.37 18.69 18.54
N GLY A 8 10.78 18.26 19.74
CA GLY A 8 11.00 16.83 20.00
C GLY A 8 9.90 16.26 20.89
N GLY A 9 9.31 17.12 21.73
CA GLY A 9 8.25 16.71 22.63
C GLY A 9 6.98 16.37 21.85
N ARG A 10 7.09 15.45 20.91
CA ARG A 10 5.95 15.04 20.11
C ARG A 10 6.29 13.77 19.33
N VAL A 11 7.19 13.90 18.36
CA VAL A 11 7.58 12.76 17.55
C VAL A 11 8.38 11.76 18.37
N ARG A 12 9.06 12.25 19.40
CA ARG A 12 9.87 11.39 20.25
C ARG A 12 8.98 10.40 21.01
N ASN A 13 7.80 10.86 21.44
CA ASN A 13 6.87 10.01 22.18
C ASN A 13 5.92 9.30 21.22
N ILE A 14 5.25 10.05 20.36
CA ILE A 14 4.30 9.47 19.41
C ILE A 14 5.01 8.53 18.46
N GLY A 15 6.17 8.94 17.96
CA GLY A 15 6.91 8.11 17.03
C GLY A 15 7.00 6.67 17.54
N ASP A 16 7.60 6.47 18.70
CA ASP A 16 7.74 5.13 19.27
C ASP A 16 6.40 4.57 19.72
N VAL A 17 5.62 5.40 20.41
CA VAL A 17 4.32 4.98 20.92
C VAL A 17 3.40 4.59 19.76
N MET A 18 3.64 5.17 18.60
CA MET A 18 2.82 4.88 17.43
C MET A 18 3.36 3.68 16.64
N GLU A 19 4.68 3.62 16.50
CA GLU A 19 5.32 2.53 15.76
C GLU A 19 5.76 1.43 16.73
N HIS A 20 5.05 1.31 17.83
CA HIS A 20 5.38 0.30 18.84
C HIS A 20 5.69 -1.04 18.15
N PRO A 21 6.52 -1.87 18.73
CA PRO A 21 6.90 -3.19 18.13
C PRO A 21 5.72 -3.91 17.46
N LEU A 22 4.55 -3.84 18.08
CA LEU A 22 3.37 -4.50 17.52
C LEU A 22 3.11 -3.97 16.10
N VAL A 23 3.14 -2.66 15.95
CA VAL A 23 2.91 -2.05 14.64
C VAL A 23 4.01 -2.46 13.67
N GLU A 24 5.25 -2.43 14.13
CA GLU A 24 6.38 -2.78 13.28
C GLU A 24 6.11 -4.09 12.53
N LEU A 25 5.83 -5.14 13.28
CA LEU A 25 5.54 -6.44 12.68
C LEU A 25 4.25 -6.39 11.87
N GLY A 26 3.27 -5.65 12.38
CA GLY A 26 1.98 -5.56 11.70
C GLY A 26 2.15 -5.05 10.26
N VAL A 27 2.92 -3.98 10.10
CA VAL A 27 3.15 -3.43 8.76
C VAL A 27 3.89 -4.43 7.89
N SER A 28 4.94 -5.03 8.43
CA SER A 28 5.74 -5.99 7.68
C SER A 28 4.90 -7.18 7.25
N TYR A 29 4.07 -7.68 8.16
CA TYR A 29 3.21 -8.82 7.86
C TYR A 29 2.27 -8.48 6.69
N ALA A 30 1.59 -7.34 6.81
CA ALA A 30 0.66 -6.91 5.79
C ALA A 30 1.40 -6.59 4.49
N ALA A 31 2.56 -5.96 4.61
CA ALA A 31 3.34 -5.60 3.44
C ALA A 31 3.80 -6.83 2.68
N LEU A 32 4.22 -7.85 3.42
CA LEU A 32 4.69 -9.08 2.78
C LEU A 32 3.57 -9.74 1.98
N LEU A 33 2.39 -9.80 2.56
CA LEU A 33 1.25 -10.40 1.89
C LEU A 33 0.86 -9.57 0.68
N SER A 34 0.87 -8.25 0.82
CA SER A 34 0.50 -7.37 -0.27
C SER A 34 1.28 -7.69 -1.53
N VAL A 35 2.59 -7.87 -1.39
CA VAL A 35 3.43 -8.16 -2.55
C VAL A 35 3.09 -9.53 -3.13
N ILE A 36 2.92 -10.52 -2.27
CA ILE A 36 2.60 -11.86 -2.71
C ILE A 36 1.17 -11.93 -3.25
N VAL A 37 0.29 -11.10 -2.70
CA VAL A 37 -1.10 -11.08 -3.14
C VAL A 37 -1.21 -10.68 -4.62
N VAL A 38 -0.52 -9.60 -4.99
CA VAL A 38 -0.56 -9.13 -6.37
C VAL A 38 0.12 -10.15 -7.29
N VAL A 39 1.21 -10.73 -6.82
CA VAL A 39 1.93 -11.73 -7.61
C VAL A 39 1.03 -12.94 -7.90
N VAL A 40 0.35 -13.44 -6.86
CA VAL A 40 -0.52 -14.60 -7.02
C VAL A 40 -1.66 -14.30 -7.99
N GLU A 41 -2.31 -13.17 -7.81
CA GLU A 41 -3.42 -12.80 -8.69
C GLU A 41 -2.91 -12.53 -10.10
N TYR A 42 -1.75 -11.91 -10.20
CA TYR A 42 -1.17 -11.60 -11.50
C TYR A 42 -0.79 -12.88 -12.26
N THR A 43 -0.04 -13.76 -11.60
CA THR A 43 0.39 -15.01 -12.24
C THR A 43 -0.76 -15.99 -12.39
N MET A 44 -1.54 -16.12 -11.33
CA MET A 44 -2.69 -17.03 -11.32
C MET A 44 -4.00 -16.25 -11.33
N GLN A 45 -4.97 -16.77 -12.08
CA GLN A 45 -6.28 -16.15 -12.19
C GLN A 45 -7.29 -16.92 -11.35
N LEU A 46 -7.12 -16.84 -10.04
CA LEU A 46 -8.01 -17.53 -9.11
C LEU A 46 -9.45 -17.45 -9.60
N SER A 47 -10.28 -18.39 -9.13
CA SER A 47 -11.67 -18.43 -9.55
C SER A 47 -12.43 -17.23 -8.97
N GLY A 48 -13.64 -17.02 -9.48
CA GLY A 48 -14.45 -15.89 -9.03
C GLY A 48 -14.61 -15.88 -7.52
N GLU A 49 -14.86 -17.06 -6.93
CA GLU A 49 -15.03 -17.16 -5.48
C GLU A 49 -13.78 -16.67 -4.74
N TYR A 50 -12.65 -17.31 -5.02
CA TYR A 50 -11.39 -16.93 -4.38
C TYR A 50 -10.97 -15.53 -4.82
N LEU A 51 -11.27 -15.19 -6.07
CA LEU A 51 -10.88 -13.88 -6.59
C LEU A 51 -11.53 -12.78 -5.77
N VAL A 52 -12.83 -12.90 -5.53
CA VAL A 52 -13.55 -11.91 -4.75
C VAL A 52 -12.99 -11.86 -3.33
N ARG A 53 -12.74 -13.03 -2.78
CA ARG A 53 -12.21 -13.12 -1.43
C ARG A 53 -10.85 -12.42 -1.35
N LEU A 54 -10.03 -12.62 -2.37
CA LEU A 54 -8.71 -12.02 -2.40
C LEU A 54 -8.81 -10.49 -2.38
N TYR A 55 -9.75 -9.96 -3.16
CA TYR A 55 -9.96 -8.52 -3.21
C TYR A 55 -10.30 -7.97 -1.83
N LEU A 56 -11.10 -8.72 -1.08
CA LEU A 56 -11.49 -8.27 0.25
C LEU A 56 -10.26 -8.18 1.14
N VAL A 57 -9.40 -9.18 1.02
CA VAL A 57 -8.18 -9.21 1.80
C VAL A 57 -7.32 -8.00 1.45
N ASP A 58 -7.25 -7.68 0.17
CA ASP A 58 -6.46 -6.54 -0.28
C ASP A 58 -6.98 -5.26 0.34
N LEU A 59 -8.31 -5.14 0.46
CA LEU A 59 -8.90 -3.94 1.03
C LEU A 59 -8.40 -3.74 2.45
N ILE A 60 -8.37 -4.81 3.24
CA ILE A 60 -7.91 -4.71 4.62
C ILE A 60 -6.45 -4.30 4.67
N LEU A 61 -5.65 -4.86 3.77
CA LEU A 61 -4.23 -4.54 3.73
C LEU A 61 -4.04 -3.05 3.42
N VAL A 62 -4.83 -2.54 2.48
CA VAL A 62 -4.73 -1.13 2.11
C VAL A 62 -5.07 -0.25 3.32
N ILE A 63 -6.10 -0.62 4.06
CA ILE A 63 -6.50 0.16 5.23
C ILE A 63 -5.34 0.28 6.21
N ILE A 64 -4.61 -0.81 6.41
CA ILE A 64 -3.48 -0.79 7.34
C ILE A 64 -2.43 0.23 6.90
N LEU A 65 -2.11 0.23 5.61
CA LEU A 65 -1.12 1.17 5.07
C LEU A 65 -1.60 2.60 5.25
N TRP A 66 -2.89 2.82 5.00
CA TRP A 66 -3.45 4.15 5.12
C TRP A 66 -3.26 4.65 6.55
N ALA A 67 -3.36 3.75 7.51
CA ALA A 67 -3.19 4.12 8.91
C ALA A 67 -1.83 4.77 9.13
N ASP A 68 -0.77 4.08 8.70
CA ASP A 68 0.59 4.61 8.87
C ASP A 68 0.77 5.89 8.08
N TYR A 69 0.36 5.86 6.81
CA TYR A 69 0.47 7.02 5.95
C TYR A 69 -0.33 8.19 6.51
N ALA A 70 -1.56 7.91 6.92
CA ALA A 70 -2.44 8.94 7.46
C ALA A 70 -1.86 9.56 8.72
N TYR A 71 -1.28 8.72 9.58
CA TYR A 71 -0.70 9.21 10.82
C TYR A 71 0.42 10.20 10.52
N ARG A 72 1.30 9.82 9.62
CA ARG A 72 2.42 10.67 9.26
C ARG A 72 1.93 11.94 8.58
N ALA A 73 0.94 11.78 7.70
CA ALA A 73 0.39 12.91 6.97
C ALA A 73 -0.17 13.96 7.93
N TYR A 74 -0.92 13.51 8.92
CA TYR A 74 -1.51 14.41 9.91
C TYR A 74 -0.42 15.15 10.68
N LYS A 75 0.60 14.43 11.08
CA LYS A 75 1.70 15.04 11.81
C LYS A 75 2.37 16.12 10.98
N SER A 76 2.42 15.92 9.67
CA SER A 76 3.05 16.90 8.79
C SER A 76 2.32 18.24 8.87
N GLY A 77 1.07 18.20 9.32
CA GLY A 77 0.28 19.42 9.45
C GLY A 77 -0.15 19.94 8.09
N ASP A 78 0.15 19.17 7.06
CA ASP A 78 -0.21 19.54 5.69
C ASP A 78 -0.43 18.29 4.85
N PRO A 79 -1.60 17.71 4.92
CA PRO A 79 -1.94 16.47 4.14
C PRO A 79 -1.67 16.63 2.65
N ALA A 80 -2.00 17.80 2.11
CA ALA A 80 -1.78 18.06 0.70
C ALA A 80 -0.29 17.99 0.36
N GLY A 81 0.52 18.68 1.15
CA GLY A 81 1.96 18.68 0.93
C GLY A 81 2.52 17.29 1.13
N TYR A 82 2.00 16.59 2.14
CA TYR A 82 2.48 15.25 2.43
C TYR A 82 2.24 14.35 1.23
N VAL A 83 1.12 14.52 0.56
CA VAL A 83 0.80 13.70 -0.61
C VAL A 83 1.72 14.00 -1.80
N LYS A 84 1.95 15.28 -2.05
CA LYS A 84 2.78 15.69 -3.17
C LYS A 84 4.20 15.19 -3.02
N LYS A 85 4.60 14.87 -1.79
CA LYS A 85 5.98 14.42 -1.56
C LYS A 85 6.09 12.90 -1.68
N THR A 86 4.94 12.24 -1.67
CA THR A 86 4.88 10.78 -1.75
C THR A 86 3.98 10.33 -2.90
N LEU A 87 4.06 11.04 -4.02
CA LEU A 87 3.26 10.69 -5.19
C LEU A 87 3.66 9.33 -5.72
N TYR A 88 4.84 8.88 -5.36
CA TYR A 88 5.33 7.59 -5.82
C TYR A 88 4.78 6.45 -4.94
N GLU A 89 4.13 6.82 -3.84
CA GLU A 89 3.56 5.82 -2.92
C GLU A 89 2.05 5.74 -3.07
N ILE A 90 1.43 6.87 -3.47
CA ILE A 90 -0.01 6.92 -3.68
C ILE A 90 -0.46 5.78 -4.60
N PRO A 91 0.20 5.59 -5.73
CA PRO A 91 -0.19 4.52 -6.69
C PRO A 91 -0.44 3.19 -5.99
N ALA A 92 0.37 2.87 -5.00
CA ALA A 92 0.21 1.63 -4.27
C ALA A 92 -1.10 1.60 -3.49
N LEU A 93 -1.46 2.74 -2.92
CA LEU A 93 -2.70 2.83 -2.15
C LEU A 93 -3.91 2.63 -3.06
N VAL A 94 -3.83 3.20 -4.28
CA VAL A 94 -4.94 3.09 -5.23
C VAL A 94 -5.63 1.72 -5.13
N PRO A 95 -6.77 1.64 -4.47
CA PRO A 95 -7.50 0.35 -4.31
C PRO A 95 -7.68 -0.38 -5.65
N ALA A 96 -7.25 -1.64 -5.69
CA ALA A 96 -7.38 -2.44 -6.91
C ALA A 96 -8.84 -2.59 -7.29
N GLY A 97 -9.72 -2.37 -6.32
CA GLY A 97 -11.15 -2.48 -6.57
C GLY A 97 -11.57 -1.57 -7.71
N LEU A 98 -11.07 -0.33 -7.72
CA LEU A 98 -11.43 0.61 -8.78
C LEU A 98 -10.92 0.12 -10.13
N LEU A 99 -9.68 -0.35 -10.15
CA LEU A 99 -9.08 -0.84 -11.38
C LEU A 99 -9.82 -2.07 -11.89
N ALA A 100 -10.21 -2.93 -10.96
CA ALA A 100 -10.92 -4.15 -11.32
C ALA A 100 -12.18 -3.84 -12.11
N LEU A 101 -12.97 -2.88 -11.63
CA LEU A 101 -14.19 -2.50 -12.32
C LEU A 101 -13.90 -1.94 -13.72
N ILE A 102 -12.88 -1.11 -13.81
CA ILE A 102 -12.52 -0.53 -15.09
C ILE A 102 -12.05 -1.62 -16.06
N GLU A 103 -11.24 -2.55 -15.55
CA GLU A 103 -10.73 -3.64 -16.37
C GLU A 103 -11.88 -4.49 -16.89
N GLY A 104 -12.88 -4.71 -16.04
CA GLY A 104 -14.03 -5.51 -16.43
C GLY A 104 -14.79 -4.84 -17.59
N HIS A 105 -14.92 -3.53 -17.53
CA HIS A 105 -15.62 -2.79 -18.56
C HIS A 105 -14.96 -3.02 -19.92
N LEU A 106 -13.63 -2.95 -19.93
CA LEU A 106 -12.89 -3.16 -21.16
C LEU A 106 -13.11 -4.57 -21.68
N ALA A 107 -13.12 -5.54 -20.78
CA ALA A 107 -13.34 -6.93 -21.17
C ALA A 107 -14.75 -7.12 -21.72
N GLY A 108 -15.71 -6.43 -21.12
CA GLY A 108 -17.10 -6.55 -21.55
C GLY A 108 -17.22 -6.21 -23.03
N LEU A 109 -16.52 -5.17 -23.46
CA LEU A 109 -16.55 -4.78 -24.87
C LEU A 109 -15.56 -5.59 -25.69
N GLY A 110 -14.60 -6.23 -25.01
CA GLY A 110 -13.61 -7.04 -25.69
C GLY A 110 -12.44 -6.19 -26.20
N LEU A 111 -12.12 -5.14 -25.45
CA LEU A 111 -11.02 -4.24 -25.82
C LEU A 111 -9.72 -4.68 -25.17
N PHE A 112 -9.14 -5.75 -25.68
CA PHE A 112 -7.90 -6.27 -25.15
C PHE A 112 -6.77 -5.26 -25.30
N ARG A 113 -6.85 -4.44 -26.35
CA ARG A 113 -5.82 -3.44 -26.60
C ARG A 113 -5.64 -2.55 -25.37
N LEU A 114 -6.74 -2.01 -24.87
CA LEU A 114 -6.69 -1.15 -23.70
C LEU A 114 -6.19 -1.93 -22.49
N VAL A 115 -6.63 -3.18 -22.38
CA VAL A 115 -6.22 -4.03 -21.26
C VAL A 115 -4.70 -4.25 -21.30
N ARG A 116 -4.16 -4.42 -22.49
CA ARG A 116 -2.73 -4.67 -22.65
C ARG A 116 -1.93 -3.54 -21.99
N LEU A 117 -2.33 -2.30 -22.27
CA LEU A 117 -1.64 -1.16 -21.68
C LEU A 117 -1.81 -1.18 -20.16
N LEU A 118 -3.01 -1.56 -19.70
CA LEU A 118 -3.28 -1.62 -18.27
C LEU A 118 -2.36 -2.62 -17.60
N ARG A 119 -2.15 -3.76 -18.25
CA ARG A 119 -1.29 -4.78 -17.68
C ARG A 119 0.11 -4.23 -17.47
N PHE A 120 0.60 -3.48 -18.45
CA PHE A 120 1.94 -2.92 -18.35
C PHE A 120 2.06 -2.08 -17.07
N LEU A 121 1.07 -1.22 -16.84
CA LEU A 121 1.07 -0.38 -15.66
C LEU A 121 1.07 -1.23 -14.40
N ARG A 122 0.34 -2.34 -14.43
CA ARG A 122 0.26 -3.23 -13.28
C ARG A 122 1.65 -3.64 -12.85
N ILE A 123 2.52 -3.91 -13.82
CA ILE A 123 3.90 -4.29 -13.50
C ILE A 123 4.57 -3.15 -12.73
N LEU A 124 4.37 -1.93 -13.21
CA LEU A 124 4.99 -0.78 -12.55
C LEU A 124 4.46 -0.65 -11.12
N LEU A 125 3.16 -0.90 -10.95
CA LEU A 125 2.55 -0.81 -9.63
C LEU A 125 3.24 -1.74 -8.66
N ILE A 126 3.54 -2.95 -9.10
CA ILE A 126 4.22 -3.92 -8.25
C ILE A 126 5.60 -3.40 -7.85
N ILE A 127 6.32 -2.84 -8.83
CA ILE A 127 7.65 -2.31 -8.57
C ILE A 127 7.59 -1.16 -7.56
N SER A 128 6.63 -0.28 -7.75
CA SER A 128 6.48 0.87 -6.85
C SER A 128 6.26 0.39 -5.43
N ARG A 129 5.39 -0.60 -5.26
CA ARG A 129 5.11 -1.16 -3.94
C ARG A 129 6.32 -1.90 -3.41
N GLY A 130 7.01 -2.61 -4.30
CA GLY A 130 8.18 -3.39 -3.93
C GLY A 130 9.21 -2.51 -3.23
N SER A 131 9.27 -1.24 -3.62
CA SER A 131 10.23 -0.32 -3.01
C SER A 131 10.11 -0.35 -1.50
N LYS A 132 8.88 -0.39 -1.01
CA LYS A 132 8.61 -0.43 0.43
C LYS A 132 9.13 -1.73 1.03
N PHE A 133 8.91 -2.84 0.31
CA PHE A 133 9.33 -4.15 0.79
C PHE A 133 10.84 -4.19 1.01
N LEU A 134 11.58 -4.18 -0.10
CA LEU A 134 13.04 -4.23 -0.03
C LEU A 134 13.58 -3.15 0.88
N SER A 135 12.89 -2.01 0.92
CA SER A 135 13.32 -0.92 1.77
C SER A 135 13.34 -1.36 3.23
N ALA A 136 12.30 -2.06 3.66
CA ALA A 136 12.22 -2.54 5.03
C ALA A 136 13.34 -3.53 5.35
N ILE A 137 13.58 -4.46 4.43
CA ILE A 137 14.63 -5.46 4.62
C ILE A 137 16.00 -4.80 4.65
N ALA A 138 16.22 -3.86 3.76
CA ALA A 138 17.50 -3.18 3.70
C ALA A 138 17.84 -2.56 5.06
N ASP A 139 16.86 -1.91 5.67
CA ASP A 139 17.06 -1.28 6.96
C ASP A 139 17.37 -2.32 8.04
N ALA A 140 16.56 -3.38 8.08
CA ALA A 140 16.76 -4.43 9.07
C ALA A 140 18.11 -5.09 8.91
N ALA A 141 18.50 -5.35 7.67
CA ALA A 141 19.78 -5.98 7.39
C ALA A 141 20.92 -5.16 7.97
N ASP A 142 20.90 -3.85 7.74
CA ASP A 142 21.95 -2.99 8.25
C ASP A 142 22.04 -3.09 9.76
N LYS A 143 20.90 -2.99 10.43
CA LYS A 143 20.88 -3.08 11.89
C LYS A 143 21.27 -4.49 12.35
N LEU A 144 20.74 -5.50 11.65
CA LEU A 144 21.04 -6.87 12.00
C LEU A 144 22.53 -7.19 11.82
N VAL A 145 23.10 -6.74 10.69
CA VAL A 145 24.51 -6.99 10.40
C VAL A 145 25.18 -5.68 9.96
N PRO A 146 25.49 -4.81 10.90
CA PRO A 146 26.15 -3.52 10.59
C PRO A 146 27.64 -3.68 10.34
N ARG A 147 28.07 -4.93 10.11
CA ARG A 147 29.47 -5.21 9.84
C ARG A 147 30.33 -4.72 11.00
N LEU A 1 5.83 21.61 27.17
CA LEU A 1 6.66 22.73 27.72
C LEU A 1 6.84 22.53 29.22
N ARG A 2 7.37 23.55 29.89
CA ARG A 2 7.59 23.47 31.34
C ARG A 2 8.43 22.24 31.68
N GLY A 3 9.24 21.80 30.72
CA GLY A 3 10.09 20.65 30.94
C GLY A 3 11.03 20.43 29.76
N LEU A 4 12.17 21.09 29.81
CA LEU A 4 13.17 20.97 28.74
C LEU A 4 12.56 21.39 27.41
N SER A 5 13.41 21.80 26.48
CA SER A 5 12.96 22.22 25.16
C SER A 5 12.32 21.05 24.42
N ASP A 6 12.85 19.84 24.66
CA ASP A 6 12.31 18.66 24.02
C ASP A 6 10.83 18.50 24.33
N LEU A 7 10.01 18.35 23.28
CA LEU A 7 8.57 18.20 23.43
C LEU A 7 8.15 16.76 23.11
N GLY A 8 9.01 15.81 23.43
CA GLY A 8 8.71 14.41 23.15
C GLY A 8 7.69 13.87 24.13
N GLY A 9 7.27 14.71 25.07
CA GLY A 9 6.29 14.29 26.07
C GLY A 9 4.99 13.83 25.43
N ARG A 10 4.43 14.65 24.55
CA ARG A 10 3.19 14.29 23.88
C ARG A 10 3.42 13.11 22.95
N VAL A 11 4.59 13.11 22.32
CA VAL A 11 4.95 12.04 21.40
C VAL A 11 5.21 10.73 22.14
N ARG A 12 5.55 10.84 23.42
CA ARG A 12 5.84 9.65 24.22
C ARG A 12 4.62 8.73 24.27
N ASN A 13 3.47 9.29 24.59
CA ASN A 13 2.24 8.51 24.67
C ASN A 13 1.74 8.16 23.27
N ILE A 14 1.65 9.18 22.41
CA ILE A 14 1.18 8.95 21.05
C ILE A 14 2.13 8.02 20.30
N GLY A 15 3.42 8.27 20.45
CA GLY A 15 4.41 7.43 19.78
C GLY A 15 4.39 5.99 20.30
N ASP A 16 4.44 5.83 21.60
CA ASP A 16 4.44 4.49 22.19
C ASP A 16 3.15 3.76 21.83
N VAL A 17 2.04 4.47 21.91
CA VAL A 17 0.74 3.90 21.59
C VAL A 17 0.66 3.57 20.08
N MET A 18 1.17 4.49 19.25
CA MET A 18 1.13 4.29 17.79
C MET A 18 2.33 3.49 17.27
N GLU A 19 3.31 3.24 18.14
CA GLU A 19 4.51 2.46 17.75
C GLU A 19 4.51 1.13 18.51
N HIS A 20 3.32 0.64 18.84
CA HIS A 20 3.22 -0.61 19.58
C HIS A 20 3.97 -1.73 18.83
N PRO A 21 4.80 -2.51 19.50
CA PRO A 21 5.57 -3.59 18.81
C PRO A 21 4.76 -4.33 17.75
N LEU A 22 3.46 -4.50 17.99
CA LEU A 22 2.60 -5.19 17.03
C LEU A 22 2.43 -4.36 15.77
N VAL A 23 2.29 -3.05 15.94
CA VAL A 23 2.10 -2.15 14.80
C VAL A 23 3.34 -2.14 13.91
N GLU A 24 4.50 -2.29 14.52
CA GLU A 24 5.75 -2.27 13.76
C GLU A 24 5.86 -3.50 12.86
N LEU A 25 5.85 -4.68 13.48
CA LEU A 25 5.96 -5.92 12.72
C LEU A 25 4.71 -6.14 11.85
N GLY A 26 3.55 -5.79 12.38
CA GLY A 26 2.31 -5.97 11.64
C GLY A 26 2.32 -5.21 10.33
N VAL A 27 2.74 -3.94 10.38
CA VAL A 27 2.79 -3.12 9.18
C VAL A 27 3.80 -3.68 8.19
N SER A 28 4.99 -4.02 8.69
CA SER A 28 6.04 -4.58 7.83
C SER A 28 5.59 -5.89 7.21
N TYR A 29 4.97 -6.74 8.02
CA TYR A 29 4.49 -8.02 7.53
C TYR A 29 3.48 -7.81 6.41
N ALA A 30 2.54 -6.89 6.62
CA ALA A 30 1.52 -6.62 5.63
C ALA A 30 2.14 -6.11 4.33
N ALA A 31 3.20 -5.31 4.44
CA ALA A 31 3.87 -4.74 3.27
C ALA A 31 4.14 -5.81 2.21
N LEU A 32 5.07 -6.72 2.54
CA LEU A 32 5.44 -7.79 1.62
C LEU A 32 4.21 -8.65 1.28
N LEU A 33 3.27 -8.75 2.24
CA LEU A 33 2.08 -9.54 2.03
C LEU A 33 1.27 -8.97 0.85
N SER A 34 1.19 -7.66 0.77
CA SER A 34 0.45 -7.02 -0.32
C SER A 34 1.19 -7.22 -1.64
N VAL A 35 2.53 -7.20 -1.58
CA VAL A 35 3.34 -7.37 -2.79
C VAL A 35 3.12 -8.73 -3.45
N ILE A 36 3.19 -9.80 -2.66
CA ILE A 36 3.01 -11.14 -3.21
C ILE A 36 1.57 -11.35 -3.65
N VAL A 37 0.63 -10.71 -2.96
CA VAL A 37 -0.79 -10.82 -3.32
C VAL A 37 -1.02 -10.34 -4.74
N VAL A 38 -0.45 -9.20 -5.09
CA VAL A 38 -0.59 -8.66 -6.43
C VAL A 38 0.04 -9.61 -7.44
N VAL A 39 1.21 -10.13 -7.10
CA VAL A 39 1.91 -11.06 -7.98
C VAL A 39 1.08 -12.31 -8.22
N VAL A 40 0.46 -12.84 -7.17
CA VAL A 40 -0.37 -14.04 -7.30
C VAL A 40 -1.51 -13.81 -8.28
N GLU A 41 -2.17 -12.66 -8.17
CA GLU A 41 -3.27 -12.35 -9.07
C GLU A 41 -2.76 -12.23 -10.50
N TYR A 42 -1.64 -11.54 -10.68
CA TYR A 42 -1.05 -11.37 -12.01
C TYR A 42 -0.58 -12.71 -12.58
N THR A 43 0.11 -13.49 -11.75
CA THR A 43 0.65 -14.78 -12.20
C THR A 43 -0.44 -15.83 -12.26
N MET A 44 -0.94 -16.23 -11.10
CA MET A 44 -1.98 -17.26 -11.04
C MET A 44 -3.35 -16.63 -11.25
N GLN A 45 -4.22 -17.36 -11.94
CA GLN A 45 -5.58 -16.89 -12.22
C GLN A 45 -6.59 -17.77 -11.50
N LEU A 46 -6.52 -17.79 -10.18
CA LEU A 46 -7.43 -18.60 -9.38
C LEU A 46 -8.86 -18.41 -9.86
N SER A 47 -9.78 -19.22 -9.32
CA SER A 47 -11.18 -19.14 -9.70
C SER A 47 -11.83 -17.88 -9.14
N GLY A 48 -13.09 -17.68 -9.49
CA GLY A 48 -13.84 -16.52 -9.04
C GLY A 48 -13.95 -16.49 -7.51
N GLU A 49 -14.07 -17.66 -6.91
CA GLU A 49 -14.21 -17.77 -5.46
C GLU A 49 -13.03 -17.14 -4.72
N TYR A 50 -11.85 -17.70 -4.90
CA TYR A 50 -10.64 -17.19 -4.25
C TYR A 50 -10.41 -15.74 -4.64
N LEU A 51 -10.77 -15.40 -5.86
CA LEU A 51 -10.60 -14.03 -6.33
C LEU A 51 -11.32 -13.06 -5.40
N VAL A 52 -12.54 -13.41 -5.01
CA VAL A 52 -13.30 -12.54 -4.12
C VAL A 52 -12.60 -12.43 -2.77
N ARG A 53 -12.18 -13.56 -2.24
CA ARG A 53 -11.48 -13.58 -0.96
C ARG A 53 -10.16 -12.81 -1.05
N LEU A 54 -9.45 -12.99 -2.16
CA LEU A 54 -8.17 -12.32 -2.34
C LEU A 54 -8.35 -10.81 -2.33
N TYR A 55 -9.38 -10.34 -3.01
CA TYR A 55 -9.65 -8.90 -3.07
C TYR A 55 -9.98 -8.37 -1.68
N LEU A 56 -10.74 -9.14 -0.91
CA LEU A 56 -11.13 -8.72 0.43
C LEU A 56 -9.90 -8.58 1.31
N VAL A 57 -9.00 -9.55 1.21
CA VAL A 57 -7.78 -9.54 1.99
C VAL A 57 -6.92 -8.33 1.63
N ASP A 58 -6.80 -8.07 0.34
CA ASP A 58 -6.00 -6.94 -0.12
C ASP A 58 -6.54 -5.63 0.42
N LEU A 59 -7.87 -5.50 0.43
CA LEU A 59 -8.51 -4.28 0.92
C LEU A 59 -8.18 -4.06 2.40
N ILE A 60 -8.23 -5.14 3.19
CA ILE A 60 -7.95 -5.03 4.61
C ILE A 60 -6.52 -4.59 4.84
N LEU A 61 -5.60 -5.18 4.10
CA LEU A 61 -4.19 -4.83 4.22
C LEU A 61 -3.97 -3.39 3.74
N VAL A 62 -4.67 -2.99 2.69
CA VAL A 62 -4.53 -1.65 2.13
C VAL A 62 -4.82 -0.60 3.21
N ILE A 63 -5.93 -0.77 3.91
CA ILE A 63 -6.31 0.17 4.95
C ILE A 63 -5.30 0.15 6.11
N ILE A 64 -4.88 -1.04 6.52
CA ILE A 64 -3.94 -1.18 7.64
C ILE A 64 -2.59 -0.53 7.32
N LEU A 65 -2.08 -0.77 6.12
CA LEU A 65 -0.78 -0.22 5.73
C LEU A 65 -0.81 1.32 5.73
N TRP A 66 -1.71 1.89 4.93
CA TRP A 66 -1.83 3.33 4.85
C TRP A 66 -2.20 3.94 6.19
N ALA A 67 -2.73 3.12 7.08
CA ALA A 67 -3.10 3.59 8.41
C ALA A 67 -1.94 4.39 9.01
N ASP A 68 -0.72 3.87 8.90
CA ASP A 68 0.46 4.55 9.45
C ASP A 68 0.85 5.77 8.61
N TYR A 69 0.87 5.61 7.29
CA TYR A 69 1.24 6.70 6.39
C TYR A 69 0.27 7.87 6.58
N ALA A 70 -1.03 7.57 6.57
CA ALA A 70 -2.03 8.60 6.72
C ALA A 70 -1.88 9.31 8.06
N TYR A 71 -1.64 8.53 9.11
CA TYR A 71 -1.49 9.10 10.44
C TYR A 71 -0.31 10.06 10.49
N ARG A 72 0.83 9.61 9.96
CA ARG A 72 2.03 10.44 9.95
C ARG A 72 1.89 11.62 9.00
N ALA A 73 1.24 11.39 7.87
CA ALA A 73 1.03 12.44 6.88
C ALA A 73 0.35 13.65 7.50
N TYR A 74 -0.73 13.39 8.24
CA TYR A 74 -1.46 14.46 8.89
C TYR A 74 -0.73 14.93 10.14
N LYS A 75 0.09 14.05 10.71
CA LYS A 75 0.85 14.40 11.91
C LYS A 75 1.77 15.58 11.63
N SER A 76 2.33 15.63 10.42
CA SER A 76 3.22 16.72 10.05
C SER A 76 2.44 18.02 9.86
N GLY A 77 1.12 17.91 9.84
CA GLY A 77 0.27 19.09 9.65
C GLY A 77 0.39 19.63 8.24
N ASP A 78 0.86 18.78 7.34
CA ASP A 78 1.04 19.16 5.94
C ASP A 78 0.95 17.92 5.04
N PRO A 79 -0.24 17.35 4.88
CA PRO A 79 -0.40 16.13 4.03
C PRO A 79 0.12 16.34 2.61
N ALA A 80 -0.14 17.51 2.04
CA ALA A 80 0.34 17.82 0.70
C ALA A 80 1.86 17.85 0.67
N GLY A 81 2.46 18.44 1.70
CA GLY A 81 3.92 18.51 1.78
C GLY A 81 4.52 17.13 1.99
N TYR A 82 3.92 16.36 2.88
CA TYR A 82 4.41 15.02 3.18
C TYR A 82 4.26 14.10 1.97
N VAL A 83 3.34 14.44 1.08
CA VAL A 83 3.10 13.63 -0.12
C VAL A 83 4.16 13.92 -1.18
N LYS A 84 4.53 15.19 -1.31
CA LYS A 84 5.53 15.60 -2.31
C LYS A 84 6.69 14.63 -2.33
N LYS A 85 6.91 13.95 -1.21
CA LYS A 85 8.01 12.99 -1.11
C LYS A 85 7.54 11.57 -1.36
N THR A 86 6.23 11.36 -1.28
CA THR A 86 5.63 10.03 -1.50
C THR A 86 4.65 10.06 -2.66
N LEU A 87 4.99 10.82 -3.70
CA LEU A 87 4.12 10.93 -4.87
C LEU A 87 3.96 9.57 -5.56
N TYR A 88 5.07 8.86 -5.72
CA TYR A 88 5.05 7.55 -6.37
C TYR A 88 4.54 6.48 -5.41
N GLU A 89 4.01 6.91 -4.26
CA GLU A 89 3.48 5.97 -3.28
C GLU A 89 1.95 6.00 -3.31
N ILE A 90 1.37 7.06 -3.88
CA ILE A 90 -0.08 7.17 -3.95
C ILE A 90 -0.68 6.13 -4.93
N PRO A 91 0.00 5.84 -6.02
CA PRO A 91 -0.49 4.85 -7.03
C PRO A 91 -0.61 3.43 -6.45
N ALA A 92 0.21 3.14 -5.44
CA ALA A 92 0.23 1.82 -4.81
C ALA A 92 -0.97 1.62 -3.90
N LEU A 93 -1.60 2.71 -3.51
CA LEU A 93 -2.75 2.64 -2.61
C LEU A 93 -4.03 2.48 -3.43
N VAL A 94 -3.90 2.62 -4.75
CA VAL A 94 -5.05 2.50 -5.64
C VAL A 94 -5.74 1.15 -5.44
N PRO A 95 -7.01 1.10 -5.05
CA PRO A 95 -7.71 -0.19 -4.84
C PRO A 95 -8.01 -0.91 -6.15
N ALA A 96 -7.79 -2.23 -6.16
CA ALA A 96 -8.04 -3.03 -7.35
C ALA A 96 -9.51 -2.99 -7.73
N GLY A 97 -10.37 -2.86 -6.74
CA GLY A 97 -11.81 -2.83 -6.98
C GLY A 97 -12.17 -1.76 -8.01
N LEU A 98 -11.44 -0.64 -8.01
CA LEU A 98 -11.73 0.45 -8.94
C LEU A 98 -11.45 0.04 -10.39
N LEU A 99 -10.18 -0.21 -10.69
CA LEU A 99 -9.78 -0.60 -12.04
C LEU A 99 -10.46 -1.90 -12.43
N ALA A 100 -10.72 -2.76 -11.45
CA ALA A 100 -11.38 -4.02 -11.72
C ALA A 100 -12.73 -3.79 -12.39
N LEU A 101 -13.52 -2.88 -11.82
CA LEU A 101 -14.83 -2.58 -12.39
C LEU A 101 -14.69 -2.00 -13.79
N ILE A 102 -13.73 -1.10 -13.96
CA ILE A 102 -13.49 -0.49 -15.26
C ILE A 102 -12.98 -1.52 -16.26
N GLU A 103 -12.07 -2.36 -15.81
CA GLU A 103 -11.51 -3.39 -16.68
C GLU A 103 -12.60 -4.35 -17.14
N GLY A 104 -13.50 -4.69 -16.22
CA GLY A 104 -14.59 -5.61 -16.54
C GLY A 104 -15.50 -5.01 -17.62
N HIS A 105 -15.76 -3.72 -17.51
CA HIS A 105 -16.61 -3.04 -18.48
C HIS A 105 -15.96 -3.04 -19.87
N LEU A 106 -14.69 -2.70 -19.92
CA LEU A 106 -13.96 -2.67 -21.18
C LEU A 106 -13.93 -4.05 -21.81
N ALA A 107 -13.72 -5.07 -21.00
CA ALA A 107 -13.68 -6.44 -21.49
C ALA A 107 -15.04 -6.81 -22.10
N GLY A 108 -16.10 -6.31 -21.49
CA GLY A 108 -17.45 -6.58 -21.99
C GLY A 108 -17.63 -6.06 -23.41
N LEU A 109 -17.08 -4.87 -23.68
CA LEU A 109 -17.19 -4.28 -25.01
C LEU A 109 -16.33 -5.06 -26.01
N GLY A 110 -15.51 -5.98 -25.51
CA GLY A 110 -14.65 -6.78 -26.37
C GLY A 110 -13.36 -6.03 -26.69
N LEU A 111 -13.07 -5.01 -25.89
CA LEU A 111 -11.86 -4.21 -26.08
C LEU A 111 -10.71 -4.82 -25.30
N PHE A 112 -9.70 -5.32 -26.01
CA PHE A 112 -8.54 -5.94 -25.38
C PHE A 112 -7.33 -5.01 -25.45
N ARG A 113 -7.41 -4.02 -26.34
CA ARG A 113 -6.31 -3.07 -26.49
C ARG A 113 -6.11 -2.27 -25.21
N LEU A 114 -7.21 -1.77 -24.66
CA LEU A 114 -7.13 -1.01 -23.42
C LEU A 114 -6.68 -1.91 -22.28
N VAL A 115 -7.17 -3.15 -22.29
CA VAL A 115 -6.83 -4.11 -21.25
C VAL A 115 -5.32 -4.34 -21.22
N ARG A 116 -4.67 -4.25 -22.37
CA ARG A 116 -3.23 -4.46 -22.46
C ARG A 116 -2.50 -3.47 -21.55
N LEU A 117 -2.90 -2.20 -21.64
CA LEU A 117 -2.28 -1.16 -20.82
C LEU A 117 -2.55 -1.42 -19.35
N LEU A 118 -3.77 -1.82 -19.03
CA LEU A 118 -4.14 -2.10 -17.65
C LEU A 118 -3.29 -3.26 -17.11
N ARG A 119 -3.14 -4.30 -17.92
CA ARG A 119 -2.35 -5.44 -17.51
C ARG A 119 -0.90 -5.01 -17.32
N PHE A 120 -0.41 -4.20 -18.26
CA PHE A 120 0.95 -3.70 -18.20
C PHE A 120 1.14 -2.81 -16.97
N LEU A 121 0.10 -2.02 -16.66
CA LEU A 121 0.15 -1.11 -15.52
C LEU A 121 0.42 -1.88 -14.22
N ARG A 122 -0.17 -3.07 -14.10
CA ARG A 122 0.02 -3.87 -12.90
C ARG A 122 1.52 -4.05 -12.62
N ILE A 123 2.29 -4.25 -13.69
CA ILE A 123 3.74 -4.43 -13.54
C ILE A 123 4.38 -3.16 -12.99
N LEU A 124 3.97 -2.01 -13.50
CA LEU A 124 4.53 -0.74 -13.05
C LEU A 124 4.25 -0.52 -11.56
N LEU A 125 3.04 -0.87 -11.14
CA LEU A 125 2.67 -0.72 -9.74
C LEU A 125 3.54 -1.62 -8.87
N ILE A 126 3.83 -2.83 -9.36
CA ILE A 126 4.66 -3.78 -8.61
C ILE A 126 6.05 -3.18 -8.39
N ILE A 127 6.59 -2.52 -9.41
CA ILE A 127 7.91 -1.93 -9.29
C ILE A 127 7.92 -0.90 -8.16
N SER A 128 6.89 -0.07 -8.10
CA SER A 128 6.80 0.94 -7.04
C SER A 128 6.74 0.27 -5.67
N ARG A 129 5.87 -0.72 -5.55
CA ARG A 129 5.72 -1.44 -4.29
C ARG A 129 7.03 -2.15 -3.96
N GLY A 130 7.71 -2.61 -4.99
CA GLY A 130 8.98 -3.30 -4.80
C GLY A 130 9.99 -2.38 -4.11
N SER A 131 9.94 -1.10 -4.43
CA SER A 131 10.84 -0.14 -3.80
C SER A 131 10.59 -0.09 -2.30
N LYS A 132 9.32 -0.04 -1.94
CA LYS A 132 8.94 -0.01 -0.53
C LYS A 132 9.35 -1.32 0.16
N PHE A 133 9.20 -2.42 -0.56
CA PHE A 133 9.56 -3.73 -0.03
C PHE A 133 11.03 -3.74 0.38
N LEU A 134 11.88 -3.24 -0.51
CA LEU A 134 13.31 -3.21 -0.24
C LEU A 134 13.57 -2.33 0.99
N SER A 135 12.86 -1.22 1.08
CA SER A 135 13.04 -0.31 2.21
C SER A 135 12.72 -1.03 3.52
N ALA A 136 11.65 -1.82 3.51
CA ALA A 136 11.26 -2.55 4.72
C ALA A 136 12.39 -3.45 5.22
N ILE A 137 12.96 -4.25 4.32
CA ILE A 137 14.06 -5.15 4.69
C ILE A 137 15.28 -4.33 5.12
N ALA A 138 15.60 -3.31 4.34
CA ALA A 138 16.75 -2.47 4.67
C ALA A 138 16.54 -1.77 6.00
N ASP A 139 15.33 -1.29 6.22
CA ASP A 139 14.99 -0.61 7.47
C ASP A 139 15.10 -1.56 8.65
N ALA A 140 14.55 -2.76 8.51
CA ALA A 140 14.59 -3.75 9.57
C ALA A 140 16.02 -4.17 9.86
N ALA A 141 16.79 -4.37 8.80
CA ALA A 141 18.19 -4.76 8.95
C ALA A 141 18.99 -3.65 9.61
N ASP A 142 18.67 -2.41 9.25
CA ASP A 142 19.36 -1.26 9.80
C ASP A 142 19.14 -1.18 11.31
N LYS A 143 17.92 -1.49 11.74
CA LYS A 143 17.59 -1.46 13.16
C LYS A 143 18.16 -2.68 13.88
N LEU A 144 18.05 -3.84 13.23
CA LEU A 144 18.54 -5.09 13.82
C LEU A 144 20.07 -5.15 13.79
N VAL A 145 20.63 -4.96 12.61
CA VAL A 145 22.08 -4.97 12.46
C VAL A 145 22.67 -6.25 13.04
N PRO A 146 22.28 -7.38 12.52
CA PRO A 146 22.78 -8.70 13.00
C PRO A 146 24.23 -8.94 12.57
N ARG A 147 25.00 -9.63 13.42
CA ARG A 147 26.39 -9.92 13.12
C ARG A 147 26.84 -11.20 13.84
N LEU A 1 -17.69 26.18 8.63
CA LEU A 1 -18.73 25.85 9.65
C LEU A 1 -19.05 24.36 9.58
N ARG A 2 -18.37 23.66 8.68
CA ARG A 2 -18.59 22.23 8.52
C ARG A 2 -17.93 21.46 9.66
N GLY A 3 -18.52 20.34 10.04
CA GLY A 3 -18.00 19.52 11.12
C GLY A 3 -16.54 19.15 10.85
N LEU A 4 -15.96 18.38 11.77
CA LEU A 4 -14.57 17.96 11.62
C LEU A 4 -13.66 19.18 11.42
N SER A 5 -13.12 19.70 12.52
CA SER A 5 -12.23 20.86 12.45
C SER A 5 -11.47 21.01 13.75
N ASP A 6 -12.16 20.79 14.87
CA ASP A 6 -11.54 20.92 16.19
C ASP A 6 -11.15 19.54 16.73
N LEU A 7 -9.84 19.31 16.84
CA LEU A 7 -9.33 18.02 17.33
C LEU A 7 -8.85 18.18 18.78
N GLY A 8 -7.58 18.51 18.94
CA GLY A 8 -7.00 18.68 20.27
C GLY A 8 -7.04 17.38 21.06
N GLY A 9 -5.96 17.08 21.78
CA GLY A 9 -5.89 15.85 22.56
C GLY A 9 -5.76 14.63 21.66
N ARG A 10 -6.50 14.63 20.57
CA ARG A 10 -6.47 13.53 19.62
C ARG A 10 -5.09 13.38 19.00
N VAL A 11 -4.40 14.49 18.86
CA VAL A 11 -3.09 14.48 18.26
C VAL A 11 -2.14 13.60 19.07
N ARG A 12 -2.14 13.77 20.37
CA ARG A 12 -1.27 12.98 21.24
C ARG A 12 -1.69 11.51 21.21
N ASN A 13 -3.00 11.27 21.21
CA ASN A 13 -3.52 9.90 21.20
C ASN A 13 -3.10 9.19 19.92
N ILE A 14 -3.22 9.88 18.79
CA ILE A 14 -2.85 9.30 17.52
C ILE A 14 -1.35 9.04 17.47
N GLY A 15 -0.56 10.00 17.92
CA GLY A 15 0.89 9.83 17.90
C GLY A 15 1.32 8.56 18.61
N ASP A 16 0.85 8.39 19.85
CA ASP A 16 1.20 7.21 20.63
C ASP A 16 0.65 5.95 19.98
N VAL A 17 -0.61 6.02 19.56
CA VAL A 17 -1.27 4.89 18.91
C VAL A 17 -0.80 4.68 17.47
N MET A 18 -0.23 5.73 16.86
CA MET A 18 0.24 5.66 15.48
C MET A 18 1.72 5.32 15.42
N GLU A 19 2.37 5.34 16.58
CA GLU A 19 3.80 5.01 16.65
C GLU A 19 4.02 3.81 17.57
N HIS A 20 2.96 3.34 18.21
CA HIS A 20 3.07 2.23 19.13
C HIS A 20 3.92 1.10 18.51
N PRO A 21 4.85 0.51 19.22
CA PRO A 21 5.71 -0.57 18.63
C PRO A 21 4.90 -1.61 17.86
N LEU A 22 3.69 -1.88 18.31
CA LEU A 22 2.83 -2.84 17.63
C LEU A 22 2.47 -2.33 16.24
N VAL A 23 2.22 -1.03 16.13
CA VAL A 23 1.85 -0.44 14.85
C VAL A 23 3.01 -0.59 13.87
N GLU A 24 4.22 -0.50 14.39
CA GLU A 24 5.41 -0.60 13.56
C GLU A 24 5.46 -1.96 12.89
N LEU A 25 5.45 -3.02 13.70
CA LEU A 25 5.49 -4.37 13.16
C LEU A 25 4.23 -4.69 12.37
N GLY A 26 3.08 -4.23 12.86
CA GLY A 26 1.82 -4.49 12.19
C GLY A 26 1.84 -3.97 10.76
N VAL A 27 2.29 -2.74 10.58
CA VAL A 27 2.35 -2.15 9.25
C VAL A 27 3.34 -2.93 8.37
N SER A 28 4.53 -3.16 8.89
CA SER A 28 5.55 -3.89 8.15
C SER A 28 5.09 -5.30 7.82
N TYR A 29 4.54 -5.99 8.81
CA TYR A 29 4.08 -7.35 8.62
C TYR A 29 3.02 -7.41 7.53
N ALA A 30 2.03 -6.53 7.65
CA ALA A 30 0.96 -6.46 6.67
C ALA A 30 1.54 -6.14 5.29
N ALA A 31 2.64 -5.40 5.28
CA ALA A 31 3.29 -5.04 4.02
C ALA A 31 3.80 -6.28 3.29
N LEU A 32 4.35 -7.24 4.05
CA LEU A 32 4.87 -8.47 3.45
C LEU A 32 3.74 -9.25 2.78
N LEU A 33 2.62 -9.37 3.48
CA LEU A 33 1.48 -10.12 2.93
C LEU A 33 0.94 -9.43 1.67
N SER A 34 0.83 -8.11 1.72
CA SER A 34 0.30 -7.35 0.59
C SER A 34 1.13 -7.59 -0.67
N VAL A 35 2.44 -7.53 -0.53
CA VAL A 35 3.34 -7.73 -1.67
C VAL A 35 3.25 -9.15 -2.21
N ILE A 36 3.27 -10.13 -1.31
CA ILE A 36 3.22 -11.53 -1.71
C ILE A 36 1.89 -11.85 -2.38
N VAL A 37 0.81 -11.34 -1.82
CA VAL A 37 -0.52 -11.59 -2.38
C VAL A 37 -0.61 -11.08 -3.81
N VAL A 38 -0.09 -9.89 -4.06
CA VAL A 38 -0.14 -9.32 -5.40
C VAL A 38 0.60 -10.21 -6.40
N VAL A 39 1.78 -10.67 -5.99
CA VAL A 39 2.58 -11.54 -6.86
C VAL A 39 1.85 -12.85 -7.12
N VAL A 40 1.24 -13.42 -6.09
CA VAL A 40 0.51 -14.68 -6.24
C VAL A 40 -0.58 -14.56 -7.31
N GLU A 41 -1.34 -13.48 -7.26
CA GLU A 41 -2.40 -13.28 -8.24
C GLU A 41 -1.81 -13.16 -9.64
N TYR A 42 -0.78 -12.33 -9.77
CA TYR A 42 -0.12 -12.14 -11.06
C TYR A 42 0.51 -13.44 -11.55
N THR A 43 1.21 -14.14 -10.67
CA THR A 43 1.89 -15.37 -11.03
C THR A 43 0.89 -16.53 -11.14
N MET A 44 0.30 -16.91 -10.01
CA MET A 44 -0.67 -18.00 -9.98
C MET A 44 -2.08 -17.48 -10.18
N GLN A 45 -2.88 -18.22 -10.93
CA GLN A 45 -4.27 -17.84 -11.21
C GLN A 45 -5.21 -18.76 -10.46
N LEU A 46 -5.16 -18.71 -9.14
CA LEU A 46 -6.03 -19.54 -8.31
C LEU A 46 -7.46 -19.53 -8.85
N SER A 47 -8.26 -20.49 -8.38
CA SER A 47 -9.64 -20.59 -8.83
C SER A 47 -10.43 -19.34 -8.48
N GLY A 48 -11.53 -19.12 -9.18
CA GLY A 48 -12.37 -17.94 -8.94
C GLY A 48 -12.73 -17.82 -7.47
N GLU A 49 -13.06 -18.95 -6.86
CA GLU A 49 -13.44 -18.97 -5.44
C GLU A 49 -12.42 -18.22 -4.60
N TYR A 50 -11.19 -18.73 -4.58
CA TYR A 50 -10.13 -18.11 -3.82
C TYR A 50 -9.82 -16.72 -4.38
N LEU A 51 -10.05 -16.55 -5.68
CA LEU A 51 -9.77 -15.27 -6.32
C LEU A 51 -10.60 -14.17 -5.67
N VAL A 52 -11.88 -14.45 -5.47
CA VAL A 52 -12.77 -13.47 -4.85
C VAL A 52 -12.34 -13.21 -3.41
N ARG A 53 -12.05 -14.28 -2.68
CA ARG A 53 -11.62 -14.16 -1.30
C ARG A 53 -10.28 -13.42 -1.22
N LEU A 54 -9.39 -13.76 -2.15
CA LEU A 54 -8.07 -13.14 -2.18
C LEU A 54 -8.19 -11.64 -2.40
N TYR A 55 -9.06 -11.25 -3.32
CA TYR A 55 -9.26 -9.83 -3.62
C TYR A 55 -9.77 -9.10 -2.38
N LEU A 56 -10.70 -9.75 -1.67
CA LEU A 56 -11.28 -9.15 -0.49
C LEU A 56 -10.21 -8.91 0.58
N VAL A 57 -9.32 -9.89 0.72
CA VAL A 57 -8.23 -9.80 1.69
C VAL A 57 -7.32 -8.61 1.37
N ASP A 58 -6.99 -8.45 0.10
CA ASP A 58 -6.10 -7.36 -0.32
C ASP A 58 -6.76 -6.01 -0.04
N LEU A 59 -8.07 -5.97 -0.19
CA LEU A 59 -8.81 -4.73 0.04
C LEU A 59 -8.65 -4.30 1.50
N ILE A 60 -8.79 -5.25 2.42
CA ILE A 60 -8.67 -4.95 3.84
C ILE A 60 -7.27 -4.46 4.18
N LEU A 61 -6.27 -5.10 3.58
CA LEU A 61 -4.88 -4.73 3.82
C LEU A 61 -4.65 -3.26 3.47
N VAL A 62 -5.25 -2.81 2.37
CA VAL A 62 -5.10 -1.42 1.96
C VAL A 62 -5.73 -0.48 3.00
N ILE A 63 -6.91 -0.83 3.51
CA ILE A 63 -7.58 0.00 4.51
C ILE A 63 -6.65 0.27 5.71
N ILE A 64 -5.98 -0.78 6.17
CA ILE A 64 -5.08 -0.63 7.30
C ILE A 64 -3.95 0.34 6.96
N LEU A 65 -3.41 0.19 5.76
CA LEU A 65 -2.33 1.06 5.30
C LEU A 65 -2.84 2.51 5.19
N TRP A 66 -4.07 2.65 4.71
CA TRP A 66 -4.65 3.98 4.56
C TRP A 66 -4.64 4.73 5.89
N ALA A 67 -4.88 4.01 6.98
CA ALA A 67 -4.92 4.64 8.29
C ALA A 67 -3.67 5.49 8.53
N ASP A 68 -2.50 4.87 8.41
CA ASP A 68 -1.24 5.59 8.62
C ASP A 68 -1.06 6.69 7.59
N TYR A 69 -1.42 6.39 6.35
CA TYR A 69 -1.30 7.37 5.27
C TYR A 69 -2.12 8.61 5.59
N ALA A 70 -3.35 8.41 6.01
CA ALA A 70 -4.24 9.53 6.33
C ALA A 70 -3.69 10.33 7.51
N TYR A 71 -3.31 9.65 8.58
CA TYR A 71 -2.78 10.34 9.75
C TYR A 71 -1.50 11.09 9.40
N ARG A 72 -0.60 10.41 8.72
CA ARG A 72 0.67 11.03 8.35
C ARG A 72 0.43 12.27 7.49
N ALA A 73 -0.51 12.17 6.56
CA ALA A 73 -0.80 13.29 5.68
C ALA A 73 -1.23 14.51 6.49
N TYR A 74 -2.05 14.29 7.52
CA TYR A 74 -2.52 15.38 8.37
C TYR A 74 -1.40 15.88 9.29
N LYS A 75 -0.58 14.98 9.80
CA LYS A 75 0.50 15.36 10.70
C LYS A 75 1.44 16.35 10.01
N SER A 76 1.70 16.14 8.73
CA SER A 76 2.58 17.02 7.99
C SER A 76 2.02 18.45 7.98
N GLY A 77 0.72 18.58 8.24
CA GLY A 77 0.09 19.89 8.27
C GLY A 77 -0.08 20.44 6.86
N ASP A 78 0.33 19.65 5.89
CA ASP A 78 0.25 20.03 4.48
C ASP A 78 0.03 18.78 3.62
N PRO A 79 -1.15 18.18 3.67
CA PRO A 79 -1.44 16.95 2.88
C PRO A 79 -1.01 17.08 1.41
N ALA A 80 -1.24 18.24 0.82
CA ALA A 80 -0.86 18.44 -0.58
C ALA A 80 0.64 18.29 -0.76
N GLY A 81 1.40 18.98 0.09
CA GLY A 81 2.85 18.90 0.02
C GLY A 81 3.34 17.52 0.38
N TYR A 82 2.67 16.91 1.36
CA TYR A 82 3.02 15.56 1.82
C TYR A 82 2.87 14.56 0.68
N VAL A 83 1.76 14.65 -0.04
CA VAL A 83 1.51 13.73 -1.13
C VAL A 83 2.60 13.82 -2.19
N LYS A 84 2.95 15.05 -2.55
CA LYS A 84 3.98 15.26 -3.57
C LYS A 84 5.22 14.45 -3.22
N LYS A 85 5.36 14.10 -1.95
CA LYS A 85 6.51 13.33 -1.49
C LYS A 85 6.28 11.82 -1.62
N THR A 86 5.01 11.43 -1.66
CA THR A 86 4.64 10.01 -1.78
C THR A 86 4.16 9.70 -3.18
N LEU A 87 4.68 10.43 -4.15
CA LEU A 87 4.30 10.22 -5.53
C LEU A 87 4.66 8.81 -5.99
N TYR A 88 5.84 8.34 -5.58
CA TYR A 88 6.29 7.00 -5.95
C TYR A 88 5.66 5.96 -5.03
N GLU A 89 5.21 6.39 -3.85
CA GLU A 89 4.59 5.47 -2.88
C GLU A 89 3.07 5.63 -2.87
N ILE A 90 2.56 6.53 -3.70
CA ILE A 90 1.11 6.76 -3.78
C ILE A 90 0.42 5.56 -4.45
N PRO A 91 1.00 5.01 -5.51
CA PRO A 91 0.40 3.86 -6.25
C PRO A 91 0.09 2.67 -5.33
N ALA A 92 0.98 2.42 -4.38
CA ALA A 92 0.80 1.31 -3.46
C ALA A 92 -0.58 1.37 -2.80
N LEU A 93 -1.19 2.56 -2.82
CA LEU A 93 -2.51 2.75 -2.21
C LEU A 93 -3.59 2.79 -3.28
N VAL A 94 -3.48 1.91 -4.28
CA VAL A 94 -4.48 1.85 -5.37
C VAL A 94 -5.26 0.52 -5.30
N PRO A 95 -6.41 0.50 -4.66
CA PRO A 95 -7.23 -0.74 -4.54
C PRO A 95 -7.51 -1.38 -5.91
N ALA A 96 -7.40 -2.69 -5.97
CA ALA A 96 -7.65 -3.41 -7.21
C ALA A 96 -9.14 -3.43 -7.53
N GLY A 97 -9.96 -3.30 -6.50
CA GLY A 97 -11.41 -3.30 -6.68
C GLY A 97 -11.85 -2.19 -7.61
N LEU A 98 -11.29 -0.99 -7.42
CA LEU A 98 -11.65 0.15 -8.25
C LEU A 98 -11.28 -0.12 -9.72
N LEU A 99 -10.06 -0.62 -9.92
CA LEU A 99 -9.59 -0.94 -11.25
C LEU A 99 -10.41 -2.09 -11.84
N ALA A 100 -10.78 -3.05 -10.99
CA ALA A 100 -11.56 -4.18 -11.43
C ALA A 100 -12.81 -3.73 -12.19
N LEU A 101 -13.55 -2.80 -11.58
CA LEU A 101 -14.76 -2.27 -12.21
C LEU A 101 -14.42 -1.54 -13.51
N ILE A 102 -13.32 -0.80 -13.49
CA ILE A 102 -12.89 -0.06 -14.68
C ILE A 102 -12.59 -1.03 -15.82
N GLU A 103 -11.90 -2.11 -15.50
CA GLU A 103 -11.55 -3.11 -16.51
C GLU A 103 -12.81 -3.65 -17.17
N GLY A 104 -13.82 -3.93 -16.36
CA GLY A 104 -15.08 -4.45 -16.87
C GLY A 104 -15.78 -3.43 -17.78
N HIS A 105 -15.77 -2.17 -17.36
CA HIS A 105 -16.40 -1.11 -18.13
C HIS A 105 -15.74 -0.97 -19.49
N LEU A 106 -14.42 -1.00 -19.51
CA LEU A 106 -13.68 -0.87 -20.76
C LEU A 106 -13.99 -2.03 -21.69
N ALA A 107 -14.05 -3.24 -21.14
CA ALA A 107 -14.34 -4.43 -21.93
C ALA A 107 -15.75 -4.36 -22.53
N GLY A 108 -16.70 -3.88 -21.73
CA GLY A 108 -18.08 -3.77 -22.19
C GLY A 108 -18.20 -2.83 -23.37
N LEU A 109 -17.44 -1.73 -23.33
CA LEU A 109 -17.46 -0.76 -24.42
C LEU A 109 -16.81 -1.32 -25.67
N GLY A 110 -15.98 -2.35 -25.50
CA GLY A 110 -15.29 -2.98 -26.63
C GLY A 110 -13.86 -2.49 -26.75
N LEU A 111 -13.36 -1.85 -25.69
CA LEU A 111 -11.99 -1.33 -25.69
C LEU A 111 -11.04 -2.38 -25.10
N PHE A 112 -9.96 -2.66 -25.82
CA PHE A 112 -8.98 -3.65 -25.38
C PHE A 112 -7.60 -2.99 -25.26
N ARG A 113 -7.42 -1.85 -25.91
CA ARG A 113 -6.14 -1.16 -25.87
C ARG A 113 -5.83 -0.71 -24.46
N LEU A 114 -6.80 -0.09 -23.81
CA LEU A 114 -6.63 0.38 -22.44
C LEU A 114 -6.39 -0.80 -21.50
N VAL A 115 -7.03 -1.91 -21.81
CA VAL A 115 -6.90 -3.10 -20.98
C VAL A 115 -5.44 -3.53 -20.89
N ARG A 116 -4.75 -3.54 -22.03
CA ARG A 116 -3.35 -3.92 -22.08
C ARG A 116 -2.50 -2.94 -21.26
N LEU A 117 -2.73 -1.65 -21.47
CA LEU A 117 -2.00 -0.62 -20.74
C LEU A 117 -2.31 -0.70 -19.24
N LEU A 118 -3.57 -0.93 -18.90
CA LEU A 118 -3.97 -1.03 -17.52
C LEU A 118 -3.27 -2.20 -16.84
N ARG A 119 -3.18 -3.31 -17.56
CA ARG A 119 -2.52 -4.50 -17.02
C ARG A 119 -1.06 -4.17 -16.68
N PHE A 120 -0.43 -3.36 -17.52
CA PHE A 120 0.96 -2.96 -17.30
C PHE A 120 1.12 -2.31 -15.92
N LEU A 121 0.06 -1.70 -15.42
CA LEU A 121 0.12 -1.04 -14.13
C LEU A 121 0.54 -2.04 -13.06
N ARG A 122 0.12 -3.29 -13.22
CA ARG A 122 0.44 -4.33 -12.25
C ARG A 122 1.97 -4.46 -12.12
N ILE A 123 2.66 -4.45 -13.26
CA ILE A 123 4.11 -4.55 -13.26
C ILE A 123 4.73 -3.36 -12.54
N LEU A 124 4.23 -2.18 -12.83
CA LEU A 124 4.72 -0.95 -12.20
C LEU A 124 4.44 -1.00 -10.70
N LEU A 125 3.27 -1.54 -10.35
CA LEU A 125 2.90 -1.65 -8.94
C LEU A 125 3.85 -2.59 -8.20
N ILE A 126 4.23 -3.70 -8.86
CA ILE A 126 5.12 -4.68 -8.24
C ILE A 126 6.45 -4.03 -7.84
N ILE A 127 7.06 -3.30 -8.77
CA ILE A 127 8.32 -2.63 -8.46
C ILE A 127 8.11 -1.56 -7.39
N SER A 128 7.02 -0.82 -7.51
CA SER A 128 6.72 0.24 -6.55
C SER A 128 6.58 -0.33 -5.13
N ARG A 129 5.79 -1.40 -5.01
CA ARG A 129 5.59 -2.04 -3.72
C ARG A 129 6.84 -2.78 -3.30
N GLY A 130 7.60 -3.24 -4.29
CA GLY A 130 8.84 -3.97 -4.04
C GLY A 130 9.84 -3.08 -3.32
N SER A 131 9.81 -1.79 -3.59
CA SER A 131 10.73 -0.85 -2.95
C SER A 131 10.55 -0.89 -1.44
N LYS A 132 9.30 -0.91 -0.99
CA LYS A 132 9.02 -0.94 0.44
C LYS A 132 9.53 -2.24 1.06
N PHE A 133 9.11 -3.36 0.47
CA PHE A 133 9.54 -4.67 0.95
C PHE A 133 11.05 -4.84 0.79
N LEU A 134 11.54 -4.51 -0.40
CA LEU A 134 12.96 -4.67 -0.69
C LEU A 134 13.80 -3.86 0.28
N SER A 135 13.45 -2.61 0.48
CA SER A 135 14.19 -1.77 1.40
C SER A 135 14.10 -2.33 2.81
N ALA A 136 12.92 -2.85 3.17
CA ALA A 136 12.71 -3.41 4.50
C ALA A 136 13.67 -4.56 4.80
N ILE A 137 13.68 -5.56 3.92
CA ILE A 137 14.55 -6.71 4.10
C ILE A 137 16.01 -6.31 3.96
N ALA A 138 16.30 -5.46 2.99
CA ALA A 138 17.68 -5.03 2.76
C ALA A 138 18.30 -4.52 4.05
N ASP A 139 17.60 -3.62 4.74
CA ASP A 139 18.10 -3.08 5.98
C ASP A 139 18.21 -4.18 7.04
N ALA A 140 17.18 -5.00 7.16
CA ALA A 140 17.18 -6.08 8.14
C ALA A 140 18.27 -7.10 7.82
N ALA A 141 18.48 -7.36 6.53
CA ALA A 141 19.48 -8.32 6.10
C ALA A 141 20.87 -7.86 6.53
N ASP A 142 21.14 -6.57 6.36
CA ASP A 142 22.43 -6.01 6.74
C ASP A 142 22.61 -6.10 8.25
N LYS A 143 21.49 -5.99 8.98
CA LYS A 143 21.53 -6.07 10.44
C LYS A 143 21.63 -7.51 10.92
N LEU A 144 20.92 -8.42 10.23
CA LEU A 144 20.92 -9.83 10.62
C LEU A 144 22.29 -10.47 10.40
N VAL A 145 22.75 -10.47 9.13
CA VAL A 145 24.06 -11.04 8.76
C VAL A 145 24.57 -12.03 9.82
N PRO A 146 24.05 -13.24 9.85
CA PRO A 146 24.44 -14.25 10.87
C PRO A 146 25.81 -14.86 10.60
N ARG A 147 26.25 -14.78 9.35
CA ARG A 147 27.54 -15.32 8.96
C ARG A 147 28.66 -14.62 9.71
N LEU A 1 13.85 27.44 23.31
CA LEU A 1 15.05 27.28 24.18
C LEU A 1 15.84 26.05 23.74
N ARG A 2 16.26 25.24 24.71
CA ARG A 2 17.03 24.04 24.41
C ARG A 2 16.89 23.01 25.53
N GLY A 3 16.25 21.89 25.22
CA GLY A 3 16.06 20.84 26.21
C GLY A 3 14.99 21.21 27.23
N LEU A 4 14.60 22.49 27.24
CA LEU A 4 13.58 22.98 28.17
C LEU A 4 12.38 23.53 27.41
N SER A 5 11.18 23.12 27.83
CA SER A 5 9.96 23.58 27.18
C SER A 5 10.05 23.41 25.68
N ASP A 6 10.74 22.35 25.24
CA ASP A 6 10.91 22.08 23.82
C ASP A 6 10.54 20.64 23.49
N LEU A 7 9.47 20.47 22.72
CA LEU A 7 9.00 19.14 22.34
C LEU A 7 9.81 18.59 21.16
N GLY A 8 9.17 18.51 19.99
CA GLY A 8 9.83 18.01 18.78
C GLY A 8 9.38 18.78 17.56
N GLY A 9 8.98 20.02 17.78
CA GLY A 9 8.52 20.86 16.68
C GLY A 9 7.40 20.15 15.91
N ARG A 10 6.71 19.25 16.59
CA ARG A 10 5.61 18.51 15.97
C ARG A 10 6.14 17.66 14.83
N VAL A 11 7.41 17.26 14.93
CA VAL A 11 8.04 16.45 13.90
C VAL A 11 9.07 15.50 14.48
N ARG A 12 10.13 16.05 15.06
CA ARG A 12 11.19 15.25 15.63
C ARG A 12 10.63 14.14 16.51
N ASN A 13 9.97 14.52 17.60
CA ASN A 13 9.40 13.55 18.53
C ASN A 13 8.32 12.72 17.86
N ILE A 14 7.46 13.37 17.09
CA ILE A 14 6.38 12.67 16.43
C ILE A 14 6.94 11.64 15.44
N GLY A 15 7.90 12.06 14.64
CA GLY A 15 8.49 11.17 13.65
C GLY A 15 9.18 9.98 14.30
N ASP A 16 10.05 10.25 15.28
CA ASP A 16 10.76 9.19 15.97
C ASP A 16 9.81 8.32 16.78
N VAL A 17 8.61 8.84 17.03
CA VAL A 17 7.60 8.10 17.80
C VAL A 17 6.68 7.32 16.87
N MET A 18 6.10 8.01 15.89
CA MET A 18 5.20 7.37 14.94
C MET A 18 5.94 6.34 14.09
N GLU A 19 7.26 6.36 14.16
CA GLU A 19 8.08 5.40 13.40
C GLU A 19 8.70 4.39 14.36
N HIS A 20 8.08 4.21 15.53
CA HIS A 20 8.60 3.29 16.52
C HIS A 20 8.98 1.96 15.84
N PRO A 21 10.15 1.42 16.12
CA PRO A 21 10.59 0.14 15.50
C PRO A 21 9.48 -0.91 15.43
N LEU A 22 8.58 -0.87 16.41
CA LEU A 22 7.49 -1.83 16.47
C LEU A 22 6.52 -1.63 15.31
N VAL A 23 6.22 -0.36 15.02
CA VAL A 23 5.30 -0.02 13.94
C VAL A 23 5.91 -0.39 12.58
N GLU A 24 7.22 -0.23 12.47
CA GLU A 24 7.91 -0.52 11.23
C GLU A 24 7.78 -1.99 10.86
N LEU A 25 8.00 -2.85 11.85
CA LEU A 25 7.90 -4.28 11.61
C LEU A 25 6.48 -4.69 11.27
N GLY A 26 5.51 -4.13 11.98
CA GLY A 26 4.11 -4.45 11.74
C GLY A 26 3.71 -4.09 10.32
N VAL A 27 4.06 -2.87 9.91
CA VAL A 27 3.73 -2.42 8.55
C VAL A 27 4.46 -3.26 7.52
N SER A 28 5.73 -3.53 7.78
CA SER A 28 6.53 -4.33 6.86
C SER A 28 5.91 -5.71 6.66
N TYR A 29 5.39 -6.29 7.74
CA TYR A 29 4.78 -7.60 7.66
C TYR A 29 3.57 -7.56 6.71
N ALA A 30 2.70 -6.58 6.92
CA ALA A 30 1.51 -6.44 6.08
C ALA A 30 1.90 -6.25 4.62
N ALA A 31 3.00 -5.54 4.39
CA ALA A 31 3.47 -5.31 3.04
C ALA A 31 3.83 -6.62 2.36
N LEU A 32 4.39 -7.55 3.12
CA LEU A 32 4.78 -8.84 2.57
C LEU A 32 3.56 -9.62 2.11
N LEU A 33 2.50 -9.55 2.90
CA LEU A 33 1.26 -10.25 2.55
C LEU A 33 0.56 -9.54 1.40
N SER A 34 0.78 -8.23 1.28
CA SER A 34 0.16 -7.45 0.21
C SER A 34 0.83 -7.73 -1.13
N VAL A 35 2.15 -7.67 -1.17
CA VAL A 35 2.90 -7.89 -2.40
C VAL A 35 2.70 -9.31 -2.93
N ILE A 36 2.75 -10.29 -2.04
CA ILE A 36 2.58 -11.68 -2.44
C ILE A 36 1.15 -11.93 -2.93
N VAL A 37 0.19 -11.32 -2.26
CA VAL A 37 -1.21 -11.47 -2.63
C VAL A 37 -1.44 -10.96 -4.06
N VAL A 38 -0.86 -9.82 -4.38
CA VAL A 38 -1.00 -9.24 -5.70
C VAL A 38 -0.46 -10.19 -6.76
N VAL A 39 0.70 -10.78 -6.50
CA VAL A 39 1.30 -11.70 -7.45
C VAL A 39 0.39 -12.90 -7.70
N VAL A 40 -0.19 -13.44 -6.63
CA VAL A 40 -1.07 -14.60 -6.76
C VAL A 40 -2.25 -14.29 -7.67
N GLU A 41 -2.89 -13.15 -7.45
CA GLU A 41 -4.03 -12.76 -8.27
C GLU A 41 -3.60 -12.49 -9.70
N TYR A 42 -2.43 -11.87 -9.86
CA TYR A 42 -1.92 -11.57 -11.18
C TYR A 42 -1.55 -12.85 -11.95
N THR A 43 -0.70 -13.67 -11.35
CA THR A 43 -0.27 -14.91 -11.98
C THR A 43 -1.43 -15.89 -12.13
N MET A 44 -2.19 -16.03 -11.06
CA MET A 44 -3.35 -16.93 -11.05
C MET A 44 -4.65 -16.13 -10.99
N GLN A 45 -5.61 -16.52 -11.82
CA GLN A 45 -6.91 -15.86 -11.87
C GLN A 45 -7.98 -16.74 -11.24
N LEU A 46 -7.80 -17.04 -9.95
CA LEU A 46 -8.74 -17.88 -9.23
C LEU A 46 -10.18 -17.51 -9.60
N SER A 47 -11.10 -18.41 -9.34
CA SER A 47 -12.50 -18.18 -9.67
C SER A 47 -13.02 -16.94 -8.93
N GLY A 48 -14.09 -16.36 -9.46
CA GLY A 48 -14.65 -15.16 -8.86
C GLY A 48 -14.87 -15.36 -7.36
N GLU A 49 -15.31 -16.55 -6.98
CA GLU A 49 -15.55 -16.85 -5.57
C GLU A 49 -14.30 -16.59 -4.74
N TYR A 50 -13.25 -17.35 -5.02
CA TYR A 50 -11.99 -17.19 -4.30
C TYR A 50 -11.42 -15.80 -4.53
N LEU A 51 -11.63 -15.26 -5.73
CA LEU A 51 -11.12 -13.94 -6.06
C LEU A 51 -11.74 -12.89 -5.14
N VAL A 52 -13.05 -13.00 -4.91
CA VAL A 52 -13.74 -12.06 -4.04
C VAL A 52 -13.15 -12.11 -2.63
N ARG A 53 -12.94 -13.32 -2.14
CA ARG A 53 -12.39 -13.49 -0.79
C ARG A 53 -10.99 -12.89 -0.73
N LEU A 54 -10.20 -13.14 -1.77
CA LEU A 54 -8.83 -12.62 -1.82
C LEU A 54 -8.84 -11.10 -1.80
N TYR A 55 -9.78 -10.52 -2.54
CA TYR A 55 -9.89 -9.05 -2.61
C TYR A 55 -10.16 -8.49 -1.22
N LEU A 56 -10.98 -9.19 -0.45
CA LEU A 56 -11.33 -8.73 0.89
C LEU A 56 -10.08 -8.66 1.76
N VAL A 57 -9.24 -9.68 1.66
CA VAL A 57 -8.01 -9.73 2.43
C VAL A 57 -7.11 -8.55 2.05
N ASP A 58 -7.01 -8.30 0.75
CA ASP A 58 -6.17 -7.21 0.26
C ASP A 58 -6.65 -5.88 0.82
N LEU A 59 -7.97 -5.70 0.86
CA LEU A 59 -8.54 -4.46 1.38
C LEU A 59 -8.14 -4.26 2.84
N ILE A 60 -8.12 -5.35 3.60
CA ILE A 60 -7.78 -5.28 5.01
C ILE A 60 -6.35 -4.75 5.18
N LEU A 61 -5.45 -5.26 4.35
CA LEU A 61 -4.06 -4.82 4.41
C LEU A 61 -3.94 -3.36 3.99
N VAL A 62 -4.72 -2.96 2.99
CA VAL A 62 -4.66 -1.58 2.51
C VAL A 62 -5.00 -0.59 3.62
N ILE A 63 -6.13 -0.83 4.29
CA ILE A 63 -6.55 0.06 5.38
C ILE A 63 -5.48 0.14 6.46
N ILE A 64 -4.80 -0.96 6.71
CA ILE A 64 -3.75 -0.98 7.73
C ILE A 64 -2.68 0.05 7.35
N LEU A 65 -2.30 0.08 6.09
CA LEU A 65 -1.30 1.03 5.62
C LEU A 65 -1.81 2.47 5.75
N TRP A 66 -3.09 2.67 5.47
CA TRP A 66 -3.70 4.00 5.57
C TRP A 66 -3.61 4.51 7.01
N ALA A 67 -3.65 3.60 7.97
CA ALA A 67 -3.59 4.00 9.37
C ALA A 67 -2.44 4.97 9.60
N ASP A 68 -1.23 4.58 9.20
CA ASP A 68 -0.06 5.44 9.39
C ASP A 68 -0.04 6.59 8.39
N TYR A 69 -0.25 6.26 7.12
CA TYR A 69 -0.23 7.29 6.07
C TYR A 69 -1.32 8.32 6.31
N ALA A 70 -2.53 7.84 6.63
CA ALA A 70 -3.66 8.74 6.88
C ALA A 70 -3.42 9.58 8.13
N TYR A 71 -2.85 8.97 9.15
CA TYR A 71 -2.56 9.67 10.40
C TYR A 71 -1.61 10.84 10.15
N ARG A 72 -0.53 10.56 9.43
CA ARG A 72 0.45 11.59 9.13
C ARG A 72 -0.17 12.68 8.24
N ALA A 73 -0.99 12.26 7.28
CA ALA A 73 -1.64 13.20 6.39
C ALA A 73 -2.49 14.19 7.17
N TYR A 74 -3.34 13.67 8.05
CA TYR A 74 -4.20 14.51 8.86
C TYR A 74 -3.36 15.47 9.70
N LYS A 75 -2.25 14.97 10.20
CA LYS A 75 -1.37 15.78 11.02
C LYS A 75 -0.89 17.00 10.24
N SER A 76 -0.59 16.80 8.95
CA SER A 76 -0.13 17.92 8.13
C SER A 76 -1.22 18.96 7.98
N GLY A 77 -2.47 18.49 7.96
CA GLY A 77 -3.61 19.40 7.82
C GLY A 77 -3.87 19.70 6.36
N ASP A 78 -3.16 19.00 5.48
CA ASP A 78 -3.32 19.20 4.04
C ASP A 78 -3.17 17.86 3.32
N PRO A 79 -4.16 17.02 3.40
CA PRO A 79 -4.14 15.69 2.74
C PRO A 79 -3.81 15.80 1.26
N ALA A 80 -4.45 16.73 0.57
CA ALA A 80 -4.20 16.91 -0.86
C ALA A 80 -2.77 17.36 -1.10
N GLY A 81 -2.31 18.32 -0.30
CA GLY A 81 -0.96 18.83 -0.42
C GLY A 81 0.06 17.78 0.03
N TYR A 82 -0.30 17.04 1.06
CA TYR A 82 0.58 16.00 1.59
C TYR A 82 0.71 14.84 0.60
N VAL A 83 -0.41 14.50 -0.05
CA VAL A 83 -0.40 13.40 -1.00
C VAL A 83 0.46 13.70 -2.22
N LYS A 84 0.27 14.87 -2.80
CA LYS A 84 1.05 15.26 -3.98
C LYS A 84 2.53 15.06 -3.71
N LYS A 85 2.89 14.95 -2.44
CA LYS A 85 4.29 14.77 -2.07
C LYS A 85 4.66 13.28 -2.02
N THR A 86 3.63 12.43 -1.94
CA THR A 86 3.83 10.97 -1.87
C THR A 86 3.02 10.26 -2.94
N LEU A 87 2.97 10.85 -4.13
CA LEU A 87 2.22 10.28 -5.24
C LEU A 87 2.93 9.02 -5.74
N TYR A 88 4.22 8.91 -5.43
CA TYR A 88 4.99 7.75 -5.87
C TYR A 88 4.64 6.52 -5.03
N GLU A 89 4.08 6.76 -3.84
CA GLU A 89 3.70 5.67 -2.94
C GLU A 89 2.20 5.41 -3.02
N ILE A 90 1.45 6.42 -3.45
CA ILE A 90 0.00 6.28 -3.58
C ILE A 90 -0.33 5.01 -4.37
N PRO A 91 0.23 4.81 -5.55
CA PRO A 91 -0.06 3.60 -6.38
C PRO A 91 -0.16 2.34 -5.53
N ALA A 92 0.63 2.25 -4.48
CA ALA A 92 0.59 1.08 -3.61
C ALA A 92 -0.75 1.00 -2.88
N LEU A 93 -1.18 2.13 -2.35
CA LEU A 93 -2.44 2.19 -1.62
C LEU A 93 -3.62 2.00 -2.58
N VAL A 94 -3.50 2.58 -3.77
CA VAL A 94 -4.57 2.49 -4.78
C VAL A 94 -5.25 1.10 -4.72
N PRO A 95 -6.42 1.00 -4.12
CA PRO A 95 -7.14 -0.31 -4.02
C PRO A 95 -7.32 -0.97 -5.39
N ALA A 96 -7.18 -2.29 -5.43
CA ALA A 96 -7.32 -3.04 -6.67
C ALA A 96 -8.72 -2.85 -7.23
N GLY A 97 -9.69 -2.62 -6.35
CA GLY A 97 -11.06 -2.42 -6.78
C GLY A 97 -11.18 -1.20 -7.69
N LEU A 98 -10.39 -0.17 -7.41
CA LEU A 98 -10.45 1.05 -8.21
C LEU A 98 -10.03 0.75 -9.66
N LEU A 99 -8.90 0.06 -9.80
CA LEU A 99 -8.40 -0.29 -11.12
C LEU A 99 -9.34 -1.27 -11.81
N ALA A 100 -9.87 -2.21 -11.03
CA ALA A 100 -10.77 -3.20 -11.58
C ALA A 100 -11.95 -2.52 -12.27
N LEU A 101 -12.50 -1.49 -11.65
CA LEU A 101 -13.62 -0.77 -12.23
C LEU A 101 -13.22 -0.14 -13.57
N ILE A 102 -12.07 0.52 -13.58
CA ILE A 102 -11.58 1.15 -14.80
C ILE A 102 -11.22 0.10 -15.84
N GLU A 103 -10.54 -0.95 -15.41
CA GLU A 103 -10.12 -2.02 -16.31
C GLU A 103 -11.34 -2.70 -16.92
N GLY A 104 -12.37 -2.89 -16.13
CA GLY A 104 -13.59 -3.52 -16.60
C GLY A 104 -14.22 -2.71 -17.74
N HIS A 105 -14.24 -1.39 -17.57
CA HIS A 105 -14.82 -0.53 -18.60
C HIS A 105 -14.08 -0.71 -19.93
N LEU A 106 -12.75 -0.59 -19.88
CA LEU A 106 -11.95 -0.73 -21.09
C LEU A 106 -12.11 -2.13 -21.67
N ALA A 107 -12.12 -3.13 -20.79
CA ALA A 107 -12.28 -4.52 -21.22
C ALA A 107 -13.69 -4.74 -21.78
N GLY A 108 -14.66 -4.04 -21.22
CA GLY A 108 -16.04 -4.19 -21.67
C GLY A 108 -16.18 -3.82 -23.15
N LEU A 109 -15.41 -2.82 -23.57
CA LEU A 109 -15.48 -2.37 -24.96
C LEU A 109 -14.64 -3.30 -25.86
N GLY A 110 -14.05 -4.33 -25.24
CA GLY A 110 -13.24 -5.28 -25.99
C GLY A 110 -11.92 -4.66 -26.40
N LEU A 111 -11.46 -3.67 -25.63
CA LEU A 111 -10.21 -2.99 -25.93
C LEU A 111 -9.03 -3.73 -25.30
N PHE A 112 -8.66 -4.85 -25.91
CA PHE A 112 -7.56 -5.66 -25.42
C PHE A 112 -6.25 -4.86 -25.51
N ARG A 113 -6.17 -3.96 -26.48
CA ARG A 113 -4.96 -3.16 -26.64
C ARG A 113 -4.74 -2.30 -25.38
N LEU A 114 -5.82 -1.73 -24.87
CA LEU A 114 -5.72 -0.91 -23.67
C LEU A 114 -5.35 -1.77 -22.45
N VAL A 115 -5.85 -3.00 -22.44
CA VAL A 115 -5.56 -3.92 -21.34
C VAL A 115 -4.05 -4.15 -21.22
N ARG A 116 -3.38 -4.29 -22.35
CA ARG A 116 -1.95 -4.53 -22.36
C ARG A 116 -1.24 -3.44 -21.56
N LEU A 117 -1.63 -2.20 -21.79
CA LEU A 117 -1.03 -1.08 -21.07
C LEU A 117 -1.32 -1.20 -19.58
N LEU A 118 -2.56 -1.59 -19.26
CA LEU A 118 -2.96 -1.73 -17.87
C LEU A 118 -2.11 -2.81 -17.18
N ARG A 119 -1.87 -3.90 -17.90
CA ARG A 119 -1.07 -4.99 -17.34
C ARG A 119 0.33 -4.49 -16.98
N PHE A 120 0.95 -3.75 -17.89
CA PHE A 120 2.28 -3.23 -17.64
C PHE A 120 2.29 -2.41 -16.35
N LEU A 121 1.25 -1.62 -16.16
CA LEU A 121 1.16 -0.79 -14.97
C LEU A 121 1.14 -1.67 -13.73
N ARG A 122 0.50 -2.82 -13.81
CA ARG A 122 0.42 -3.72 -12.68
C ARG A 122 1.81 -4.13 -12.22
N ILE A 123 2.68 -4.43 -13.18
CA ILE A 123 4.05 -4.83 -12.84
C ILE A 123 4.74 -3.71 -12.06
N LEU A 124 4.53 -2.48 -12.51
CA LEU A 124 5.13 -1.35 -11.84
C LEU A 124 4.64 -1.27 -10.40
N LEU A 125 3.38 -1.59 -10.19
CA LEU A 125 2.80 -1.54 -8.85
C LEU A 125 3.55 -2.50 -7.93
N ILE A 126 3.85 -3.71 -8.43
CA ILE A 126 4.58 -4.69 -7.64
C ILE A 126 5.97 -4.16 -7.27
N ILE A 127 6.64 -3.57 -8.24
CA ILE A 127 7.98 -3.04 -7.99
C ILE A 127 7.90 -1.90 -6.97
N SER A 128 6.92 -1.03 -7.13
CA SER A 128 6.76 0.09 -6.22
C SER A 128 6.61 -0.40 -4.79
N ARG A 129 5.76 -1.40 -4.60
CA ARG A 129 5.55 -1.95 -3.26
C ARG A 129 6.68 -2.91 -2.89
N GLY A 130 7.30 -3.50 -3.91
CA GLY A 130 8.39 -4.44 -3.69
C GLY A 130 9.56 -3.76 -2.99
N SER A 131 9.69 -2.46 -3.22
CA SER A 131 10.78 -1.70 -2.60
C SER A 131 10.75 -1.89 -1.08
N LYS A 132 9.55 -1.96 -0.53
CA LYS A 132 9.39 -2.16 0.92
C LYS A 132 9.92 -3.52 1.33
N PHE A 133 9.61 -4.53 0.52
CA PHE A 133 10.07 -5.89 0.82
C PHE A 133 11.59 -5.94 0.87
N LEU A 134 12.22 -5.35 -0.13
CA LEU A 134 13.68 -5.34 -0.21
C LEU A 134 14.25 -4.59 0.99
N SER A 135 13.63 -3.47 1.35
CA SER A 135 14.10 -2.69 2.48
C SER A 135 14.05 -3.52 3.77
N ALA A 136 13.00 -4.32 3.91
CA ALA A 136 12.84 -5.15 5.09
C ALA A 136 14.04 -6.09 5.24
N ILE A 137 14.36 -6.82 4.18
CA ILE A 137 15.49 -7.73 4.21
C ILE A 137 16.79 -6.96 4.36
N ALA A 138 16.91 -5.86 3.62
CA ALA A 138 18.13 -5.05 3.67
C ALA A 138 18.47 -4.70 5.11
N ASP A 139 17.48 -4.24 5.87
CA ASP A 139 17.72 -3.87 7.26
C ASP A 139 18.13 -5.08 8.09
N ALA A 140 17.41 -6.19 7.91
CA ALA A 140 17.72 -7.41 8.64
C ALA A 140 19.05 -7.99 8.20
N ALA A 141 19.28 -7.98 6.89
CA ALA A 141 20.51 -8.53 6.34
C ALA A 141 21.72 -7.84 6.95
N ASP A 142 21.58 -6.55 7.24
CA ASP A 142 22.67 -5.80 7.82
C ASP A 142 23.06 -6.37 9.19
N LYS A 143 22.05 -6.64 10.01
CA LYS A 143 22.28 -7.19 11.34
C LYS A 143 22.53 -8.69 11.28
N LEU A 144 21.79 -9.37 10.41
CA LEU A 144 21.94 -10.82 10.28
C LEU A 144 23.14 -11.18 9.43
N VAL A 145 23.23 -10.57 8.24
CA VAL A 145 24.33 -10.83 7.32
C VAL A 145 24.81 -12.27 7.44
N PRO A 146 24.01 -13.20 6.97
CA PRO A 146 24.36 -14.65 7.06
C PRO A 146 25.63 -14.98 6.27
N ARG A 147 26.48 -15.81 6.85
CA ARG A 147 27.72 -16.22 6.20
C ARG A 147 28.37 -15.05 5.46
N LEU A 1 -19.22 12.50 12.41
CA LEU A 1 -18.76 13.61 11.54
C LEU A 1 -18.68 14.89 12.36
N ARG A 2 -19.44 14.94 13.45
CA ARG A 2 -19.43 16.11 14.32
C ARG A 2 -18.04 16.34 14.89
N GLY A 3 -17.40 17.42 14.45
CA GLY A 3 -16.06 17.76 14.91
C GLY A 3 -15.44 18.84 14.03
N LEU A 4 -14.38 18.48 13.31
CA LEU A 4 -13.68 19.41 12.42
C LEU A 4 -12.97 20.49 13.23
N SER A 5 -13.65 21.01 14.25
CA SER A 5 -13.07 22.04 15.09
C SER A 5 -11.81 21.52 15.78
N ASP A 6 -11.47 22.13 16.93
CA ASP A 6 -10.28 21.72 17.67
C ASP A 6 -10.65 20.68 18.74
N LEU A 7 -10.32 19.43 18.45
CA LEU A 7 -10.61 18.33 19.38
C LEU A 7 -9.45 18.16 20.37
N GLY A 8 -8.44 17.41 19.95
CA GLY A 8 -7.27 17.16 20.80
C GLY A 8 -7.46 15.89 21.63
N GLY A 9 -6.37 15.42 22.23
CA GLY A 9 -6.43 14.21 23.06
C GLY A 9 -6.01 12.98 22.26
N ARG A 10 -6.74 12.70 21.18
CA ARG A 10 -6.43 11.55 20.35
C ARG A 10 -5.07 11.72 19.68
N VAL A 11 -4.80 12.94 19.23
CA VAL A 11 -3.53 13.22 18.55
C VAL A 11 -2.35 12.96 19.46
N ARG A 12 -2.31 13.69 20.58
CA ARG A 12 -1.23 13.55 21.57
C ARG A 12 0.04 12.94 20.96
N ASN A 13 0.45 11.78 21.45
CA ASN A 13 1.63 11.09 20.92
C ASN A 13 1.22 9.96 19.98
N ILE A 14 0.10 10.15 19.29
CA ILE A 14 -0.39 9.15 18.36
C ILE A 14 0.70 8.72 17.39
N GLY A 15 1.48 9.69 16.91
CA GLY A 15 2.53 9.38 15.96
C GLY A 15 3.49 8.33 16.53
N ASP A 16 4.10 8.63 17.67
CA ASP A 16 5.03 7.71 18.29
C ASP A 16 4.30 6.50 18.88
N VAL A 17 3.17 6.76 19.53
CA VAL A 17 2.39 5.71 20.14
C VAL A 17 1.87 4.72 19.08
N MET A 18 1.31 5.26 18.01
CA MET A 18 0.77 4.43 16.95
C MET A 18 1.88 3.59 16.32
N GLU A 19 3.04 4.18 16.13
CA GLU A 19 4.15 3.47 15.52
C GLU A 19 4.76 2.49 16.52
N HIS A 20 3.95 2.05 17.50
CA HIS A 20 4.43 1.13 18.50
C HIS A 20 5.20 -0.02 17.82
N PRO A 21 6.24 -0.56 18.43
CA PRO A 21 7.02 -1.68 17.82
C PRO A 21 6.11 -2.72 17.16
N LEU A 22 5.02 -3.07 17.83
CA LEU A 22 4.11 -4.07 17.31
C LEU A 22 3.47 -3.57 16.00
N VAL A 23 3.11 -2.30 15.97
CA VAL A 23 2.49 -1.70 14.78
C VAL A 23 3.50 -1.75 13.62
N GLU A 24 4.74 -1.41 13.90
CA GLU A 24 5.78 -1.42 12.87
C GLU A 24 5.84 -2.79 12.18
N LEU A 25 5.90 -3.85 12.97
CA LEU A 25 5.95 -5.20 12.42
C LEU A 25 4.64 -5.53 11.70
N GLY A 26 3.51 -5.10 12.27
CA GLY A 26 2.20 -5.37 11.67
C GLY A 26 2.12 -4.81 10.25
N VAL A 27 2.59 -3.58 10.07
CA VAL A 27 2.57 -2.95 8.74
C VAL A 27 3.47 -3.71 7.77
N SER A 28 4.66 -4.06 8.22
CA SER A 28 5.61 -4.78 7.36
C SER A 28 5.01 -6.11 6.91
N TYR A 29 4.35 -6.80 7.83
CA TYR A 29 3.75 -8.09 7.51
C TYR A 29 2.67 -7.93 6.45
N ALA A 30 1.79 -6.95 6.63
CA ALA A 30 0.72 -6.72 5.68
C ALA A 30 1.28 -6.48 4.29
N ALA A 31 2.40 -5.76 4.23
CA ALA A 31 3.03 -5.47 2.95
C ALA A 31 3.49 -6.76 2.28
N LEU A 32 4.00 -7.70 3.07
CA LEU A 32 4.48 -8.96 2.52
C LEU A 32 3.34 -9.71 1.84
N LEU A 33 2.18 -9.75 2.50
CA LEU A 33 1.02 -10.44 1.95
C LEU A 33 0.54 -9.73 0.68
N SER A 34 0.58 -8.41 0.69
CA SER A 34 0.13 -7.66 -0.49
C SER A 34 1.00 -8.00 -1.70
N VAL A 35 2.29 -8.24 -1.47
CA VAL A 35 3.23 -8.57 -2.55
C VAL A 35 2.95 -9.96 -3.16
N ILE A 36 2.78 -10.96 -2.31
CA ILE A 36 2.53 -12.31 -2.80
C ILE A 36 1.10 -12.41 -3.33
N VAL A 37 0.16 -11.74 -2.65
CA VAL A 37 -1.26 -11.77 -3.04
C VAL A 37 -1.46 -11.17 -4.44
N VAL A 38 -0.88 -10.01 -4.68
CA VAL A 38 -1.02 -9.37 -5.98
C VAL A 38 -0.40 -10.26 -7.05
N VAL A 39 0.70 -10.92 -6.71
CA VAL A 39 1.36 -11.81 -7.66
C VAL A 39 0.48 -13.03 -7.98
N VAL A 40 -0.09 -13.64 -6.93
CA VAL A 40 -0.92 -14.84 -7.10
C VAL A 40 -2.16 -14.55 -7.96
N GLU A 41 -2.87 -13.48 -7.63
CA GLU A 41 -4.07 -13.12 -8.37
C GLU A 41 -3.70 -12.65 -9.78
N TYR A 42 -2.53 -12.04 -9.89
CA TYR A 42 -2.05 -11.56 -11.19
C TYR A 42 -1.91 -12.74 -12.16
N THR A 43 -1.25 -13.81 -11.71
CA THR A 43 -1.04 -14.99 -12.56
C THR A 43 -2.17 -15.99 -12.40
N MET A 44 -2.29 -16.54 -11.20
CA MET A 44 -3.32 -17.53 -10.90
C MET A 44 -4.66 -16.83 -10.68
N GLN A 45 -5.74 -17.49 -11.09
CA GLN A 45 -7.08 -16.94 -10.94
C GLN A 45 -7.87 -17.70 -9.89
N LEU A 46 -7.18 -18.62 -9.23
CA LEU A 46 -7.81 -19.45 -8.19
C LEU A 46 -9.25 -19.80 -8.56
N SER A 47 -10.17 -19.68 -7.60
CA SER A 47 -11.58 -19.98 -7.83
C SER A 47 -12.43 -18.76 -7.44
N GLY A 48 -13.60 -18.63 -8.05
CA GLY A 48 -14.47 -17.50 -7.75
C GLY A 48 -14.58 -17.27 -6.24
N GLU A 49 -14.75 -18.35 -5.49
CA GLU A 49 -14.87 -18.24 -4.05
C GLU A 49 -13.60 -17.65 -3.44
N TYR A 50 -12.46 -18.22 -3.82
CA TYR A 50 -11.17 -17.75 -3.33
C TYR A 50 -10.86 -16.36 -3.88
N LEU A 51 -11.36 -16.08 -5.09
CA LEU A 51 -11.13 -14.80 -5.71
C LEU A 51 -11.70 -13.67 -4.86
N VAL A 52 -12.96 -13.82 -4.46
CA VAL A 52 -13.61 -12.81 -3.64
C VAL A 52 -12.93 -12.71 -2.28
N ARG A 53 -12.66 -13.86 -1.69
CA ARG A 53 -12.02 -13.89 -0.37
C ARG A 53 -10.63 -13.25 -0.46
N LEU A 54 -9.90 -13.54 -1.54
CA LEU A 54 -8.55 -13.01 -1.72
C LEU A 54 -8.56 -11.49 -1.77
N TYR A 55 -9.47 -10.92 -2.54
CA TYR A 55 -9.55 -9.46 -2.64
C TYR A 55 -10.03 -8.88 -1.31
N LEU A 56 -10.89 -9.61 -0.62
CA LEU A 56 -11.42 -9.13 0.64
C LEU A 56 -10.28 -8.93 1.64
N VAL A 57 -9.37 -9.89 1.68
CA VAL A 57 -8.23 -9.80 2.59
C VAL A 57 -7.31 -8.64 2.20
N ASP A 58 -7.09 -8.48 0.89
CA ASP A 58 -6.22 -7.42 0.39
C ASP A 58 -6.71 -6.06 0.87
N LEU A 59 -8.03 -5.90 1.01
CA LEU A 59 -8.59 -4.64 1.48
C LEU A 59 -8.08 -4.31 2.86
N ILE A 60 -7.99 -5.31 3.73
CA ILE A 60 -7.51 -5.10 5.09
C ILE A 60 -6.07 -4.59 5.05
N LEU A 61 -5.26 -5.23 4.22
CA LEU A 61 -3.85 -4.86 4.12
C LEU A 61 -3.71 -3.42 3.62
N VAL A 62 -4.50 -3.05 2.63
CA VAL A 62 -4.45 -1.70 2.09
C VAL A 62 -4.92 -0.68 3.11
N ILE A 63 -5.99 -1.02 3.83
CA ILE A 63 -6.55 -0.13 4.83
C ILE A 63 -5.51 0.24 5.88
N ILE A 64 -4.82 -0.76 6.41
CA ILE A 64 -3.80 -0.51 7.43
C ILE A 64 -2.61 0.26 6.85
N LEU A 65 -2.35 0.06 5.57
CA LEU A 65 -1.21 0.71 4.92
C LEU A 65 -1.36 2.24 4.93
N TRP A 66 -2.32 2.76 4.16
CA TRP A 66 -2.49 4.19 4.10
C TRP A 66 -2.87 4.74 5.46
N ALA A 67 -3.47 3.90 6.29
CA ALA A 67 -3.88 4.33 7.62
C ALA A 67 -2.69 4.97 8.33
N ASP A 68 -1.55 4.28 8.35
CA ASP A 68 -0.38 4.82 9.02
C ASP A 68 0.13 6.06 8.30
N TYR A 69 0.14 6.00 6.98
CA TYR A 69 0.60 7.14 6.18
C TYR A 69 -0.27 8.36 6.42
N ALA A 70 -1.58 8.16 6.46
CA ALA A 70 -2.50 9.27 6.65
C ALA A 70 -2.22 9.97 7.97
N TYR A 71 -1.97 9.20 9.02
CA TYR A 71 -1.68 9.79 10.31
C TYR A 71 -0.49 10.73 10.22
N ARG A 72 0.61 10.24 9.66
CA ARG A 72 1.80 11.05 9.52
C ARG A 72 1.56 12.23 8.58
N ALA A 73 0.95 11.94 7.43
CA ALA A 73 0.67 12.98 6.44
C ALA A 73 -0.25 14.05 7.01
N TYR A 74 -1.35 13.61 7.62
CA TYR A 74 -2.30 14.53 8.20
C TYR A 74 -1.68 15.30 9.35
N LYS A 75 -0.62 14.75 9.92
CA LYS A 75 0.06 15.39 11.02
C LYS A 75 0.57 16.77 10.60
N SER A 76 1.05 16.86 9.36
CA SER A 76 1.54 18.12 8.83
C SER A 76 0.43 19.16 8.77
N GLY A 77 -0.76 18.71 8.38
CA GLY A 77 -1.92 19.61 8.27
C GLY A 77 -2.18 19.98 6.82
N ASP A 78 -1.49 19.29 5.92
CA ASP A 78 -1.65 19.53 4.48
C ASP A 78 -1.42 18.25 3.69
N PRO A 79 -2.39 17.36 3.69
CA PRO A 79 -2.28 16.07 2.95
C PRO A 79 -1.89 16.25 1.48
N ALA A 80 -2.49 17.25 0.83
CA ALA A 80 -2.19 17.50 -0.57
C ALA A 80 -0.73 17.88 -0.75
N GLY A 81 -0.25 18.77 0.10
CA GLY A 81 1.14 19.21 0.04
C GLY A 81 2.07 18.10 0.51
N TYR A 82 1.59 17.29 1.45
CA TYR A 82 2.39 16.19 1.98
C TYR A 82 2.45 15.02 1.01
N VAL A 83 1.45 14.91 0.13
CA VAL A 83 1.40 13.83 -0.85
C VAL A 83 2.32 14.13 -2.04
N LYS A 84 2.32 15.38 -2.49
CA LYS A 84 3.14 15.77 -3.62
C LYS A 84 4.56 15.25 -3.49
N LYS A 85 4.98 15.01 -2.25
CA LYS A 85 6.34 14.51 -2.00
C LYS A 85 6.36 12.99 -1.88
N THR A 86 5.19 12.39 -1.80
CA THR A 86 5.05 10.94 -1.66
C THR A 86 4.23 10.37 -2.81
N LEU A 87 4.44 10.90 -4.01
CA LEU A 87 3.71 10.45 -5.19
C LEU A 87 4.07 9.01 -5.50
N TYR A 88 5.18 8.53 -4.96
CA TYR A 88 5.63 7.15 -5.19
C TYR A 88 5.07 6.21 -4.13
N GLU A 89 4.22 6.75 -3.23
CA GLU A 89 3.61 5.95 -2.16
C GLU A 89 2.13 5.67 -2.47
N ILE A 90 1.53 6.54 -3.30
CA ILE A 90 0.11 6.37 -3.67
C ILE A 90 -0.09 5.19 -4.63
N PRO A 91 0.83 4.94 -5.53
CA PRO A 91 0.72 3.82 -6.51
C PRO A 91 0.53 2.47 -5.82
N ALA A 92 1.19 2.30 -4.69
CA ALA A 92 1.10 1.06 -3.93
C ALA A 92 -0.32 0.87 -3.40
N LEU A 93 -0.93 1.95 -2.92
CA LEU A 93 -2.27 1.89 -2.38
C LEU A 93 -3.28 1.51 -3.45
N VAL A 94 -3.05 1.97 -4.69
CA VAL A 94 -3.96 1.69 -5.81
C VAL A 94 -4.65 0.33 -5.63
N PRO A 95 -5.84 0.30 -5.06
CA PRO A 95 -6.57 -0.97 -4.82
C PRO A 95 -6.76 -1.77 -6.12
N ALA A 96 -6.35 -3.03 -6.09
CA ALA A 96 -6.49 -3.89 -7.24
C ALA A 96 -7.96 -4.02 -7.61
N GLY A 97 -8.81 -4.01 -6.60
CA GLY A 97 -10.24 -4.12 -6.82
C GLY A 97 -10.74 -2.95 -7.67
N LEU A 98 -10.21 -1.75 -7.41
CA LEU A 98 -10.63 -0.58 -8.17
C LEU A 98 -10.28 -0.76 -9.65
N LEU A 99 -9.04 -1.17 -9.90
CA LEU A 99 -8.60 -1.40 -11.28
C LEU A 99 -9.38 -2.55 -11.90
N ALA A 100 -9.65 -3.59 -11.10
CA ALA A 100 -10.37 -4.74 -11.59
C ALA A 100 -11.67 -4.31 -12.28
N LEU A 101 -12.45 -3.46 -11.61
CA LEU A 101 -13.70 -2.99 -12.20
C LEU A 101 -13.43 -2.17 -13.46
N ILE A 102 -12.41 -1.32 -13.40
CA ILE A 102 -12.06 -0.49 -14.56
C ILE A 102 -11.61 -1.37 -15.72
N GLU A 103 -10.79 -2.37 -15.42
CA GLU A 103 -10.28 -3.27 -16.43
C GLU A 103 -11.44 -3.90 -17.19
N GLY A 104 -12.46 -4.35 -16.46
CA GLY A 104 -13.63 -4.95 -17.07
C GLY A 104 -14.37 -3.95 -17.93
N HIS A 105 -14.50 -2.73 -17.43
CA HIS A 105 -15.21 -1.68 -18.16
C HIS A 105 -14.58 -1.46 -19.53
N LEU A 106 -13.26 -1.34 -19.56
CA LEU A 106 -12.54 -1.13 -20.81
C LEU A 106 -12.70 -2.33 -21.73
N ALA A 107 -12.63 -3.52 -21.15
CA ALA A 107 -12.77 -4.76 -21.92
C ALA A 107 -14.12 -4.79 -22.62
N GLY A 108 -15.13 -4.23 -21.97
CA GLY A 108 -16.48 -4.19 -22.55
C GLY A 108 -16.47 -3.44 -23.87
N LEU A 109 -15.69 -2.36 -23.94
CA LEU A 109 -15.61 -1.56 -25.16
C LEU A 109 -14.75 -2.28 -26.19
N GLY A 110 -13.88 -3.17 -25.73
CA GLY A 110 -13.01 -3.92 -26.63
C GLY A 110 -11.72 -3.16 -26.93
N LEU A 111 -11.55 -2.03 -26.25
CA LEU A 111 -10.36 -1.21 -26.44
C LEU A 111 -9.17 -1.86 -25.73
N PHE A 112 -8.57 -2.84 -26.39
CA PHE A 112 -7.43 -3.54 -25.83
C PHE A 112 -6.30 -2.57 -25.53
N ARG A 113 -6.22 -1.51 -26.32
CA ARG A 113 -5.16 -0.52 -26.14
C ARG A 113 -5.16 -0.01 -24.71
N LEU A 114 -6.32 0.43 -24.23
CA LEU A 114 -6.43 0.94 -22.87
C LEU A 114 -6.13 -0.18 -21.87
N VAL A 115 -6.61 -1.38 -22.19
CA VAL A 115 -6.39 -2.52 -21.31
C VAL A 115 -4.88 -2.80 -21.17
N ARG A 116 -4.16 -2.72 -22.29
CA ARG A 116 -2.73 -2.96 -22.29
C ARG A 116 -2.02 -2.02 -21.33
N LEU A 117 -2.33 -0.73 -21.41
CA LEU A 117 -1.71 0.25 -20.51
C LEU A 117 -2.07 -0.04 -19.06
N LEU A 118 -3.34 -0.37 -18.83
CA LEU A 118 -3.81 -0.67 -17.49
C LEU A 118 -3.11 -1.91 -16.95
N ARG A 119 -2.97 -2.92 -17.81
CA ARG A 119 -2.32 -4.16 -17.40
C ARG A 119 -0.87 -3.89 -17.02
N PHE A 120 -0.21 -3.03 -17.80
CA PHE A 120 1.18 -2.67 -17.55
C PHE A 120 1.32 -2.02 -16.17
N LEU A 121 0.41 -1.12 -15.83
CA LEU A 121 0.46 -0.43 -14.55
C LEU A 121 0.38 -1.45 -13.41
N ARG A 122 -0.50 -2.43 -13.54
CA ARG A 122 -0.66 -3.44 -12.50
C ARG A 122 0.68 -4.12 -12.21
N ILE A 123 1.33 -4.60 -13.26
CA ILE A 123 2.61 -5.27 -13.10
C ILE A 123 3.65 -4.27 -12.58
N LEU A 124 3.64 -3.08 -13.14
CA LEU A 124 4.57 -2.03 -12.74
C LEU A 124 4.38 -1.71 -11.26
N LEU A 125 3.13 -1.68 -10.83
CA LEU A 125 2.82 -1.39 -9.43
C LEU A 125 3.44 -2.45 -8.53
N ILE A 126 3.43 -3.70 -8.97
CA ILE A 126 4.00 -4.78 -8.16
C ILE A 126 5.49 -4.51 -7.94
N ILE A 127 6.18 -4.12 -9.00
CA ILE A 127 7.61 -3.85 -8.89
C ILE A 127 7.85 -2.68 -7.93
N SER A 128 7.08 -1.61 -8.10
CA SER A 128 7.23 -0.43 -7.24
C SER A 128 6.82 -0.75 -5.79
N ARG A 129 5.71 -1.48 -5.65
CA ARG A 129 5.21 -1.84 -4.33
C ARG A 129 6.19 -2.77 -3.63
N GLY A 130 6.76 -3.70 -4.38
CA GLY A 130 7.72 -4.65 -3.82
C GLY A 130 8.90 -3.93 -3.18
N SER A 131 9.14 -2.69 -3.62
CA SER A 131 10.23 -1.89 -3.09
C SER A 131 10.14 -1.83 -1.57
N LYS A 132 8.91 -1.84 -1.06
CA LYS A 132 8.69 -1.76 0.38
C LYS A 132 9.36 -2.94 1.08
N PHE A 133 9.16 -4.14 0.55
CA PHE A 133 9.76 -5.32 1.15
C PHE A 133 11.28 -5.23 1.08
N LEU A 134 11.80 -4.87 -0.09
CA LEU A 134 13.24 -4.75 -0.26
C LEU A 134 13.81 -3.69 0.68
N SER A 135 13.10 -2.57 0.80
CA SER A 135 13.54 -1.49 1.67
C SER A 135 13.64 -1.97 3.12
N ALA A 136 12.66 -2.77 3.54
CA ALA A 136 12.65 -3.30 4.90
C ALA A 136 13.90 -4.11 5.21
N ILE A 137 14.22 -5.06 4.33
CA ILE A 137 15.42 -5.88 4.53
C ILE A 137 16.67 -5.02 4.46
N ALA A 138 16.71 -4.12 3.48
CA ALA A 138 17.86 -3.25 3.32
C ALA A 138 18.14 -2.50 4.62
N ASP A 139 17.11 -1.86 5.17
CA ASP A 139 17.26 -1.12 6.41
C ASP A 139 17.59 -2.05 7.58
N ALA A 140 16.89 -3.18 7.64
CA ALA A 140 17.11 -4.15 8.71
C ALA A 140 18.54 -4.70 8.67
N ALA A 141 19.01 -4.99 7.47
CA ALA A 141 20.36 -5.53 7.31
C ALA A 141 21.39 -4.51 7.76
N ASP A 142 21.12 -3.23 7.48
CA ASP A 142 22.03 -2.16 7.87
C ASP A 142 22.13 -2.08 9.39
N LYS A 143 21.03 -2.36 10.06
CA LYS A 143 20.96 -2.33 11.51
C LYS A 143 21.53 -3.62 12.12
N LEU A 144 21.27 -4.74 11.46
CA LEU A 144 21.74 -6.04 11.94
C LEU A 144 23.24 -6.23 11.71
N VAL A 145 23.65 -6.14 10.45
CA VAL A 145 25.06 -6.30 10.11
C VAL A 145 25.67 -7.48 10.84
N PRO A 146 25.46 -8.69 10.36
CA PRO A 146 26.02 -9.90 11.00
C PRO A 146 27.51 -10.05 10.73
N ARG A 147 28.03 -11.26 10.95
CA ARG A 147 29.44 -11.54 10.74
C ARG A 147 30.27 -11.01 11.91
N LEU A 1 -16.21 25.51 10.24
CA LEU A 1 -14.98 25.96 10.95
C LEU A 1 -15.17 25.76 12.46
N ARG A 2 -16.34 25.30 12.85
CA ARG A 2 -16.63 25.07 14.26
C ARG A 2 -15.92 23.82 14.76
N GLY A 3 -15.54 23.83 16.03
CA GLY A 3 -14.85 22.69 16.62
C GLY A 3 -15.69 21.43 16.48
N LEU A 4 -15.06 20.37 15.96
CA LEU A 4 -15.77 19.10 15.78
C LEU A 4 -14.86 17.94 16.15
N SER A 5 -15.28 17.13 17.11
CA SER A 5 -14.50 15.98 17.55
C SER A 5 -13.32 16.44 18.40
N ASP A 6 -13.49 16.37 19.71
CA ASP A 6 -12.42 16.78 20.62
C ASP A 6 -12.45 15.92 21.88
N LEU A 7 -11.29 15.36 22.22
CA LEU A 7 -11.19 14.52 23.41
C LEU A 7 -9.73 14.26 23.76
N GLY A 8 -8.98 13.74 22.79
CA GLY A 8 -7.57 13.43 23.00
C GLY A 8 -7.36 11.94 23.26
N GLY A 9 -8.45 11.25 23.61
CA GLY A 9 -8.37 9.82 23.87
C GLY A 9 -8.03 9.04 22.60
N ARG A 10 -8.55 9.52 21.48
CA ARG A 10 -8.31 8.86 20.19
C ARG A 10 -6.82 8.83 19.88
N VAL A 11 -6.16 9.96 20.08
CA VAL A 11 -4.73 10.06 19.81
C VAL A 11 -3.95 9.19 20.78
N ARG A 12 -4.38 9.18 22.04
CA ARG A 12 -3.69 8.40 23.06
C ARG A 12 -3.65 6.92 22.67
N ASN A 13 -4.79 6.40 22.22
CA ASN A 13 -4.86 5.00 21.81
C ASN A 13 -3.97 4.74 20.60
N ILE A 14 -4.16 5.55 19.56
CA ILE A 14 -3.36 5.38 18.36
C ILE A 14 -1.89 5.64 18.63
N GLY A 15 -1.61 6.77 19.29
CA GLY A 15 -0.22 7.12 19.60
C GLY A 15 0.52 5.96 20.24
N ASP A 16 -0.12 5.34 21.23
CA ASP A 16 0.49 4.21 21.92
C ASP A 16 0.50 2.97 21.03
N VAL A 17 -0.55 2.81 20.24
CA VAL A 17 -0.67 1.67 19.34
C VAL A 17 0.10 1.92 18.05
N MET A 18 0.59 3.14 17.87
CA MET A 18 1.33 3.50 16.66
C MET A 18 2.81 3.20 16.83
N GLU A 19 3.24 3.03 18.07
CA GLU A 19 4.65 2.75 18.36
C GLU A 19 4.80 1.34 18.91
N HIS A 20 3.73 0.81 19.47
CA HIS A 20 3.78 -0.54 20.04
C HIS A 20 4.45 -1.51 19.06
N PRO A 21 5.36 -2.34 19.51
CA PRO A 21 6.06 -3.32 18.62
C PRO A 21 5.12 -3.99 17.61
N LEU A 22 3.84 -4.07 17.98
CA LEU A 22 2.85 -4.70 17.12
C LEU A 22 2.64 -3.87 15.86
N VAL A 23 2.74 -2.56 16.01
CA VAL A 23 2.55 -1.65 14.89
C VAL A 23 3.58 -1.92 13.80
N GLU A 24 4.79 -2.30 14.21
CA GLU A 24 5.85 -2.59 13.27
C GLU A 24 5.57 -3.90 12.54
N LEU A 25 5.37 -4.96 13.31
CA LEU A 25 5.09 -6.26 12.73
C LEU A 25 3.78 -6.24 11.96
N GLY A 26 2.78 -5.55 12.51
CA GLY A 26 1.48 -5.48 11.87
C GLY A 26 1.60 -4.90 10.47
N VAL A 27 2.16 -3.70 10.36
CA VAL A 27 2.32 -3.05 9.07
C VAL A 27 3.31 -3.82 8.20
N SER A 28 4.46 -4.18 8.79
CA SER A 28 5.49 -4.89 8.05
C SER A 28 4.97 -6.25 7.57
N TYR A 29 4.33 -6.99 8.47
CA TYR A 29 3.79 -8.30 8.12
C TYR A 29 2.74 -8.17 7.03
N ALA A 30 1.86 -7.19 7.19
CA ALA A 30 0.80 -6.98 6.21
C ALA A 30 1.37 -6.69 4.83
N ALA A 31 2.54 -6.04 4.80
CA ALA A 31 3.19 -5.71 3.54
C ALA A 31 3.67 -6.98 2.83
N LEU A 32 4.28 -7.89 3.57
CA LEU A 32 4.78 -9.13 2.99
C LEU A 32 3.64 -9.94 2.37
N LEU A 33 2.56 -10.09 3.12
CA LEU A 33 1.42 -10.84 2.62
C LEU A 33 0.77 -10.11 1.45
N SER A 34 0.67 -8.79 1.57
CA SER A 34 0.05 -8.01 0.52
C SER A 34 0.75 -8.23 -0.81
N VAL A 35 2.08 -8.28 -0.78
CA VAL A 35 2.84 -8.48 -2.01
C VAL A 35 2.54 -9.85 -2.61
N ILE A 36 2.60 -10.89 -1.79
CA ILE A 36 2.38 -12.24 -2.26
C ILE A 36 0.97 -12.40 -2.80
N VAL A 37 0.00 -11.83 -2.10
CA VAL A 37 -1.38 -11.93 -2.51
C VAL A 37 -1.55 -11.40 -3.94
N VAL A 38 -0.92 -10.27 -4.23
CA VAL A 38 -1.02 -9.69 -5.56
C VAL A 38 -0.48 -10.65 -6.61
N VAL A 39 0.66 -11.26 -6.32
CA VAL A 39 1.28 -12.18 -7.27
C VAL A 39 0.34 -13.34 -7.57
N VAL A 40 -0.29 -13.89 -6.54
CA VAL A 40 -1.20 -15.02 -6.72
C VAL A 40 -2.24 -14.68 -7.77
N GLU A 41 -2.82 -13.50 -7.68
CA GLU A 41 -3.83 -13.10 -8.65
C GLU A 41 -3.21 -12.95 -10.04
N TYR A 42 -1.99 -12.44 -10.08
CA TYR A 42 -1.29 -12.24 -11.35
C TYR A 42 -0.88 -13.58 -11.95
N THR A 43 -0.36 -14.47 -11.11
CA THR A 43 0.10 -15.78 -11.57
C THR A 43 -1.07 -16.74 -11.74
N MET A 44 -1.74 -17.04 -10.64
CA MET A 44 -2.86 -17.97 -10.67
C MET A 44 -4.17 -17.23 -10.90
N GLN A 45 -5.01 -17.80 -11.77
CA GLN A 45 -6.30 -17.21 -12.08
C GLN A 45 -7.41 -17.89 -11.29
N LEU A 46 -7.33 -17.76 -9.97
CA LEU A 46 -8.33 -18.36 -9.09
C LEU A 46 -9.73 -18.18 -9.67
N SER A 47 -10.64 -19.06 -9.29
CA SER A 47 -12.01 -18.99 -9.78
C SER A 47 -12.69 -17.73 -9.24
N GLY A 48 -13.75 -17.32 -9.92
CA GLY A 48 -14.48 -16.11 -9.52
C GLY A 48 -14.76 -16.12 -8.02
N GLU A 49 -15.33 -17.21 -7.53
CA GLU A 49 -15.66 -17.32 -6.11
C GLU A 49 -14.44 -16.99 -5.26
N TYR A 50 -13.34 -17.68 -5.53
CA TYR A 50 -12.11 -17.44 -4.79
C TYR A 50 -11.55 -16.07 -5.12
N LEU A 51 -11.83 -15.61 -6.34
CA LEU A 51 -11.33 -14.31 -6.77
C LEU A 51 -11.90 -13.21 -5.87
N VAL A 52 -13.20 -13.30 -5.61
CA VAL A 52 -13.86 -12.32 -4.76
C VAL A 52 -13.30 -12.37 -3.35
N ARG A 53 -13.14 -13.58 -2.84
CA ARG A 53 -12.59 -13.75 -1.51
C ARG A 53 -11.21 -13.11 -1.40
N LEU A 54 -10.39 -13.34 -2.41
CA LEU A 54 -9.04 -12.79 -2.41
C LEU A 54 -9.08 -11.27 -2.39
N TYR A 55 -9.97 -10.70 -3.19
CA TYR A 55 -10.10 -9.26 -3.25
C TYR A 55 -10.46 -8.69 -1.88
N LEU A 56 -11.35 -9.36 -1.19
CA LEU A 56 -11.76 -8.89 0.12
C LEU A 56 -10.59 -8.92 1.10
N VAL A 57 -9.84 -10.00 1.07
CA VAL A 57 -8.69 -10.14 1.95
C VAL A 57 -7.64 -9.08 1.62
N ASP A 58 -7.38 -8.90 0.33
CA ASP A 58 -6.40 -7.91 -0.11
C ASP A 58 -6.83 -6.53 0.33
N LEU A 59 -8.13 -6.27 0.26
CA LEU A 59 -8.64 -4.97 0.65
C LEU A 59 -8.31 -4.68 2.11
N ILE A 60 -8.57 -5.65 2.98
CA ILE A 60 -8.32 -5.47 4.41
C ILE A 60 -6.87 -5.07 4.66
N LEU A 61 -5.96 -5.74 3.97
CA LEU A 61 -4.55 -5.44 4.11
C LEU A 61 -4.28 -4.00 3.66
N VAL A 62 -4.94 -3.60 2.59
CA VAL A 62 -4.76 -2.25 2.08
C VAL A 62 -5.27 -1.23 3.10
N ILE A 63 -6.39 -1.55 3.75
CA ILE A 63 -6.97 -0.64 4.71
C ILE A 63 -5.95 -0.23 5.76
N ILE A 64 -5.29 -1.21 6.35
CA ILE A 64 -4.30 -0.94 7.38
C ILE A 64 -3.08 -0.24 6.79
N LEU A 65 -2.80 -0.48 5.51
CA LEU A 65 -1.63 0.12 4.88
C LEU A 65 -1.71 1.65 4.88
N TRP A 66 -2.64 2.18 4.09
CA TRP A 66 -2.79 3.62 3.99
C TRP A 66 -3.23 4.21 5.32
N ALA A 67 -3.83 3.39 6.17
CA ALA A 67 -4.29 3.87 7.47
C ALA A 67 -3.20 4.71 8.13
N ASP A 68 -1.95 4.25 8.01
CA ASP A 68 -0.86 4.99 8.60
C ASP A 68 -0.56 6.23 7.77
N TYR A 69 -0.69 6.10 6.45
CA TYR A 69 -0.42 7.22 5.55
C TYR A 69 -1.28 8.43 5.90
N ALA A 70 -2.58 8.19 6.07
CA ALA A 70 -3.50 9.26 6.42
C ALA A 70 -3.12 9.87 7.76
N TYR A 71 -2.80 9.01 8.72
CA TYR A 71 -2.44 9.48 10.05
C TYR A 71 -1.17 10.34 9.98
N ARG A 72 -0.19 9.87 9.23
CA ARG A 72 1.07 10.60 9.09
C ARG A 72 0.83 11.94 8.37
N ALA A 73 -0.07 11.93 7.40
CA ALA A 73 -0.36 13.15 6.65
C ALA A 73 -0.79 14.27 7.60
N TYR A 74 -1.73 13.97 8.47
CA TYR A 74 -2.21 14.96 9.43
C TYR A 74 -1.09 15.41 10.35
N LYS A 75 -0.23 14.47 10.75
CA LYS A 75 0.87 14.80 11.64
C LYS A 75 1.78 15.84 10.99
N SER A 76 2.04 15.69 9.70
CA SER A 76 2.89 16.64 9.00
C SER A 76 2.30 18.03 9.06
N GLY A 77 0.99 18.11 8.93
CA GLY A 77 0.31 19.41 8.97
C GLY A 77 0.24 20.03 7.59
N ASP A 78 0.79 19.33 6.60
CA ASP A 78 0.80 19.80 5.22
C ASP A 78 0.51 18.65 4.26
N PRO A 79 -0.74 18.26 4.15
CA PRO A 79 -1.15 17.15 3.25
C PRO A 79 -0.67 17.34 1.82
N ALA A 80 -0.90 18.53 1.27
CA ALA A 80 -0.49 18.81 -0.09
C ALA A 80 1.02 18.67 -0.24
N GLY A 81 1.75 19.27 0.70
CA GLY A 81 3.20 19.21 0.68
C GLY A 81 3.70 17.80 1.01
N TYR A 82 2.99 17.13 1.91
CA TYR A 82 3.37 15.78 2.32
C TYR A 82 2.96 14.77 1.27
N VAL A 83 1.98 15.13 0.44
CA VAL A 83 1.51 14.22 -0.60
C VAL A 83 2.46 14.20 -1.79
N LYS A 84 2.78 15.38 -2.29
CA LYS A 84 3.68 15.48 -3.44
C LYS A 84 4.97 14.74 -3.18
N LYS A 85 5.25 14.49 -1.91
CA LYS A 85 6.47 13.80 -1.52
C LYS A 85 6.28 12.29 -1.54
N THR A 86 5.03 11.85 -1.65
CA THR A 86 4.72 10.42 -1.65
C THR A 86 3.82 10.05 -2.81
N LEU A 87 4.11 10.63 -3.97
CA LEU A 87 3.33 10.35 -5.17
C LEU A 87 3.60 8.94 -5.66
N TYR A 88 4.72 8.37 -5.25
CA TYR A 88 5.10 7.02 -5.66
C TYR A 88 4.64 5.99 -4.63
N GLU A 89 3.95 6.46 -3.58
CA GLU A 89 3.45 5.56 -2.53
C GLU A 89 1.94 5.40 -2.63
N ILE A 90 1.26 6.50 -2.99
CA ILE A 90 -0.21 6.46 -3.15
C ILE A 90 -0.62 5.46 -4.22
N PRO A 91 0.10 5.39 -5.32
CA PRO A 91 -0.23 4.46 -6.44
C PRO A 91 -0.31 3.02 -5.97
N ALA A 92 0.42 2.69 -4.91
CA ALA A 92 0.42 1.34 -4.38
C ALA A 92 -0.87 1.04 -3.63
N LEU A 93 -1.35 2.03 -2.89
CA LEU A 93 -2.57 1.88 -2.12
C LEU A 93 -3.76 1.65 -3.02
N VAL A 94 -3.77 2.35 -4.17
CA VAL A 94 -4.87 2.23 -5.14
C VAL A 94 -5.49 0.83 -5.08
N PRO A 95 -6.55 0.65 -4.33
CA PRO A 95 -7.23 -0.66 -4.18
C PRO A 95 -7.64 -1.25 -5.53
N ALA A 96 -7.63 -2.58 -5.62
CA ALA A 96 -8.01 -3.25 -6.86
C ALA A 96 -9.40 -2.84 -7.29
N GLY A 97 -10.20 -2.37 -6.33
CA GLY A 97 -11.57 -1.96 -6.63
C GLY A 97 -11.59 -0.98 -7.80
N LEU A 98 -10.71 0.03 -7.74
CA LEU A 98 -10.65 1.03 -8.80
C LEU A 98 -10.21 0.39 -10.11
N LEU A 99 -9.20 -0.47 -10.04
CA LEU A 99 -8.70 -1.14 -11.22
C LEU A 99 -9.74 -2.06 -11.80
N ALA A 100 -10.52 -2.70 -10.92
CA ALA A 100 -11.55 -3.62 -11.38
C ALA A 100 -12.54 -2.92 -12.29
N LEU A 101 -13.08 -1.79 -11.83
CA LEU A 101 -14.03 -1.04 -12.64
C LEU A 101 -13.37 -0.50 -13.90
N ILE A 102 -12.17 0.04 -13.75
CA ILE A 102 -11.46 0.59 -14.89
C ILE A 102 -11.13 -0.52 -15.91
N GLU A 103 -10.66 -1.64 -15.39
CA GLU A 103 -10.31 -2.76 -16.24
C GLU A 103 -11.56 -3.35 -16.89
N GLY A 104 -12.65 -3.39 -16.13
CA GLY A 104 -13.89 -3.93 -16.64
C GLY A 104 -14.42 -3.09 -17.80
N HIS A 105 -14.30 -1.77 -17.67
CA HIS A 105 -14.76 -0.87 -18.71
C HIS A 105 -14.04 -1.16 -20.02
N LEU A 106 -12.72 -1.30 -19.95
CA LEU A 106 -11.93 -1.57 -21.14
C LEU A 106 -12.31 -2.92 -21.73
N ALA A 107 -12.47 -3.92 -20.88
CA ALA A 107 -12.84 -5.26 -21.32
C ALA A 107 -14.26 -5.26 -21.88
N GLY A 108 -15.13 -4.49 -21.26
CA GLY A 108 -16.51 -4.42 -21.71
C GLY A 108 -16.61 -3.94 -23.15
N LEU A 109 -15.75 -3.00 -23.51
CA LEU A 109 -15.74 -2.47 -24.87
C LEU A 109 -15.02 -3.43 -25.81
N GLY A 110 -14.31 -4.40 -25.24
CA GLY A 110 -13.58 -5.38 -26.04
C GLY A 110 -12.22 -4.82 -26.47
N LEU A 111 -11.68 -3.89 -25.69
CA LEU A 111 -10.38 -3.29 -26.01
C LEU A 111 -9.27 -4.00 -25.24
N PHE A 112 -8.91 -5.18 -25.71
CA PHE A 112 -7.85 -5.95 -25.07
C PHE A 112 -6.52 -5.20 -25.14
N ARG A 113 -6.37 -4.40 -26.17
CA ARG A 113 -5.12 -3.64 -26.33
C ARG A 113 -4.85 -2.78 -25.11
N LEU A 114 -5.88 -2.08 -24.65
CA LEU A 114 -5.75 -1.23 -23.48
C LEU A 114 -5.55 -2.08 -22.22
N VAL A 115 -6.24 -3.21 -22.18
CA VAL A 115 -6.14 -4.10 -21.03
C VAL A 115 -4.68 -4.46 -20.75
N ARG A 116 -3.89 -4.58 -21.82
CA ARG A 116 -2.49 -4.92 -21.66
C ARG A 116 -1.76 -3.86 -20.83
N LEU A 117 -2.09 -2.61 -21.10
CA LEU A 117 -1.47 -1.51 -20.36
C LEU A 117 -1.83 -1.60 -18.88
N LEU A 118 -3.07 -1.99 -18.62
CA LEU A 118 -3.52 -2.13 -17.23
C LEU A 118 -2.72 -3.20 -16.51
N ARG A 119 -2.50 -4.30 -17.18
CA ARG A 119 -1.74 -5.38 -16.57
C ARG A 119 -0.32 -4.93 -16.28
N PHE A 120 0.25 -4.18 -17.21
CA PHE A 120 1.61 -3.69 -17.06
C PHE A 120 1.70 -2.84 -15.79
N LEU A 121 0.69 -2.02 -15.57
CA LEU A 121 0.68 -1.15 -14.40
C LEU A 121 0.71 -1.99 -13.12
N ARG A 122 -0.06 -3.07 -13.11
CA ARG A 122 -0.11 -3.93 -11.95
C ARG A 122 1.29 -4.38 -11.57
N ILE A 123 2.10 -4.70 -12.56
CA ILE A 123 3.46 -5.12 -12.30
C ILE A 123 4.25 -4.00 -11.61
N LEU A 124 4.07 -2.78 -12.11
CA LEU A 124 4.75 -1.62 -11.54
C LEU A 124 4.27 -1.40 -10.11
N LEU A 125 3.00 -1.69 -9.88
CA LEU A 125 2.42 -1.51 -8.56
C LEU A 125 3.17 -2.38 -7.55
N ILE A 126 3.50 -3.59 -7.95
CA ILE A 126 4.22 -4.51 -7.07
C ILE A 126 5.59 -3.93 -6.73
N ILE A 127 6.26 -3.39 -7.74
CA ILE A 127 7.59 -2.80 -7.52
C ILE A 127 7.50 -1.64 -6.53
N SER A 128 6.49 -0.80 -6.70
CA SER A 128 6.33 0.34 -5.81
C SER A 128 6.17 -0.13 -4.37
N ARG A 129 5.29 -1.11 -4.17
CA ARG A 129 5.07 -1.67 -2.84
C ARG A 129 6.27 -2.48 -2.36
N GLY A 130 6.82 -3.28 -3.27
CA GLY A 130 7.98 -4.11 -2.95
C GLY A 130 9.17 -3.25 -2.59
N SER A 131 9.34 -2.14 -3.31
CA SER A 131 10.45 -1.25 -3.06
C SER A 131 10.37 -0.72 -1.62
N LYS A 132 9.16 -0.44 -1.16
CA LYS A 132 8.99 0.06 0.19
C LYS A 132 9.48 -0.98 1.21
N PHE A 133 9.01 -2.21 1.07
CA PHE A 133 9.44 -3.27 1.98
C PHE A 133 10.94 -3.51 1.86
N LEU A 134 11.42 -3.61 0.62
CA LEU A 134 12.83 -3.87 0.38
C LEU A 134 13.68 -2.73 0.92
N SER A 135 13.21 -1.50 0.74
CA SER A 135 13.94 -0.35 1.21
C SER A 135 14.16 -0.42 2.72
N ALA A 136 13.12 -0.81 3.44
CA ALA A 136 13.21 -0.91 4.90
C ALA A 136 14.30 -1.91 5.29
N ILE A 137 14.16 -3.14 4.83
CA ILE A 137 15.13 -4.18 5.15
C ILE A 137 16.48 -3.86 4.52
N ALA A 138 16.45 -3.43 3.26
CA ALA A 138 17.68 -3.11 2.54
C ALA A 138 18.50 -2.09 3.31
N ASP A 139 17.83 -1.09 3.88
CA ASP A 139 18.51 -0.07 4.65
C ASP A 139 19.23 -0.68 5.85
N ALA A 140 18.52 -1.50 6.60
CA ALA A 140 19.11 -2.14 7.76
C ALA A 140 20.29 -3.04 7.36
N ALA A 141 20.08 -3.82 6.32
CA ALA A 141 21.12 -4.72 5.83
C ALA A 141 22.25 -3.94 5.20
N ASP A 142 21.91 -2.89 4.46
CA ASP A 142 22.92 -2.07 3.82
C ASP A 142 23.70 -1.28 4.85
N LYS A 143 22.99 -0.71 5.82
CA LYS A 143 23.63 0.08 6.86
C LYS A 143 24.45 -0.80 7.78
N LEU A 144 23.90 -1.96 8.14
CA LEU A 144 24.56 -2.89 9.05
C LEU A 144 25.32 -3.95 8.28
N VAL A 145 25.14 -3.94 6.98
CA VAL A 145 25.79 -4.90 6.11
C VAL A 145 25.06 -6.26 6.21
N PRO A 146 24.77 -6.91 5.10
CA PRO A 146 24.14 -8.26 5.13
C PRO A 146 24.88 -9.24 6.05
N ARG A 147 24.12 -10.04 6.79
CA ARG A 147 24.70 -11.02 7.71
C ARG A 147 24.80 -12.38 7.03
N LEU A 1 -16.31 15.88 28.03
CA LEU A 1 -17.64 15.22 27.94
C LEU A 1 -18.18 15.36 26.52
N ARG A 2 -17.27 15.37 25.54
CA ARG A 2 -17.67 15.49 24.14
C ARG A 2 -16.72 14.71 23.25
N GLY A 3 -17.11 14.55 21.99
CA GLY A 3 -16.29 13.82 21.03
C GLY A 3 -14.92 14.47 20.88
N LEU A 4 -14.89 15.79 20.77
CA LEU A 4 -13.63 16.53 20.61
C LEU A 4 -13.23 17.18 21.93
N SER A 5 -11.98 16.98 22.32
CA SER A 5 -11.47 17.55 23.57
C SER A 5 -9.97 17.78 23.49
N ASP A 6 -9.49 18.07 22.28
CA ASP A 6 -8.06 18.31 22.08
C ASP A 6 -7.22 17.28 22.83
N LEU A 7 -6.94 16.17 22.16
CA LEU A 7 -6.17 15.09 22.76
C LEU A 7 -4.70 15.51 22.89
N GLY A 8 -3.96 15.37 21.81
CA GLY A 8 -2.54 15.73 21.80
C GLY A 8 -1.69 14.57 22.32
N GLY A 9 -2.28 13.74 23.17
CA GLY A 9 -1.56 12.61 23.75
C GLY A 9 -1.17 11.61 22.66
N ARG A 10 -2.08 11.41 21.70
CA ARG A 10 -1.82 10.49 20.60
C ARG A 10 -0.62 10.96 19.78
N VAL A 11 -0.50 12.28 19.64
CA VAL A 11 0.61 12.84 18.86
C VAL A 11 1.94 12.56 19.53
N ARG A 12 2.00 12.75 20.85
CA ARG A 12 3.24 12.54 21.60
C ARG A 12 3.54 11.05 21.71
N ASN A 13 4.81 10.71 21.88
CA ASN A 13 5.22 9.31 22.00
C ASN A 13 5.09 8.60 20.67
N ILE A 14 4.27 9.14 19.78
CA ILE A 14 4.06 8.52 18.49
C ILE A 14 5.33 8.60 17.65
N GLY A 15 6.01 9.73 17.75
CA GLY A 15 7.20 9.96 16.96
C GLY A 15 8.21 8.83 17.15
N ASP A 16 8.46 8.48 18.40
CA ASP A 16 9.40 7.40 18.71
C ASP A 16 8.74 6.03 18.54
N VAL A 17 7.50 5.92 18.99
CA VAL A 17 6.79 4.66 18.89
C VAL A 17 6.48 4.32 17.43
N MET A 18 6.72 5.28 16.54
CA MET A 18 6.46 5.08 15.11
C MET A 18 7.59 4.28 14.48
N GLU A 19 8.62 3.99 15.26
CA GLU A 19 9.77 3.21 14.78
C GLU A 19 9.95 1.97 15.64
N HIS A 20 9.16 1.85 16.70
CA HIS A 20 9.29 0.71 17.59
C HIS A 20 9.38 -0.60 16.79
N PRO A 21 10.29 -1.50 17.11
CA PRO A 21 10.43 -2.78 16.37
C PRO A 21 9.08 -3.41 16.03
N LEU A 22 8.07 -3.19 16.88
CA LEU A 22 6.75 -3.75 16.65
C LEU A 22 6.11 -3.13 15.42
N VAL A 23 6.27 -1.83 15.28
CA VAL A 23 5.69 -1.12 14.15
C VAL A 23 6.38 -1.52 12.85
N GLU A 24 7.69 -1.76 12.95
CA GLU A 24 8.47 -2.11 11.78
C GLU A 24 8.04 -3.45 11.24
N LEU A 25 7.88 -4.42 12.14
CA LEU A 25 7.46 -5.75 11.74
C LEU A 25 6.04 -5.73 11.18
N GLY A 26 5.14 -5.06 11.89
CA GLY A 26 3.75 -4.99 11.45
C GLY A 26 3.63 -4.32 10.09
N VAL A 27 4.26 -3.15 9.96
CA VAL A 27 4.21 -2.43 8.70
C VAL A 27 4.88 -3.24 7.59
N SER A 28 6.03 -3.82 7.91
CA SER A 28 6.76 -4.62 6.94
C SER A 28 5.93 -5.83 6.52
N TYR A 29 5.25 -6.44 7.49
CA TYR A 29 4.43 -7.61 7.22
C TYR A 29 3.35 -7.27 6.20
N ALA A 30 2.72 -6.11 6.39
CA ALA A 30 1.66 -5.69 5.49
C ALA A 30 2.17 -5.56 4.06
N ALA A 31 3.37 -5.00 3.92
CA ALA A 31 3.97 -4.82 2.62
C ALA A 31 4.24 -6.17 1.96
N LEU A 32 4.73 -7.11 2.74
CA LEU A 32 5.04 -8.43 2.23
C LEU A 32 3.77 -9.12 1.75
N LEU A 33 2.70 -8.97 2.53
CA LEU A 33 1.44 -9.63 2.19
C LEU A 33 0.91 -9.10 0.85
N SER A 34 1.03 -7.81 0.65
CA SER A 34 0.56 -7.21 -0.59
C SER A 34 1.43 -7.63 -1.76
N VAL A 35 2.72 -7.83 -1.50
CA VAL A 35 3.66 -8.21 -2.55
C VAL A 35 3.26 -9.54 -3.18
N ILE A 36 3.09 -10.56 -2.36
CA ILE A 36 2.75 -11.88 -2.87
C ILE A 36 1.37 -11.84 -3.53
N VAL A 37 0.46 -11.11 -2.93
CA VAL A 37 -0.89 -11.01 -3.48
C VAL A 37 -0.86 -10.44 -4.89
N VAL A 38 -0.06 -9.41 -5.09
CA VAL A 38 0.03 -8.78 -6.41
C VAL A 38 0.51 -9.79 -7.45
N VAL A 39 1.57 -10.51 -7.13
CA VAL A 39 2.12 -11.50 -8.05
C VAL A 39 1.17 -12.67 -8.23
N VAL A 40 0.50 -13.04 -7.13
CA VAL A 40 -0.44 -14.15 -7.15
C VAL A 40 -1.57 -13.89 -8.13
N GLU A 41 -1.95 -12.62 -8.29
CA GLU A 41 -3.05 -12.28 -9.18
C GLU A 41 -2.78 -12.69 -10.62
N TYR A 42 -1.65 -12.26 -11.18
CA TYR A 42 -1.33 -12.57 -12.56
C TYR A 42 -1.01 -14.06 -12.75
N THR A 43 -0.03 -14.54 -12.00
CA THR A 43 0.37 -15.93 -12.11
C THR A 43 -0.82 -16.85 -11.90
N MET A 44 -1.65 -16.53 -10.92
CA MET A 44 -2.85 -17.33 -10.63
C MET A 44 -4.08 -16.43 -10.49
N GLN A 45 -5.13 -16.78 -11.22
CA GLN A 45 -6.37 -16.00 -11.17
C GLN A 45 -7.35 -16.61 -10.19
N LEU A 46 -6.96 -17.74 -9.62
CA LEU A 46 -7.80 -18.43 -8.65
C LEU A 46 -9.23 -18.53 -9.15
N SER A 47 -10.11 -19.13 -8.35
CA SER A 47 -11.51 -19.27 -8.72
C SER A 47 -12.31 -18.05 -8.29
N GLY A 48 -13.50 -17.89 -8.86
CA GLY A 48 -14.34 -16.76 -8.52
C GLY A 48 -14.54 -16.64 -7.01
N GLU A 49 -14.77 -17.77 -6.35
CA GLU A 49 -14.96 -17.76 -4.91
C GLU A 49 -13.71 -17.26 -4.19
N TYR A 50 -12.58 -17.89 -4.49
CA TYR A 50 -11.31 -17.50 -3.88
C TYR A 50 -10.92 -16.10 -4.32
N LEU A 51 -11.29 -15.76 -5.55
CA LEU A 51 -10.94 -14.45 -6.10
C LEU A 51 -11.57 -13.35 -5.27
N VAL A 52 -12.83 -13.53 -4.90
CA VAL A 52 -13.53 -12.55 -4.10
C VAL A 52 -12.83 -12.39 -2.75
N ARG A 53 -12.50 -13.50 -2.13
CA ARG A 53 -11.84 -13.47 -0.84
C ARG A 53 -10.50 -12.74 -0.93
N LEU A 54 -9.75 -13.03 -1.97
CA LEU A 54 -8.45 -12.43 -2.17
C LEU A 54 -8.60 -10.91 -2.29
N TYR A 55 -9.63 -10.49 -3.01
CA TYR A 55 -9.87 -9.07 -3.19
C TYR A 55 -10.13 -8.41 -1.84
N LEU A 56 -10.91 -9.06 -1.00
CA LEU A 56 -11.23 -8.52 0.31
C LEU A 56 -9.98 -8.35 1.16
N VAL A 57 -9.12 -9.36 1.13
CA VAL A 57 -7.89 -9.32 1.89
C VAL A 57 -7.02 -8.17 1.40
N ASP A 58 -7.14 -7.83 0.13
CA ASP A 58 -6.36 -6.74 -0.41
C ASP A 58 -6.84 -5.40 0.16
N LEU A 59 -8.15 -5.25 0.26
CA LEU A 59 -8.73 -4.01 0.77
C LEU A 59 -8.31 -3.76 2.21
N ILE A 60 -8.51 -4.75 3.07
CA ILE A 60 -8.16 -4.61 4.48
C ILE A 60 -6.67 -4.30 4.61
N LEU A 61 -5.87 -4.87 3.73
CA LEU A 61 -4.43 -4.65 3.77
C LEU A 61 -4.12 -3.17 3.59
N VAL A 62 -4.82 -2.54 2.67
CA VAL A 62 -4.61 -1.12 2.43
C VAL A 62 -4.94 -0.32 3.67
N ILE A 63 -6.02 -0.70 4.35
CA ILE A 63 -6.44 0.00 5.56
C ILE A 63 -5.32 0.03 6.59
N ILE A 64 -4.64 -1.10 6.75
CA ILE A 64 -3.55 -1.17 7.72
C ILE A 64 -2.44 -0.19 7.34
N LEU A 65 -2.09 -0.16 6.06
CA LEU A 65 -1.06 0.74 5.57
C LEU A 65 -1.52 2.19 5.69
N TRP A 66 -2.79 2.42 5.41
CA TRP A 66 -3.35 3.75 5.48
C TRP A 66 -3.26 4.29 6.91
N ALA A 67 -3.25 3.38 7.88
CA ALA A 67 -3.18 3.79 9.27
C ALA A 67 -2.03 4.77 9.50
N ASP A 68 -0.84 4.40 9.06
CA ASP A 68 0.32 5.26 9.24
C ASP A 68 0.29 6.45 8.27
N TYR A 69 0.00 6.16 7.01
CA TYR A 69 -0.05 7.21 6.00
C TYR A 69 -1.17 8.21 6.29
N ALA A 70 -2.34 7.70 6.66
CA ALA A 70 -3.48 8.54 6.96
C ALA A 70 -3.22 9.44 8.15
N TYR A 71 -2.57 8.89 9.18
CA TYR A 71 -2.27 9.66 10.38
C TYR A 71 -1.43 10.89 10.04
N ARG A 72 -0.29 10.67 9.39
CA ARG A 72 0.59 11.76 9.04
C ARG A 72 -0.11 12.70 8.06
N ALA A 73 -0.98 12.15 7.21
CA ALA A 73 -1.70 12.96 6.25
C ALA A 73 -2.55 14.01 6.95
N TYR A 74 -3.23 13.59 8.02
CA TYR A 74 -4.06 14.51 8.78
C TYR A 74 -3.19 15.56 9.47
N LYS A 75 -2.01 15.16 9.90
CA LYS A 75 -1.12 16.07 10.57
C LYS A 75 -0.81 17.27 9.69
N SER A 76 -0.56 17.00 8.40
CA SER A 76 -0.25 18.07 7.47
C SER A 76 -1.41 19.05 7.37
N GLY A 77 -2.61 18.58 7.73
CA GLY A 77 -3.80 19.42 7.68
C GLY A 77 -4.24 19.66 6.24
N ASP A 78 -3.52 19.05 5.31
CA ASP A 78 -3.84 19.18 3.89
C ASP A 78 -3.43 17.91 3.14
N PRO A 79 -4.22 16.88 3.24
CA PRO A 79 -3.93 15.58 2.56
C PRO A 79 -3.58 15.77 1.09
N ALA A 80 -4.21 16.73 0.45
CA ALA A 80 -3.94 16.99 -0.96
C ALA A 80 -2.48 17.36 -1.16
N GLY A 81 -1.97 18.24 -0.31
CA GLY A 81 -0.58 18.65 -0.39
C GLY A 81 0.36 17.50 -0.01
N TYR A 82 0.01 16.82 1.07
CA TYR A 82 0.82 15.70 1.54
C TYR A 82 0.91 14.65 0.44
N VAL A 83 -0.20 14.39 -0.23
CA VAL A 83 -0.18 13.40 -1.30
C VAL A 83 0.73 13.84 -2.44
N LYS A 84 0.56 15.08 -2.87
CA LYS A 84 1.36 15.61 -3.96
C LYS A 84 2.82 15.44 -3.65
N LYS A 85 3.13 15.25 -2.38
CA LYS A 85 4.50 15.09 -1.95
C LYS A 85 4.91 13.62 -1.92
N THR A 86 3.93 12.75 -1.66
CA THR A 86 4.19 11.30 -1.57
C THR A 86 3.62 10.58 -2.79
N LEU A 87 3.76 11.21 -3.94
CA LEU A 87 3.26 10.65 -5.19
C LEU A 87 3.89 9.28 -5.45
N TYR A 88 5.02 9.04 -4.80
CA TYR A 88 5.73 7.78 -4.97
C TYR A 88 5.12 6.69 -4.07
N GLU A 89 4.31 7.11 -3.10
CA GLU A 89 3.69 6.18 -2.16
C GLU A 89 2.27 5.83 -2.61
N ILE A 90 1.59 6.80 -3.20
CA ILE A 90 0.24 6.58 -3.70
C ILE A 90 0.18 5.33 -4.58
N PRO A 91 1.04 5.24 -5.58
CA PRO A 91 1.07 4.08 -6.51
C PRO A 91 1.04 2.75 -5.76
N ALA A 92 1.55 2.76 -4.53
CA ALA A 92 1.58 1.55 -3.72
C ALA A 92 0.25 1.34 -3.00
N LEU A 93 -0.51 2.41 -2.85
CA LEU A 93 -1.79 2.34 -2.16
C LEU A 93 -2.92 2.17 -3.17
N VAL A 94 -2.59 2.33 -4.45
CA VAL A 94 -3.59 2.19 -5.51
C VAL A 94 -4.53 1.02 -5.21
N PRO A 95 -5.74 1.28 -4.78
CA PRO A 95 -6.73 0.20 -4.47
C PRO A 95 -6.93 -0.75 -5.67
N ALA A 96 -7.06 -2.04 -5.37
CA ALA A 96 -7.27 -3.04 -6.40
C ALA A 96 -8.56 -2.77 -7.15
N GLY A 97 -9.56 -2.28 -6.44
CA GLY A 97 -10.84 -1.98 -7.05
C GLY A 97 -10.71 -0.86 -8.07
N LEU A 98 -9.85 0.11 -7.79
CA LEU A 98 -9.68 1.24 -8.69
C LEU A 98 -9.55 0.78 -10.14
N LEU A 99 -8.51 0.03 -10.43
CA LEU A 99 -8.27 -0.46 -11.78
C LEU A 99 -9.35 -1.47 -12.18
N ALA A 100 -9.82 -2.25 -11.22
CA ALA A 100 -10.83 -3.26 -11.49
C ALA A 100 -12.04 -2.62 -12.16
N LEU A 101 -12.56 -1.56 -11.57
CA LEU A 101 -13.72 -0.87 -12.14
C LEU A 101 -13.37 -0.27 -13.50
N ILE A 102 -12.18 0.31 -13.59
CA ILE A 102 -11.76 0.92 -14.85
C ILE A 102 -11.66 -0.14 -15.94
N GLU A 103 -11.06 -1.29 -15.60
CA GLU A 103 -10.89 -2.35 -16.57
C GLU A 103 -12.25 -2.96 -16.95
N GLY A 104 -13.14 -3.06 -15.97
CA GLY A 104 -14.46 -3.63 -16.22
C GLY A 104 -15.23 -2.79 -17.23
N HIS A 105 -15.16 -1.47 -17.09
CA HIS A 105 -15.87 -0.58 -18.01
C HIS A 105 -15.34 -0.75 -19.43
N LEU A 106 -14.03 -0.73 -19.58
CA LEU A 106 -13.41 -0.88 -20.89
C LEU A 106 -13.75 -2.26 -21.47
N ALA A 107 -13.71 -3.28 -20.62
CA ALA A 107 -14.00 -4.63 -21.06
C ALA A 107 -15.40 -4.71 -21.66
N GLY A 108 -16.36 -4.09 -20.99
CA GLY A 108 -17.74 -4.09 -21.48
C GLY A 108 -17.83 -3.44 -22.86
N LEU A 109 -17.04 -2.40 -23.06
CA LEU A 109 -17.04 -1.69 -24.35
C LEU A 109 -16.42 -2.56 -25.43
N GLY A 110 -15.83 -3.68 -25.03
CA GLY A 110 -15.20 -4.60 -25.97
C GLY A 110 -13.80 -4.12 -26.35
N LEU A 111 -13.27 -3.20 -25.56
CA LEU A 111 -11.93 -2.65 -25.80
C LEU A 111 -10.92 -3.30 -24.86
N PHE A 112 -10.06 -4.13 -25.43
CA PHE A 112 -9.03 -4.83 -24.65
C PHE A 112 -7.67 -4.21 -24.91
N ARG A 113 -7.60 -3.27 -25.83
CA ARG A 113 -6.33 -2.63 -26.15
C ARG A 113 -5.78 -1.87 -24.95
N LEU A 114 -6.59 -0.98 -24.40
CA LEU A 114 -6.18 -0.20 -23.24
C LEU A 114 -5.91 -1.12 -22.06
N VAL A 115 -6.63 -2.23 -22.01
CA VAL A 115 -6.47 -3.20 -20.94
C VAL A 115 -5.05 -3.75 -20.93
N ARG A 116 -4.51 -4.01 -22.12
CA ARG A 116 -3.17 -4.58 -22.23
C ARG A 116 -2.15 -3.67 -21.55
N LEU A 117 -2.27 -2.38 -21.78
CA LEU A 117 -1.36 -1.42 -21.18
C LEU A 117 -1.47 -1.45 -19.67
N LEU A 118 -2.71 -1.53 -19.17
CA LEU A 118 -2.94 -1.58 -17.74
C LEU A 118 -2.30 -2.82 -17.15
N ARG A 119 -2.39 -3.93 -17.85
CA ARG A 119 -1.83 -5.17 -17.36
C ARG A 119 -0.34 -4.99 -17.05
N PHE A 120 0.38 -4.34 -17.95
CA PHE A 120 1.81 -4.11 -17.75
C PHE A 120 2.05 -3.23 -16.52
N LEU A 121 1.25 -2.17 -16.39
CA LEU A 121 1.40 -1.26 -15.27
C LEU A 121 1.18 -1.99 -13.95
N ARG A 122 0.20 -2.87 -13.92
CA ARG A 122 -0.08 -3.61 -12.70
C ARG A 122 1.14 -4.38 -12.25
N ILE A 123 1.76 -5.12 -13.17
CA ILE A 123 2.95 -5.89 -12.83
C ILE A 123 4.13 -4.97 -12.54
N LEU A 124 4.28 -3.94 -13.36
CA LEU A 124 5.38 -3.01 -13.19
C LEU A 124 5.36 -2.40 -11.80
N LEU A 125 4.18 -2.38 -11.19
CA LEU A 125 4.02 -1.80 -9.86
C LEU A 125 4.96 -2.49 -8.87
N ILE A 126 5.34 -3.72 -9.17
CA ILE A 126 6.22 -4.48 -8.30
C ILE A 126 7.48 -3.68 -8.00
N ILE A 127 7.93 -2.91 -8.98
CA ILE A 127 9.14 -2.11 -8.83
C ILE A 127 9.07 -1.28 -7.55
N SER A 128 7.91 -0.68 -7.31
CA SER A 128 7.73 0.14 -6.12
C SER A 128 7.63 -0.72 -4.87
N ARG A 129 6.85 -1.80 -4.96
CA ARG A 129 6.68 -2.70 -3.83
C ARG A 129 8.00 -3.34 -3.43
N GLY A 130 8.83 -3.62 -4.43
CA GLY A 130 10.12 -4.24 -4.18
C GLY A 130 10.99 -3.34 -3.32
N SER A 131 10.83 -2.03 -3.47
CA SER A 131 11.62 -1.07 -2.70
C SER A 131 11.39 -1.25 -1.20
N LYS A 132 10.13 -1.39 -0.83
CA LYS A 132 9.76 -1.58 0.57
C LYS A 132 10.33 -2.90 1.09
N PHE A 133 10.26 -3.93 0.27
CA PHE A 133 10.76 -5.25 0.65
C PHE A 133 12.25 -5.17 0.95
N LEU A 134 13.01 -4.59 0.03
CA LEU A 134 14.46 -4.48 0.21
C LEU A 134 14.78 -3.57 1.41
N SER A 135 14.04 -2.49 1.55
CA SER A 135 14.28 -1.57 2.66
C SER A 135 13.97 -2.23 3.99
N ALA A 136 12.85 -2.94 4.05
CA ALA A 136 12.44 -3.61 5.28
C ALA A 136 13.36 -4.77 5.62
N ILE A 137 13.66 -5.60 4.63
CA ILE A 137 14.52 -6.75 4.85
C ILE A 137 15.91 -6.29 5.28
N ALA A 138 16.30 -5.11 4.82
CA ALA A 138 17.62 -4.59 5.15
C ALA A 138 17.71 -4.30 6.63
N ASP A 139 16.79 -3.48 7.14
CA ASP A 139 16.79 -3.13 8.54
C ASP A 139 16.54 -4.36 9.42
N ALA A 140 15.61 -5.20 8.97
CA ALA A 140 15.28 -6.40 9.72
C ALA A 140 16.47 -7.36 9.74
N ALA A 141 17.09 -7.57 8.60
CA ALA A 141 18.23 -8.46 8.51
C ALA A 141 19.36 -7.97 9.43
N ASP A 142 19.50 -6.66 9.54
CA ASP A 142 20.55 -6.08 10.37
C ASP A 142 20.37 -6.48 11.82
N LYS A 143 19.17 -6.28 12.35
CA LYS A 143 18.89 -6.63 13.74
C LYS A 143 18.57 -8.11 13.87
N LEU A 144 17.88 -8.66 12.88
CA LEU A 144 17.51 -10.06 12.93
C LEU A 144 18.73 -10.96 12.84
N VAL A 145 19.55 -10.73 11.82
CA VAL A 145 20.74 -11.54 11.62
C VAL A 145 21.56 -10.98 10.44
N PRO A 146 22.55 -10.17 10.70
CA PRO A 146 23.41 -9.59 9.61
C PRO A 146 23.94 -10.67 8.66
N ARG A 147 24.10 -10.30 7.39
CA ARG A 147 24.60 -11.22 6.38
C ARG A 147 25.56 -10.51 5.43
N LEU A 1 2.08 25.22 30.48
CA LEU A 1 1.65 23.89 30.99
C LEU A 1 1.77 22.86 29.86
N ARG A 2 1.39 21.62 30.15
CA ARG A 2 1.46 20.56 29.16
C ARG A 2 0.58 20.88 27.96
N GLY A 3 -0.42 21.71 28.17
CA GLY A 3 -1.33 22.10 27.10
C GLY A 3 -0.58 22.81 25.99
N LEU A 4 0.53 23.44 26.33
CA LEU A 4 1.34 24.16 25.35
C LEU A 4 2.24 23.20 24.59
N SER A 5 2.28 23.35 23.27
CA SER A 5 3.11 22.51 22.43
C SER A 5 4.58 22.83 22.63
N ASP A 6 4.87 23.61 23.66
CA ASP A 6 6.25 24.00 23.96
C ASP A 6 7.11 22.76 24.09
N LEU A 7 6.57 21.72 24.71
CA LEU A 7 7.32 20.48 24.89
C LEU A 7 7.88 20.01 23.56
N GLY A 8 7.00 19.53 22.68
CA GLY A 8 7.40 19.05 21.36
C GLY A 8 8.71 18.27 21.43
N GLY A 9 8.91 17.55 22.54
CA GLY A 9 10.12 16.76 22.75
C GLY A 9 9.80 15.27 22.71
N ARG A 10 8.84 14.85 23.53
CA ARG A 10 8.46 13.44 23.58
C ARG A 10 7.78 13.01 22.30
N VAL A 11 7.28 13.98 21.55
CA VAL A 11 6.59 13.69 20.30
C VAL A 11 7.53 12.97 19.32
N ARG A 12 8.83 13.19 19.49
CA ARG A 12 9.81 12.56 18.63
C ARG A 12 9.77 11.03 18.80
N ASN A 13 9.54 10.60 20.03
CA ASN A 13 9.49 9.17 20.33
C ASN A 13 8.32 8.51 19.59
N ILE A 14 7.26 9.27 19.37
CA ILE A 14 6.09 8.75 18.69
C ILE A 14 6.50 8.09 17.37
N GLY A 15 7.61 8.57 16.79
CA GLY A 15 8.08 8.03 15.52
C GLY A 15 8.55 6.59 15.62
N ASP A 16 9.49 6.32 16.53
CA ASP A 16 10.03 4.98 16.69
C ASP A 16 9.17 4.16 17.66
N VAL A 17 8.16 4.80 18.25
CA VAL A 17 7.27 4.12 19.20
C VAL A 17 6.00 3.65 18.48
N MET A 18 5.38 4.55 17.73
CA MET A 18 4.15 4.21 17.00
C MET A 18 4.38 3.01 16.09
N GLU A 19 5.62 2.84 15.62
CA GLU A 19 5.97 1.73 14.73
C GLU A 19 6.69 0.63 15.49
N HIS A 20 6.61 0.70 16.81
CA HIS A 20 7.24 -0.30 17.67
C HIS A 20 6.99 -1.71 17.11
N PRO A 21 7.88 -2.65 17.35
CA PRO A 21 7.74 -4.03 16.84
C PRO A 21 6.28 -4.52 16.87
N LEU A 22 5.50 -4.01 17.82
CA LEU A 22 4.12 -4.43 17.93
C LEU A 22 3.35 -4.09 16.65
N VAL A 23 3.48 -2.85 16.20
CA VAL A 23 2.81 -2.39 14.98
C VAL A 23 3.57 -2.85 13.74
N GLU A 24 4.89 -2.70 13.78
CA GLU A 24 5.72 -3.08 12.64
C GLU A 24 5.33 -4.46 12.13
N LEU A 25 5.00 -5.36 13.05
CA LEU A 25 4.62 -6.71 12.65
C LEU A 25 3.36 -6.68 11.77
N GLY A 26 2.37 -5.90 12.17
CA GLY A 26 1.14 -5.81 11.40
C GLY A 26 1.38 -5.08 10.08
N VAL A 27 2.05 -3.94 10.14
CA VAL A 27 2.34 -3.17 8.95
C VAL A 27 3.26 -3.95 8.01
N SER A 28 4.29 -4.57 8.57
CA SER A 28 5.23 -5.34 7.78
C SER A 28 4.53 -6.50 7.09
N TYR A 29 3.61 -7.15 7.81
CA TYR A 29 2.89 -8.28 7.25
C TYR A 29 2.08 -7.84 6.04
N ALA A 30 1.34 -6.74 6.18
CA ALA A 30 0.53 -6.24 5.07
C ALA A 30 1.42 -5.81 3.91
N ALA A 31 2.54 -5.18 4.23
CA ALA A 31 3.46 -4.72 3.19
C ALA A 31 3.95 -5.89 2.34
N LEU A 32 4.42 -6.94 3.01
CA LEU A 32 4.93 -8.11 2.29
C LEU A 32 3.81 -8.74 1.49
N LEU A 33 2.65 -8.88 2.10
CA LEU A 33 1.51 -9.47 1.41
C LEU A 33 1.04 -8.57 0.28
N SER A 34 1.04 -7.27 0.52
CA SER A 34 0.57 -6.32 -0.50
C SER A 34 1.28 -6.54 -1.83
N VAL A 35 2.60 -6.42 -1.84
CA VAL A 35 3.37 -6.60 -3.08
C VAL A 35 3.24 -8.03 -3.61
N ILE A 36 3.31 -9.00 -2.71
CA ILE A 36 3.20 -10.41 -3.09
C ILE A 36 1.83 -10.70 -3.69
N VAL A 37 0.79 -10.12 -3.12
CA VAL A 37 -0.57 -10.32 -3.62
C VAL A 37 -0.66 -9.88 -5.08
N VAL A 38 -0.10 -8.72 -5.40
CA VAL A 38 -0.16 -8.23 -6.76
C VAL A 38 0.48 -9.24 -7.71
N VAL A 39 1.64 -9.75 -7.34
CA VAL A 39 2.33 -10.73 -8.18
C VAL A 39 1.55 -12.04 -8.24
N VAL A 40 1.07 -12.49 -7.08
CA VAL A 40 0.32 -13.74 -7.00
C VAL A 40 -0.80 -13.75 -8.05
N GLU A 41 -1.33 -12.58 -8.35
CA GLU A 41 -2.42 -12.48 -9.32
C GLU A 41 -2.03 -13.02 -10.69
N TYR A 42 -0.95 -12.49 -11.26
CA TYR A 42 -0.52 -12.89 -12.61
C TYR A 42 0.10 -14.29 -12.63
N THR A 43 1.14 -14.46 -11.82
CA THR A 43 1.85 -15.73 -11.77
C THR A 43 0.88 -16.89 -11.56
N MET A 44 -0.05 -16.70 -10.64
CA MET A 44 -1.06 -17.70 -10.34
C MET A 44 -2.45 -17.08 -10.32
N GLN A 45 -3.45 -17.89 -10.68
CA GLN A 45 -4.85 -17.42 -10.69
C GLN A 45 -5.62 -18.02 -9.53
N LEU A 46 -4.89 -18.65 -8.62
CA LEU A 46 -5.51 -19.27 -7.45
C LEU A 46 -6.83 -19.95 -7.82
N SER A 47 -7.64 -20.29 -6.81
CA SER A 47 -8.93 -20.92 -7.05
C SER A 47 -10.02 -19.87 -7.12
N GLY A 48 -11.18 -20.24 -7.67
CA GLY A 48 -12.29 -19.30 -7.79
C GLY A 48 -12.65 -18.66 -6.45
N GLU A 49 -12.81 -19.49 -5.43
CA GLU A 49 -13.16 -18.99 -4.10
C GLU A 49 -12.10 -18.02 -3.61
N TYR A 50 -10.84 -18.40 -3.75
CA TYR A 50 -9.74 -17.56 -3.33
C TYR A 50 -9.65 -16.33 -4.22
N LEU A 51 -10.06 -16.49 -5.47
CA LEU A 51 -9.97 -15.38 -6.42
C LEU A 51 -10.75 -14.18 -5.90
N VAL A 52 -12.00 -14.42 -5.53
CA VAL A 52 -12.84 -13.37 -5.01
C VAL A 52 -12.29 -12.89 -3.67
N ARG A 53 -11.86 -13.83 -2.85
CA ARG A 53 -11.31 -13.51 -1.55
C ARG A 53 -10.07 -12.63 -1.68
N LEU A 54 -9.26 -12.91 -2.71
CA LEU A 54 -8.04 -12.14 -2.91
C LEU A 54 -8.35 -10.67 -3.11
N TYR A 55 -9.36 -10.39 -3.94
CA TYR A 55 -9.76 -9.02 -4.16
C TYR A 55 -10.27 -8.39 -2.88
N LEU A 56 -10.97 -9.18 -2.08
CA LEU A 56 -11.52 -8.69 -0.83
C LEU A 56 -10.41 -8.32 0.14
N VAL A 57 -9.43 -9.20 0.27
CA VAL A 57 -8.33 -8.95 1.20
C VAL A 57 -7.60 -7.68 0.82
N ASP A 58 -7.28 -7.53 -0.45
CA ASP A 58 -6.57 -6.34 -0.91
C ASP A 58 -7.16 -5.08 -0.29
N LEU A 59 -8.46 -5.06 -0.09
CA LEU A 59 -9.10 -3.88 0.49
C LEU A 59 -8.59 -3.63 1.91
N ILE A 60 -8.48 -4.70 2.69
CA ILE A 60 -8.02 -4.58 4.07
C ILE A 60 -6.57 -4.10 4.13
N LEU A 61 -5.72 -4.67 3.30
CA LEU A 61 -4.31 -4.29 3.30
C LEU A 61 -4.16 -2.80 2.99
N VAL A 62 -4.97 -2.30 2.07
CA VAL A 62 -4.91 -0.89 1.71
C VAL A 62 -5.29 -0.01 2.91
N ILE A 63 -6.32 -0.42 3.65
CA ILE A 63 -6.77 0.36 4.79
C ILE A 63 -5.66 0.49 5.85
N ILE A 64 -4.96 -0.61 6.11
CA ILE A 64 -3.87 -0.58 7.08
C ILE A 64 -2.81 0.43 6.65
N LEU A 65 -2.47 0.40 5.38
CA LEU A 65 -1.47 1.32 4.85
C LEU A 65 -1.96 2.77 4.98
N TRP A 66 -3.24 2.99 4.73
CA TRP A 66 -3.80 4.33 4.80
C TRP A 66 -3.59 4.92 6.19
N ALA A 67 -3.75 4.10 7.22
CA ALA A 67 -3.57 4.57 8.59
C ALA A 67 -2.16 5.14 8.76
N ASP A 68 -1.16 4.36 8.38
CA ASP A 68 0.23 4.82 8.52
C ASP A 68 0.49 6.02 7.62
N TYR A 69 0.01 5.93 6.39
CA TYR A 69 0.19 7.02 5.43
C TYR A 69 -0.48 8.30 5.95
N ALA A 70 -1.70 8.15 6.43
CA ALA A 70 -2.46 9.30 6.93
C ALA A 70 -1.80 9.88 8.18
N TYR A 71 -1.34 9.02 9.08
CA TYR A 71 -0.72 9.48 10.31
C TYR A 71 0.50 10.33 9.99
N ARG A 72 1.32 9.85 9.06
CA ARG A 72 2.52 10.57 8.68
C ARG A 72 2.16 11.90 8.02
N ALA A 73 1.10 11.89 7.23
CA ALA A 73 0.66 13.09 6.55
C ALA A 73 0.45 14.25 7.54
N TYR A 74 -0.39 14.01 8.54
CA TYR A 74 -0.66 15.03 9.54
C TYR A 74 0.60 15.39 10.31
N LYS A 75 1.46 14.41 10.52
CA LYS A 75 2.70 14.64 11.24
C LYS A 75 3.52 15.73 10.56
N SER A 76 3.51 15.75 9.23
CA SER A 76 4.28 16.74 8.50
C SER A 76 3.68 18.12 8.67
N GLY A 77 2.43 18.17 9.14
CA GLY A 77 1.76 19.45 9.35
C GLY A 77 1.31 20.06 8.04
N ASP A 78 1.50 19.30 6.95
CA ASP A 78 1.12 19.75 5.63
C ASP A 78 0.70 18.55 4.77
N PRO A 79 -0.50 18.08 4.97
CA PRO A 79 -1.04 16.90 4.20
C PRO A 79 -0.92 17.08 2.69
N ALA A 80 -1.38 18.22 2.20
CA ALA A 80 -1.32 18.49 0.78
C ALA A 80 0.12 18.47 0.30
N GLY A 81 0.98 19.17 1.01
CA GLY A 81 2.39 19.22 0.64
C GLY A 81 3.04 17.85 0.76
N TYR A 82 2.71 17.14 1.84
CA TYR A 82 3.27 15.82 2.07
C TYR A 82 2.79 14.83 1.01
N VAL A 83 1.53 14.96 0.62
CA VAL A 83 0.96 14.07 -0.39
C VAL A 83 1.73 14.18 -1.70
N LYS A 84 2.02 15.41 -2.11
CA LYS A 84 2.75 15.64 -3.35
C LYS A 84 4.07 14.88 -3.35
N LYS A 85 4.53 14.49 -2.16
CA LYS A 85 5.79 13.78 -2.04
C LYS A 85 5.60 12.28 -2.29
N THR A 86 4.41 11.77 -1.97
CA THR A 86 4.12 10.34 -2.12
C THR A 86 3.28 10.08 -3.37
N LEU A 87 3.48 10.89 -4.39
CA LEU A 87 2.73 10.76 -5.63
C LEU A 87 3.02 9.40 -6.28
N TYR A 88 4.21 8.87 -6.05
CA TYR A 88 4.59 7.58 -6.61
C TYR A 88 4.11 6.43 -5.72
N GLU A 89 3.51 6.76 -4.57
CA GLU A 89 3.01 5.71 -3.66
C GLU A 89 1.49 5.63 -3.73
N ILE A 90 0.85 6.71 -4.19
CA ILE A 90 -0.61 6.73 -4.31
C ILE A 90 -1.07 5.58 -5.20
N PRO A 91 -0.35 5.25 -6.27
CA PRO A 91 -0.77 4.15 -7.18
C PRO A 91 -0.98 2.84 -6.44
N ALA A 92 -0.15 2.58 -5.43
CA ALA A 92 -0.27 1.35 -4.67
C ALA A 92 -1.55 1.37 -3.83
N LEU A 93 -1.89 2.53 -3.32
CA LEU A 93 -3.10 2.67 -2.51
C LEU A 93 -4.34 2.47 -3.38
N VAL A 94 -4.29 2.96 -4.63
CA VAL A 94 -5.43 2.84 -5.54
C VAL A 94 -6.17 1.50 -5.34
N PRO A 95 -7.36 1.52 -4.77
CA PRO A 95 -8.14 0.27 -4.55
C PRO A 95 -8.24 -0.60 -5.83
N ALA A 96 -7.69 -1.80 -5.75
CA ALA A 96 -7.73 -2.72 -6.88
C ALA A 96 -9.16 -3.04 -7.26
N GLY A 97 -10.02 -3.13 -6.26
CA GLY A 97 -11.42 -3.43 -6.50
C GLY A 97 -12.06 -2.36 -7.37
N LEU A 98 -11.65 -1.11 -7.17
CA LEU A 98 -12.20 -0.01 -7.95
C LEU A 98 -11.85 -0.18 -9.43
N LEU A 99 -10.57 -0.39 -9.70
CA LEU A 99 -10.11 -0.57 -11.07
C LEU A 99 -10.70 -1.84 -11.67
N ALA A 100 -10.78 -2.88 -10.86
CA ALA A 100 -11.31 -4.15 -11.33
C ALA A 100 -12.70 -3.96 -11.95
N LEU A 101 -13.56 -3.23 -11.25
CA LEU A 101 -14.90 -2.98 -11.75
C LEU A 101 -14.85 -2.19 -13.06
N ILE A 102 -14.01 -1.17 -13.09
CA ILE A 102 -13.86 -0.36 -14.30
C ILE A 102 -13.34 -1.19 -15.45
N GLU A 103 -12.34 -2.03 -15.16
CA GLU A 103 -11.76 -2.89 -16.19
C GLU A 103 -12.81 -3.85 -16.73
N GLY A 104 -13.69 -4.32 -15.86
CA GLY A 104 -14.74 -5.24 -16.27
C GLY A 104 -15.63 -4.59 -17.32
N HIS A 105 -15.98 -3.33 -17.10
CA HIS A 105 -16.84 -2.61 -18.04
C HIS A 105 -16.18 -2.55 -19.42
N LEU A 106 -14.89 -2.23 -19.44
CA LEU A 106 -14.16 -2.14 -20.70
C LEU A 106 -14.14 -3.50 -21.41
N ALA A 107 -13.92 -4.56 -20.65
CA ALA A 107 -13.89 -5.90 -21.22
C ALA A 107 -15.26 -6.26 -21.80
N GLY A 108 -16.31 -5.85 -21.10
CA GLY A 108 -17.67 -6.13 -21.55
C GLY A 108 -17.93 -5.50 -22.91
N LEU A 109 -17.33 -4.33 -23.14
CA LEU A 109 -17.50 -3.63 -24.40
C LEU A 109 -16.70 -4.31 -25.52
N GLY A 110 -15.81 -5.22 -25.14
CA GLY A 110 -14.98 -5.94 -26.10
C GLY A 110 -13.65 -5.24 -26.32
N LEU A 111 -13.41 -4.20 -25.52
CA LEU A 111 -12.16 -3.45 -25.64
C LEU A 111 -11.03 -4.18 -24.93
N PHE A 112 -9.85 -4.18 -25.56
CA PHE A 112 -8.68 -4.84 -24.99
C PHE A 112 -7.48 -3.89 -24.92
N ARG A 113 -7.61 -2.73 -25.56
CA ARG A 113 -6.53 -1.75 -25.56
C ARG A 113 -6.24 -1.27 -24.14
N LEU A 114 -7.28 -0.90 -23.42
CA LEU A 114 -7.12 -0.42 -22.07
C LEU A 114 -6.55 -1.52 -21.18
N VAL A 115 -7.00 -2.75 -21.42
CA VAL A 115 -6.53 -3.88 -20.63
C VAL A 115 -5.01 -4.07 -20.80
N ARG A 116 -4.54 -3.95 -22.03
CA ARG A 116 -3.11 -4.11 -22.31
C ARG A 116 -2.29 -3.07 -21.54
N LEU A 117 -2.76 -1.83 -21.54
CA LEU A 117 -2.08 -0.77 -20.81
C LEU A 117 -2.12 -1.08 -19.32
N LEU A 118 -3.23 -1.62 -18.85
CA LEU A 118 -3.36 -1.96 -17.44
C LEU A 118 -2.28 -2.94 -17.04
N ARG A 119 -2.04 -3.94 -17.89
CA ARG A 119 -1.01 -4.94 -17.60
C ARG A 119 0.36 -4.30 -17.51
N PHE A 120 0.65 -3.39 -18.42
CA PHE A 120 1.92 -2.69 -18.39
C PHE A 120 1.99 -1.73 -17.19
N LEU A 121 0.89 -1.03 -16.96
CA LEU A 121 0.84 -0.05 -15.87
C LEU A 121 1.06 -0.71 -14.52
N ARG A 122 0.39 -1.82 -14.27
CA ARG A 122 0.53 -2.50 -13.00
C ARG A 122 1.96 -3.02 -12.82
N ILE A 123 2.59 -3.43 -13.93
CA ILE A 123 3.98 -3.94 -13.86
C ILE A 123 4.91 -2.84 -13.31
N LEU A 124 4.74 -1.64 -13.80
CA LEU A 124 5.56 -0.53 -13.33
C LEU A 124 5.17 -0.19 -11.89
N LEU A 125 3.90 -0.37 -11.57
CA LEU A 125 3.40 -0.06 -10.25
C LEU A 125 4.08 -0.92 -9.17
N ILE A 126 4.17 -2.22 -9.41
CA ILE A 126 4.79 -3.12 -8.44
C ILE A 126 6.27 -2.78 -8.26
N ILE A 127 6.93 -2.43 -9.35
CA ILE A 127 8.34 -2.09 -9.27
C ILE A 127 8.55 -0.89 -8.34
N SER A 128 7.69 0.12 -8.48
CA SER A 128 7.78 1.31 -7.65
C SER A 128 7.62 0.94 -6.17
N ARG A 129 6.64 0.08 -5.88
CA ARG A 129 6.39 -0.34 -4.51
C ARG A 129 7.57 -1.17 -3.99
N GLY A 130 8.31 -1.75 -4.91
CA GLY A 130 9.45 -2.57 -4.54
C GLY A 130 10.42 -1.79 -3.64
N SER A 131 10.37 -0.47 -3.73
CA SER A 131 11.27 0.37 -2.93
C SER A 131 11.06 0.16 -1.43
N LYS A 132 9.80 0.16 -1.01
CA LYS A 132 9.50 -0.03 0.39
C LYS A 132 9.71 -1.48 0.79
N PHE A 133 9.55 -2.37 -0.17
CA PHE A 133 9.73 -3.80 0.09
C PHE A 133 11.14 -4.07 0.60
N LEU A 134 12.12 -3.93 -0.28
CA LEU A 134 13.51 -4.17 0.09
C LEU A 134 13.88 -3.36 1.31
N SER A 135 13.38 -2.14 1.40
CA SER A 135 13.69 -1.29 2.54
C SER A 135 13.24 -1.96 3.85
N ALA A 136 12.05 -2.57 3.80
CA ALA A 136 11.51 -3.25 4.99
C ALA A 136 12.43 -4.39 5.44
N ILE A 137 12.84 -5.23 4.50
CA ILE A 137 13.71 -6.35 4.83
C ILE A 137 15.06 -5.84 5.34
N ALA A 138 15.60 -4.84 4.66
CA ALA A 138 16.89 -4.29 5.05
C ALA A 138 16.87 -3.86 6.51
N ASP A 139 15.85 -3.09 6.87
CA ASP A 139 15.71 -2.62 8.25
C ASP A 139 15.48 -3.80 9.20
N ALA A 140 14.65 -4.74 8.75
CA ALA A 140 14.34 -5.90 9.57
C ALA A 140 15.60 -6.73 9.84
N ALA A 141 16.40 -6.94 8.79
CA ALA A 141 17.63 -7.72 8.93
C ALA A 141 18.55 -7.09 9.96
N ASP A 142 18.62 -5.77 9.95
CA ASP A 142 19.48 -5.07 10.90
C ASP A 142 19.06 -5.38 12.34
N LYS A 143 17.76 -5.30 12.59
CA LYS A 143 17.23 -5.56 13.92
C LYS A 143 17.15 -7.06 14.18
N LEU A 144 16.96 -7.83 13.11
CA LEU A 144 16.84 -9.28 13.25
C LEU A 144 18.11 -9.87 13.84
N VAL A 145 19.27 -9.45 13.29
CA VAL A 145 20.56 -9.95 13.78
C VAL A 145 21.49 -8.78 14.11
N PRO A 146 21.31 -8.19 15.26
CA PRO A 146 22.17 -7.04 15.70
C PRO A 146 23.66 -7.39 15.65
N ARG A 147 23.99 -8.61 16.03
CA ARG A 147 25.37 -9.07 16.02
C ARG A 147 25.97 -8.98 14.61
N LEU A 1 -15.25 14.97 27.68
CA LEU A 1 -14.85 15.39 29.07
C LEU A 1 -13.34 15.33 29.20
N ARG A 2 -12.66 15.42 28.07
CA ARG A 2 -11.20 15.37 28.06
C ARG A 2 -10.64 16.57 28.83
N GLY A 3 -11.32 17.70 28.73
CA GLY A 3 -10.87 18.91 29.42
C GLY A 3 -9.81 19.64 28.60
N LEU A 4 -8.69 18.96 28.35
CA LEU A 4 -7.60 19.55 27.58
C LEU A 4 -8.06 19.82 26.15
N SER A 5 -8.86 18.90 25.61
CA SER A 5 -9.37 19.04 24.26
C SER A 5 -8.22 19.30 23.28
N ASP A 6 -8.56 19.68 22.06
CA ASP A 6 -7.54 19.95 21.04
C ASP A 6 -6.64 18.74 20.87
N LEU A 7 -6.70 18.14 19.68
CA LEU A 7 -5.88 16.97 19.37
C LEU A 7 -4.40 17.32 19.50
N GLY A 8 -4.05 18.54 19.10
CA GLY A 8 -2.66 18.98 19.16
C GLY A 8 -2.02 18.55 20.48
N GLY A 9 -2.79 18.66 21.56
CA GLY A 9 -2.29 18.26 22.88
C GLY A 9 -2.09 16.76 22.95
N ARG A 10 -2.99 16.01 22.31
CA ARG A 10 -2.92 14.56 22.32
C ARG A 10 -1.66 14.08 21.61
N VAL A 11 -1.30 14.79 20.55
CA VAL A 11 -0.12 14.42 19.78
C VAL A 11 1.15 14.84 20.51
N ARG A 12 1.77 13.91 21.22
CA ARG A 12 2.98 14.20 21.95
C ARG A 12 3.77 12.92 22.21
N ASN A 13 3.06 11.80 22.31
CA ASN A 13 3.69 10.50 22.57
C ASN A 13 3.21 9.47 21.56
N ILE A 14 2.23 9.86 20.74
CA ILE A 14 1.69 8.94 19.75
C ILE A 14 2.82 8.42 18.87
N GLY A 15 3.77 9.27 18.54
CA GLY A 15 4.88 8.86 17.70
C GLY A 15 5.74 7.79 18.38
N ASP A 16 6.15 8.07 19.61
CA ASP A 16 6.99 7.12 20.35
C ASP A 16 6.15 5.96 20.89
N VAL A 17 4.85 6.18 21.02
CA VAL A 17 3.95 5.15 21.54
C VAL A 17 3.44 4.26 20.41
N MET A 18 2.96 4.88 19.33
CA MET A 18 2.43 4.14 18.19
C MET A 18 3.55 3.45 17.42
N GLU A 19 4.75 3.41 18.01
CA GLU A 19 5.90 2.78 17.37
C GLU A 19 6.38 1.61 18.22
N HIS A 20 5.57 1.21 19.19
CA HIS A 20 5.93 0.10 20.06
C HIS A 20 6.50 -1.08 19.25
N PRO A 21 7.58 -1.69 19.65
CA PRO A 21 8.18 -2.82 18.90
C PRO A 21 7.12 -3.79 18.36
N LEU A 22 6.06 -4.01 19.13
CA LEU A 22 4.99 -4.91 18.71
C LEU A 22 4.26 -4.36 17.49
N VAL A 23 3.99 -3.06 17.52
CA VAL A 23 3.28 -2.43 16.42
C VAL A 23 4.14 -2.41 15.16
N GLU A 24 5.45 -2.30 15.35
CA GLU A 24 6.37 -2.25 14.23
C GLU A 24 6.35 -3.56 13.46
N LEU A 25 6.38 -4.66 14.19
CA LEU A 25 6.36 -5.98 13.56
C LEU A 25 5.03 -6.22 12.86
N GLY A 26 3.94 -5.81 13.51
CA GLY A 26 2.62 -6.00 12.94
C GLY A 26 2.49 -5.29 11.61
N VAL A 27 2.95 -4.04 11.55
CA VAL A 27 2.87 -3.27 10.31
C VAL A 27 3.74 -3.92 9.23
N SER A 28 4.97 -4.29 9.59
CA SER A 28 5.87 -4.90 8.62
C SER A 28 5.31 -6.24 8.15
N TYR A 29 4.76 -7.01 9.08
CA TYR A 29 4.21 -8.31 8.74
C TYR A 29 3.04 -8.16 7.76
N ALA A 30 2.14 -7.23 8.06
CA ALA A 30 0.97 -7.00 7.21
C ALA A 30 1.40 -6.55 5.82
N ALA A 31 2.39 -5.68 5.76
CA ALA A 31 2.88 -5.19 4.48
C ALA A 31 3.48 -6.34 3.67
N LEU A 32 4.12 -7.25 4.36
CA LEU A 32 4.75 -8.38 3.69
C LEU A 32 3.73 -9.22 2.92
N LEU A 33 2.67 -9.59 3.60
CA LEU A 33 1.63 -10.38 2.97
C LEU A 33 0.99 -9.61 1.84
N SER A 34 0.80 -8.32 2.03
CA SER A 34 0.19 -7.49 1.00
C SER A 34 0.91 -7.67 -0.33
N VAL A 35 2.23 -7.65 -0.30
CA VAL A 35 3.01 -7.81 -1.53
C VAL A 35 2.75 -9.19 -2.14
N ILE A 36 2.79 -10.23 -1.31
CA ILE A 36 2.57 -11.58 -1.79
C ILE A 36 1.16 -11.73 -2.36
N VAL A 37 0.20 -11.07 -1.72
CA VAL A 37 -1.19 -11.14 -2.17
C VAL A 37 -1.28 -10.71 -3.62
N VAL A 38 -0.62 -9.61 -3.96
CA VAL A 38 -0.65 -9.11 -5.33
C VAL A 38 -0.03 -10.12 -6.28
N VAL A 39 1.06 -10.74 -5.86
CA VAL A 39 1.73 -11.72 -6.70
C VAL A 39 0.84 -12.94 -6.92
N VAL A 40 0.18 -13.39 -5.85
CA VAL A 40 -0.68 -14.58 -5.93
C VAL A 40 -1.80 -14.40 -6.95
N GLU A 41 -2.49 -13.28 -6.87
CA GLU A 41 -3.61 -13.01 -7.79
C GLU A 41 -3.09 -12.65 -9.18
N TYR A 42 -1.87 -12.15 -9.24
CA TYR A 42 -1.28 -11.77 -10.52
C TYR A 42 -0.70 -12.98 -11.25
N THR A 43 -0.49 -14.07 -10.52
CA THR A 43 0.08 -15.29 -11.10
C THR A 43 -0.93 -16.43 -11.08
N MET A 44 -1.64 -16.55 -9.97
CA MET A 44 -2.63 -17.62 -9.81
C MET A 44 -4.04 -17.06 -9.96
N GLN A 45 -4.86 -17.76 -10.73
CA GLN A 45 -6.24 -17.35 -10.97
C GLN A 45 -7.20 -18.24 -10.19
N LEU A 46 -7.11 -18.18 -8.87
CA LEU A 46 -7.98 -18.98 -8.02
C LEU A 46 -9.44 -18.78 -8.41
N SER A 47 -10.32 -19.54 -7.77
CA SER A 47 -11.74 -19.44 -8.06
C SER A 47 -12.32 -18.16 -7.49
N GLY A 48 -13.53 -17.82 -7.92
CA GLY A 48 -14.19 -16.61 -7.46
C GLY A 48 -14.27 -16.58 -5.94
N GLU A 49 -14.61 -17.72 -5.34
CA GLU A 49 -14.72 -17.80 -3.90
C GLU A 49 -13.49 -17.20 -3.21
N TYR A 50 -12.32 -17.78 -3.51
CA TYR A 50 -11.08 -17.30 -2.92
C TYR A 50 -10.79 -15.87 -3.39
N LEU A 51 -11.12 -15.59 -4.64
CA LEU A 51 -10.86 -14.26 -5.18
C LEU A 51 -11.59 -13.20 -4.37
N VAL A 52 -12.83 -13.47 -4.04
CA VAL A 52 -13.61 -12.52 -3.26
C VAL A 52 -12.96 -12.29 -1.90
N ARG A 53 -12.60 -13.37 -1.25
CA ARG A 53 -11.97 -13.27 0.06
C ARG A 53 -10.66 -12.49 -0.04
N LEU A 54 -9.90 -12.76 -1.09
CA LEU A 54 -8.63 -12.07 -1.28
C LEU A 54 -8.85 -10.57 -1.45
N TYR A 55 -9.84 -10.20 -2.23
CA TYR A 55 -10.14 -8.79 -2.46
C TYR A 55 -10.50 -8.11 -1.13
N LEU A 56 -11.34 -8.74 -0.35
CA LEU A 56 -11.76 -8.17 0.93
C LEU A 56 -10.56 -8.06 1.87
N VAL A 57 -9.78 -9.11 1.92
CA VAL A 57 -8.61 -9.12 2.78
C VAL A 57 -7.66 -8.00 2.37
N ASP A 58 -7.45 -7.86 1.07
CA ASP A 58 -6.57 -6.82 0.56
C ASP A 58 -7.08 -5.44 0.94
N LEU A 59 -8.39 -5.26 0.86
CA LEU A 59 -8.99 -3.97 1.20
C LEU A 59 -8.66 -3.59 2.65
N ILE A 60 -8.74 -4.55 3.55
CA ILE A 60 -8.46 -4.29 4.94
C ILE A 60 -7.01 -3.83 5.10
N LEU A 61 -6.12 -4.49 4.40
CA LEU A 61 -4.70 -4.16 4.47
C LEU A 61 -4.48 -2.72 3.98
N VAL A 62 -5.21 -2.33 2.95
CA VAL A 62 -5.08 -0.98 2.41
C VAL A 62 -5.39 0.05 3.51
N ILE A 63 -6.43 -0.24 4.30
CA ILE A 63 -6.81 0.65 5.38
C ILE A 63 -5.66 0.78 6.39
N ILE A 64 -4.98 -0.33 6.65
CA ILE A 64 -3.87 -0.31 7.60
C ILE A 64 -2.81 0.72 7.16
N LEU A 65 -2.48 0.70 5.88
CA LEU A 65 -1.50 1.65 5.37
C LEU A 65 -2.01 3.07 5.53
N TRP A 66 -3.31 3.26 5.30
CA TRP A 66 -3.90 4.58 5.41
C TRP A 66 -3.67 5.14 6.79
N ALA A 67 -3.74 4.29 7.80
CA ALA A 67 -3.53 4.72 9.17
C ALA A 67 -2.13 5.30 9.34
N ASP A 68 -1.12 4.54 8.93
CA ASP A 68 0.26 5.01 9.04
C ASP A 68 0.48 6.26 8.20
N TYR A 69 0.01 6.22 6.97
CA TYR A 69 0.14 7.36 6.07
C TYR A 69 -0.64 8.55 6.60
N ALA A 70 -1.87 8.30 7.04
CA ALA A 70 -2.73 9.37 7.54
C ALA A 70 -2.14 9.99 8.79
N TYR A 71 -1.63 9.16 9.68
CA TYR A 71 -1.04 9.64 10.91
C TYR A 71 0.05 10.67 10.63
N ARG A 72 0.95 10.32 9.73
CA ARG A 72 2.05 11.21 9.39
C ARG A 72 1.52 12.46 8.70
N ALA A 73 0.54 12.28 7.83
CA ALA A 73 -0.04 13.40 7.11
C ALA A 73 -0.59 14.44 8.07
N TYR A 74 -1.30 13.98 9.09
CA TYR A 74 -1.87 14.89 10.08
C TYR A 74 -0.78 15.65 10.81
N LYS A 75 0.28 14.94 11.18
CA LYS A 75 1.38 15.57 11.90
C LYS A 75 1.99 16.69 11.05
N SER A 76 1.99 16.49 9.74
CA SER A 76 2.55 17.49 8.84
C SER A 76 1.80 18.81 8.97
N GLY A 77 0.56 18.74 9.42
CA GLY A 77 -0.26 19.93 9.59
C GLY A 77 -0.77 20.43 8.25
N ASP A 78 -0.44 19.70 7.19
CA ASP A 78 -0.88 20.06 5.84
C ASP A 78 -1.09 18.80 5.00
N PRO A 79 -2.24 18.19 5.12
CA PRO A 79 -2.58 16.95 4.35
C PRO A 79 -2.35 17.12 2.85
N ALA A 80 -2.87 18.20 2.29
CA ALA A 80 -2.70 18.44 0.86
C ALA A 80 -1.23 18.54 0.50
N GLY A 81 -0.51 19.35 1.26
CA GLY A 81 0.92 19.54 1.04
C GLY A 81 1.68 18.23 1.23
N TYR A 82 1.26 17.46 2.23
CA TYR A 82 1.91 16.19 2.51
C TYR A 82 1.72 15.21 1.35
N VAL A 83 0.54 15.26 0.74
CA VAL A 83 0.26 14.37 -0.38
C VAL A 83 1.20 14.61 -1.54
N LYS A 84 1.43 15.88 -1.86
CA LYS A 84 2.33 16.20 -2.96
C LYS A 84 3.66 15.45 -2.81
N LYS A 85 3.93 15.01 -1.59
CA LYS A 85 5.18 14.29 -1.32
C LYS A 85 5.00 12.78 -1.50
N THR A 86 3.74 12.35 -1.59
CA THR A 86 3.42 10.93 -1.75
C THR A 86 2.72 10.68 -3.08
N LEU A 87 3.08 11.49 -4.07
CA LEU A 87 2.48 11.35 -5.40
C LEU A 87 2.83 10.00 -6.01
N TYR A 88 4.04 9.53 -5.74
CA TYR A 88 4.50 8.24 -6.26
C TYR A 88 4.17 7.10 -5.30
N GLU A 89 3.78 7.46 -4.07
CA GLU A 89 3.44 6.46 -3.05
C GLU A 89 1.93 6.37 -2.85
N ILE A 90 1.20 7.30 -3.45
CA ILE A 90 -0.25 7.30 -3.35
C ILE A 90 -0.85 6.16 -4.19
N PRO A 91 -0.32 5.92 -5.37
CA PRO A 91 -0.86 4.86 -6.28
C PRO A 91 -0.94 3.50 -5.61
N ALA A 92 0.03 3.20 -4.77
CA ALA A 92 0.07 1.92 -4.07
C ALA A 92 -1.25 1.68 -3.34
N LEU A 93 -1.97 2.76 -3.06
CA LEU A 93 -3.25 2.66 -2.36
C LEU A 93 -4.40 2.63 -3.34
N VAL A 94 -4.20 1.94 -4.46
CA VAL A 94 -5.25 1.83 -5.48
C VAL A 94 -5.86 0.43 -5.46
N PRO A 95 -7.05 0.26 -4.92
CA PRO A 95 -7.74 -1.06 -4.87
C PRO A 95 -7.81 -1.74 -6.24
N ALA A 96 -7.78 -3.06 -6.23
CA ALA A 96 -7.85 -3.84 -7.48
C ALA A 96 -9.17 -3.59 -8.19
N GLY A 97 -10.15 -3.08 -7.45
CA GLY A 97 -11.45 -2.81 -8.03
C GLY A 97 -11.35 -1.79 -9.16
N LEU A 98 -10.43 -0.84 -9.01
CA LEU A 98 -10.26 0.22 -10.02
C LEU A 98 -9.81 -0.36 -11.36
N LEU A 99 -8.62 -0.95 -11.38
CA LEU A 99 -8.09 -1.52 -12.61
C LEU A 99 -9.03 -2.57 -13.17
N ALA A 100 -9.70 -3.29 -12.26
CA ALA A 100 -10.62 -4.33 -12.68
C ALA A 100 -11.76 -3.74 -13.50
N LEU A 101 -12.38 -2.69 -12.99
CA LEU A 101 -13.48 -2.09 -13.69
C LEU A 101 -13.01 -1.45 -15.00
N ILE A 102 -11.85 -0.80 -14.95
CA ILE A 102 -11.31 -0.12 -16.12
C ILE A 102 -11.04 -1.11 -17.24
N GLU A 103 -10.44 -2.24 -16.90
CA GLU A 103 -10.13 -3.26 -17.89
C GLU A 103 -11.43 -3.88 -18.43
N GLY A 104 -12.42 -3.99 -17.55
CA GLY A 104 -13.68 -4.61 -17.93
C GLY A 104 -14.32 -3.87 -19.09
N HIS A 105 -14.34 -2.55 -19.00
CA HIS A 105 -14.92 -1.73 -20.06
C HIS A 105 -14.10 -1.84 -21.34
N LEU A 106 -12.79 -1.74 -21.20
CA LEU A 106 -11.90 -1.82 -22.35
C LEU A 106 -12.01 -3.18 -23.02
N ALA A 107 -12.05 -4.23 -22.21
CA ALA A 107 -12.17 -5.58 -22.73
C ALA A 107 -13.54 -5.79 -23.37
N GLY A 108 -14.56 -5.18 -22.77
CA GLY A 108 -15.92 -5.30 -23.29
C GLY A 108 -15.99 -4.81 -24.72
N LEU A 109 -15.26 -3.75 -25.03
CA LEU A 109 -15.27 -3.20 -26.38
C LEU A 109 -14.45 -4.09 -27.32
N GLY A 110 -13.78 -5.08 -26.75
CA GLY A 110 -12.98 -6.00 -27.56
C GLY A 110 -11.64 -5.38 -27.94
N LEU A 111 -11.13 -4.50 -27.08
CA LEU A 111 -9.85 -3.83 -27.34
C LEU A 111 -8.71 -4.55 -26.62
N PHE A 112 -8.17 -5.57 -27.28
CA PHE A 112 -7.07 -6.33 -26.72
C PHE A 112 -5.83 -5.48 -26.59
N ARG A 113 -5.66 -4.52 -27.50
CA ARG A 113 -4.50 -3.64 -27.47
C ARG A 113 -4.47 -2.84 -26.17
N LEU A 114 -5.63 -2.31 -25.79
CA LEU A 114 -5.74 -1.54 -24.56
C LEU A 114 -5.44 -2.43 -23.36
N VAL A 115 -5.87 -3.68 -23.44
CA VAL A 115 -5.64 -4.61 -22.35
C VAL A 115 -4.13 -4.76 -22.10
N ARG A 116 -3.36 -4.86 -23.17
CA ARG A 116 -1.92 -5.01 -23.06
C ARG A 116 -1.32 -3.81 -22.33
N LEU A 117 -1.74 -2.61 -22.72
CA LEU A 117 -1.26 -1.40 -22.07
C LEU A 117 -1.68 -1.38 -20.60
N LEU A 118 -2.89 -1.80 -20.35
CA LEU A 118 -3.37 -1.84 -18.98
C LEU A 118 -2.52 -2.78 -18.14
N ARG A 119 -2.19 -3.93 -18.71
CA ARG A 119 -1.37 -4.90 -18.00
C ARG A 119 0.00 -4.32 -17.70
N PHE A 120 0.57 -3.63 -18.68
CA PHE A 120 1.88 -3.01 -18.51
C PHE A 120 1.85 -2.02 -17.34
N LEU A 121 0.80 -1.22 -17.30
CA LEU A 121 0.66 -0.24 -16.23
C LEU A 121 0.55 -0.97 -14.90
N ARG A 122 -0.14 -2.10 -14.91
CA ARG A 122 -0.32 -2.86 -13.69
C ARG A 122 1.04 -3.26 -13.10
N ILE A 123 1.97 -3.65 -13.97
CA ILE A 123 3.29 -4.07 -13.52
C ILE A 123 3.97 -2.92 -12.78
N LEU A 124 3.85 -1.73 -13.32
CA LEU A 124 4.45 -0.57 -12.67
C LEU A 124 3.85 -0.36 -11.29
N LEU A 125 2.56 -0.64 -11.17
CA LEU A 125 1.89 -0.46 -9.90
C LEU A 125 2.50 -1.37 -8.83
N ILE A 126 2.77 -2.61 -9.21
CA ILE A 126 3.37 -3.56 -8.30
C ILE A 126 4.73 -3.07 -7.82
N ILE A 127 5.47 -2.47 -8.74
CA ILE A 127 6.80 -1.96 -8.40
C ILE A 127 6.68 -0.90 -7.29
N SER A 128 5.69 -0.03 -7.42
CA SER A 128 5.50 1.01 -6.41
C SER A 128 5.35 0.39 -5.02
N ARG A 129 4.51 -0.64 -4.94
CA ARG A 129 4.31 -1.32 -3.66
C ARG A 129 5.56 -2.11 -3.26
N GLY A 130 6.19 -2.73 -4.24
CA GLY A 130 7.38 -3.53 -3.99
C GLY A 130 8.47 -2.69 -3.34
N SER A 131 8.45 -1.39 -3.61
CA SER A 131 9.44 -0.49 -3.04
C SER A 131 9.41 -0.56 -1.52
N LYS A 132 8.22 -0.70 -0.96
CA LYS A 132 8.07 -0.80 0.48
C LYS A 132 8.78 -2.03 1.02
N PHE A 133 8.53 -3.16 0.38
CA PHE A 133 9.14 -4.41 0.79
C PHE A 133 10.66 -4.28 0.70
N LEU A 134 11.13 -3.74 -0.41
CA LEU A 134 12.57 -3.61 -0.62
C LEU A 134 13.18 -2.72 0.46
N SER A 135 12.47 -1.65 0.81
CA SER A 135 12.96 -0.74 1.82
C SER A 135 13.23 -1.49 3.14
N ALA A 136 12.31 -2.36 3.51
CA ALA A 136 12.46 -3.13 4.74
C ALA A 136 13.60 -4.14 4.63
N ILE A 137 13.59 -4.93 3.56
CA ILE A 137 14.63 -5.93 3.35
C ILE A 137 15.98 -5.24 3.21
N ALA A 138 16.00 -4.08 2.59
CA ALA A 138 17.25 -3.36 2.39
C ALA A 138 18.04 -3.30 3.69
N ASP A 139 17.33 -3.35 4.82
CA ASP A 139 17.98 -3.33 6.11
C ASP A 139 18.69 -4.64 6.39
N ALA A 140 17.95 -5.74 6.32
CA ALA A 140 18.51 -7.07 6.55
C ALA A 140 19.50 -7.44 5.45
N ALA A 141 19.34 -6.81 4.29
CA ALA A 141 20.22 -7.08 3.17
C ALA A 141 21.66 -6.77 3.52
N ASP A 142 21.85 -5.81 4.42
CA ASP A 142 23.19 -5.44 4.83
C ASP A 142 23.83 -6.55 5.66
N LYS A 143 23.04 -7.11 6.57
CA LYS A 143 23.54 -8.19 7.43
C LYS A 143 23.59 -9.50 6.68
N LEU A 144 22.58 -9.76 5.86
CA LEU A 144 22.51 -11.00 5.10
C LEU A 144 23.25 -10.88 3.77
N VAL A 145 23.04 -9.74 3.10
CA VAL A 145 23.66 -9.48 1.80
C VAL A 145 23.84 -10.76 1.00
N PRO A 146 22.76 -11.36 0.57
CA PRO A 146 22.81 -12.62 -0.21
C PRO A 146 23.31 -12.39 -1.63
N ARG A 147 23.02 -11.21 -2.17
CA ARG A 147 23.43 -10.88 -3.52
C ARG A 147 24.94 -10.64 -3.59
N LEU A 1 11.84 24.36 -9.05
CA LEU A 1 11.79 25.69 -8.40
C LEU A 1 10.51 25.81 -7.57
N ARG A 2 10.53 25.21 -6.39
CA ARG A 2 9.37 25.26 -5.51
C ARG A 2 9.70 24.62 -4.18
N GLY A 3 8.65 24.22 -3.45
CA GLY A 3 8.82 23.58 -2.15
C GLY A 3 8.94 24.62 -1.05
N LEU A 4 7.80 25.14 -0.61
CA LEU A 4 7.77 26.15 0.43
C LEU A 4 7.79 25.49 1.81
N SER A 5 8.98 25.10 2.25
CA SER A 5 9.14 24.45 3.54
C SER A 5 8.13 23.31 3.69
N ASP A 6 8.22 22.60 4.80
CA ASP A 6 7.32 21.47 5.05
C ASP A 6 7.00 21.35 6.54
N LEU A 7 7.26 22.43 7.26
CA LEU A 7 7.02 22.45 8.70
C LEU A 7 7.67 21.24 9.36
N GLY A 8 8.99 21.31 9.53
CA GLY A 8 9.73 20.22 10.16
C GLY A 8 9.99 20.52 11.63
N GLY A 9 9.54 19.61 12.51
CA GLY A 9 9.73 19.79 13.94
C GLY A 9 8.68 19.00 14.72
N ARG A 10 7.45 19.47 14.70
CA ARG A 10 6.37 18.79 15.42
C ARG A 10 6.18 17.38 14.88
N VAL A 11 6.16 17.25 13.57
CA VAL A 11 5.99 15.95 12.95
C VAL A 11 7.25 15.10 13.15
N ARG A 12 8.39 15.76 13.34
CA ARG A 12 9.64 15.04 13.53
C ARG A 12 9.59 14.20 14.80
N ASN A 13 9.16 14.81 15.90
CA ASN A 13 9.06 14.09 17.18
C ASN A 13 8.01 13.01 17.10
N ILE A 14 6.82 13.38 16.62
CA ILE A 14 5.73 12.42 16.50
C ILE A 14 6.06 11.38 15.44
N GLY A 15 6.58 11.84 14.31
CA GLY A 15 6.91 10.93 13.23
C GLY A 15 7.91 9.87 13.69
N ASP A 16 8.98 10.31 14.32
CA ASP A 16 10.00 9.40 14.81
C ASP A 16 9.44 8.49 15.91
N VAL A 17 8.78 9.11 16.87
CA VAL A 17 8.19 8.36 17.98
C VAL A 17 7.10 7.40 17.47
N MET A 18 6.23 7.92 16.62
CA MET A 18 5.14 7.12 16.09
C MET A 18 5.69 5.93 15.31
N GLU A 19 6.76 6.15 14.56
CA GLU A 19 7.36 5.09 13.77
C GLU A 19 8.09 4.12 14.68
N HIS A 20 7.63 4.01 15.91
CA HIS A 20 8.27 3.13 16.86
C HIS A 20 8.59 1.77 16.21
N PRO A 21 9.73 1.20 16.48
CA PRO A 21 10.11 -0.13 15.90
C PRO A 21 8.98 -1.14 15.93
N LEU A 22 8.15 -1.09 16.96
CA LEU A 22 7.04 -2.03 17.10
C LEU A 22 6.04 -1.86 15.97
N VAL A 23 5.71 -0.62 15.67
CA VAL A 23 4.75 -0.34 14.61
C VAL A 23 5.34 -0.69 13.25
N GLU A 24 6.65 -0.47 13.11
CA GLU A 24 7.31 -0.72 11.85
C GLU A 24 7.26 -2.20 11.52
N LEU A 25 7.48 -3.03 12.53
CA LEU A 25 7.46 -4.47 12.33
C LEU A 25 6.07 -4.91 11.90
N GLY A 26 5.05 -4.36 12.55
CA GLY A 26 3.67 -4.72 12.22
C GLY A 26 3.34 -4.32 10.78
N VAL A 27 3.69 -3.08 10.43
CA VAL A 27 3.43 -2.58 9.09
C VAL A 27 4.23 -3.37 8.06
N SER A 28 5.49 -3.64 8.39
CA SER A 28 6.36 -4.37 7.48
C SER A 28 5.78 -5.74 7.16
N TYR A 29 5.26 -6.41 8.18
CA TYR A 29 4.67 -7.72 7.99
C TYR A 29 3.47 -7.63 7.05
N ALA A 30 2.65 -6.62 7.25
CA ALA A 30 1.46 -6.44 6.43
C ALA A 30 1.85 -6.31 4.96
N ALA A 31 2.80 -5.43 4.69
CA ALA A 31 3.25 -5.21 3.32
C ALA A 31 3.89 -6.48 2.76
N LEU A 32 4.57 -7.22 3.62
CA LEU A 32 5.25 -8.42 3.17
C LEU A 32 4.27 -9.39 2.50
N LEU A 33 3.25 -9.80 3.25
CA LEU A 33 2.26 -10.72 2.72
C LEU A 33 1.49 -10.09 1.59
N SER A 34 1.38 -8.77 1.60
CA SER A 34 0.67 -8.06 0.55
C SER A 34 1.29 -8.32 -0.81
N VAL A 35 2.62 -8.39 -0.86
CA VAL A 35 3.33 -8.61 -2.12
C VAL A 35 2.95 -9.96 -2.72
N ILE A 36 2.94 -10.98 -1.87
CA ILE A 36 2.60 -12.34 -2.32
C ILE A 36 1.17 -12.39 -2.82
N VAL A 37 0.29 -11.66 -2.15
CA VAL A 37 -1.12 -11.66 -2.53
C VAL A 37 -1.29 -11.20 -3.99
N VAL A 38 -0.62 -10.12 -4.34
CA VAL A 38 -0.72 -9.59 -5.71
C VAL A 38 -0.18 -10.60 -6.71
N VAL A 39 0.96 -11.20 -6.37
CA VAL A 39 1.58 -12.18 -7.26
C VAL A 39 0.65 -13.36 -7.50
N VAL A 40 0.01 -13.83 -6.44
CA VAL A 40 -0.91 -14.96 -6.56
C VAL A 40 -2.01 -14.65 -7.57
N GLU A 41 -2.56 -13.45 -7.49
CA GLU A 41 -3.63 -13.06 -8.40
C GLU A 41 -3.11 -12.93 -9.82
N TYR A 42 -1.94 -12.32 -9.98
CA TYR A 42 -1.34 -12.16 -11.28
C TYR A 42 -1.05 -13.51 -11.93
N THR A 43 -0.47 -14.41 -11.15
CA THR A 43 -0.13 -15.73 -11.66
C THR A 43 -1.35 -16.63 -11.68
N MET A 44 -1.81 -17.03 -10.49
CA MET A 44 -2.98 -17.90 -10.37
C MET A 44 -4.25 -17.07 -10.20
N GLN A 45 -5.38 -17.66 -10.59
CA GLN A 45 -6.68 -16.97 -10.47
C GLN A 45 -7.58 -17.69 -9.50
N LEU A 46 -7.03 -18.70 -8.85
CA LEU A 46 -7.79 -19.49 -7.87
C LEU A 46 -9.21 -19.72 -8.38
N SER A 47 -10.18 -19.72 -7.46
CA SER A 47 -11.58 -19.93 -7.81
C SER A 47 -12.42 -18.74 -7.37
N GLY A 48 -13.58 -18.59 -7.98
CA GLY A 48 -14.46 -17.47 -7.65
C GLY A 48 -14.58 -17.29 -6.14
N GLU A 49 -14.79 -18.40 -5.43
CA GLU A 49 -14.91 -18.33 -3.98
C GLU A 49 -13.60 -17.86 -3.34
N TYR A 50 -12.52 -18.56 -3.65
CA TYR A 50 -11.21 -18.21 -3.11
C TYR A 50 -10.79 -16.83 -3.60
N LEU A 51 -11.22 -16.49 -4.80
CA LEU A 51 -10.85 -15.21 -5.40
C LEU A 51 -11.40 -14.07 -4.55
N VAL A 52 -12.65 -14.20 -4.12
CA VAL A 52 -13.27 -13.17 -3.31
C VAL A 52 -12.55 -13.05 -1.97
N ARG A 53 -12.25 -14.20 -1.37
CA ARG A 53 -11.57 -14.21 -0.08
C ARG A 53 -10.21 -13.53 -0.19
N LEU A 54 -9.50 -13.84 -1.26
CA LEU A 54 -8.18 -13.25 -1.47
C LEU A 54 -8.28 -11.73 -1.58
N TYR A 55 -9.29 -11.27 -2.28
CA TYR A 55 -9.49 -9.83 -2.45
C TYR A 55 -9.71 -9.17 -1.09
N LEU A 56 -10.48 -9.83 -0.25
CA LEU A 56 -10.78 -9.29 1.05
C LEU A 56 -9.50 -9.13 1.86
N VAL A 57 -8.60 -10.09 1.70
CA VAL A 57 -7.33 -10.04 2.41
C VAL A 57 -6.54 -8.80 1.99
N ASP A 58 -6.48 -8.54 0.70
CA ASP A 58 -5.75 -7.39 0.20
C ASP A 58 -6.28 -6.11 0.81
N LEU A 59 -7.60 -6.00 0.87
CA LEU A 59 -8.22 -4.81 1.45
C LEU A 59 -7.84 -4.65 2.91
N ILE A 60 -7.81 -5.76 3.62
CA ILE A 60 -7.46 -5.72 5.04
C ILE A 60 -6.05 -5.16 5.22
N LEU A 61 -5.18 -5.42 4.24
CA LEU A 61 -3.80 -4.93 4.32
C LEU A 61 -3.75 -3.44 3.98
N VAL A 62 -4.61 -3.02 3.07
CA VAL A 62 -4.65 -1.62 2.65
C VAL A 62 -5.06 -0.71 3.81
N ILE A 63 -6.11 -1.10 4.52
CA ILE A 63 -6.59 -0.31 5.64
C ILE A 63 -5.49 -0.10 6.67
N ILE A 64 -4.67 -1.12 6.87
CA ILE A 64 -3.58 -1.02 7.83
C ILE A 64 -2.61 0.07 7.40
N LEU A 65 -2.24 0.07 6.13
CA LEU A 65 -1.33 1.08 5.61
C LEU A 65 -1.96 2.45 5.65
N TRP A 66 -3.26 2.49 5.36
CA TRP A 66 -3.98 3.75 5.34
C TRP A 66 -3.91 4.44 6.69
N ALA A 67 -3.90 3.64 7.75
CA ALA A 67 -3.84 4.19 9.10
C ALA A 67 -2.73 5.23 9.22
N ASP A 68 -1.51 4.82 8.87
CA ASP A 68 -0.37 5.73 8.94
C ASP A 68 -0.49 6.86 7.92
N TYR A 69 -1.04 6.53 6.75
CA TYR A 69 -1.20 7.51 5.69
C TYR A 69 -2.10 8.65 6.13
N ALA A 70 -3.25 8.31 6.68
CA ALA A 70 -4.21 9.31 7.14
C ALA A 70 -3.69 10.05 8.37
N TYR A 71 -2.96 9.33 9.23
CA TYR A 71 -2.44 9.92 10.45
C TYR A 71 -1.53 11.12 10.15
N ARG A 72 -0.54 10.88 9.30
CA ARG A 72 0.39 11.94 8.94
C ARG A 72 -0.32 13.02 8.13
N ALA A 73 -1.28 12.62 7.33
CA ALA A 73 -2.00 13.57 6.49
C ALA A 73 -2.54 14.73 7.33
N TYR A 74 -3.28 14.42 8.38
CA TYR A 74 -3.84 15.46 9.24
C TYR A 74 -2.73 16.23 9.95
N LYS A 75 -1.73 15.52 10.40
CA LYS A 75 -0.62 16.16 11.11
C LYS A 75 0.09 17.17 10.21
N SER A 76 0.08 16.92 8.90
CA SER A 76 0.73 17.82 7.97
C SER A 76 0.05 19.19 7.98
N GLY A 77 -1.17 19.23 8.49
CA GLY A 77 -1.91 20.48 8.56
C GLY A 77 -2.43 20.88 7.18
N ASP A 78 -2.13 20.07 6.18
CA ASP A 78 -2.57 20.33 4.82
C ASP A 78 -2.65 19.01 4.05
N PRO A 79 -3.78 18.35 4.07
CA PRO A 79 -3.94 17.05 3.38
C PRO A 79 -3.43 17.06 1.94
N ALA A 80 -3.88 18.02 1.17
CA ALA A 80 -3.47 18.13 -0.21
C ALA A 80 -2.04 18.64 -0.31
N GLY A 81 -1.53 19.19 0.79
CA GLY A 81 -0.18 19.71 0.81
C GLY A 81 0.88 18.60 0.89
N TYR A 82 0.65 17.63 1.77
CA TYR A 82 1.61 16.54 1.94
C TYR A 82 1.48 15.52 0.80
N VAL A 83 0.31 15.46 0.20
CA VAL A 83 0.09 14.51 -0.89
C VAL A 83 1.06 14.75 -2.03
N LYS A 84 1.22 16.00 -2.40
CA LYS A 84 2.12 16.35 -3.49
C LYS A 84 3.45 15.63 -3.33
N LYS A 85 3.75 15.22 -2.11
CA LYS A 85 5.00 14.51 -1.82
C LYS A 85 4.80 13.01 -1.87
N THR A 86 3.60 12.55 -1.53
CA THR A 86 3.31 11.12 -1.51
C THR A 86 2.56 10.69 -2.77
N LEU A 87 2.80 11.41 -3.85
CA LEU A 87 2.15 11.11 -5.11
C LEU A 87 2.51 9.71 -5.58
N TYR A 88 3.77 9.33 -5.40
CA TYR A 88 4.22 8.01 -5.81
C TYR A 88 3.75 6.95 -4.81
N GLU A 89 3.09 7.39 -3.73
CA GLU A 89 2.61 6.46 -2.70
C GLU A 89 1.16 6.07 -2.99
N ILE A 90 0.42 6.99 -3.59
CA ILE A 90 -0.97 6.70 -3.94
C ILE A 90 -1.06 5.39 -4.72
N PRO A 91 -0.30 5.24 -5.78
CA PRO A 91 -0.33 4.02 -6.63
C PRO A 91 -0.08 2.76 -5.82
N ALA A 92 0.64 2.91 -4.71
CA ALA A 92 0.94 1.76 -3.86
C ALA A 92 -0.25 1.41 -2.98
N LEU A 93 -1.23 2.31 -2.92
CA LEU A 93 -2.43 2.07 -2.10
C LEU A 93 -3.64 1.88 -2.99
N VAL A 94 -3.50 2.27 -4.26
CA VAL A 94 -4.60 2.14 -5.20
C VAL A 94 -5.32 0.79 -5.03
N PRO A 95 -6.51 0.77 -4.47
CA PRO A 95 -7.29 -0.48 -4.30
C PRO A 95 -7.47 -1.24 -5.62
N ALA A 96 -7.47 -2.56 -5.55
CA ALA A 96 -7.65 -3.39 -6.75
C ALA A 96 -9.00 -3.13 -7.39
N GLY A 97 -9.98 -2.76 -6.57
CA GLY A 97 -11.31 -2.48 -7.09
C GLY A 97 -11.31 -1.30 -8.06
N LEU A 98 -10.41 -0.35 -7.82
CA LEU A 98 -10.34 0.82 -8.68
C LEU A 98 -10.04 0.41 -10.12
N LEU A 99 -8.98 -0.37 -10.30
CA LEU A 99 -8.60 -0.82 -11.63
C LEU A 99 -9.63 -1.79 -12.18
N ALA A 100 -10.15 -2.63 -11.33
CA ALA A 100 -11.14 -3.60 -11.74
C ALA A 100 -12.30 -2.91 -12.45
N LEU A 101 -12.85 -1.88 -11.81
CA LEU A 101 -13.97 -1.16 -12.39
C LEU A 101 -13.57 -0.46 -13.68
N ILE A 102 -12.43 0.21 -13.65
CA ILE A 102 -11.94 0.93 -14.81
C ILE A 102 -11.59 -0.04 -15.93
N GLU A 103 -10.93 -1.13 -15.55
CA GLU A 103 -10.52 -2.14 -16.52
C GLU A 103 -11.74 -2.77 -17.19
N GLY A 104 -12.78 -3.01 -16.40
CA GLY A 104 -14.00 -3.61 -16.92
C GLY A 104 -14.62 -2.71 -17.98
N HIS A 105 -14.68 -1.42 -17.70
CA HIS A 105 -15.25 -0.46 -18.64
C HIS A 105 -14.30 -0.28 -19.83
N LEU A 106 -13.01 -0.39 -19.56
CA LEU A 106 -12.02 -0.19 -20.61
C LEU A 106 -12.25 -1.17 -21.75
N ALA A 107 -12.43 -2.43 -21.40
CA ALA A 107 -12.66 -3.45 -22.42
C ALA A 107 -14.01 -3.25 -23.10
N GLY A 108 -14.94 -2.61 -22.39
CA GLY A 108 -16.26 -2.37 -22.94
C GLY A 108 -16.18 -1.61 -24.25
N LEU A 109 -15.02 -1.01 -24.51
CA LEU A 109 -14.83 -0.24 -25.74
C LEU A 109 -14.68 -1.18 -26.94
N GLY A 110 -14.44 -2.45 -26.67
CA GLY A 110 -14.29 -3.43 -27.75
C GLY A 110 -12.89 -3.37 -28.36
N LEU A 111 -11.87 -3.47 -27.51
CA LEU A 111 -10.49 -3.37 -27.96
C LEU A 111 -9.57 -4.08 -26.97
N PHE A 112 -8.27 -4.02 -27.24
CA PHE A 112 -7.29 -4.65 -26.35
C PHE A 112 -6.01 -3.80 -26.26
N ARG A 113 -5.93 -2.78 -27.09
CA ARG A 113 -4.75 -1.93 -27.09
C ARG A 113 -4.52 -1.29 -25.72
N LEU A 114 -5.52 -0.57 -25.24
CA LEU A 114 -5.41 0.07 -23.94
C LEU A 114 -5.25 -0.97 -22.85
N VAL A 115 -5.93 -2.11 -23.02
CA VAL A 115 -5.85 -3.17 -22.04
C VAL A 115 -4.40 -3.63 -21.86
N ARG A 116 -3.68 -3.74 -22.97
CA ARG A 116 -2.29 -4.18 -22.91
C ARG A 116 -1.48 -3.23 -22.03
N LEU A 117 -1.76 -1.94 -22.17
CA LEU A 117 -1.06 -0.94 -21.36
C LEU A 117 -1.39 -1.18 -19.88
N LEU A 118 -2.63 -1.51 -19.60
CA LEU A 118 -3.06 -1.76 -18.23
C LEU A 118 -2.29 -2.94 -17.66
N ARG A 119 -2.09 -3.94 -18.48
CA ARG A 119 -1.37 -5.10 -18.02
C ARG A 119 0.05 -4.71 -17.61
N PHE A 120 0.68 -3.88 -18.42
CA PHE A 120 2.05 -3.43 -18.14
C PHE A 120 2.07 -2.67 -16.82
N LEU A 121 1.03 -1.90 -16.58
CA LEU A 121 0.93 -1.12 -15.37
C LEU A 121 0.92 -2.03 -14.16
N ARG A 122 0.26 -3.18 -14.30
CA ARG A 122 0.19 -4.14 -13.21
C ARG A 122 1.58 -4.61 -12.80
N ILE A 123 2.39 -4.93 -13.79
CA ILE A 123 3.75 -5.40 -13.52
C ILE A 123 4.54 -4.29 -12.84
N LEU A 124 4.37 -3.07 -13.32
CA LEU A 124 5.08 -1.95 -12.76
C LEU A 124 4.56 -1.63 -11.37
N LEU A 125 3.29 -1.94 -11.14
CA LEU A 125 2.67 -1.66 -9.85
C LEU A 125 3.39 -2.41 -8.73
N ILE A 126 3.64 -3.69 -8.96
CA ILE A 126 4.32 -4.51 -7.97
C ILE A 126 5.78 -4.11 -7.86
N ILE A 127 6.40 -3.84 -9.01
CA ILE A 127 7.81 -3.46 -9.01
C ILE A 127 8.05 -2.24 -8.13
N SER A 128 7.03 -1.39 -8.03
CA SER A 128 7.15 -0.19 -7.21
C SER A 128 6.99 -0.54 -5.73
N ARG A 129 5.90 -1.22 -5.41
CA ARG A 129 5.64 -1.60 -4.03
C ARG A 129 6.72 -2.56 -3.52
N GLY A 130 7.15 -3.47 -4.37
CA GLY A 130 8.18 -4.43 -4.02
C GLY A 130 9.39 -3.74 -3.40
N SER A 131 9.55 -2.46 -3.72
CA SER A 131 10.68 -1.70 -3.20
C SER A 131 10.70 -1.76 -1.67
N LYS A 132 9.53 -1.71 -1.07
CA LYS A 132 9.42 -1.78 0.39
C LYS A 132 9.94 -3.10 0.91
N PHE A 133 9.60 -4.18 0.21
CA PHE A 133 10.05 -5.51 0.61
C PHE A 133 11.57 -5.57 0.66
N LEU A 134 12.20 -5.08 -0.40
CA LEU A 134 13.66 -5.09 -0.47
C LEU A 134 14.25 -4.19 0.61
N SER A 135 13.66 -3.01 0.78
CA SER A 135 14.15 -2.07 1.79
C SER A 135 14.05 -2.66 3.19
N ALA A 136 12.87 -3.19 3.51
CA ALA A 136 12.65 -3.78 4.83
C ALA A 136 13.56 -4.98 5.04
N ILE A 137 13.60 -5.87 4.06
CA ILE A 137 14.43 -7.07 4.15
C ILE A 137 15.90 -6.70 4.19
N ALA A 138 16.29 -5.75 3.36
CA ALA A 138 17.68 -5.32 3.32
C ALA A 138 18.16 -4.92 4.71
N ASP A 139 17.41 -4.05 5.36
CA ASP A 139 17.77 -3.59 6.70
C ASP A 139 17.70 -4.75 7.70
N ALA A 140 16.61 -5.50 7.64
CA ALA A 140 16.43 -6.62 8.56
C ALA A 140 17.51 -7.67 8.34
N ALA A 141 17.82 -7.95 7.08
CA ALA A 141 18.84 -8.93 6.74
C ALA A 141 20.17 -8.56 7.37
N ASP A 142 20.49 -7.27 7.37
CA ASP A 142 21.74 -6.81 7.95
C ASP A 142 21.81 -7.21 9.41
N LYS A 143 20.74 -6.91 10.15
CA LYS A 143 20.69 -7.27 11.57
C LYS A 143 20.49 -8.76 11.74
N LEU A 144 19.77 -9.36 10.81
CA LEU A 144 19.48 -10.80 10.90
C LEU A 144 20.78 -11.59 10.87
N VAL A 145 21.66 -11.28 9.92
CA VAL A 145 22.94 -11.96 9.79
C VAL A 145 24.08 -10.96 9.99
N PRO A 146 24.41 -10.65 11.21
CA PRO A 146 25.50 -9.68 11.53
C PRO A 146 26.88 -10.29 11.34
N ARG A 147 27.31 -10.39 10.09
CA ARG A 147 28.63 -10.95 9.78
C ARG A 147 29.71 -9.90 9.97
N LEU A 1 -14.29 23.44 28.55
CA LEU A 1 -14.17 24.70 27.76
C LEU A 1 -12.83 24.72 27.03
N ARG A 2 -11.77 24.47 27.77
CA ARG A 2 -10.42 24.48 27.18
C ARG A 2 -10.40 23.63 25.91
N GLY A 3 -10.52 24.28 24.77
CA GLY A 3 -10.50 23.59 23.48
C GLY A 3 -9.07 23.34 23.03
N LEU A 4 -8.87 23.37 21.71
CA LEU A 4 -7.53 23.15 21.15
C LEU A 4 -6.85 24.49 20.89
N SER A 5 -5.56 24.43 20.52
CA SER A 5 -4.80 25.63 20.25
C SER A 5 -3.58 25.31 19.38
N ASP A 6 -3.26 26.23 18.48
CA ASP A 6 -2.11 26.05 17.60
C ASP A 6 -0.81 26.30 18.35
N LEU A 7 0.15 25.41 18.20
CA LEU A 7 1.44 25.55 18.87
C LEU A 7 2.54 24.87 18.09
N GLY A 8 3.24 25.66 17.27
CA GLY A 8 4.32 25.13 16.45
C GLY A 8 5.49 24.69 17.32
N GLY A 9 5.28 23.63 18.11
CA GLY A 9 6.33 23.12 18.99
C GLY A 9 5.97 21.73 19.50
N ARG A 10 4.67 21.45 19.58
CA ARG A 10 4.22 20.14 20.05
C ARG A 10 4.64 19.04 19.08
N VAL A 11 4.93 19.43 17.84
CA VAL A 11 5.36 18.48 16.82
C VAL A 11 6.87 18.30 16.86
N ARG A 12 7.32 17.17 17.38
CA ARG A 12 8.75 16.90 17.47
C ARG A 12 8.99 15.40 17.66
N ASN A 13 9.82 14.83 16.80
CA ASN A 13 10.13 13.41 16.90
C ASN A 13 8.89 12.56 16.69
N ILE A 14 7.73 13.19 16.68
CA ILE A 14 6.47 12.46 16.48
C ILE A 14 6.45 11.78 15.12
N GLY A 15 6.87 12.49 14.09
CA GLY A 15 6.89 11.91 12.75
C GLY A 15 7.70 10.61 12.73
N ASP A 16 8.86 10.64 13.36
CA ASP A 16 9.73 9.46 13.40
C ASP A 16 9.26 8.47 14.47
N VAL A 17 8.93 9.00 15.64
CA VAL A 17 8.47 8.16 16.75
C VAL A 17 7.18 7.44 16.38
N MET A 18 6.41 8.05 15.48
CA MET A 18 5.15 7.45 15.06
C MET A 18 5.40 6.11 14.37
N GLU A 19 6.65 5.85 14.03
CA GLU A 19 7.03 4.59 13.37
C GLU A 19 7.71 3.66 14.35
N HIS A 20 7.34 3.79 15.62
CA HIS A 20 7.93 2.96 16.67
C HIS A 20 8.05 1.50 16.19
N PRO A 21 9.01 0.76 16.68
CA PRO A 21 9.25 -0.65 16.26
C PRO A 21 7.94 -1.44 16.02
N LEU A 22 6.95 -1.22 16.87
CA LEU A 22 5.69 -1.95 16.73
C LEU A 22 5.10 -1.70 15.35
N VAL A 23 5.10 -0.44 14.91
CA VAL A 23 4.60 -0.10 13.59
C VAL A 23 5.48 -0.70 12.51
N GLU A 24 6.79 -0.61 12.70
CA GLU A 24 7.73 -1.13 11.72
C GLU A 24 7.41 -2.59 11.38
N LEU A 25 7.36 -3.44 12.39
CA LEU A 25 7.06 -4.85 12.18
C LEU A 25 5.65 -5.02 11.61
N GLY A 26 4.69 -4.28 12.16
CA GLY A 26 3.32 -4.38 11.69
C GLY A 26 3.21 -4.04 10.21
N VAL A 27 3.84 -2.94 9.81
CA VAL A 27 3.81 -2.52 8.42
C VAL A 27 4.55 -3.53 7.55
N SER A 28 5.70 -3.98 8.01
CA SER A 28 6.50 -4.94 7.25
C SER A 28 5.71 -6.23 7.05
N TYR A 29 5.03 -6.68 8.09
CA TYR A 29 4.25 -7.91 8.00
C TYR A 29 3.22 -7.81 6.89
N ALA A 30 2.49 -6.70 6.85
CA ALA A 30 1.47 -6.50 5.83
C ALA A 30 2.10 -6.39 4.45
N ALA A 31 3.22 -5.68 4.38
CA ALA A 31 3.91 -5.50 3.11
C ALA A 31 4.36 -6.85 2.56
N LEU A 32 4.82 -7.73 3.44
CA LEU A 32 5.28 -9.03 3.01
C LEU A 32 4.15 -9.83 2.38
N LEU A 33 3.04 -9.96 3.09
CA LEU A 33 1.91 -10.71 2.58
C LEU A 33 1.35 -10.05 1.32
N SER A 34 1.38 -8.73 1.29
CA SER A 34 0.86 -8.00 0.14
C SER A 34 1.58 -8.41 -1.14
N VAL A 35 2.91 -8.51 -1.08
CA VAL A 35 3.69 -8.91 -2.25
C VAL A 35 3.30 -10.31 -2.71
N ILE A 36 3.21 -11.24 -1.77
CA ILE A 36 2.84 -12.61 -2.11
C ILE A 36 1.44 -12.67 -2.71
N VAL A 37 0.50 -11.98 -2.08
CA VAL A 37 -0.87 -11.97 -2.56
C VAL A 37 -0.95 -11.32 -3.93
N VAL A 38 -0.25 -10.21 -4.10
CA VAL A 38 -0.27 -9.49 -5.36
C VAL A 38 0.27 -10.37 -6.50
N VAL A 39 1.40 -11.00 -6.27
CA VAL A 39 2.01 -11.85 -7.28
C VAL A 39 1.10 -13.02 -7.62
N VAL A 40 0.52 -13.63 -6.59
CA VAL A 40 -0.37 -14.77 -6.79
C VAL A 40 -1.53 -14.37 -7.71
N GLU A 41 -2.09 -13.19 -7.46
CA GLU A 41 -3.21 -12.72 -8.28
C GLU A 41 -2.76 -12.44 -9.70
N TYR A 42 -1.53 -11.94 -9.84
CA TYR A 42 -1.01 -11.62 -11.17
C TYR A 42 -0.98 -12.87 -12.05
N THR A 43 -0.44 -13.95 -11.52
CA THR A 43 -0.35 -15.20 -12.28
C THR A 43 -1.62 -16.02 -12.11
N MET A 44 -1.79 -16.58 -10.93
CA MET A 44 -2.97 -17.39 -10.63
C MET A 44 -4.22 -16.52 -10.54
N GLN A 45 -5.24 -16.87 -11.32
CA GLN A 45 -6.49 -16.12 -11.32
C GLN A 45 -7.52 -16.78 -10.41
N LEU A 46 -7.12 -17.91 -9.83
CA LEU A 46 -8.01 -18.66 -8.95
C LEU A 46 -9.43 -18.65 -9.46
N SER A 47 -10.39 -18.91 -8.58
CA SER A 47 -11.80 -18.93 -8.96
C SER A 47 -12.48 -17.61 -8.58
N GLY A 48 -13.74 -17.45 -9.00
CA GLY A 48 -14.47 -16.23 -8.70
C GLY A 48 -14.63 -16.03 -7.20
N GLU A 49 -15.03 -17.08 -6.50
CA GLU A 49 -15.21 -16.99 -5.04
C GLU A 49 -13.87 -16.75 -4.35
N TYR A 50 -12.83 -17.42 -4.84
CA TYR A 50 -11.49 -17.27 -4.26
C TYR A 50 -11.02 -15.84 -4.42
N LEU A 51 -11.29 -15.24 -5.57
CA LEU A 51 -10.87 -13.88 -5.82
C LEU A 51 -11.52 -12.93 -4.83
N VAL A 52 -12.79 -13.17 -4.54
CA VAL A 52 -13.50 -12.31 -3.60
C VAL A 52 -12.77 -12.30 -2.27
N ARG A 53 -12.41 -13.48 -1.78
CA ARG A 53 -11.68 -13.56 -0.52
C ARG A 53 -10.30 -12.92 -0.66
N LEU A 54 -9.63 -13.19 -1.76
CA LEU A 54 -8.31 -12.63 -1.99
C LEU A 54 -8.38 -11.11 -2.04
N TYR A 55 -9.35 -10.60 -2.79
CA TYR A 55 -9.49 -9.15 -2.90
C TYR A 55 -9.77 -8.54 -1.55
N LEU A 56 -10.63 -9.19 -0.77
CA LEU A 56 -10.97 -8.68 0.56
C LEU A 56 -9.76 -8.65 1.46
N VAL A 57 -8.99 -9.72 1.45
CA VAL A 57 -7.79 -9.81 2.28
C VAL A 57 -6.81 -8.71 1.90
N ASP A 58 -6.61 -8.51 0.61
CA ASP A 58 -5.68 -7.50 0.15
C ASP A 58 -6.11 -6.13 0.66
N LEU A 59 -7.41 -5.89 0.68
CA LEU A 59 -7.93 -4.62 1.15
C LEU A 59 -7.57 -4.41 2.62
N ILE A 60 -7.62 -5.49 3.41
CA ILE A 60 -7.32 -5.41 4.83
C ILE A 60 -5.88 -4.91 5.03
N LEU A 61 -4.97 -5.42 4.22
CA LEU A 61 -3.59 -5.01 4.30
C LEU A 61 -3.44 -3.56 3.85
N VAL A 62 -4.24 -3.15 2.88
CA VAL A 62 -4.18 -1.78 2.37
C VAL A 62 -4.59 -0.78 3.45
N ILE A 63 -5.73 -1.02 4.09
CA ILE A 63 -6.21 -0.11 5.13
C ILE A 63 -5.15 0.06 6.20
N ILE A 64 -4.42 -1.02 6.49
CA ILE A 64 -3.35 -0.95 7.49
C ILE A 64 -2.29 0.04 7.05
N LEU A 65 -1.90 -0.04 5.79
CA LEU A 65 -0.88 0.86 5.25
C LEU A 65 -1.41 2.29 5.21
N TRP A 66 -2.67 2.44 4.87
CA TRP A 66 -3.29 3.76 4.79
C TRP A 66 -3.15 4.46 6.13
N ALA A 67 -3.24 3.72 7.21
CA ALA A 67 -3.12 4.31 8.54
C ALA A 67 -1.87 5.18 8.62
N ASP A 68 -0.74 4.63 8.16
CA ASP A 68 0.51 5.36 8.20
C ASP A 68 0.43 6.61 7.33
N TYR A 69 -0.11 6.46 6.12
CA TYR A 69 -0.26 7.58 5.21
C TYR A 69 -1.29 8.58 5.75
N ALA A 70 -2.39 8.05 6.26
CA ALA A 70 -3.47 8.88 6.78
C ALA A 70 -3.00 9.69 7.98
N TYR A 71 -2.29 9.03 8.88
CA TYR A 71 -1.81 9.70 10.09
C TYR A 71 -0.91 10.87 9.72
N ARG A 72 0.04 10.62 8.83
CA ARG A 72 0.96 11.67 8.40
C ARG A 72 0.22 12.76 7.62
N ALA A 73 -0.75 12.34 6.82
CA ALA A 73 -1.51 13.30 6.03
C ALA A 73 -2.17 14.35 6.91
N TYR A 74 -3.01 13.89 7.84
CA TYR A 74 -3.70 14.80 8.75
C TYR A 74 -2.70 15.57 9.60
N LYS A 75 -1.60 14.90 9.95
CA LYS A 75 -0.57 15.52 10.76
C LYS A 75 0.02 16.73 10.06
N SER A 76 0.15 16.63 8.74
CA SER A 76 0.73 17.73 7.96
C SER A 76 -0.18 18.95 7.99
N GLY A 77 -1.44 18.73 8.39
CA GLY A 77 -2.41 19.82 8.45
C GLY A 77 -2.89 20.21 7.06
N ASP A 78 -2.40 19.49 6.05
CA ASP A 78 -2.77 19.74 4.67
C ASP A 78 -2.70 18.44 3.86
N PRO A 79 -3.70 17.59 3.96
CA PRO A 79 -3.70 16.29 3.24
C PRO A 79 -3.48 16.44 1.73
N ALA A 80 -4.22 17.33 1.10
CA ALA A 80 -4.09 17.54 -0.33
C ALA A 80 -2.65 17.87 -0.70
N GLY A 81 -2.08 18.84 0.00
CA GLY A 81 -0.71 19.24 -0.24
C GLY A 81 0.26 18.13 0.15
N TYR A 82 -0.11 17.37 1.18
CA TYR A 82 0.74 16.27 1.65
C TYR A 82 0.66 15.09 0.71
N VAL A 83 -0.44 15.00 -0.05
CA VAL A 83 -0.61 13.89 -0.99
C VAL A 83 0.38 13.99 -2.13
N LYS A 84 0.47 15.16 -2.73
CA LYS A 84 1.39 15.34 -3.86
C LYS A 84 2.78 14.88 -3.48
N LYS A 85 3.03 14.76 -2.19
CA LYS A 85 4.34 14.32 -1.69
C LYS A 85 4.41 12.80 -1.60
N THR A 86 3.26 12.15 -1.72
CA THR A 86 3.19 10.68 -1.64
C THR A 86 2.75 10.09 -2.97
N LEU A 87 3.16 10.72 -4.05
CA LEU A 87 2.80 10.25 -5.38
C LEU A 87 3.53 8.95 -5.70
N TYR A 88 4.65 8.71 -5.03
CA TYR A 88 5.44 7.51 -5.26
C TYR A 88 5.05 6.41 -4.25
N GLU A 89 4.29 6.79 -3.23
CA GLU A 89 3.86 5.84 -2.20
C GLU A 89 2.43 5.37 -2.49
N ILE A 90 1.62 6.25 -3.04
CA ILE A 90 0.24 5.92 -3.39
C ILE A 90 0.22 4.74 -4.38
N PRO A 91 1.01 4.79 -5.44
CA PRO A 91 1.06 3.70 -6.46
C PRO A 91 1.21 2.33 -5.82
N ALA A 92 1.78 2.29 -4.61
CA ALA A 92 1.98 1.02 -3.91
C ALA A 92 0.75 0.66 -3.10
N LEU A 93 -0.15 1.64 -2.90
CA LEU A 93 -1.38 1.42 -2.14
C LEU A 93 -2.58 1.41 -3.05
N VAL A 94 -2.42 1.96 -4.27
CA VAL A 94 -3.52 2.01 -5.24
C VAL A 94 -4.39 0.75 -5.14
N PRO A 95 -5.52 0.83 -4.48
CA PRO A 95 -6.43 -0.34 -4.33
C PRO A 95 -6.77 -0.97 -5.67
N ALA A 96 -6.61 -2.30 -5.75
CA ALA A 96 -6.92 -3.01 -6.98
C ALA A 96 -8.43 -3.06 -7.22
N GLY A 97 -9.19 -2.83 -6.17
CA GLY A 97 -10.64 -2.86 -6.27
C GLY A 97 -11.15 -1.85 -7.30
N LEU A 98 -10.68 -0.61 -7.18
CA LEU A 98 -11.09 0.43 -8.13
C LEU A 98 -10.63 0.09 -9.53
N LEU A 99 -9.40 -0.37 -9.65
CA LEU A 99 -8.85 -0.73 -10.95
C LEU A 99 -9.63 -1.90 -11.55
N ALA A 100 -9.96 -2.88 -10.71
CA ALA A 100 -10.68 -4.05 -11.17
C ALA A 100 -11.99 -3.63 -11.83
N LEU A 101 -12.75 -2.77 -11.17
CA LEU A 101 -14.02 -2.31 -11.71
C LEU A 101 -13.81 -1.51 -13.00
N ILE A 102 -12.80 -0.65 -13.00
CA ILE A 102 -12.51 0.16 -14.17
C ILE A 102 -12.09 -0.74 -15.34
N GLU A 103 -11.26 -1.73 -15.05
CA GLU A 103 -10.78 -2.63 -16.08
C GLU A 103 -11.96 -3.38 -16.70
N GLY A 104 -12.93 -3.75 -15.87
CA GLY A 104 -14.10 -4.46 -16.35
C GLY A 104 -14.90 -3.60 -17.32
N HIS A 105 -15.01 -2.31 -17.01
CA HIS A 105 -15.76 -1.40 -17.87
C HIS A 105 -15.13 -1.36 -19.27
N LEU A 106 -13.82 -1.19 -19.33
CA LEU A 106 -13.13 -1.13 -20.60
C LEU A 106 -13.29 -2.44 -21.37
N ALA A 107 -13.22 -3.55 -20.65
CA ALA A 107 -13.37 -4.86 -21.27
C ALA A 107 -14.74 -4.98 -21.94
N GLY A 108 -15.75 -4.41 -21.31
CA GLY A 108 -17.10 -4.45 -21.87
C GLY A 108 -17.14 -3.77 -23.23
N LEU A 109 -16.43 -2.66 -23.35
CA LEU A 109 -16.39 -1.92 -24.61
C LEU A 109 -15.54 -2.66 -25.64
N GLY A 110 -14.64 -3.53 -25.17
CA GLY A 110 -13.77 -4.28 -26.07
C GLY A 110 -12.52 -3.48 -26.41
N LEU A 111 -12.14 -2.57 -25.52
CA LEU A 111 -10.95 -1.74 -25.74
C LEU A 111 -9.72 -2.44 -25.18
N PHE A 112 -9.31 -3.50 -25.86
CA PHE A 112 -8.15 -4.27 -25.43
C PHE A 112 -6.90 -3.38 -25.41
N ARG A 113 -6.87 -2.38 -26.28
CA ARG A 113 -5.72 -1.49 -26.36
C ARG A 113 -5.46 -0.85 -24.99
N LEU A 114 -6.52 -0.36 -24.36
CA LEU A 114 -6.38 0.25 -23.05
C LEU A 114 -5.99 -0.79 -22.01
N VAL A 115 -6.53 -2.00 -22.18
CA VAL A 115 -6.22 -3.08 -21.25
C VAL A 115 -4.72 -3.39 -21.26
N ARG A 116 -4.13 -3.41 -22.45
CA ARG A 116 -2.71 -3.68 -22.58
C ARG A 116 -1.90 -2.65 -21.82
N LEU A 117 -2.23 -1.38 -22.00
CA LEU A 117 -1.53 -0.30 -21.29
C LEU A 117 -1.74 -0.45 -19.79
N LEU A 118 -2.96 -0.76 -19.41
CA LEU A 118 -3.29 -0.94 -18.00
C LEU A 118 -2.46 -2.07 -17.42
N ARG A 119 -2.33 -3.16 -18.18
CA ARG A 119 -1.57 -4.30 -17.71
C ARG A 119 -0.11 -3.91 -17.47
N PHE A 120 0.47 -3.19 -18.42
CA PHE A 120 1.86 -2.74 -18.29
C PHE A 120 2.03 -1.94 -17.01
N LEU A 121 1.02 -1.15 -16.69
CA LEU A 121 1.07 -0.32 -15.50
C LEU A 121 1.18 -1.20 -14.26
N ARG A 122 0.45 -2.30 -14.27
CA ARG A 122 0.48 -3.21 -13.13
C ARG A 122 1.88 -3.77 -12.92
N ILE A 123 2.55 -4.12 -14.02
CA ILE A 123 3.91 -4.67 -13.92
C ILE A 123 4.83 -3.68 -13.21
N LEU A 124 4.75 -2.43 -13.60
CA LEU A 124 5.57 -1.40 -12.98
C LEU A 124 5.23 -1.29 -11.51
N LEU A 125 3.95 -1.44 -11.20
CA LEU A 125 3.51 -1.37 -9.81
C LEU A 125 4.16 -2.45 -8.98
N ILE A 126 4.27 -3.65 -9.54
CA ILE A 126 4.89 -4.78 -8.85
C ILE A 126 6.33 -4.44 -8.48
N ILE A 127 7.06 -3.89 -9.44
CA ILE A 127 8.45 -3.51 -9.20
C ILE A 127 8.52 -2.43 -8.14
N SER A 128 7.62 -1.46 -8.21
CA SER A 128 7.61 -0.37 -7.25
C SER A 128 7.56 -0.91 -5.83
N ARG A 129 6.60 -1.79 -5.57
CA ARG A 129 6.46 -2.38 -4.24
C ARG A 129 7.72 -3.15 -3.88
N GLY A 130 8.34 -3.75 -4.89
CA GLY A 130 9.56 -4.51 -4.67
C GLY A 130 10.63 -3.66 -4.00
N SER A 131 10.73 -2.39 -4.41
CA SER A 131 11.72 -1.49 -3.84
C SER A 131 11.50 -1.33 -2.33
N LYS A 132 10.25 -1.10 -1.95
CA LYS A 132 9.89 -0.95 -0.55
C LYS A 132 10.08 -2.28 0.19
N PHE A 133 9.78 -3.37 -0.50
CA PHE A 133 9.93 -4.69 0.10
C PHE A 133 11.39 -4.91 0.53
N LEU A 134 12.31 -4.64 -0.38
CA LEU A 134 13.72 -4.82 -0.08
C LEU A 134 14.14 -3.94 1.09
N SER A 135 13.67 -2.70 1.09
CA SER A 135 14.02 -1.77 2.15
C SER A 135 13.50 -2.29 3.49
N ALA A 136 12.37 -3.00 3.45
CA ALA A 136 11.77 -3.54 4.66
C ALA A 136 12.59 -4.69 5.23
N ILE A 137 12.88 -5.68 4.38
CA ILE A 137 13.66 -6.84 4.80
C ILE A 137 15.06 -6.41 5.19
N ALA A 138 15.67 -5.56 4.37
CA ALA A 138 17.03 -5.11 4.64
C ALA A 138 17.11 -4.45 6.02
N ASP A 139 16.13 -3.60 6.31
CA ASP A 139 16.09 -2.90 7.59
C ASP A 139 15.98 -3.90 8.74
N ALA A 140 15.21 -4.96 8.51
CA ALA A 140 15.04 -5.99 9.55
C ALA A 140 16.19 -6.99 9.50
N ALA A 141 16.77 -7.18 8.32
CA ALA A 141 17.88 -8.12 8.16
C ALA A 141 19.03 -7.76 9.09
N ASP A 142 19.32 -6.47 9.21
CA ASP A 142 20.41 -6.02 10.07
C ASP A 142 20.27 -6.63 11.47
N LYS A 143 19.03 -6.85 11.90
CA LYS A 143 18.76 -7.42 13.22
C LYS A 143 18.14 -8.82 13.10
N LEU A 144 17.67 -9.14 11.90
CA LEU A 144 17.04 -10.45 11.66
C LEU A 144 17.97 -11.36 10.92
N VAL A 145 19.23 -10.96 10.77
CA VAL A 145 20.24 -11.75 10.08
C VAL A 145 19.69 -12.33 8.75
N PRO A 146 20.53 -12.53 7.78
CA PRO A 146 20.08 -13.11 6.47
C PRO A 146 19.11 -14.28 6.67
N ARG A 147 19.52 -15.27 7.46
CA ARG A 147 18.68 -16.43 7.70
C ARG A 147 17.23 -16.03 7.98
N LEU A 1 -1.53 10.89 42.32
CA LEU A 1 -1.17 11.47 40.99
C LEU A 1 -1.25 10.36 39.93
N ARG A 2 -2.41 9.71 39.85
CA ARG A 2 -2.63 8.63 38.89
C ARG A 2 -3.50 9.12 37.73
N GLY A 3 -4.10 10.29 37.90
CA GLY A 3 -4.98 10.85 36.87
C GLY A 3 -4.18 11.21 35.61
N LEU A 4 -3.16 12.05 35.77
CA LEU A 4 -2.33 12.46 34.64
C LEU A 4 -3.22 12.92 33.47
N SER A 5 -3.63 11.96 32.66
CA SER A 5 -4.48 12.28 31.50
C SER A 5 -3.87 13.44 30.72
N ASP A 6 -2.57 13.65 30.89
CA ASP A 6 -1.88 14.72 30.18
C ASP A 6 -1.82 14.44 28.69
N LEU A 7 -2.02 15.48 27.87
CA LEU A 7 -1.99 15.32 26.40
C LEU A 7 -0.73 15.97 25.83
N GLY A 8 -0.32 17.09 26.40
CA GLY A 8 0.86 17.80 25.91
C GLY A 8 2.10 16.92 25.97
N GLY A 9 2.31 16.29 27.12
CA GLY A 9 3.47 15.41 27.28
C GLY A 9 3.18 14.03 26.70
N ARG A 10 2.66 13.98 25.47
CA ARG A 10 2.36 12.71 24.83
C ARG A 10 2.35 12.88 23.33
N VAL A 11 1.81 14.01 22.88
CA VAL A 11 1.76 14.29 21.47
C VAL A 11 3.16 14.31 20.88
N ARG A 12 4.14 14.71 21.69
CA ARG A 12 5.52 14.74 21.20
C ARG A 12 6.11 13.34 21.08
N ASN A 13 5.96 12.55 22.14
CA ASN A 13 6.49 11.19 22.14
C ASN A 13 5.76 10.32 21.14
N ILE A 14 4.63 10.81 20.66
CA ILE A 14 3.85 10.07 19.69
C ILE A 14 4.69 9.77 18.45
N GLY A 15 5.55 10.71 18.06
CA GLY A 15 6.38 10.52 16.88
C GLY A 15 7.24 9.27 17.01
N ASP A 16 7.95 9.16 18.12
CA ASP A 16 8.80 8.00 18.35
C ASP A 16 7.97 6.75 18.60
N VAL A 17 6.88 6.92 19.35
CA VAL A 17 6.01 5.79 19.67
C VAL A 17 5.39 5.20 18.38
N MET A 18 5.15 6.06 17.40
CA MET A 18 4.55 5.64 16.14
C MET A 18 5.51 4.74 15.35
N GLU A 19 6.74 4.61 15.85
CA GLU A 19 7.76 3.77 15.19
C GLU A 19 8.17 2.62 16.10
N HIS A 20 7.40 2.42 17.17
CA HIS A 20 7.72 1.34 18.11
C HIS A 20 8.02 0.05 17.35
N PRO A 21 9.13 -0.62 17.60
CA PRO A 21 9.47 -1.86 16.86
C PRO A 21 8.26 -2.76 16.60
N LEU A 22 7.30 -2.74 17.52
CA LEU A 22 6.11 -3.55 17.38
C LEU A 22 5.24 -3.04 16.22
N VAL A 23 5.14 -1.72 16.10
CA VAL A 23 4.33 -1.13 15.04
C VAL A 23 4.89 -1.46 13.66
N GLU A 24 6.21 -1.46 13.57
CA GLU A 24 6.88 -1.75 12.30
C GLU A 24 6.63 -3.19 11.89
N LEU A 25 6.70 -4.10 12.86
CA LEU A 25 6.49 -5.51 12.58
C LEU A 25 5.08 -5.76 12.06
N GLY A 26 4.10 -5.12 12.69
CA GLY A 26 2.71 -5.29 12.26
C GLY A 26 2.52 -4.80 10.83
N VAL A 27 2.99 -3.60 10.54
CA VAL A 27 2.87 -3.04 9.20
C VAL A 27 3.69 -3.87 8.21
N SER A 28 4.90 -4.24 8.62
CA SER A 28 5.78 -5.02 7.76
C SER A 28 5.12 -6.34 7.38
N TYR A 29 4.49 -6.99 8.36
CA TYR A 29 3.83 -8.26 8.09
C TYR A 29 2.74 -8.09 7.03
N ALA A 30 1.92 -7.05 7.19
CA ALA A 30 0.84 -6.78 6.26
C ALA A 30 1.41 -6.51 4.86
N ALA A 31 2.51 -5.75 4.82
CA ALA A 31 3.13 -5.43 3.54
C ALA A 31 3.65 -6.69 2.86
N LEU A 32 4.19 -7.61 3.66
CA LEU A 32 4.72 -8.86 3.13
C LEU A 32 3.62 -9.65 2.42
N LEU A 33 2.48 -9.78 3.08
CA LEU A 33 1.36 -10.51 2.52
C LEU A 33 0.83 -9.80 1.28
N SER A 34 0.79 -8.47 1.33
CA SER A 34 0.29 -7.68 0.22
C SER A 34 1.10 -7.96 -1.06
N VAL A 35 2.42 -7.98 -0.94
CA VAL A 35 3.28 -8.23 -2.09
C VAL A 35 3.06 -9.65 -2.60
N ILE A 36 3.01 -10.61 -1.69
CA ILE A 36 2.82 -12.00 -2.05
C ILE A 36 1.45 -12.19 -2.72
N VAL A 37 0.42 -11.56 -2.17
CA VAL A 37 -0.92 -11.67 -2.72
C VAL A 37 -0.93 -11.18 -4.17
N VAL A 38 -0.27 -10.07 -4.41
CA VAL A 38 -0.20 -9.50 -5.76
C VAL A 38 0.46 -10.50 -6.72
N VAL A 39 1.57 -11.10 -6.28
CA VAL A 39 2.28 -12.07 -7.12
C VAL A 39 1.42 -13.30 -7.39
N VAL A 40 0.71 -13.76 -6.35
CA VAL A 40 -0.13 -14.94 -6.49
C VAL A 40 -1.18 -14.70 -7.58
N GLU A 41 -1.83 -13.55 -7.55
CA GLU A 41 -2.83 -13.23 -8.55
C GLU A 41 -2.19 -13.08 -9.93
N TYR A 42 -1.05 -12.40 -9.97
CA TYR A 42 -0.34 -12.18 -11.22
C TYR A 42 0.13 -13.51 -11.85
N THR A 43 0.82 -14.31 -11.05
CA THR A 43 1.34 -15.59 -11.54
C THR A 43 0.21 -16.59 -11.73
N MET A 44 -0.70 -16.64 -10.77
CA MET A 44 -1.84 -17.55 -10.82
C MET A 44 -3.14 -16.77 -10.92
N GLN A 45 -3.94 -17.12 -11.93
CA GLN A 45 -5.22 -16.45 -12.14
C GLN A 45 -6.33 -17.20 -11.42
N LEU A 46 -6.31 -17.15 -10.10
CA LEU A 46 -7.32 -17.84 -9.29
C LEU A 46 -8.71 -17.62 -9.88
N SER A 47 -9.68 -18.40 -9.38
CA SER A 47 -11.06 -18.29 -9.86
C SER A 47 -11.76 -17.07 -9.27
N GLY A 48 -12.97 -16.80 -9.77
CA GLY A 48 -13.74 -15.66 -9.29
C GLY A 48 -13.97 -15.73 -7.78
N GLU A 49 -14.40 -16.89 -7.30
CA GLU A 49 -14.66 -17.04 -5.86
C GLU A 49 -13.43 -16.64 -5.06
N TYR A 50 -12.27 -17.17 -5.44
CA TYR A 50 -11.03 -16.86 -4.76
C TYR A 50 -10.60 -15.43 -5.05
N LEU A 51 -10.88 -14.97 -6.27
CA LEU A 51 -10.51 -13.61 -6.66
C LEU A 51 -11.17 -12.61 -5.74
N VAL A 52 -12.47 -12.81 -5.48
CA VAL A 52 -13.21 -11.92 -4.62
C VAL A 52 -12.64 -11.95 -3.20
N ARG A 53 -12.41 -13.16 -2.69
CA ARG A 53 -11.88 -13.31 -1.34
C ARG A 53 -10.47 -12.73 -1.26
N LEU A 54 -9.67 -12.98 -2.29
CA LEU A 54 -8.31 -12.47 -2.33
C LEU A 54 -8.31 -10.95 -2.33
N TYR A 55 -9.26 -10.38 -3.07
CA TYR A 55 -9.39 -8.93 -3.16
C TYR A 55 -9.72 -8.33 -1.79
N LEU A 56 -10.58 -9.00 -1.04
CA LEU A 56 -10.97 -8.52 0.27
C LEU A 56 -9.76 -8.45 1.19
N VAL A 57 -8.91 -9.46 1.10
CA VAL A 57 -7.71 -9.49 1.93
C VAL A 57 -6.84 -8.28 1.62
N ASP A 58 -6.66 -7.97 0.33
CA ASP A 58 -5.85 -6.84 -0.06
C ASP A 58 -6.37 -5.55 0.58
N LEU A 59 -7.67 -5.34 0.54
CA LEU A 59 -8.27 -4.15 1.14
C LEU A 59 -8.02 -4.11 2.65
N ILE A 60 -8.08 -5.27 3.30
CA ILE A 60 -7.86 -5.33 4.74
C ILE A 60 -6.45 -4.83 5.08
N LEU A 61 -5.47 -5.22 4.29
CA LEU A 61 -4.08 -4.79 4.52
C LEU A 61 -3.90 -3.31 4.13
N VAL A 62 -4.57 -2.88 3.06
CA VAL A 62 -4.46 -1.50 2.58
C VAL A 62 -4.89 -0.51 3.66
N ILE A 63 -6.01 -0.77 4.32
CA ILE A 63 -6.48 0.13 5.37
C ILE A 63 -5.44 0.28 6.48
N ILE A 64 -4.69 -0.80 6.76
CA ILE A 64 -3.67 -0.73 7.80
C ILE A 64 -2.61 0.30 7.42
N LEU A 65 -2.13 0.22 6.19
CA LEU A 65 -1.12 1.17 5.72
C LEU A 65 -1.69 2.59 5.73
N TRP A 66 -2.96 2.72 5.36
CA TRP A 66 -3.61 4.03 5.31
C TRP A 66 -3.61 4.69 6.69
N ALA A 67 -3.81 3.89 7.72
CA ALA A 67 -3.85 4.40 9.09
C ALA A 67 -2.58 5.21 9.39
N ASP A 68 -1.43 4.60 9.17
CA ASP A 68 -0.17 5.28 9.44
C ASP A 68 0.01 6.50 8.53
N TYR A 69 -0.29 6.31 7.25
CA TYR A 69 -0.15 7.39 6.28
C TYR A 69 -1.11 8.54 6.63
N ALA A 70 -2.35 8.19 6.96
CA ALA A 70 -3.35 9.18 7.29
C ALA A 70 -2.96 9.96 8.55
N TYR A 71 -2.35 9.25 9.50
CA TYR A 71 -1.95 9.89 10.75
C TYR A 71 -0.97 11.02 10.48
N ARG A 72 0.11 10.72 9.75
CA ARG A 72 1.12 11.73 9.43
C ARG A 72 0.54 12.78 8.49
N ALA A 73 -0.27 12.34 7.53
CA ALA A 73 -0.87 13.26 6.56
C ALA A 73 -1.57 14.40 7.29
N TYR A 74 -2.43 14.05 8.24
CA TYR A 74 -3.16 15.05 9.01
C TYR A 74 -2.23 15.77 9.99
N LYS A 75 -1.28 15.04 10.56
CA LYS A 75 -0.35 15.61 11.51
C LYS A 75 0.38 16.81 10.91
N SER A 76 0.74 16.69 9.63
CA SER A 76 1.45 17.77 8.97
C SER A 76 0.57 19.03 8.87
N GLY A 77 -0.74 18.83 9.02
CA GLY A 77 -1.67 19.94 8.96
C GLY A 77 -1.94 20.35 7.51
N ASP A 78 -1.36 19.59 6.59
CA ASP A 78 -1.54 19.85 5.17
C ASP A 78 -1.64 18.52 4.41
N PRO A 79 -2.73 17.79 4.56
CA PRO A 79 -2.89 16.48 3.86
C PRO A 79 -2.65 16.58 2.35
N ALA A 80 -3.22 17.59 1.73
CA ALA A 80 -3.04 17.76 0.28
C ALA A 80 -1.58 18.03 -0.04
N GLY A 81 -0.97 18.94 0.72
CA GLY A 81 0.43 19.28 0.51
C GLY A 81 1.32 18.08 0.83
N TYR A 82 0.95 17.34 1.88
CA TYR A 82 1.73 16.19 2.30
C TYR A 82 1.72 15.12 1.20
N VAL A 83 0.58 14.94 0.56
CA VAL A 83 0.47 13.94 -0.50
C VAL A 83 1.39 14.28 -1.67
N LYS A 84 1.38 15.54 -2.08
CA LYS A 84 2.22 15.98 -3.19
C LYS A 84 3.66 15.50 -3.00
N LYS A 85 4.01 15.22 -1.74
CA LYS A 85 5.36 14.75 -1.40
C LYS A 85 5.46 13.23 -1.51
N THR A 86 4.34 12.54 -1.27
CA THR A 86 4.32 11.06 -1.31
C THR A 86 3.61 10.57 -2.57
N LEU A 87 3.78 11.30 -3.65
CA LEU A 87 3.16 10.95 -4.92
C LEU A 87 3.69 9.60 -5.40
N TYR A 88 4.87 9.22 -4.92
CA TYR A 88 5.48 7.95 -5.30
C TYR A 88 5.05 6.83 -4.35
N GLU A 89 4.25 7.18 -3.34
CA GLU A 89 3.75 6.20 -2.37
C GLU A 89 2.30 5.83 -2.68
N ILE A 90 1.57 6.78 -3.29
CA ILE A 90 0.17 6.54 -3.64
C ILE A 90 0.03 5.34 -4.60
N PRO A 91 0.94 5.14 -5.53
CA PRO A 91 0.86 3.99 -6.49
C PRO A 91 0.84 2.65 -5.77
N ALA A 92 1.48 2.59 -4.62
CA ALA A 92 1.54 1.35 -3.84
C ALA A 92 0.17 1.03 -3.24
N LEU A 93 -0.49 2.05 -2.72
CA LEU A 93 -1.79 1.88 -2.10
C LEU A 93 -2.84 1.48 -3.14
N VAL A 94 -2.70 2.00 -4.36
CA VAL A 94 -3.65 1.71 -5.45
C VAL A 94 -4.18 0.27 -5.33
N PRO A 95 -5.39 0.08 -4.82
CA PRO A 95 -5.95 -1.30 -4.66
C PRO A 95 -6.43 -1.87 -5.99
N ALA A 96 -6.44 -3.20 -6.08
CA ALA A 96 -6.84 -3.88 -7.30
C ALA A 96 -8.27 -3.49 -7.66
N GLY A 97 -9.03 -3.08 -6.65
CA GLY A 97 -10.41 -2.68 -6.87
C GLY A 97 -10.49 -1.55 -7.91
N LEU A 98 -9.59 -0.58 -7.81
CA LEU A 98 -9.60 0.54 -8.75
C LEU A 98 -9.33 0.05 -10.18
N LEU A 99 -8.29 -0.77 -10.32
CA LEU A 99 -7.93 -1.31 -11.63
C LEU A 99 -9.05 -2.18 -12.15
N ALA A 100 -9.65 -2.97 -11.26
CA ALA A 100 -10.74 -3.85 -11.65
C ALA A 100 -11.93 -3.05 -12.19
N LEU A 101 -12.21 -1.92 -11.56
CA LEU A 101 -13.32 -1.07 -11.98
C LEU A 101 -13.09 -0.57 -13.42
N ILE A 102 -11.88 -0.08 -13.68
CA ILE A 102 -11.56 0.42 -15.01
C ILE A 102 -11.54 -0.72 -16.02
N GLU A 103 -10.96 -1.84 -15.63
CA GLU A 103 -10.88 -3.00 -16.51
C GLU A 103 -12.28 -3.45 -16.92
N GLY A 104 -13.19 -3.50 -15.95
CA GLY A 104 -14.55 -3.92 -16.23
C GLY A 104 -15.20 -3.00 -17.26
N HIS A 105 -15.03 -1.70 -17.05
CA HIS A 105 -15.57 -0.70 -17.97
C HIS A 105 -14.88 -0.80 -19.33
N LEU A 106 -13.57 -0.98 -19.30
CA LEU A 106 -12.80 -1.06 -20.53
C LEU A 106 -13.36 -2.16 -21.43
N ALA A 107 -13.47 -3.37 -20.89
CA ALA A 107 -14.00 -4.48 -21.66
C ALA A 107 -15.44 -4.22 -22.04
N GLY A 108 -16.20 -3.63 -21.10
CA GLY A 108 -17.60 -3.32 -21.34
C GLY A 108 -17.78 -2.55 -22.64
N LEU A 109 -16.78 -1.73 -22.99
CA LEU A 109 -16.86 -0.96 -24.22
C LEU A 109 -16.56 -1.84 -25.43
N GLY A 110 -16.61 -3.16 -25.23
CA GLY A 110 -16.36 -4.10 -26.30
C GLY A 110 -14.90 -4.02 -26.74
N LEU A 111 -14.00 -3.99 -25.76
CA LEU A 111 -12.56 -3.89 -26.04
C LEU A 111 -11.80 -5.01 -25.33
N PHE A 112 -10.61 -5.33 -25.86
CA PHE A 112 -9.78 -6.38 -25.28
C PHE A 112 -8.29 -6.08 -25.49
N ARG A 113 -7.96 -5.47 -26.62
CA ARG A 113 -6.58 -5.15 -26.92
C ARG A 113 -6.04 -4.14 -25.91
N LEU A 114 -6.88 -3.20 -25.50
CA LEU A 114 -6.48 -2.19 -24.53
C LEU A 114 -6.16 -2.83 -23.18
N VAL A 115 -6.84 -3.93 -22.88
CA VAL A 115 -6.63 -4.63 -21.62
C VAL A 115 -5.17 -5.06 -21.49
N ARG A 116 -4.54 -5.35 -22.63
CA ARG A 116 -3.14 -5.78 -22.63
C ARG A 116 -2.25 -4.70 -22.02
N LEU A 117 -2.53 -3.45 -22.37
CA LEU A 117 -1.76 -2.33 -21.85
C LEU A 117 -1.96 -2.25 -20.33
N LEU A 118 -3.18 -2.49 -19.89
CA LEU A 118 -3.48 -2.44 -18.46
C LEU A 118 -2.63 -3.47 -17.73
N ARG A 119 -2.53 -4.67 -18.29
CA ARG A 119 -1.73 -5.73 -17.67
C ARG A 119 -0.27 -5.29 -17.57
N PHE A 120 0.24 -4.71 -18.64
CA PHE A 120 1.62 -4.23 -18.66
C PHE A 120 1.83 -3.18 -17.57
N LEU A 121 0.87 -2.29 -17.41
CA LEU A 121 0.99 -1.24 -16.42
C LEU A 121 1.19 -1.83 -15.02
N ARG A 122 0.47 -2.91 -14.72
CA ARG A 122 0.60 -3.54 -13.41
C ARG A 122 2.05 -3.92 -13.12
N ILE A 123 2.81 -4.20 -14.17
CA ILE A 123 4.21 -4.56 -14.02
C ILE A 123 4.99 -3.43 -13.34
N LEU A 124 4.79 -2.21 -13.83
CA LEU A 124 5.47 -1.04 -13.27
C LEU A 124 5.04 -0.82 -11.82
N LEU A 125 3.75 -1.02 -11.56
CA LEU A 125 3.24 -0.84 -10.20
C LEU A 125 3.90 -1.83 -9.24
N ILE A 126 4.10 -3.07 -9.69
CA ILE A 126 4.71 -4.08 -8.85
C ILE A 126 6.11 -3.63 -8.44
N ILE A 127 6.85 -3.06 -9.39
CA ILE A 127 8.21 -2.62 -9.12
C ILE A 127 8.21 -1.53 -8.05
N SER A 128 7.29 -0.56 -8.16
CA SER A 128 7.21 0.51 -7.17
C SER A 128 6.88 -0.05 -5.79
N ARG A 129 5.90 -0.94 -5.75
CA ARG A 129 5.48 -1.54 -4.49
C ARG A 129 6.55 -2.48 -3.95
N GLY A 130 7.18 -3.24 -4.86
CA GLY A 130 8.23 -4.18 -4.48
C GLY A 130 9.40 -3.45 -3.81
N SER A 131 9.58 -2.18 -4.15
CA SER A 131 10.65 -1.40 -3.57
C SER A 131 10.53 -1.38 -2.04
N LYS A 132 9.29 -1.39 -1.56
CA LYS A 132 9.02 -1.36 -0.14
C LYS A 132 9.58 -2.64 0.51
N PHE A 133 9.41 -3.76 -0.19
CA PHE A 133 9.92 -5.04 0.31
C PHE A 133 11.42 -4.97 0.50
N LEU A 134 12.11 -4.42 -0.49
CA LEU A 134 13.55 -4.28 -0.40
C LEU A 134 13.93 -3.36 0.76
N SER A 135 13.22 -2.25 0.89
CA SER A 135 13.50 -1.30 1.97
C SER A 135 13.25 -1.93 3.33
N ALA A 136 12.13 -2.65 3.45
CA ALA A 136 11.76 -3.30 4.70
C ALA A 136 12.81 -4.34 5.12
N ILE A 137 13.15 -5.23 4.19
CA ILE A 137 14.12 -6.27 4.47
C ILE A 137 15.50 -5.66 4.71
N ALA A 138 15.86 -4.68 3.88
CA ALA A 138 17.15 -4.03 4.00
C ALA A 138 17.35 -3.51 5.42
N ASP A 139 16.37 -2.78 5.92
CA ASP A 139 16.44 -2.22 7.26
C ASP A 139 16.36 -3.33 8.31
N ALA A 140 15.40 -4.24 8.14
CA ALA A 140 15.22 -5.35 9.09
C ALA A 140 16.44 -6.25 9.11
N ALA A 141 16.99 -6.52 7.93
CA ALA A 141 18.16 -7.38 7.84
C ALA A 141 19.35 -6.74 8.53
N ASP A 142 19.50 -5.43 8.35
CA ASP A 142 20.60 -4.70 8.95
C ASP A 142 20.47 -4.69 10.48
N LYS A 143 19.24 -4.56 10.96
CA LYS A 143 18.97 -4.53 12.38
C LYS A 143 19.01 -5.95 12.98
N LEU A 144 18.41 -6.90 12.27
CA LEU A 144 18.35 -8.28 12.73
C LEU A 144 19.66 -9.00 12.46
N VAL A 145 20.07 -8.98 11.19
CA VAL A 145 21.33 -9.60 10.78
C VAL A 145 21.37 -11.08 11.21
N PRO A 146 22.17 -11.88 10.58
CA PRO A 146 22.30 -13.33 10.94
C PRO A 146 22.95 -13.49 12.31
N ARG A 147 22.13 -13.66 13.35
CA ARG A 147 22.65 -13.84 14.70
C ARG A 147 23.74 -12.80 14.99
N LEU A 1 -24.00 15.52 4.70
CA LEU A 1 -24.23 16.28 5.96
C LEU A 1 -22.95 16.25 6.80
N ARG A 2 -22.70 17.34 7.53
CA ARG A 2 -21.52 17.43 8.37
C ARG A 2 -21.72 16.65 9.66
N GLY A 3 -20.62 16.17 10.24
CA GLY A 3 -20.67 15.41 11.49
C GLY A 3 -19.37 15.57 12.27
N LEU A 4 -18.36 14.81 11.89
CA LEU A 4 -17.07 14.89 12.56
C LEU A 4 -17.25 14.65 14.06
N SER A 5 -17.30 15.73 14.83
CA SER A 5 -17.46 15.62 16.27
C SER A 5 -16.37 14.75 16.87
N ASP A 6 -16.27 14.76 18.21
CA ASP A 6 -15.26 13.96 18.90
C ASP A 6 -13.86 14.29 18.39
N LEU A 7 -13.64 15.56 18.06
CA LEU A 7 -12.34 15.98 17.56
C LEU A 7 -11.27 15.87 18.64
N GLY A 8 -11.41 16.66 19.69
CA GLY A 8 -10.43 16.65 20.76
C GLY A 8 -10.40 15.31 21.47
N GLY A 9 -11.57 14.68 21.62
CA GLY A 9 -11.66 13.39 22.28
C GLY A 9 -10.83 12.35 21.54
N ARG A 10 -10.92 12.37 20.21
CA ARG A 10 -10.17 11.42 19.39
C ARG A 10 -8.66 11.65 19.52
N VAL A 11 -8.25 12.91 19.53
CA VAL A 11 -6.83 13.22 19.65
C VAL A 11 -6.34 12.99 21.06
N ARG A 12 -6.36 11.72 21.47
CA ARG A 12 -5.90 11.32 22.79
C ARG A 12 -5.29 9.91 22.73
N ASN A 13 -6.10 8.95 22.30
CA ASN A 13 -5.62 7.57 22.18
C ASN A 13 -4.58 7.44 21.07
N ILE A 14 -4.59 8.39 20.14
CA ILE A 14 -3.64 8.35 19.04
C ILE A 14 -2.21 8.44 19.56
N GLY A 15 -2.01 9.02 20.73
CA GLY A 15 -0.66 9.16 21.26
C GLY A 15 0.12 7.84 21.12
N ASP A 16 -0.34 6.79 21.78
CA ASP A 16 0.34 5.49 21.71
C ASP A 16 -0.18 4.67 20.53
N VAL A 17 -1.47 4.79 20.25
CA VAL A 17 -2.08 4.03 19.16
C VAL A 17 -1.49 4.42 17.80
N MET A 18 -0.59 5.43 17.80
CA MET A 18 0.06 5.86 16.56
C MET A 18 1.36 5.09 16.35
N GLU A 19 2.12 4.90 17.44
CA GLU A 19 3.40 4.18 17.37
C GLU A 19 3.29 2.80 18.02
N HIS A 20 2.06 2.34 18.22
CA HIS A 20 1.83 1.04 18.84
C HIS A 20 2.74 -0.04 18.23
N PRO A 21 3.24 -0.98 19.01
CA PRO A 21 4.13 -2.06 18.47
C PRO A 21 3.57 -2.72 17.20
N LEU A 22 2.26 -2.89 17.15
CA LEU A 22 1.61 -3.50 16.00
C LEU A 22 1.89 -2.68 14.73
N VAL A 23 2.13 -1.40 14.91
CA VAL A 23 2.40 -0.52 13.79
C VAL A 23 3.64 -1.00 13.04
N GLU A 24 4.67 -1.39 13.79
CA GLU A 24 5.90 -1.86 13.20
C GLU A 24 5.70 -3.20 12.53
N LEU A 25 5.31 -4.20 13.32
CA LEU A 25 5.09 -5.54 12.78
C LEU A 25 3.93 -5.56 11.79
N GLY A 26 2.84 -4.87 12.13
CA GLY A 26 1.66 -4.84 11.27
C GLY A 26 1.97 -4.27 9.88
N VAL A 27 2.62 -3.11 9.85
CA VAL A 27 2.96 -2.49 8.57
C VAL A 27 3.95 -3.35 7.80
N SER A 28 4.96 -3.87 8.50
CA SER A 28 5.96 -4.71 7.86
C SER A 28 5.31 -5.96 7.26
N TYR A 29 4.41 -6.58 8.01
CA TYR A 29 3.72 -7.78 7.53
C TYR A 29 2.83 -7.42 6.34
N ALA A 30 2.15 -6.30 6.42
CA ALA A 30 1.26 -5.89 5.35
C ALA A 30 2.05 -5.72 4.05
N ALA A 31 3.24 -5.15 4.16
CA ALA A 31 4.08 -4.96 2.99
C ALA A 31 4.39 -6.30 2.33
N LEU A 32 4.82 -7.27 3.13
CA LEU A 32 5.12 -8.61 2.62
C LEU A 32 3.86 -9.32 2.08
N LEU A 33 2.77 -9.20 2.81
CA LEU A 33 1.53 -9.84 2.40
C LEU A 33 0.91 -9.10 1.21
N SER A 34 1.24 -7.83 1.07
CA SER A 34 0.72 -7.02 -0.03
C SER A 34 1.42 -7.36 -1.36
N VAL A 35 2.76 -7.38 -1.34
CA VAL A 35 3.53 -7.67 -2.56
C VAL A 35 3.26 -9.09 -3.05
N ILE A 36 3.19 -10.05 -2.13
CA ILE A 36 2.94 -11.43 -2.50
C ILE A 36 1.51 -11.60 -3.01
N VAL A 37 0.57 -10.86 -2.40
CA VAL A 37 -0.84 -10.94 -2.80
C VAL A 37 -1.01 -10.57 -4.27
N VAL A 38 -0.43 -9.46 -4.69
CA VAL A 38 -0.55 -9.02 -6.07
C VAL A 38 0.14 -10.02 -7.01
N VAL A 39 1.27 -10.57 -6.57
CA VAL A 39 1.99 -11.55 -7.38
C VAL A 39 1.13 -12.78 -7.63
N VAL A 40 0.45 -13.27 -6.58
CA VAL A 40 -0.39 -14.45 -6.69
C VAL A 40 -1.49 -14.23 -7.73
N GLU A 41 -2.13 -13.06 -7.66
CA GLU A 41 -3.20 -12.76 -8.62
C GLU A 41 -2.62 -12.64 -10.02
N TYR A 42 -1.45 -12.02 -10.12
CA TYR A 42 -0.79 -11.85 -11.42
C TYR A 42 -0.47 -13.20 -12.07
N THR A 43 0.16 -14.09 -11.32
CA THR A 43 0.54 -15.40 -11.86
C THR A 43 -0.65 -16.35 -11.90
N MET A 44 -1.32 -16.49 -10.76
CA MET A 44 -2.48 -17.38 -10.64
C MET A 44 -3.75 -16.58 -10.45
N GLN A 45 -4.89 -17.15 -10.84
CA GLN A 45 -6.19 -16.49 -10.71
C GLN A 45 -7.06 -17.20 -9.69
N LEU A 46 -6.52 -18.27 -9.13
CA LEU A 46 -7.24 -19.07 -8.14
C LEU A 46 -8.67 -19.32 -8.59
N SER A 47 -9.46 -19.99 -7.74
CA SER A 47 -10.86 -20.29 -8.06
C SER A 47 -11.76 -19.12 -7.68
N GLY A 48 -12.97 -19.10 -8.21
CA GLY A 48 -13.90 -18.02 -7.92
C GLY A 48 -14.08 -17.82 -6.42
N GLU A 49 -14.18 -18.92 -5.68
CA GLU A 49 -14.35 -18.83 -4.23
C GLU A 49 -13.15 -18.17 -3.57
N TYR A 50 -11.96 -18.73 -3.82
CA TYR A 50 -10.73 -18.18 -3.25
C TYR A 50 -10.45 -16.80 -3.84
N LEU A 51 -10.85 -16.60 -5.09
CA LEU A 51 -10.61 -15.32 -5.75
C LEU A 51 -11.32 -14.20 -5.01
N VAL A 52 -12.57 -14.41 -4.64
CA VAL A 52 -13.33 -13.40 -3.92
C VAL A 52 -12.68 -13.13 -2.57
N ARG A 53 -12.31 -14.20 -1.88
CA ARG A 53 -11.70 -14.07 -0.57
C ARG A 53 -10.42 -13.24 -0.66
N LEU A 54 -9.61 -13.52 -1.69
CA LEU A 54 -8.35 -12.81 -1.87
C LEU A 54 -8.60 -11.31 -2.06
N TYR A 55 -9.60 -10.98 -2.88
CA TYR A 55 -9.92 -9.58 -3.13
C TYR A 55 -10.31 -8.87 -1.83
N LEU A 56 -11.10 -9.54 -1.00
CA LEU A 56 -11.54 -8.96 0.26
C LEU A 56 -10.35 -8.68 1.16
N VAL A 57 -9.43 -9.63 1.21
CA VAL A 57 -8.25 -9.49 2.04
C VAL A 57 -7.42 -8.30 1.55
N ASP A 58 -7.23 -8.21 0.25
CA ASP A 58 -6.46 -7.12 -0.33
C ASP A 58 -6.99 -5.77 0.15
N LEU A 59 -8.31 -5.66 0.19
CA LEU A 59 -8.95 -4.42 0.63
C LEU A 59 -8.58 -4.10 2.08
N ILE A 60 -8.58 -5.12 2.93
CA ILE A 60 -8.25 -4.93 4.34
C ILE A 60 -6.81 -4.46 4.50
N LEU A 61 -5.89 -5.07 3.73
CA LEU A 61 -4.48 -4.71 3.80
C LEU A 61 -4.27 -3.24 3.44
N VAL A 62 -4.99 -2.77 2.42
CA VAL A 62 -4.87 -1.38 1.99
C VAL A 62 -5.34 -0.44 3.11
N ILE A 63 -6.44 -0.80 3.77
CA ILE A 63 -6.97 0.03 4.85
C ILE A 63 -5.94 0.18 5.97
N ILE A 64 -5.27 -0.92 6.31
CA ILE A 64 -4.28 -0.88 7.39
C ILE A 64 -3.16 0.11 7.03
N LEU A 65 -2.68 0.05 5.80
CA LEU A 65 -1.62 0.95 5.36
C LEU A 65 -2.13 2.39 5.33
N TRP A 66 -3.38 2.57 4.92
CA TRP A 66 -3.98 3.90 4.84
C TRP A 66 -3.96 4.58 6.21
N ALA A 67 -4.08 3.79 7.26
CA ALA A 67 -4.09 4.33 8.63
C ALA A 67 -2.90 5.26 8.85
N ASP A 68 -1.70 4.75 8.59
CA ASP A 68 -0.48 5.54 8.78
C ASP A 68 -0.37 6.67 7.77
N TYR A 69 -0.63 6.35 6.51
CA TYR A 69 -0.54 7.35 5.45
C TYR A 69 -1.52 8.50 5.70
N ALA A 70 -2.77 8.15 5.98
CA ALA A 70 -3.81 9.16 6.20
C ALA A 70 -3.54 9.97 7.46
N TYR A 71 -3.20 9.30 8.54
CA TYR A 71 -2.95 9.98 9.80
C TYR A 71 -1.81 10.99 9.66
N ARG A 72 -0.70 10.54 9.06
CA ARG A 72 0.45 11.43 8.87
C ARG A 72 0.08 12.60 7.97
N ALA A 73 -0.71 12.34 6.93
CA ALA A 73 -1.11 13.40 6.02
C ALA A 73 -1.69 14.57 6.81
N TYR A 74 -2.64 14.28 7.69
CA TYR A 74 -3.26 15.33 8.50
C TYR A 74 -2.31 15.81 9.61
N LYS A 75 -1.59 14.89 10.24
CA LYS A 75 -0.67 15.26 11.32
C LYS A 75 0.37 16.26 10.81
N SER A 76 0.82 16.07 9.58
CA SER A 76 1.82 16.96 9.00
C SER A 76 1.30 18.40 8.96
N GLY A 77 -0.02 18.55 9.02
CA GLY A 77 -0.62 19.88 9.00
C GLY A 77 -0.68 20.42 7.58
N ASP A 78 -0.26 19.59 6.63
CA ASP A 78 -0.26 19.97 5.22
C ASP A 78 -0.52 18.74 4.35
N PRO A 79 -1.74 18.27 4.33
CA PRO A 79 -2.12 17.08 3.52
C PRO A 79 -1.70 17.21 2.06
N ALA A 80 -1.88 18.40 1.50
CA ALA A 80 -1.51 18.62 0.10
C ALA A 80 -0.02 18.39 -0.09
N GLY A 81 0.78 18.95 0.81
CA GLY A 81 2.23 18.79 0.73
C GLY A 81 2.61 17.34 0.99
N TYR A 82 2.01 16.74 2.01
CA TYR A 82 2.28 15.36 2.35
C TYR A 82 1.92 14.46 1.17
N VAL A 83 0.80 14.74 0.55
CA VAL A 83 0.37 13.93 -0.58
C VAL A 83 1.30 14.10 -1.78
N LYS A 84 1.67 15.34 -2.08
CA LYS A 84 2.54 15.61 -3.21
C LYS A 84 3.93 15.02 -3.00
N LYS A 85 4.29 14.71 -1.75
CA LYS A 85 5.64 14.17 -1.49
C LYS A 85 5.65 12.64 -1.52
N THR A 86 4.48 12.05 -1.28
CA THR A 86 4.35 10.59 -1.26
C THR A 86 3.61 10.10 -2.50
N LEU A 87 3.86 10.76 -3.62
CA LEU A 87 3.20 10.40 -4.88
C LEU A 87 3.82 9.12 -5.45
N TYR A 88 5.01 8.76 -4.96
CA TYR A 88 5.69 7.57 -5.44
C TYR A 88 5.31 6.35 -4.59
N GLU A 89 4.57 6.60 -3.49
CA GLU A 89 4.14 5.52 -2.59
C GLU A 89 2.66 5.19 -2.80
N ILE A 90 1.86 6.20 -3.16
CA ILE A 90 0.42 5.99 -3.39
C ILE A 90 0.19 4.98 -4.54
N PRO A 91 0.96 5.02 -5.61
CA PRO A 91 0.79 4.07 -6.75
C PRO A 91 0.73 2.62 -6.28
N ALA A 92 1.36 2.33 -5.16
CA ALA A 92 1.36 0.97 -4.63
C ALA A 92 0.09 0.71 -3.81
N LEU A 93 -0.42 1.76 -3.18
CA LEU A 93 -1.63 1.63 -2.36
C LEU A 93 -2.87 1.49 -3.25
N VAL A 94 -2.73 1.85 -4.52
CA VAL A 94 -3.86 1.76 -5.46
C VAL A 94 -4.67 0.47 -5.22
N PRO A 95 -5.92 0.56 -4.84
CA PRO A 95 -6.76 -0.66 -4.59
C PRO A 95 -7.22 -1.34 -5.87
N ALA A 96 -7.07 -2.67 -5.91
CA ALA A 96 -7.48 -3.45 -7.06
C ALA A 96 -8.96 -3.28 -7.33
N GLY A 97 -9.72 -3.04 -6.27
CA GLY A 97 -11.16 -2.86 -6.40
C GLY A 97 -11.47 -1.70 -7.35
N LEU A 98 -10.73 -0.61 -7.20
CA LEU A 98 -10.94 0.55 -8.07
C LEU A 98 -10.58 0.20 -9.50
N LEU A 99 -9.46 -0.48 -9.66
CA LEU A 99 -8.99 -0.88 -10.98
C LEU A 99 -9.96 -1.87 -11.61
N ALA A 100 -10.47 -2.79 -10.81
CA ALA A 100 -11.40 -3.80 -11.28
C ALA A 100 -12.60 -3.15 -11.97
N LEU A 101 -13.21 -2.16 -11.31
CA LEU A 101 -14.37 -1.49 -11.88
C LEU A 101 -13.99 -0.77 -13.18
N ILE A 102 -12.83 -0.12 -13.16
CA ILE A 102 -12.35 0.59 -14.35
C ILE A 102 -12.09 -0.39 -15.48
N GLU A 103 -11.45 -1.50 -15.15
CA GLU A 103 -11.12 -2.51 -16.16
C GLU A 103 -12.40 -3.06 -16.78
N GLY A 104 -13.44 -3.24 -15.97
CA GLY A 104 -14.70 -3.76 -16.46
C GLY A 104 -15.32 -2.82 -17.49
N HIS A 105 -15.28 -1.52 -17.22
CA HIS A 105 -15.85 -0.53 -18.13
C HIS A 105 -15.12 -0.57 -19.47
N LEU A 106 -13.79 -0.57 -19.40
CA LEU A 106 -12.98 -0.59 -20.61
C LEU A 106 -13.19 -1.88 -21.37
N ALA A 107 -13.26 -3.00 -20.64
CA ALA A 107 -13.47 -4.31 -21.25
C ALA A 107 -14.83 -4.37 -21.96
N GLY A 108 -15.84 -3.79 -21.34
CA GLY A 108 -17.18 -3.78 -21.92
C GLY A 108 -17.20 -3.00 -23.22
N LEU A 109 -16.37 -1.95 -23.29
CA LEU A 109 -16.31 -1.12 -24.48
C LEU A 109 -15.52 -1.82 -25.58
N GLY A 110 -14.91 -2.96 -25.26
CA GLY A 110 -14.14 -3.72 -26.23
C GLY A 110 -12.77 -3.09 -26.46
N LEU A 111 -12.34 -2.29 -25.49
CA LEU A 111 -11.03 -1.62 -25.58
C LEU A 111 -9.93 -2.52 -25.03
N PHE A 112 -9.73 -3.66 -25.69
CA PHE A 112 -8.72 -4.61 -25.26
C PHE A 112 -7.35 -3.94 -25.24
N ARG A 113 -7.18 -2.91 -26.06
CA ARG A 113 -5.91 -2.20 -26.13
C ARG A 113 -5.57 -1.62 -24.76
N LEU A 114 -6.56 -0.99 -24.14
CA LEU A 114 -6.35 -0.40 -22.81
C LEU A 114 -6.08 -1.50 -21.80
N VAL A 115 -6.78 -2.61 -21.95
CA VAL A 115 -6.61 -3.73 -21.04
C VAL A 115 -5.16 -4.21 -21.07
N ARG A 116 -4.60 -4.29 -22.26
CA ARG A 116 -3.22 -4.75 -22.42
C ARG A 116 -2.27 -3.82 -21.65
N LEU A 117 -2.48 -2.51 -21.81
CA LEU A 117 -1.64 -1.54 -21.11
C LEU A 117 -1.82 -1.71 -19.60
N LEU A 118 -3.04 -2.01 -19.19
CA LEU A 118 -3.32 -2.20 -17.76
C LEU A 118 -2.48 -3.35 -17.24
N ARG A 119 -2.35 -4.41 -18.05
CA ARG A 119 -1.54 -5.57 -17.65
C ARG A 119 -0.09 -5.12 -17.37
N PHE A 120 0.45 -4.29 -18.25
CA PHE A 120 1.80 -3.79 -18.08
C PHE A 120 1.91 -2.98 -16.78
N LEU A 121 0.89 -2.19 -16.50
CA LEU A 121 0.91 -1.36 -15.30
C LEU A 121 1.03 -2.26 -14.07
N ARG A 122 0.39 -3.41 -14.11
CA ARG A 122 0.45 -4.35 -12.99
C ARG A 122 1.90 -4.73 -12.72
N ILE A 123 2.65 -5.00 -13.78
CA ILE A 123 4.06 -5.39 -13.62
C ILE A 123 4.82 -4.28 -12.89
N LEU A 124 4.59 -3.04 -13.30
CA LEU A 124 5.25 -1.91 -12.66
C LEU A 124 4.84 -1.81 -11.19
N LEU A 125 3.60 -2.19 -10.89
CA LEU A 125 3.11 -2.12 -9.52
C LEU A 125 3.99 -2.96 -8.59
N ILE A 126 4.30 -4.19 -8.99
CA ILE A 126 5.15 -5.05 -8.17
C ILE A 126 6.54 -4.45 -8.03
N ILE A 127 7.09 -3.95 -9.13
CA ILE A 127 8.42 -3.37 -9.11
C ILE A 127 8.46 -2.13 -8.20
N SER A 128 7.45 -1.28 -8.31
CA SER A 128 7.39 -0.08 -7.49
C SER A 128 7.33 -0.44 -6.01
N ARG A 129 6.55 -1.46 -5.69
CA ARG A 129 6.41 -1.92 -4.32
C ARG A 129 7.64 -2.72 -3.89
N GLY A 130 8.23 -3.43 -4.84
CA GLY A 130 9.40 -4.25 -4.56
C GLY A 130 10.54 -3.39 -4.01
N SER A 131 10.67 -2.17 -4.51
CA SER A 131 11.72 -1.28 -4.05
C SER A 131 11.59 -1.02 -2.55
N LYS A 132 10.36 -0.77 -2.11
CA LYS A 132 10.09 -0.52 -0.69
C LYS A 132 10.39 -1.76 0.13
N PHE A 133 9.98 -2.92 -0.38
CA PHE A 133 10.22 -4.17 0.31
C PHE A 133 11.72 -4.39 0.50
N LEU A 134 12.48 -4.23 -0.58
CA LEU A 134 13.92 -4.43 -0.51
C LEU A 134 14.54 -3.45 0.48
N SER A 135 14.07 -2.20 0.44
CA SER A 135 14.60 -1.18 1.35
C SER A 135 14.38 -1.58 2.81
N ALA A 136 13.18 -2.08 3.11
CA ALA A 136 12.84 -2.48 4.48
C ALA A 136 13.74 -3.62 4.94
N ILE A 137 13.87 -4.64 4.11
CA ILE A 137 14.72 -5.78 4.44
C ILE A 137 16.17 -5.35 4.50
N ALA A 138 16.58 -4.51 3.56
CA ALA A 138 17.97 -4.04 3.52
C ALA A 138 18.41 -3.50 4.87
N ASP A 139 17.60 -2.61 5.44
CA ASP A 139 17.92 -2.03 6.74
C ASP A 139 17.99 -3.10 7.82
N ALA A 140 17.01 -4.00 7.81
CA ALA A 140 16.98 -5.08 8.80
C ALA A 140 18.10 -6.08 8.54
N ALA A 141 18.37 -6.34 7.27
CA ALA A 141 19.41 -7.28 6.89
C ALA A 141 20.76 -6.80 7.39
N ASP A 142 20.89 -5.49 7.55
CA ASP A 142 22.14 -4.93 8.02
C ASP A 142 22.47 -5.48 9.41
N LYS A 143 21.44 -5.68 10.23
CA LYS A 143 21.63 -6.20 11.58
C LYS A 143 21.26 -7.68 11.66
N LEU A 144 20.34 -8.10 10.80
CA LEU A 144 19.89 -9.50 10.77
C LEU A 144 20.69 -10.28 9.73
N VAL A 145 21.61 -9.60 9.06
CA VAL A 145 22.44 -10.22 8.05
C VAL A 145 21.60 -10.72 6.86
N PRO A 146 22.00 -10.44 5.63
CA PRO A 146 21.22 -10.89 4.43
C PRO A 146 21.32 -12.40 4.20
N ARG A 147 20.31 -12.97 3.55
CA ARG A 147 20.27 -14.40 3.27
C ARG A 147 20.36 -14.65 1.77
N LEU A 1 12.89 33.38 22.34
CA LEU A 1 13.45 32.76 23.57
C LEU A 1 12.92 31.34 23.72
N ARG A 2 13.84 30.40 23.91
CA ARG A 2 13.46 29.00 24.07
C ARG A 2 12.75 28.49 22.82
N GLY A 3 13.05 29.12 21.68
CA GLY A 3 12.44 28.72 20.42
C GLY A 3 13.22 27.58 19.77
N LEU A 4 14.42 27.32 20.30
CA LEU A 4 15.25 26.25 19.76
C LEU A 4 14.70 24.89 20.13
N SER A 5 15.06 23.88 19.35
CA SER A 5 14.59 22.53 19.59
C SER A 5 13.07 22.50 19.55
N ASP A 6 12.51 21.77 18.59
CA ASP A 6 11.06 21.65 18.46
C ASP A 6 10.56 20.40 19.15
N LEU A 7 9.41 20.51 19.82
CA LEU A 7 8.81 19.38 20.53
C LEU A 7 7.37 19.18 20.07
N GLY A 8 6.46 20.00 20.59
CA GLY A 8 5.05 19.90 20.23
C GLY A 8 4.37 18.85 21.09
N GLY A 9 3.67 19.29 22.13
CA GLY A 9 2.96 18.37 23.01
C GLY A 9 2.05 17.45 22.22
N ARG A 10 1.63 17.92 21.03
CA ARG A 10 0.74 17.13 20.19
C ARG A 10 1.55 16.20 19.28
N VAL A 11 2.86 16.20 19.46
CA VAL A 11 3.74 15.37 18.66
C VAL A 11 4.71 14.59 19.55
N ARG A 12 4.73 14.93 20.83
CA ARG A 12 5.62 14.25 21.77
C ARG A 12 5.26 12.76 21.87
N ASN A 13 4.32 12.45 22.75
CA ASN A 13 3.91 11.07 22.95
C ASN A 13 3.31 10.50 21.68
N ILE A 14 2.52 11.32 20.98
CA ILE A 14 1.89 10.87 19.74
C ILE A 14 2.93 10.52 18.68
N GLY A 15 3.92 11.39 18.53
CA GLY A 15 4.96 11.15 17.53
C GLY A 15 5.74 9.88 17.82
N ASP A 16 5.94 9.61 19.12
CA ASP A 16 6.68 8.41 19.52
C ASP A 16 5.77 7.19 19.56
N VAL A 17 4.63 7.32 20.24
CA VAL A 17 3.69 6.21 20.36
C VAL A 17 3.14 5.82 18.99
N MET A 18 2.74 6.81 18.20
CA MET A 18 2.18 6.54 16.89
C MET A 18 3.21 5.81 16.02
N GLU A 19 4.49 5.96 16.36
CA GLU A 19 5.56 5.32 15.60
C GLU A 19 6.23 4.22 16.43
N HIS A 20 5.48 3.66 17.36
CA HIS A 20 6.02 2.63 18.21
C HIS A 20 6.72 1.54 17.36
N PRO A 21 7.76 0.92 17.88
CA PRO A 21 8.49 -0.16 17.15
C PRO A 21 7.55 -1.13 16.41
N LEU A 22 6.40 -1.39 17.01
CA LEU A 22 5.43 -2.30 16.42
C LEU A 22 4.95 -1.74 15.07
N VAL A 23 4.92 -0.43 14.96
CA VAL A 23 4.45 0.18 13.73
C VAL A 23 5.35 -0.26 12.57
N GLU A 24 6.65 -0.18 12.80
CA GLU A 24 7.61 -0.52 11.76
C GLU A 24 7.43 -1.97 11.34
N LEU A 25 7.40 -2.85 12.32
CA LEU A 25 7.21 -4.27 12.05
C LEU A 25 5.81 -4.56 11.54
N GLY A 26 4.83 -3.92 12.14
CA GLY A 26 3.44 -4.12 11.76
C GLY A 26 3.20 -3.74 10.31
N VAL A 27 3.65 -2.55 9.93
CA VAL A 27 3.48 -2.09 8.57
C VAL A 27 4.22 -3.02 7.61
N SER A 28 5.44 -3.38 7.97
CA SER A 28 6.23 -4.26 7.12
C SER A 28 5.54 -5.61 6.96
N TYR A 29 5.00 -6.14 8.05
CA TYR A 29 4.32 -7.43 8.00
C TYR A 29 3.17 -7.41 7.00
N ALA A 30 2.38 -6.34 7.06
CA ALA A 30 1.24 -6.21 6.16
C ALA A 30 1.70 -6.22 4.70
N ALA A 31 2.85 -5.60 4.46
CA ALA A 31 3.39 -5.54 3.11
C ALA A 31 3.67 -6.93 2.57
N LEU A 32 4.21 -7.80 3.43
CA LEU A 32 4.52 -9.17 3.02
C LEU A 32 3.26 -9.91 2.60
N LEU A 33 2.21 -9.77 3.39
CA LEU A 33 0.97 -10.47 3.08
C LEU A 33 0.41 -9.97 1.75
N SER A 34 0.51 -8.67 1.52
CA SER A 34 0.01 -8.09 0.28
C SER A 34 0.76 -8.66 -0.92
N VAL A 35 2.07 -8.83 -0.78
CA VAL A 35 2.89 -9.35 -1.88
C VAL A 35 2.39 -10.72 -2.31
N ILE A 36 2.13 -11.58 -1.33
CA ILE A 36 1.66 -12.92 -1.64
C ILE A 36 0.32 -12.85 -2.37
N VAL A 37 -0.56 -11.99 -1.90
CA VAL A 37 -1.87 -11.85 -2.54
C VAL A 37 -1.73 -11.42 -3.99
N VAL A 38 -0.90 -10.41 -4.23
CA VAL A 38 -0.71 -9.90 -5.59
C VAL A 38 -0.04 -10.93 -6.48
N VAL A 39 1.03 -11.54 -5.99
CA VAL A 39 1.75 -12.53 -6.76
C VAL A 39 0.86 -13.70 -7.13
N VAL A 40 0.09 -14.19 -6.15
CA VAL A 40 -0.80 -15.31 -6.40
C VAL A 40 -1.80 -14.96 -7.49
N GLU A 41 -2.40 -13.78 -7.40
CA GLU A 41 -3.38 -13.36 -8.39
C GLU A 41 -2.71 -13.12 -9.73
N TYR A 42 -1.50 -12.56 -9.69
CA TYR A 42 -0.75 -12.28 -10.91
C TYR A 42 -0.45 -13.56 -11.68
N THR A 43 0.02 -14.58 -10.96
CA THR A 43 0.37 -15.85 -11.58
C THR A 43 -0.84 -16.77 -11.65
N MET A 44 -1.56 -16.88 -10.55
CA MET A 44 -2.74 -17.73 -10.47
C MET A 44 -4.02 -16.89 -10.57
N GLN A 45 -5.11 -17.55 -10.94
CA GLN A 45 -6.41 -16.87 -11.08
C GLN A 45 -7.43 -17.46 -10.12
N LEU A 46 -7.01 -18.48 -9.39
CA LEU A 46 -7.91 -19.13 -8.43
C LEU A 46 -9.30 -19.29 -9.02
N SER A 47 -10.28 -19.59 -8.17
CA SER A 47 -11.66 -19.77 -8.63
C SER A 47 -12.48 -18.52 -8.33
N GLY A 48 -13.68 -18.44 -8.91
CA GLY A 48 -14.54 -17.29 -8.70
C GLY A 48 -14.77 -17.02 -7.21
N GLU A 49 -15.20 -18.04 -6.47
CA GLU A 49 -15.44 -17.89 -5.05
C GLU A 49 -14.19 -17.41 -4.32
N TYR A 50 -13.06 -18.03 -4.62
CA TYR A 50 -11.80 -17.66 -4.00
C TYR A 50 -11.37 -16.28 -4.45
N LEU A 51 -11.66 -15.96 -5.70
CA LEU A 51 -11.29 -14.66 -6.25
C LEU A 51 -11.98 -13.55 -5.48
N VAL A 52 -13.27 -13.74 -5.21
CA VAL A 52 -14.03 -12.74 -4.48
C VAL A 52 -13.44 -12.51 -3.10
N ARG A 53 -13.18 -13.60 -2.40
CA ARG A 53 -12.63 -13.50 -1.06
C ARG A 53 -11.26 -12.83 -1.11
N LEU A 54 -10.49 -13.16 -2.13
CA LEU A 54 -9.15 -12.60 -2.29
C LEU A 54 -9.22 -11.09 -2.49
N TYR A 55 -10.19 -10.64 -3.28
CA TYR A 55 -10.34 -9.21 -3.55
C TYR A 55 -10.59 -8.46 -2.24
N LEU A 56 -11.40 -9.04 -1.38
CA LEU A 56 -11.72 -8.39 -0.11
C LEU A 56 -10.46 -8.26 0.74
N VAL A 57 -9.71 -9.33 0.79
CA VAL A 57 -8.50 -9.32 1.57
C VAL A 57 -7.54 -8.27 1.02
N ASP A 58 -7.36 -8.26 -0.30
CA ASP A 58 -6.46 -7.30 -0.91
C ASP A 58 -6.79 -5.88 -0.47
N LEU A 59 -8.08 -5.58 -0.40
CA LEU A 59 -8.52 -4.25 0.00
C LEU A 59 -8.16 -3.97 1.46
N ILE A 60 -8.40 -4.95 2.32
CA ILE A 60 -8.11 -4.79 3.75
C ILE A 60 -6.67 -4.37 3.98
N LEU A 61 -5.77 -4.89 3.14
CA LEU A 61 -4.35 -4.59 3.26
C LEU A 61 -4.12 -3.09 3.10
N VAL A 62 -4.83 -2.49 2.15
CA VAL A 62 -4.70 -1.07 1.93
C VAL A 62 -5.18 -0.31 3.16
N ILE A 63 -6.26 -0.80 3.76
CA ILE A 63 -6.82 -0.14 4.94
C ILE A 63 -5.78 -0.05 6.05
N ILE A 64 -5.04 -1.13 6.26
CA ILE A 64 -4.03 -1.15 7.30
C ILE A 64 -2.95 -0.11 7.00
N LEU A 65 -2.53 -0.03 5.73
CA LEU A 65 -1.52 0.92 5.32
C LEU A 65 -2.06 2.35 5.39
N TRP A 66 -3.34 2.49 5.09
CA TRP A 66 -3.99 3.79 5.11
C TRP A 66 -3.99 4.36 6.53
N ALA A 67 -4.04 3.48 7.52
CA ALA A 67 -4.06 3.92 8.90
C ALA A 67 -2.89 4.86 9.20
N ASP A 68 -1.69 4.41 8.89
CA ASP A 68 -0.49 5.22 9.14
C ASP A 68 -0.44 6.41 8.18
N TYR A 69 -0.69 6.14 6.90
CA TYR A 69 -0.65 7.19 5.89
C TYR A 69 -1.72 8.24 6.16
N ALA A 70 -2.91 7.79 6.51
CA ALA A 70 -4.02 8.71 6.81
C ALA A 70 -3.70 9.60 7.99
N TYR A 71 -3.17 9.00 9.05
CA TYR A 71 -2.84 9.75 10.25
C TYR A 71 -1.81 10.83 9.94
N ARG A 72 -0.78 10.46 9.18
CA ARG A 72 0.26 11.42 8.81
C ARG A 72 -0.32 12.54 7.95
N ALA A 73 -1.19 12.17 7.03
CA ALA A 73 -1.79 13.16 6.16
C ALA A 73 -2.39 14.30 6.96
N TYR A 74 -3.27 13.96 7.90
CA TYR A 74 -3.91 14.96 8.75
C TYR A 74 -2.87 15.70 9.58
N LYS A 75 -1.86 14.97 10.03
CA LYS A 75 -0.83 15.57 10.85
C LYS A 75 -0.19 16.75 10.11
N SER A 76 -0.04 16.61 8.79
CA SER A 76 0.56 17.67 8.00
C SER A 76 -0.36 18.89 7.94
N GLY A 77 -1.64 18.68 8.28
CA GLY A 77 -2.61 19.76 8.25
C GLY A 77 -3.02 20.11 6.82
N ASP A 78 -2.52 19.32 5.87
CA ASP A 78 -2.83 19.52 4.47
C ASP A 78 -2.80 18.19 3.74
N PRO A 79 -3.83 17.38 3.88
CA PRO A 79 -3.91 16.03 3.24
C PRO A 79 -3.72 16.11 1.72
N ALA A 80 -4.33 17.11 1.10
CA ALA A 80 -4.23 17.26 -0.34
C ALA A 80 -2.79 17.51 -0.75
N GLY A 81 -2.16 18.46 -0.08
CA GLY A 81 -0.77 18.78 -0.38
C GLY A 81 0.15 17.63 0.02
N TYR A 82 -0.21 16.95 1.09
CA TYR A 82 0.59 15.83 1.56
C TYR A 82 0.65 14.73 0.51
N VAL A 83 -0.49 14.46 -0.11
CA VAL A 83 -0.54 13.42 -1.13
C VAL A 83 0.32 13.81 -2.32
N LYS A 84 0.21 15.06 -2.75
CA LYS A 84 0.99 15.54 -3.88
C LYS A 84 2.47 15.31 -3.64
N LYS A 85 2.84 15.11 -2.38
CA LYS A 85 4.23 14.88 -2.03
C LYS A 85 4.55 13.38 -2.04
N THR A 86 3.55 12.56 -1.75
CA THR A 86 3.72 11.10 -1.71
C THR A 86 3.26 10.47 -3.02
N LEU A 87 3.47 11.19 -4.11
CA LEU A 87 3.07 10.69 -5.42
C LEU A 87 3.81 9.41 -5.75
N TYR A 88 4.96 9.22 -5.13
CA TYR A 88 5.76 8.02 -5.36
C TYR A 88 5.33 6.90 -4.42
N GLU A 89 4.70 7.26 -3.29
CA GLU A 89 4.24 6.29 -2.30
C GLU A 89 2.74 6.07 -2.42
N ILE A 90 2.11 6.78 -3.36
CA ILE A 90 0.69 6.62 -3.57
C ILE A 90 0.39 5.28 -4.25
N PRO A 91 1.18 4.91 -5.22
CA PRO A 91 0.94 3.64 -5.98
C PRO A 91 0.74 2.43 -5.07
N ALA A 92 1.55 2.36 -4.05
CA ALA A 92 1.47 1.25 -3.11
C ALA A 92 0.13 1.22 -2.40
N LEU A 93 -0.51 2.39 -2.31
CA LEU A 93 -1.79 2.52 -1.65
C LEU A 93 -2.91 2.61 -2.66
N VAL A 94 -2.75 1.90 -3.79
CA VAL A 94 -3.76 1.91 -4.83
C VAL A 94 -4.62 0.63 -4.74
N PRO A 95 -5.84 0.71 -4.26
CA PRO A 95 -6.73 -0.49 -4.15
C PRO A 95 -7.28 -0.92 -5.51
N ALA A 96 -7.43 -2.23 -5.66
CA ALA A 96 -7.96 -2.78 -6.91
C ALA A 96 -9.31 -2.17 -7.23
N GLY A 97 -9.94 -1.58 -6.23
CA GLY A 97 -11.24 -0.95 -6.44
C GLY A 97 -11.22 -0.01 -7.64
N LEU A 98 -10.24 0.89 -7.66
CA LEU A 98 -10.12 1.84 -8.76
C LEU A 98 -9.83 1.12 -10.07
N LEU A 99 -8.87 0.21 -10.03
CA LEU A 99 -8.51 -0.54 -11.22
C LEU A 99 -9.68 -1.40 -11.68
N ALA A 100 -10.38 -2.00 -10.73
CA ALA A 100 -11.51 -2.85 -11.07
C ALA A 100 -12.54 -2.07 -11.87
N LEU A 101 -12.88 -0.88 -11.42
CA LEU A 101 -13.85 -0.05 -12.11
C LEU A 101 -13.33 0.34 -13.49
N ILE A 102 -12.08 0.76 -13.54
CA ILE A 102 -11.49 1.16 -14.81
C ILE A 102 -11.37 -0.02 -15.75
N GLU A 103 -10.83 -1.12 -15.24
CA GLU A 103 -10.66 -2.33 -16.05
C GLU A 103 -12.00 -2.81 -16.56
N GLY A 104 -13.04 -2.71 -15.73
CA GLY A 104 -14.37 -3.14 -16.12
C GLY A 104 -14.83 -2.38 -17.37
N HIS A 105 -14.80 -1.06 -17.31
CA HIS A 105 -15.20 -0.24 -18.44
C HIS A 105 -14.22 -0.41 -19.59
N LEU A 106 -12.94 -0.53 -19.25
CA LEU A 106 -11.90 -0.66 -20.26
C LEU A 106 -12.18 -1.87 -21.15
N ALA A 107 -12.52 -2.99 -20.54
CA ALA A 107 -12.82 -4.20 -21.28
C ALA A 107 -14.24 -4.15 -21.83
N GLY A 108 -15.12 -3.42 -21.14
CA GLY A 108 -16.50 -3.31 -21.57
C GLY A 108 -16.57 -2.89 -23.03
N LEU A 109 -15.71 -1.97 -23.43
CA LEU A 109 -15.68 -1.51 -24.82
C LEU A 109 -14.84 -2.45 -25.68
N GLY A 110 -14.07 -3.32 -25.03
CA GLY A 110 -13.23 -4.28 -25.75
C GLY A 110 -11.92 -3.64 -26.17
N LEU A 111 -11.44 -2.69 -25.38
CA LEU A 111 -10.19 -2.00 -25.68
C LEU A 111 -9.01 -2.85 -25.21
N PHE A 112 -8.73 -3.92 -25.94
CA PHE A 112 -7.63 -4.83 -25.58
C PHE A 112 -6.29 -4.11 -25.61
N ARG A 113 -6.09 -3.28 -26.62
CA ARG A 113 -4.85 -2.56 -26.74
C ARG A 113 -4.59 -1.71 -25.50
N LEU A 114 -5.66 -1.23 -24.88
CA LEU A 114 -5.53 -0.41 -23.67
C LEU A 114 -5.35 -1.33 -22.46
N VAL A 115 -5.88 -2.54 -22.55
CA VAL A 115 -5.76 -3.49 -21.45
C VAL A 115 -4.29 -3.78 -21.19
N ARG A 116 -3.51 -3.93 -22.25
CA ARG A 116 -2.09 -4.22 -22.09
C ARG A 116 -1.43 -3.15 -21.22
N LEU A 117 -1.69 -1.89 -21.54
CA LEU A 117 -1.14 -0.81 -20.76
C LEU A 117 -1.70 -0.84 -19.35
N LEU A 118 -2.97 -1.19 -19.24
CA LEU A 118 -3.61 -1.23 -17.94
C LEU A 118 -2.92 -2.26 -17.05
N ARG A 119 -2.69 -3.44 -17.58
CA ARG A 119 -2.03 -4.48 -16.80
C ARG A 119 -0.62 -4.05 -16.44
N PHE A 120 -0.03 -3.21 -17.26
CA PHE A 120 1.32 -2.73 -17.02
C PHE A 120 1.42 -2.11 -15.63
N LEU A 121 0.32 -1.54 -15.16
CA LEU A 121 0.30 -0.92 -13.84
C LEU A 121 0.58 -1.97 -12.77
N ARG A 122 0.04 -3.16 -12.94
CA ARG A 122 0.24 -4.22 -11.97
C ARG A 122 1.72 -4.55 -11.86
N ILE A 123 2.40 -4.56 -12.99
CA ILE A 123 3.82 -4.87 -12.99
C ILE A 123 4.58 -3.83 -12.16
N LEU A 124 4.25 -2.57 -12.37
CA LEU A 124 4.91 -1.50 -11.64
C LEU A 124 4.62 -1.59 -10.15
N LEU A 125 3.41 -2.03 -9.83
CA LEU A 125 3.01 -2.13 -8.44
C LEU A 125 3.92 -3.11 -7.71
N ILE A 126 4.22 -4.23 -8.36
CA ILE A 126 5.09 -5.23 -7.77
C ILE A 126 6.48 -4.65 -7.56
N ILE A 127 6.96 -3.91 -8.54
CA ILE A 127 8.29 -3.34 -8.44
C ILE A 127 8.38 -2.42 -7.21
N SER A 128 7.40 -1.56 -7.05
CA SER A 128 7.39 -0.66 -5.91
C SER A 128 7.30 -1.43 -4.61
N ARG A 129 6.38 -2.38 -4.56
CA ARG A 129 6.19 -3.19 -3.36
C ARG A 129 7.45 -4.00 -3.07
N GLY A 130 8.02 -4.59 -4.13
CA GLY A 130 9.21 -5.41 -3.98
C GLY A 130 10.36 -4.58 -3.43
N SER A 131 10.47 -3.34 -3.89
CA SER A 131 11.54 -2.46 -3.44
C SER A 131 11.47 -2.26 -1.94
N LYS A 132 10.25 -2.04 -1.43
CA LYS A 132 10.06 -1.83 0.00
C LYS A 132 10.49 -3.06 0.78
N PHE A 133 10.07 -4.24 0.30
CA PHE A 133 10.41 -5.49 0.96
C PHE A 133 11.92 -5.72 0.91
N LEU A 134 12.49 -5.62 -0.29
CA LEU A 134 13.92 -5.85 -0.44
C LEU A 134 14.72 -4.85 0.36
N SER A 135 14.32 -3.59 0.28
CA SER A 135 15.03 -2.54 1.01
C SER A 135 14.93 -2.76 2.51
N ALA A 136 13.74 -3.11 2.97
CA ALA A 136 13.52 -3.34 4.39
C ALA A 136 14.45 -4.41 4.93
N ILE A 137 14.35 -5.62 4.37
CA ILE A 137 15.18 -6.73 4.82
C ILE A 137 16.64 -6.45 4.52
N ALA A 138 16.93 -5.96 3.32
CA ALA A 138 18.31 -5.68 2.93
C ALA A 138 19.00 -4.81 3.97
N ASP A 139 18.36 -3.71 4.33
CA ASP A 139 18.92 -2.79 5.31
C ASP A 139 19.13 -3.50 6.64
N ALA A 140 18.16 -4.30 7.04
CA ALA A 140 18.25 -5.03 8.30
C ALA A 140 19.18 -6.24 8.15
N ALA A 141 19.35 -6.70 6.92
CA ALA A 141 20.20 -7.86 6.64
C ALA A 141 21.63 -7.56 7.06
N ASP A 142 22.05 -6.32 6.85
CA ASP A 142 23.41 -5.92 7.21
C ASP A 142 23.63 -6.08 8.71
N LYS A 143 22.61 -5.75 9.48
CA LYS A 143 22.69 -5.86 10.93
C LYS A 143 22.50 -7.30 11.38
N LEU A 144 21.59 -7.99 10.73
CA LEU A 144 21.31 -9.38 11.09
C LEU A 144 22.38 -10.32 10.53
N VAL A 145 22.54 -10.30 9.22
CA VAL A 145 23.54 -11.14 8.58
C VAL A 145 23.33 -12.61 8.96
N PRO A 146 22.30 -13.23 8.43
CA PRO A 146 21.98 -14.65 8.72
C PRO A 146 23.20 -15.55 8.50
N ARG A 147 23.48 -15.88 7.24
CA ARG A 147 24.60 -16.74 6.87
C ARG A 147 24.51 -17.15 5.40
N LEU A 1 -12.23 24.87 14.29
CA LEU A 1 -11.02 25.72 14.16
C LEU A 1 -9.84 24.86 13.70
N ARG A 2 -9.27 24.09 14.63
CA ARG A 2 -8.14 23.22 14.33
C ARG A 2 -8.49 21.77 14.60
N GLY A 3 -8.22 20.91 13.63
CA GLY A 3 -8.52 19.49 13.76
C GLY A 3 -10.02 19.27 13.94
N LEU A 4 -10.39 18.30 14.78
CA LEU A 4 -11.81 18.00 15.04
C LEU A 4 -12.21 18.50 16.42
N SER A 5 -11.37 18.25 17.42
CA SER A 5 -11.66 18.67 18.78
C SER A 5 -10.38 18.90 19.56
N ASP A 6 -9.42 19.55 18.92
CA ASP A 6 -8.13 19.84 19.55
C ASP A 6 -7.36 18.54 19.81
N LEU A 7 -7.87 17.71 20.71
CA LEU A 7 -7.22 16.45 21.03
C LEU A 7 -8.25 15.39 21.42
N GLY A 8 -8.74 14.65 20.43
CA GLY A 8 -9.73 13.61 20.70
C GLY A 8 -9.13 12.47 21.51
N GLY A 9 -10.00 11.65 22.08
CA GLY A 9 -9.55 10.51 22.88
C GLY A 9 -8.75 9.55 22.02
N ARG A 10 -9.20 9.37 20.78
CA ARG A 10 -8.51 8.47 19.87
C ARG A 10 -7.14 9.00 19.54
N VAL A 11 -7.01 10.32 19.49
CA VAL A 11 -5.74 10.93 19.16
C VAL A 11 -4.68 10.55 20.18
N ARG A 12 -5.03 10.64 21.46
CA ARG A 12 -4.08 10.31 22.51
C ARG A 12 -3.71 8.83 22.44
N ASN A 13 -4.71 7.98 22.25
CA ASN A 13 -4.49 6.54 22.16
C ASN A 13 -3.61 6.21 20.95
N ILE A 14 -3.96 6.78 19.81
CA ILE A 14 -3.18 6.55 18.61
C ILE A 14 -1.78 7.14 18.77
N GLY A 15 -1.71 8.36 19.30
CA GLY A 15 -0.40 9.00 19.48
C GLY A 15 0.60 8.03 20.10
N ASP A 16 0.23 7.39 21.20
CA ASP A 16 1.12 6.45 21.85
C ASP A 16 1.18 5.13 21.08
N VAL A 17 0.02 4.64 20.67
CA VAL A 17 -0.05 3.38 19.93
C VAL A 17 0.35 3.56 18.47
N MET A 18 0.67 4.79 18.08
CA MET A 18 1.07 5.10 16.71
C MET A 18 2.37 4.41 16.33
N GLU A 19 3.35 4.43 17.23
CA GLU A 19 4.65 3.82 16.95
C GLU A 19 4.76 2.46 17.62
N HIS A 20 3.62 1.94 18.08
CA HIS A 20 3.59 0.65 18.72
C HIS A 20 4.43 -0.37 17.93
N PRO A 21 5.02 -1.36 18.57
CA PRO A 21 5.88 -2.38 17.87
C PRO A 21 5.17 -3.00 16.67
N LEU A 22 3.85 -2.86 16.60
CA LEU A 22 3.08 -3.40 15.49
C LEU A 22 3.33 -2.60 14.21
N VAL A 23 3.67 -1.33 14.35
CA VAL A 23 3.93 -0.49 13.18
C VAL A 23 5.09 -1.08 12.39
N GLU A 24 6.16 -1.43 13.09
CA GLU A 24 7.33 -2.01 12.44
C GLU A 24 7.00 -3.37 11.85
N LEU A 25 6.59 -4.31 12.70
CA LEU A 25 6.29 -5.66 12.23
C LEU A 25 5.03 -5.68 11.33
N GLY A 26 3.99 -4.96 11.74
CA GLY A 26 2.74 -4.92 10.97
C GLY A 26 2.94 -4.37 9.57
N VAL A 27 3.58 -3.22 9.45
CA VAL A 27 3.79 -2.62 8.14
C VAL A 27 4.67 -3.52 7.29
N SER A 28 5.76 -4.01 7.87
CA SER A 28 6.67 -4.88 7.15
C SER A 28 5.98 -6.20 6.78
N TYR A 29 5.27 -6.79 7.74
CA TYR A 29 4.58 -8.05 7.51
C TYR A 29 3.48 -7.88 6.46
N ALA A 30 2.69 -6.82 6.61
CA ALA A 30 1.59 -6.56 5.67
C ALA A 30 2.12 -6.42 4.25
N ALA A 31 3.16 -5.60 4.08
CA ALA A 31 3.74 -5.38 2.77
C ALA A 31 4.38 -6.67 2.26
N LEU A 32 5.00 -7.42 3.17
CA LEU A 32 5.66 -8.66 2.82
C LEU A 32 4.66 -9.62 2.18
N LEU A 33 3.41 -9.55 2.61
CA LEU A 33 2.37 -10.42 2.06
C LEU A 33 1.73 -9.81 0.82
N SER A 34 1.36 -8.54 0.91
CA SER A 34 0.71 -7.86 -0.21
C SER A 34 1.48 -8.12 -1.51
N VAL A 35 2.79 -8.29 -1.39
CA VAL A 35 3.62 -8.53 -2.56
C VAL A 35 3.20 -9.82 -3.27
N ILE A 36 2.94 -10.88 -2.49
CA ILE A 36 2.54 -12.16 -3.06
C ILE A 36 1.09 -12.10 -3.58
N VAL A 37 0.28 -11.28 -2.93
CA VAL A 37 -1.12 -11.15 -3.32
C VAL A 37 -1.24 -10.70 -4.76
N VAL A 38 -0.42 -9.73 -5.15
CA VAL A 38 -0.47 -9.23 -6.52
C VAL A 38 -0.18 -10.38 -7.50
N VAL A 39 0.86 -11.15 -7.22
CA VAL A 39 1.23 -12.27 -8.09
C VAL A 39 0.17 -13.38 -8.05
N VAL A 40 -0.32 -13.69 -6.85
CA VAL A 40 -1.32 -14.74 -6.70
C VAL A 40 -2.55 -14.45 -7.55
N GLU A 41 -2.83 -13.17 -7.75
CA GLU A 41 -4.00 -12.76 -8.53
C GLU A 41 -4.03 -13.41 -9.93
N TYR A 42 -2.95 -13.27 -10.69
CA TYR A 42 -2.91 -13.82 -12.05
C TYR A 42 -2.43 -15.27 -12.08
N THR A 43 -1.24 -15.51 -11.54
CA THR A 43 -0.67 -16.84 -11.52
C THR A 43 -1.72 -17.86 -11.09
N MET A 44 -2.59 -17.43 -10.18
CA MET A 44 -3.65 -18.30 -9.66
C MET A 44 -5.01 -17.89 -10.24
N GLN A 45 -5.72 -18.87 -10.78
CA GLN A 45 -7.04 -18.66 -11.38
C GLN A 45 -8.12 -19.22 -10.45
N LEU A 46 -8.26 -18.61 -9.29
CA LEU A 46 -9.25 -19.04 -8.31
C LEU A 46 -10.66 -18.77 -8.83
N SER A 47 -11.64 -19.47 -8.26
CA SER A 47 -13.02 -19.30 -8.67
C SER A 47 -13.55 -17.95 -8.26
N GLY A 48 -14.68 -17.55 -8.83
CA GLY A 48 -15.27 -16.24 -8.52
C GLY A 48 -15.46 -16.04 -7.02
N GLU A 49 -16.06 -17.01 -6.34
CA GLU A 49 -16.27 -16.90 -4.91
C GLU A 49 -14.95 -16.67 -4.20
N TYR A 50 -13.97 -17.50 -4.52
CA TYR A 50 -12.65 -17.38 -3.92
C TYR A 50 -11.98 -16.08 -4.35
N LEU A 51 -12.31 -15.63 -5.57
CA LEU A 51 -11.72 -14.39 -6.10
C LEU A 51 -12.10 -13.21 -5.20
N VAL A 52 -13.36 -13.17 -4.81
CA VAL A 52 -13.85 -12.09 -3.95
C VAL A 52 -13.13 -12.15 -2.61
N ARG A 53 -13.00 -13.35 -2.07
CA ARG A 53 -12.35 -13.52 -0.78
C ARG A 53 -10.90 -13.01 -0.83
N LEU A 54 -10.21 -13.30 -1.93
CA LEU A 54 -8.82 -12.88 -2.09
C LEU A 54 -8.74 -11.35 -2.05
N TYR A 55 -9.67 -10.70 -2.73
CA TYR A 55 -9.69 -9.25 -2.76
C TYR A 55 -9.91 -8.70 -1.35
N LEU A 56 -10.68 -9.41 -0.56
CA LEU A 56 -10.97 -8.97 0.80
C LEU A 56 -9.68 -8.91 1.61
N VAL A 57 -8.91 -9.99 1.55
CA VAL A 57 -7.65 -10.05 2.27
C VAL A 57 -6.78 -8.87 1.89
N ASP A 58 -6.72 -8.57 0.60
CA ASP A 58 -5.92 -7.46 0.11
C ASP A 58 -6.41 -6.15 0.72
N LEU A 59 -7.73 -6.04 0.90
CA LEU A 59 -8.31 -4.82 1.47
C LEU A 59 -7.74 -4.56 2.86
N ILE A 60 -7.67 -5.61 3.68
CA ILE A 60 -7.12 -5.47 5.03
C ILE A 60 -5.68 -4.99 4.98
N LEU A 61 -4.90 -5.55 4.07
CA LEU A 61 -3.51 -5.16 3.95
C LEU A 61 -3.40 -3.69 3.59
N VAL A 62 -4.25 -3.23 2.67
CA VAL A 62 -4.25 -1.84 2.27
C VAL A 62 -4.68 -0.93 3.44
N ILE A 63 -5.68 -1.39 4.18
CA ILE A 63 -6.17 -0.62 5.34
C ILE A 63 -5.05 -0.41 6.35
N ILE A 64 -4.25 -1.44 6.59
CA ILE A 64 -3.16 -1.34 7.54
C ILE A 64 -2.18 -0.26 7.08
N LEU A 65 -1.83 -0.27 5.80
CA LEU A 65 -0.92 0.74 5.27
C LEU A 65 -1.57 2.13 5.34
N TRP A 66 -2.88 2.18 5.06
CA TRP A 66 -3.60 3.44 5.09
C TRP A 66 -3.54 4.07 6.48
N ALA A 67 -3.49 3.21 7.51
CA ALA A 67 -3.44 3.72 8.87
C ALA A 67 -2.31 4.72 9.06
N ASP A 68 -1.10 4.31 8.71
CA ASP A 68 0.07 5.19 8.86
C ASP A 68 0.05 6.31 7.83
N TYR A 69 -0.25 5.95 6.58
CA TYR A 69 -0.29 6.93 5.51
C TYR A 69 -1.34 8.01 5.79
N ALA A 70 -2.53 7.58 6.20
CA ALA A 70 -3.61 8.52 6.50
C ALA A 70 -3.33 9.32 7.76
N TYR A 71 -2.86 8.64 8.81
CA TYR A 71 -2.59 9.31 10.07
C TYR A 71 -1.63 10.47 9.86
N ARG A 72 -0.58 10.22 9.08
CA ARG A 72 0.41 11.26 8.80
C ARG A 72 -0.20 12.37 7.93
N ALA A 73 -1.04 11.98 6.98
CA ALA A 73 -1.68 12.95 6.09
C ALA A 73 -2.43 14.03 6.87
N TYR A 74 -3.30 13.59 7.78
CA TYR A 74 -4.07 14.53 8.58
C TYR A 74 -3.15 15.36 9.48
N LYS A 75 -2.15 14.70 10.05
CA LYS A 75 -1.20 15.38 10.93
C LYS A 75 -0.46 16.46 10.16
N SER A 76 -0.21 16.23 8.87
CA SER A 76 0.49 17.20 8.06
C SER A 76 -0.33 18.49 7.91
N GLY A 77 -1.63 18.40 8.21
CA GLY A 77 -2.50 19.58 8.12
C GLY A 77 -2.71 19.97 6.67
N ASP A 78 -2.21 19.12 5.77
CA ASP A 78 -2.33 19.37 4.34
C ASP A 78 -2.33 18.05 3.59
N PRO A 79 -3.41 17.29 3.61
CA PRO A 79 -3.47 15.98 2.90
C PRO A 79 -3.19 16.12 1.41
N ALA A 80 -3.60 17.23 0.82
CA ALA A 80 -3.38 17.45 -0.60
C ALA A 80 -1.90 17.50 -0.92
N GLY A 81 -1.17 18.30 -0.15
CA GLY A 81 0.27 18.42 -0.35
C GLY A 81 0.99 17.14 0.06
N TYR A 82 0.55 16.57 1.19
CA TYR A 82 1.15 15.35 1.68
C TYR A 82 1.03 14.25 0.64
N VAL A 83 -0.15 14.16 0.03
CA VAL A 83 -0.37 13.14 -0.99
C VAL A 83 0.45 13.40 -2.25
N LYS A 84 0.41 14.63 -2.73
CA LYS A 84 1.15 14.99 -3.93
C LYS A 84 2.63 14.72 -3.73
N LYS A 85 3.04 14.62 -2.47
CA LYS A 85 4.44 14.35 -2.15
C LYS A 85 4.73 12.86 -2.20
N THR A 86 3.67 12.05 -2.23
CA THR A 86 3.81 10.58 -2.25
C THR A 86 3.14 10.00 -3.50
N LEU A 87 3.29 10.69 -4.63
CA LEU A 87 2.70 10.24 -5.88
C LEU A 87 3.31 8.90 -6.29
N TYR A 88 4.48 8.59 -5.76
CA TYR A 88 5.15 7.33 -6.09
C TYR A 88 4.55 6.17 -5.30
N GLU A 89 3.97 6.50 -4.13
CA GLU A 89 3.36 5.47 -3.27
C GLU A 89 1.87 5.32 -3.55
N ILE A 90 1.22 6.42 -3.92
CA ILE A 90 -0.21 6.39 -4.25
C ILE A 90 -0.50 5.19 -5.17
N PRO A 91 0.18 5.04 -6.29
CA PRO A 91 -0.05 3.90 -7.22
C PRO A 91 -0.01 2.56 -6.49
N ALA A 92 0.79 2.48 -5.43
CA ALA A 92 0.90 1.24 -4.65
C ALA A 92 -0.38 0.98 -3.86
N LEU A 93 -0.93 2.03 -3.25
CA LEU A 93 -2.14 1.90 -2.46
C LEU A 93 -3.34 1.54 -3.34
N VAL A 94 -3.35 2.10 -4.56
CA VAL A 94 -4.45 1.85 -5.51
C VAL A 94 -5.03 0.44 -5.33
N PRO A 95 -6.11 0.30 -4.58
CA PRO A 95 -6.74 -1.04 -4.35
C PRO A 95 -7.15 -1.72 -5.66
N ALA A 96 -7.09 -3.05 -5.65
CA ALA A 96 -7.45 -3.82 -6.83
C ALA A 96 -8.88 -3.51 -7.25
N GLY A 97 -9.71 -3.19 -6.27
CA GLY A 97 -11.10 -2.86 -6.54
C GLY A 97 -11.20 -1.60 -7.39
N LEU A 98 -10.34 -0.62 -7.12
CA LEU A 98 -10.35 0.62 -7.89
C LEU A 98 -10.03 0.34 -9.36
N LEU A 99 -8.97 -0.40 -9.60
CA LEU A 99 -8.59 -0.72 -10.97
C LEU A 99 -9.69 -1.55 -11.64
N ALA A 100 -10.37 -2.37 -10.84
CA ALA A 100 -11.43 -3.21 -11.36
C ALA A 100 -12.52 -2.38 -12.06
N LEU A 101 -13.01 -1.34 -11.38
CA LEU A 101 -14.05 -0.48 -11.97
C LEU A 101 -13.52 0.24 -13.22
N ILE A 102 -12.31 0.77 -13.13
CA ILE A 102 -11.70 1.48 -14.25
C ILE A 102 -11.47 0.51 -15.42
N GLU A 103 -10.96 -0.67 -15.09
CA GLU A 103 -10.69 -1.67 -16.12
C GLU A 103 -11.98 -2.07 -16.82
N GLY A 104 -13.07 -2.15 -16.06
CA GLY A 104 -14.36 -2.52 -16.63
C GLY A 104 -14.82 -1.48 -17.66
N HIS A 105 -14.69 -0.21 -17.31
CA HIS A 105 -15.10 0.87 -18.21
C HIS A 105 -14.31 0.80 -19.51
N LEU A 106 -13.00 0.63 -19.39
CA LEU A 106 -12.14 0.57 -20.56
C LEU A 106 -12.51 -0.64 -21.42
N ALA A 107 -12.76 -1.78 -20.77
CA ALA A 107 -13.13 -3.00 -21.49
C ALA A 107 -14.50 -2.83 -22.16
N GLY A 108 -15.42 -2.18 -21.47
CA GLY A 108 -16.76 -1.97 -22.00
C GLY A 108 -16.71 -1.19 -23.31
N LEU A 109 -15.83 -0.20 -23.38
CA LEU A 109 -15.70 0.61 -24.57
C LEU A 109 -15.03 -0.19 -25.69
N GLY A 110 -14.31 -1.25 -25.31
CA GLY A 110 -13.63 -2.10 -26.30
C GLY A 110 -12.18 -1.68 -26.47
N LEU A 111 -11.53 -1.31 -25.36
CA LEU A 111 -10.14 -0.89 -25.39
C LEU A 111 -9.24 -2.00 -24.86
N PHE A 112 -9.01 -3.01 -25.69
CA PHE A 112 -8.17 -4.13 -25.32
C PHE A 112 -6.73 -3.68 -25.09
N ARG A 113 -6.32 -2.69 -25.88
CA ARG A 113 -4.96 -2.18 -25.79
C ARG A 113 -4.68 -1.65 -24.39
N LEU A 114 -5.60 -0.84 -23.86
CA LEU A 114 -5.43 -0.28 -22.53
C LEU A 114 -5.42 -1.40 -21.49
N VAL A 115 -6.27 -2.39 -21.69
CA VAL A 115 -6.34 -3.52 -20.77
C VAL A 115 -5.00 -4.27 -20.72
N ARG A 116 -4.40 -4.49 -21.89
CA ARG A 116 -3.12 -5.19 -21.97
C ARG A 116 -2.03 -4.43 -21.23
N LEU A 117 -1.94 -3.12 -21.48
CA LEU A 117 -0.94 -2.29 -20.82
C LEU A 117 -1.24 -2.23 -19.32
N LEU A 118 -2.52 -2.23 -18.98
CA LEU A 118 -2.91 -2.17 -17.59
C LEU A 118 -2.34 -3.38 -16.85
N ARG A 119 -2.43 -4.55 -17.47
CA ARG A 119 -1.91 -5.76 -16.83
C ARG A 119 -0.41 -5.63 -16.61
N PHE A 120 0.29 -5.12 -17.62
CA PHE A 120 1.75 -4.97 -17.52
C PHE A 120 2.12 -4.03 -16.36
N LEU A 121 1.41 -2.93 -16.25
CA LEU A 121 1.68 -1.96 -15.20
C LEU A 121 1.47 -2.61 -13.83
N ARG A 122 0.41 -3.40 -13.72
CA ARG A 122 0.09 -4.04 -12.45
C ARG A 122 1.27 -4.93 -11.98
N ILE A 123 1.81 -5.72 -12.88
CA ILE A 123 2.95 -6.58 -12.55
C ILE A 123 4.17 -5.73 -12.20
N LEU A 124 4.39 -4.68 -12.99
CA LEU A 124 5.53 -3.80 -12.76
C LEU A 124 5.41 -3.15 -11.38
N LEU A 125 4.18 -2.80 -10.99
CA LEU A 125 3.92 -2.17 -9.71
C LEU A 125 4.64 -2.92 -8.59
N ILE A 126 5.01 -4.18 -8.85
CA ILE A 126 5.71 -5.00 -7.86
C ILE A 126 7.06 -4.37 -7.50
N ILE A 127 7.78 -3.89 -8.51
CA ILE A 127 9.08 -3.30 -8.27
C ILE A 127 8.95 -2.06 -7.40
N SER A 128 7.97 -1.22 -7.71
CA SER A 128 7.76 0.00 -6.94
C SER A 128 7.50 -0.36 -5.49
N ARG A 129 6.68 -1.37 -5.26
CA ARG A 129 6.38 -1.80 -3.90
C ARG A 129 7.60 -2.42 -3.26
N GLY A 130 8.34 -3.22 -4.03
CA GLY A 130 9.54 -3.86 -3.52
C GLY A 130 10.51 -2.84 -2.96
N SER A 131 10.40 -1.60 -3.43
CA SER A 131 11.29 -0.54 -2.97
C SER A 131 11.37 -0.46 -1.44
N LYS A 132 10.23 -0.52 -0.77
CA LYS A 132 10.20 -0.46 0.70
C LYS A 132 10.70 -1.76 1.28
N PHE A 133 10.39 -2.87 0.62
CA PHE A 133 10.81 -4.18 1.09
C PHE A 133 12.32 -4.21 1.17
N LEU A 134 12.99 -3.78 0.11
CA LEU A 134 14.44 -3.77 0.09
C LEU A 134 14.97 -2.86 1.19
N SER A 135 14.35 -1.70 1.35
CA SER A 135 14.79 -0.76 2.38
C SER A 135 14.67 -1.40 3.77
N ALA A 136 13.58 -2.12 3.99
CA ALA A 136 13.35 -2.78 5.29
C ALA A 136 14.46 -3.77 5.61
N ILE A 137 14.76 -4.65 4.66
CA ILE A 137 15.80 -5.66 4.86
C ILE A 137 17.17 -4.99 5.01
N ALA A 138 17.42 -3.99 4.17
CA ALA A 138 18.70 -3.28 4.20
C ALA A 138 18.99 -2.78 5.61
N ASP A 139 17.99 -2.19 6.25
CA ASP A 139 18.16 -1.66 7.60
C ASP A 139 18.50 -2.80 8.56
N ALA A 140 17.75 -3.90 8.46
CA ALA A 140 17.99 -5.04 9.34
C ALA A 140 19.39 -5.60 9.11
N ALA A 141 19.77 -5.71 7.84
CA ALA A 141 21.09 -6.22 7.48
C ALA A 141 22.18 -5.35 8.08
N ASP A 142 21.95 -4.04 8.09
CA ASP A 142 22.93 -3.10 8.65
C ASP A 142 23.14 -3.38 10.14
N LYS A 143 22.05 -3.66 10.84
CA LYS A 143 22.14 -3.96 12.27
C LYS A 143 22.55 -5.41 12.48
N LEU A 144 22.25 -6.25 11.49
CA LEU A 144 22.58 -7.67 11.59
C LEU A 144 24.10 -7.89 11.49
N VAL A 145 24.68 -7.46 10.39
CA VAL A 145 26.11 -7.62 10.18
C VAL A 145 26.88 -7.19 11.44
N PRO A 146 27.46 -8.10 12.20
CA PRO A 146 28.21 -7.72 13.44
C PRO A 146 29.26 -6.64 13.18
N ARG A 147 29.98 -6.78 12.07
CA ARG A 147 31.02 -5.81 11.71
C ARG A 147 31.57 -6.11 10.33
N LEU A 1 -20.82 21.90 28.80
CA LEU A 1 -19.35 21.85 28.57
C LEU A 1 -19.06 22.10 27.08
N ARG A 2 -18.02 21.45 26.58
CA ARG A 2 -17.63 21.60 25.18
C ARG A 2 -16.72 20.47 24.74
N GLY A 3 -17.11 19.77 23.68
CA GLY A 3 -16.32 18.65 23.16
C GLY A 3 -15.40 19.13 22.05
N LEU A 4 -14.45 20.00 22.39
CA LEU A 4 -13.52 20.52 21.39
C LEU A 4 -12.48 19.48 21.03
N SER A 5 -11.25 19.65 21.53
CA SER A 5 -10.17 18.71 21.25
C SER A 5 -8.95 19.03 22.10
N ASP A 6 -9.20 19.41 23.36
CA ASP A 6 -8.11 19.75 24.28
C ASP A 6 -7.51 18.49 24.89
N LEU A 7 -6.18 18.48 25.01
CA LEU A 7 -5.48 17.34 25.57
C LEU A 7 -4.05 17.72 25.99
N GLY A 8 -3.15 17.71 25.01
CA GLY A 8 -1.76 18.05 25.27
C GLY A 8 -1.07 16.94 26.03
N GLY A 9 -0.26 16.16 25.32
CA GLY A 9 0.48 15.04 25.94
C GLY A 9 0.65 13.89 24.95
N ARG A 10 -0.46 13.45 24.36
CA ARG A 10 -0.39 12.34 23.41
C ARG A 10 0.52 12.72 22.24
N VAL A 11 0.32 13.92 21.72
CA VAL A 11 1.12 14.40 20.60
C VAL A 11 2.61 14.20 20.89
N ARG A 12 2.93 14.04 22.17
CA ARG A 12 4.32 13.86 22.58
C ARG A 12 4.82 12.44 22.29
N ASN A 13 4.05 11.44 22.73
CA ASN A 13 4.40 10.03 22.53
C ASN A 13 3.75 9.48 21.28
N ILE A 14 3.09 10.35 20.51
CA ILE A 14 2.43 9.91 19.30
C ILE A 14 3.45 9.48 18.27
N GLY A 15 4.63 10.07 18.32
CA GLY A 15 5.69 9.73 17.38
C GLY A 15 6.22 8.33 17.62
N ASP A 16 6.48 8.02 18.89
CA ASP A 16 7.00 6.71 19.26
C ASP A 16 5.92 5.63 19.12
N VAL A 17 4.70 5.96 19.54
CA VAL A 17 3.59 5.01 19.49
C VAL A 17 3.29 4.65 18.04
N MET A 18 3.36 5.65 17.17
CA MET A 18 3.06 5.44 15.75
C MET A 18 4.20 4.71 15.05
N GLU A 19 5.41 4.90 15.55
CA GLU A 19 6.58 4.25 14.95
C GLU A 19 7.08 3.14 15.85
N HIS A 20 6.29 2.81 16.88
CA HIS A 20 6.69 1.78 17.83
C HIS A 20 7.18 0.51 17.09
N PRO A 21 8.27 -0.09 17.50
CA PRO A 21 8.79 -1.31 16.83
C PRO A 21 7.67 -2.33 16.52
N LEU A 22 6.61 -2.32 17.32
CA LEU A 22 5.51 -3.25 17.13
C LEU A 22 4.82 -2.97 15.81
N VAL A 23 4.63 -1.68 15.51
CA VAL A 23 3.98 -1.29 14.27
C VAL A 23 4.83 -1.69 13.08
N GLU A 24 6.15 -1.62 13.26
CA GLU A 24 7.07 -1.96 12.19
C GLU A 24 6.90 -3.41 11.79
N LEU A 25 6.83 -4.30 12.77
CA LEU A 25 6.65 -5.70 12.48
C LEU A 25 5.31 -5.96 11.81
N GLY A 26 4.25 -5.33 12.31
CA GLY A 26 2.92 -5.54 11.75
C GLY A 26 2.86 -5.07 10.31
N VAL A 27 3.31 -3.86 10.06
CA VAL A 27 3.30 -3.32 8.70
C VAL A 27 4.25 -4.13 7.82
N SER A 28 5.42 -4.46 8.36
CA SER A 28 6.39 -5.22 7.60
C SER A 28 5.82 -6.57 7.17
N TYR A 29 5.18 -7.26 8.10
CA TYR A 29 4.59 -8.57 7.81
C TYR A 29 3.47 -8.42 6.78
N ALA A 30 2.63 -7.40 6.98
CA ALA A 30 1.52 -7.15 6.07
C ALA A 30 2.03 -6.83 4.67
N ALA A 31 3.12 -6.06 4.61
CA ALA A 31 3.70 -5.69 3.32
C ALA A 31 4.19 -6.92 2.58
N LEU A 32 4.74 -7.87 3.33
CA LEU A 32 5.25 -9.10 2.72
C LEU A 32 4.12 -9.86 2.03
N LEU A 33 2.98 -9.94 2.71
CA LEU A 33 1.84 -10.66 2.16
C LEU A 33 1.37 -9.98 0.86
N SER A 34 1.38 -8.65 0.86
CA SER A 34 0.94 -7.91 -0.31
C SER A 34 1.80 -8.27 -1.52
N VAL A 35 3.11 -8.40 -1.32
CA VAL A 35 4.02 -8.75 -2.41
C VAL A 35 3.67 -10.13 -2.96
N ILE A 36 3.41 -11.07 -2.09
CA ILE A 36 3.05 -12.41 -2.54
C ILE A 36 1.65 -12.42 -3.14
N VAL A 37 0.71 -11.74 -2.50
CA VAL A 37 -0.68 -11.71 -2.98
C VAL A 37 -0.79 -11.11 -4.37
N VAL A 38 -0.13 -9.98 -4.60
CA VAL A 38 -0.19 -9.32 -5.90
C VAL A 38 0.40 -10.24 -6.96
N VAL A 39 1.45 -10.99 -6.60
CA VAL A 39 2.07 -11.91 -7.55
C VAL A 39 1.08 -12.99 -7.98
N VAL A 40 0.34 -13.56 -7.02
CA VAL A 40 -0.62 -14.60 -7.35
C VAL A 40 -1.64 -14.08 -8.34
N GLU A 41 -2.20 -12.91 -8.09
CA GLU A 41 -3.20 -12.35 -9.01
C GLU A 41 -2.59 -12.13 -10.39
N TYR A 42 -1.37 -11.60 -10.42
CA TYR A 42 -0.70 -11.36 -11.69
C TYR A 42 -0.48 -12.68 -12.45
N THR A 43 0.00 -13.69 -11.75
CA THR A 43 0.26 -14.98 -12.38
C THR A 43 -1.03 -15.77 -12.56
N MET A 44 -1.74 -16.01 -11.45
CA MET A 44 -3.00 -16.76 -11.48
C MET A 44 -4.14 -15.97 -10.84
N GLN A 45 -5.26 -15.90 -11.54
CA GLN A 45 -6.42 -15.15 -11.04
C GLN A 45 -7.36 -16.07 -10.27
N LEU A 46 -6.82 -17.18 -9.78
CA LEU A 46 -7.60 -18.14 -9.01
C LEU A 46 -8.99 -18.31 -9.64
N SER A 47 -9.98 -18.61 -8.81
CA SER A 47 -11.36 -18.79 -9.29
C SER A 47 -12.24 -17.65 -8.81
N GLY A 48 -13.40 -17.49 -9.43
CA GLY A 48 -14.31 -16.41 -9.06
C GLY A 48 -14.48 -16.31 -7.54
N GLU A 49 -14.84 -17.42 -6.90
CA GLU A 49 -15.03 -17.43 -5.45
C GLU A 49 -13.74 -17.02 -4.72
N TYR A 50 -12.66 -17.75 -4.99
CA TYR A 50 -11.38 -17.47 -4.37
C TYR A 50 -10.90 -16.07 -4.75
N LEU A 51 -11.27 -15.62 -5.93
CA LEU A 51 -10.86 -14.30 -6.41
C LEU A 51 -11.46 -13.22 -5.50
N VAL A 52 -12.73 -13.38 -5.15
CA VAL A 52 -13.41 -12.41 -4.30
C VAL A 52 -12.73 -12.35 -2.94
N ARG A 53 -12.44 -13.51 -2.39
CA ARG A 53 -11.78 -13.58 -1.09
C ARG A 53 -10.42 -12.90 -1.14
N LEU A 54 -9.68 -13.14 -2.22
CA LEU A 54 -8.37 -12.54 -2.37
C LEU A 54 -8.47 -11.02 -2.38
N TYR A 55 -9.44 -10.51 -3.11
CA TYR A 55 -9.65 -9.07 -3.19
C TYR A 55 -9.98 -8.52 -1.80
N LEU A 56 -10.79 -9.25 -1.06
CA LEU A 56 -11.17 -8.80 0.28
C LEU A 56 -9.95 -8.73 1.17
N VAL A 57 -9.14 -9.77 1.16
CA VAL A 57 -7.94 -9.82 1.98
C VAL A 57 -7.01 -8.68 1.62
N ASP A 58 -6.83 -8.45 0.32
CA ASP A 58 -5.96 -7.39 -0.13
C ASP A 58 -6.45 -6.05 0.37
N LEU A 59 -7.76 -5.86 0.35
CA LEU A 59 -8.35 -4.60 0.80
C LEU A 59 -7.94 -4.32 2.25
N ILE A 60 -7.97 -5.35 3.08
CA ILE A 60 -7.60 -5.19 4.49
C ILE A 60 -6.15 -4.73 4.61
N LEU A 61 -5.26 -5.34 3.85
CA LEU A 61 -3.86 -5.00 3.91
C LEU A 61 -3.67 -3.52 3.59
N VAL A 62 -4.43 -3.04 2.62
CA VAL A 62 -4.35 -1.63 2.23
C VAL A 62 -4.82 -0.74 3.39
N ILE A 63 -5.88 -1.15 4.07
CA ILE A 63 -6.41 -0.37 5.18
C ILE A 63 -5.35 -0.16 6.25
N ILE A 64 -4.60 -1.21 6.57
CA ILE A 64 -3.54 -1.10 7.56
C ILE A 64 -2.49 -0.09 7.10
N LEU A 65 -2.10 -0.18 5.84
CA LEU A 65 -1.10 0.73 5.29
C LEU A 65 -1.65 2.15 5.28
N TRP A 66 -2.93 2.28 4.94
CA TRP A 66 -3.57 3.58 4.91
C TRP A 66 -3.48 4.25 6.29
N ALA A 67 -3.56 3.45 7.34
CA ALA A 67 -3.52 4.00 8.69
C ALA A 67 -2.28 4.86 8.89
N ASP A 68 -1.10 4.31 8.60
CA ASP A 68 0.14 5.05 8.78
C ASP A 68 0.19 6.24 7.82
N TYR A 69 -0.16 5.99 6.56
CA TYR A 69 -0.15 7.04 5.55
C TYR A 69 -1.12 8.15 5.92
N ALA A 70 -2.34 7.78 6.30
CA ALA A 70 -3.36 8.74 6.66
C ALA A 70 -2.99 9.54 7.90
N TYR A 71 -2.54 8.85 8.93
CA TYR A 71 -2.17 9.51 10.17
C TYR A 71 -1.02 10.48 9.92
N ARG A 72 0.00 10.01 9.21
CA ARG A 72 1.16 10.83 8.93
C ARG A 72 0.77 12.02 8.05
N ALA A 73 -0.06 11.77 7.05
CA ALA A 73 -0.48 12.83 6.14
C ALA A 73 -1.01 14.03 6.94
N TYR A 74 -1.92 13.77 7.86
CA TYR A 74 -2.49 14.82 8.69
C TYR A 74 -1.43 15.41 9.62
N LYS A 75 -0.62 14.54 10.20
CA LYS A 75 0.41 14.98 11.13
C LYS A 75 1.31 16.03 10.47
N SER A 76 1.53 15.89 9.17
CA SER A 76 2.37 16.83 8.45
C SER A 76 1.70 18.21 8.41
N GLY A 77 0.40 18.26 8.68
CA GLY A 77 -0.34 19.51 8.67
C GLY A 77 -0.52 20.03 7.25
N ASP A 78 -0.30 19.16 6.28
CA ASP A 78 -0.43 19.51 4.88
C ASP A 78 -0.76 18.27 4.05
N PRO A 79 -1.97 17.73 4.18
CA PRO A 79 -2.38 16.51 3.42
C PRO A 79 -2.22 16.66 1.92
N ALA A 80 -2.64 17.79 1.38
CA ALA A 80 -2.53 18.02 -0.05
C ALA A 80 -1.09 17.96 -0.50
N GLY A 81 -0.23 18.66 0.21
CA GLY A 81 1.18 18.68 -0.11
C GLY A 81 1.81 17.32 0.17
N TYR A 82 1.43 16.75 1.31
CA TYR A 82 1.96 15.46 1.70
C TYR A 82 1.66 14.42 0.63
N VAL A 83 0.45 14.47 0.08
CA VAL A 83 0.06 13.51 -0.95
C VAL A 83 0.86 13.72 -2.24
N LYS A 84 0.93 14.96 -2.69
CA LYS A 84 1.66 15.27 -3.92
C LYS A 84 3.11 14.87 -3.78
N LYS A 85 3.54 14.68 -2.54
CA LYS A 85 4.92 14.32 -2.25
C LYS A 85 5.09 12.79 -2.24
N THR A 86 3.99 12.06 -2.41
CA THR A 86 4.04 10.58 -2.40
C THR A 86 3.37 10.01 -3.64
N LEU A 87 3.58 10.67 -4.77
CA LEU A 87 3.00 10.24 -6.03
C LEU A 87 3.62 8.89 -6.44
N TYR A 88 4.77 8.58 -5.88
CA TYR A 88 5.46 7.34 -6.21
C TYR A 88 4.95 6.20 -5.32
N GLU A 89 4.30 6.55 -4.21
CA GLU A 89 3.77 5.56 -3.27
C GLU A 89 2.26 5.39 -3.43
N ILE A 90 1.59 6.45 -3.90
CA ILE A 90 0.15 6.40 -4.13
C ILE A 90 -0.21 5.21 -5.04
N PRO A 91 0.51 5.01 -6.11
CA PRO A 91 0.22 3.90 -7.06
C PRO A 91 0.14 2.56 -6.36
N ALA A 92 0.97 2.37 -5.35
CA ALA A 92 0.96 1.13 -4.61
C ALA A 92 -0.32 0.98 -3.79
N LEU A 93 -0.74 2.07 -3.17
CA LEU A 93 -1.95 2.07 -2.36
C LEU A 93 -3.18 1.87 -3.23
N VAL A 94 -3.16 2.44 -4.43
CA VAL A 94 -4.30 2.34 -5.36
C VAL A 94 -4.98 0.97 -5.23
N PRO A 95 -6.21 0.90 -4.76
CA PRO A 95 -6.92 -0.41 -4.59
C PRO A 95 -7.41 -0.97 -5.93
N ALA A 96 -7.20 -2.27 -6.11
CA ALA A 96 -7.60 -2.95 -7.34
C ALA A 96 -9.11 -2.79 -7.54
N GLY A 97 -9.83 -2.57 -6.45
CA GLY A 97 -11.27 -2.43 -6.53
C GLY A 97 -11.64 -1.31 -7.50
N LEU A 98 -10.96 -0.17 -7.39
CA LEU A 98 -11.26 0.95 -8.28
C LEU A 98 -10.95 0.58 -9.72
N LEU A 99 -9.77 0.00 -9.92
CA LEU A 99 -9.34 -0.41 -11.26
C LEU A 99 -10.26 -1.48 -11.79
N ALA A 100 -10.67 -2.40 -10.93
CA ALA A 100 -11.56 -3.46 -11.35
C ALA A 100 -12.78 -2.88 -12.04
N LEU A 101 -13.36 -1.85 -11.42
CA LEU A 101 -14.54 -1.22 -12.00
C LEU A 101 -14.23 -0.65 -13.38
N ILE A 102 -13.11 0.07 -13.47
CA ILE A 102 -12.71 0.66 -14.75
C ILE A 102 -12.28 -0.42 -15.73
N GLU A 103 -11.37 -1.28 -15.29
CA GLU A 103 -10.85 -2.34 -16.15
C GLU A 103 -11.99 -3.21 -16.66
N GLY A 104 -12.95 -3.51 -15.79
CA GLY A 104 -14.09 -4.32 -16.18
C GLY A 104 -14.93 -3.60 -17.23
N HIS A 105 -15.09 -2.29 -17.06
CA HIS A 105 -15.87 -1.50 -18.01
C HIS A 105 -15.27 -1.58 -19.41
N LEU A 106 -13.97 -1.34 -19.50
CA LEU A 106 -13.28 -1.38 -20.79
C LEU A 106 -13.35 -2.78 -21.39
N ALA A 107 -13.13 -3.78 -20.54
CA ALA A 107 -13.18 -5.17 -20.99
C ALA A 107 -14.58 -5.55 -21.42
N GLY A 108 -15.57 -5.04 -20.71
CA GLY A 108 -16.97 -5.33 -21.02
C GLY A 108 -17.31 -4.87 -22.43
N LEU A 109 -16.79 -3.71 -22.83
CA LEU A 109 -17.07 -3.18 -24.16
C LEU A 109 -16.32 -3.98 -25.22
N GLY A 110 -15.40 -4.84 -24.78
CA GLY A 110 -14.62 -5.65 -25.70
C GLY A 110 -13.38 -4.91 -26.17
N LEU A 111 -12.99 -3.86 -25.43
CA LEU A 111 -11.81 -3.07 -25.78
C LEU A 111 -10.60 -3.58 -24.99
N PHE A 112 -9.73 -4.30 -25.68
CA PHE A 112 -8.52 -4.85 -25.05
C PHE A 112 -7.33 -3.92 -25.29
N ARG A 113 -7.52 -2.94 -26.16
CA ARG A 113 -6.43 -2.02 -26.47
C ARG A 113 -6.01 -1.24 -25.21
N LEU A 114 -6.98 -0.62 -24.57
CA LEU A 114 -6.72 0.13 -23.35
C LEU A 114 -6.23 -0.79 -22.25
N VAL A 115 -6.70 -2.03 -22.28
CA VAL A 115 -6.31 -3.01 -21.28
C VAL A 115 -4.82 -3.28 -21.33
N ARG A 116 -4.25 -3.25 -22.54
CA ARG A 116 -2.83 -3.53 -22.71
C ARG A 116 -1.99 -2.56 -21.89
N LEU A 117 -2.32 -1.28 -21.98
CA LEU A 117 -1.58 -0.28 -21.24
C LEU A 117 -1.78 -0.49 -19.74
N LEU A 118 -2.99 -0.84 -19.35
CA LEU A 118 -3.30 -1.05 -17.94
C LEU A 118 -2.48 -2.21 -17.39
N ARG A 119 -2.41 -3.30 -18.13
CA ARG A 119 -1.65 -4.45 -17.67
C ARG A 119 -0.20 -4.07 -17.51
N PHE A 120 0.29 -3.26 -18.43
CA PHE A 120 1.68 -2.85 -18.39
C PHE A 120 1.99 -2.19 -17.04
N LEU A 121 1.12 -1.29 -16.62
CA LEU A 121 1.32 -0.59 -15.35
C LEU A 121 1.36 -1.58 -14.19
N ARG A 122 0.53 -2.62 -14.27
CA ARG A 122 0.50 -3.62 -13.22
C ARG A 122 1.90 -4.19 -12.96
N ILE A 123 2.66 -4.38 -14.03
CA ILE A 123 4.01 -4.92 -13.88
C ILE A 123 4.86 -3.98 -13.03
N LEU A 124 4.79 -2.69 -13.33
CA LEU A 124 5.57 -1.70 -12.58
C LEU A 124 5.07 -1.62 -11.15
N LEU A 125 3.81 -1.96 -10.95
CA LEU A 125 3.22 -1.92 -9.61
C LEU A 125 3.96 -2.89 -8.71
N ILE A 126 4.40 -4.01 -9.27
CA ILE A 126 5.11 -5.02 -8.48
C ILE A 126 6.37 -4.41 -7.87
N ILE A 127 7.12 -3.64 -8.67
CA ILE A 127 8.34 -3.01 -8.20
C ILE A 127 8.03 -1.99 -7.09
N SER A 128 6.98 -1.20 -7.29
CA SER A 128 6.62 -0.19 -6.30
C SER A 128 6.50 -0.81 -4.92
N ARG A 129 5.71 -1.87 -4.80
CA ARG A 129 5.54 -2.53 -3.52
C ARG A 129 6.84 -3.18 -3.06
N GLY A 130 7.60 -3.70 -4.03
CA GLY A 130 8.87 -4.34 -3.74
C GLY A 130 9.80 -3.40 -2.99
N SER A 131 9.60 -2.10 -3.18
CA SER A 131 10.44 -1.10 -2.52
C SER A 131 10.29 -1.21 -1.01
N LYS A 132 9.05 -1.40 -0.55
CA LYS A 132 8.77 -1.52 0.87
C LYS A 132 9.46 -2.75 1.44
N PHE A 133 9.38 -3.86 0.72
CA PHE A 133 10.02 -5.09 1.16
C PHE A 133 11.52 -4.90 1.29
N LEU A 134 12.13 -4.31 0.28
CA LEU A 134 13.57 -4.08 0.30
C LEU A 134 13.95 -3.12 1.42
N SER A 135 13.19 -2.03 1.54
CA SER A 135 13.47 -1.04 2.58
C SER A 135 13.24 -1.63 3.96
N ALA A 136 12.10 -2.29 4.14
CA ALA A 136 11.76 -2.89 5.42
C ALA A 136 12.80 -3.92 5.84
N ILE A 137 13.18 -4.78 4.90
CA ILE A 137 14.16 -5.83 5.18
C ILE A 137 15.52 -5.20 5.47
N ALA A 138 15.89 -4.21 4.66
CA ALA A 138 17.18 -3.57 4.83
C ALA A 138 17.30 -2.98 6.23
N ASP A 139 16.24 -2.31 6.67
CA ASP A 139 16.23 -1.70 7.99
C ASP A 139 16.35 -2.77 9.08
N ALA A 140 15.57 -3.83 8.95
CA ALA A 140 15.59 -4.90 9.93
C ALA A 140 16.96 -5.57 9.98
N ALA A 141 17.53 -5.80 8.80
CA ALA A 141 18.85 -6.44 8.72
C ALA A 141 19.92 -5.53 9.31
N ASP A 142 19.81 -4.24 9.03
CA ASP A 142 20.77 -3.26 9.53
C ASP A 142 20.74 -3.19 11.05
N LYS A 143 19.55 -3.34 11.62
CA LYS A 143 19.39 -3.30 13.06
C LYS A 143 19.77 -4.64 13.68
N LEU A 144 19.36 -5.73 13.04
CA LEU A 144 19.63 -7.07 13.56
C LEU A 144 21.10 -7.41 13.45
N VAL A 145 21.62 -7.39 12.21
CA VAL A 145 23.01 -7.69 11.94
C VAL A 145 23.44 -9.00 12.61
N PRO A 146 24.51 -9.60 12.16
CA PRO A 146 25.01 -10.86 12.79
C PRO A 146 25.79 -10.57 14.07
N ARG A 147 25.14 -10.70 15.22
CA ARG A 147 25.79 -10.46 16.50
C ARG A 147 27.16 -11.13 16.54
#